data_1XFD
#
_entry.id   1XFD
#
_cell.length_a   68.980
_cell.length_b   170.230
_cell.length_c   159.316
_cell.angle_alpha   90.00
_cell.angle_beta   92.11
_cell.angle_gamma   90.00
#
_symmetry.space_group_name_H-M   'P 1 21 1'
#
loop_
_entity.id
_entity.type
_entity.pdbx_description
1 polymer 'Dipeptidyl aminopeptidase-like protein 6'
2 branched beta-D-mannopyranose-(1-4)-2-acetamido-2-deoxy-beta-D-glucopyranose-(1-4)-2-acetamido-2-deoxy-beta-D-glucopyranose
3 branched beta-D-mannopyranose-(1-4)-alpha-D-mannopyranose-(1-4)-2-acetamido-2-deoxy-alpha-D-glucopyranose-(1-4)-2-acetamido-2-deoxy-beta-D-glucopyranose
4 branched alpha-D-mannopyranose-(1-4)-beta-D-mannopyranose-(1-4)-2-acetamido-2-deoxy-beta-D-glucopyranose-(1-4)-2-acetamido-2-deoxy-beta-D-glucopyranose
5 branched 2-acetamido-2-deoxy-beta-D-glucopyranose-(1-4)-2-acetamido-2-deoxy-beta-D-glucopyranose
6 branched alpha-D-mannopyranose-(1-4)-2-acetamido-2-deoxy-alpha-D-glucopyranose-(1-4)-2-acetamido-2-deoxy-beta-D-glucopyranose
7 branched alpha-D-mannopyranose-(1-4)-alpha-D-mannopyranose-(1-4)-2-acetamido-2-deoxy-beta-D-glucopyranose-(1-4)-2-acetamido-2-deoxy-beta-D-glucopyranose
8 water water
#
_entity_poly.entity_id   1
_entity_poly.type   'polypeptide(L)'
_entity_poly.pdbx_seq_one_letter_code
;QKKKVTVEDLFSEDFKIHDPEAKWISDTEFIYREQKGTVRLWNVETNTSTVLIEGKKIESLRAIRYEISPDREYALFSYN
VEPIYQHSYTGYYVLSKIPHGDPQSLDPPEVSNAKLQYAGWGPKGQQLIFIFENNIYYCAHVGKQAIRVVSTGKEGVIYN
GLSDWLYEEEILKTHIAHWWSPDGTRLAYAAINDSRVPIMELPTYTGSIYPTVKPYHYPKAGSENPSISLHVIGLNGPTH
DLEMMPPDDPRMREYYITMVKWATSTKVAVTWLNRAQNVSILTLCDATTGVCTKKHEDESEAWLHRQNEEPVFSKDGRKF
FFIRAIPQGGRGKFYHITVSSSQPNSSNDNIQSITSGDWDVTKILAYDEKGNKIYFLSTEDLPRRRQLYSANTVGNFNRQ
CLSCDLVENCTYFSASFSHSMDFFLLKCEGPGVPMVTVHNTTDKKKMFDLETNEHVKKAINDRQMPKVEYRDIEIDDYNL
PMQILKPATFTDTTHYPLLLVVDGTPGSQSVAEKFEVSWETVMVSSHGAVVVKCDGRGSGFQGTKLLHEVRRRLGLLEEK
DQMEAVRTMLKEQYIDRTRVAVFGKDYGGYLSTYILPAKGENQGQTFTCGSALSPITDFKLYASAFSERYLGLHGLDNRA
YEMTKVAHRVSALEEQQFLIIHPTADEKIHFQHTAELITQLIRGKANYSLQIYPDESHYFTSSSLKQHLYRSIINFFVEC
FRI
;
_entity_poly.pdbx_strand_id   A,B,C,D
#
# COMPACT_ATOMS: atom_id res chain seq x y z
N GLN A 1 -28.42 -68.21 -15.78
CA GLN A 1 -27.35 -68.88 -16.56
C GLN A 1 -26.91 -70.19 -15.92
N LYS A 2 -26.75 -70.19 -14.60
CA LYS A 2 -26.34 -71.41 -13.89
C LYS A 2 -26.86 -71.52 -12.47
N LYS A 3 -27.12 -72.76 -12.06
CA LYS A 3 -27.62 -73.14 -10.75
C LYS A 3 -27.66 -72.07 -9.66
N LYS A 4 -28.80 -71.98 -8.98
CA LYS A 4 -28.98 -71.03 -7.88
C LYS A 4 -28.71 -71.82 -6.60
N VAL A 5 -28.25 -71.13 -5.56
CA VAL A 5 -27.95 -71.81 -4.30
C VAL A 5 -29.24 -72.27 -3.64
N THR A 6 -29.34 -73.58 -3.41
CA THR A 6 -30.52 -74.17 -2.80
C THR A 6 -30.20 -74.76 -1.42
N VAL A 7 -31.24 -75.11 -0.68
CA VAL A 7 -31.05 -75.69 0.66
C VAL A 7 -30.24 -76.98 0.60
N GLU A 8 -30.51 -77.82 -0.40
CA GLU A 8 -29.77 -79.06 -0.55
C GLU A 8 -28.29 -78.72 -0.62
N ASP A 9 -27.98 -77.69 -1.40
CA ASP A 9 -26.59 -77.25 -1.54
C ASP A 9 -26.00 -76.96 -0.17
N LEU A 10 -26.73 -76.20 0.64
CA LEU A 10 -26.26 -75.85 1.97
C LEU A 10 -25.72 -77.05 2.72
N PHE A 11 -26.46 -78.15 2.70
CA PHE A 11 -26.05 -79.36 3.40
C PHE A 11 -25.35 -80.36 2.48
N SER A 12 -24.77 -79.87 1.40
CA SER A 12 -24.06 -80.71 0.44
C SER A 12 -22.66 -81.01 0.92
N GLU A 13 -22.18 -82.22 0.64
CA GLU A 13 -20.84 -82.60 1.04
C GLU A 13 -19.88 -81.73 0.22
N ASP A 14 -20.45 -81.03 -0.74
CA ASP A 14 -19.70 -80.15 -1.63
C ASP A 14 -19.37 -78.82 -0.98
N PHE A 15 -20.38 -78.20 -0.36
CA PHE A 15 -20.20 -76.91 0.29
C PHE A 15 -19.68 -77.02 1.71
N LYS A 16 -19.36 -78.23 2.14
CA LYS A 16 -18.84 -78.43 3.50
C LYS A 16 -17.38 -78.01 3.60
N ILE A 17 -17.11 -77.02 4.44
CA ILE A 17 -15.76 -76.52 4.67
C ILE A 17 -15.07 -77.53 5.58
N HIS A 18 -13.76 -77.73 5.41
CA HIS A 18 -13.03 -78.67 6.24
C HIS A 18 -11.97 -77.96 7.06
N ASP A 19 -12.18 -77.89 8.38
CA ASP A 19 -11.23 -77.24 9.26
C ASP A 19 -10.24 -78.27 9.79
N PRO A 20 -8.97 -78.15 9.39
CA PRO A 20 -7.90 -79.05 9.81
C PRO A 20 -7.69 -79.00 11.30
N GLU A 21 -8.21 -77.97 11.94
CA GLU A 21 -8.06 -77.78 13.39
C GLU A 21 -6.58 -77.96 13.73
N ALA A 22 -5.73 -77.22 13.02
CA ALA A 22 -4.29 -77.30 13.24
C ALA A 22 -3.91 -76.73 14.59
N LYS A 23 -3.03 -77.43 15.30
CA LYS A 23 -2.60 -77.00 16.63
C LYS A 23 -1.11 -77.29 16.88
N TRP A 24 -0.35 -76.25 17.21
CA TRP A 24 1.08 -76.41 17.48
C TRP A 24 1.35 -77.29 18.70
N ILE A 25 2.44 -78.07 18.61
CA ILE A 25 2.85 -78.97 19.70
C ILE A 25 4.22 -78.55 20.19
N SER A 26 4.94 -77.85 19.31
CA SER A 26 6.27 -77.37 19.60
C SER A 26 6.48 -76.04 18.88
N ASP A 27 7.73 -75.64 18.77
CA ASP A 27 8.10 -74.40 18.09
C ASP A 27 8.51 -74.72 16.66
N THR A 28 8.31 -75.97 16.26
CA THR A 28 8.68 -76.43 14.93
C THR A 28 7.59 -77.27 14.25
N GLU A 29 6.52 -77.60 14.96
CA GLU A 29 5.48 -78.43 14.35
C GLU A 29 4.09 -78.34 14.95
N PHE A 30 3.09 -78.56 14.09
CA PHE A 30 1.69 -78.55 14.50
C PHE A 30 1.05 -79.90 14.20
N ILE A 31 -0.04 -80.22 14.89
CA ILE A 31 -0.72 -81.49 14.74
C ILE A 31 -1.15 -81.93 13.34
N TYR A 32 -1.64 -80.99 12.54
CA TYR A 32 -2.11 -81.31 11.19
C TYR A 32 -3.30 -82.23 11.41
N ARG A 33 -4.18 -81.77 12.29
CA ARG A 33 -5.39 -82.47 12.68
C ARG A 33 -6.15 -82.92 11.43
N GLU A 34 -6.77 -84.10 11.52
CA GLU A 34 -7.56 -84.68 10.43
C GLU A 34 -7.53 -83.92 9.10
N GLN A 35 -7.06 -84.57 8.05
CA GLN A 35 -7.01 -83.94 6.73
C GLN A 35 -8.34 -84.22 6.02
N LYS A 36 -9.02 -85.26 6.49
CA LYS A 36 -10.32 -85.75 6.02
C LYS A 36 -10.32 -87.23 6.35
N GLY A 37 -10.06 -87.50 7.62
CA GLY A 37 -10.00 -88.84 8.13
C GLY A 37 -8.80 -88.93 9.06
N THR A 38 -7.67 -89.36 8.50
CA THR A 38 -6.43 -89.52 9.24
C THR A 38 -5.88 -88.25 9.88
N VAL A 39 -5.23 -88.44 11.02
CA VAL A 39 -4.61 -87.36 11.80
C VAL A 39 -3.09 -87.45 11.64
N ARG A 40 -2.49 -86.37 11.14
CA ARG A 40 -1.05 -86.35 10.90
C ARG A 40 -0.21 -85.60 11.93
N LEU A 41 0.88 -85.02 11.46
CA LEU A 41 1.81 -84.25 12.29
C LEU A 41 2.87 -83.63 11.41
N TRP A 42 2.57 -82.42 10.91
CA TRP A 42 3.47 -81.69 10.05
C TRP A 42 4.67 -81.16 10.82
N ASN A 43 5.79 -81.03 10.13
CA ASN A 43 7.01 -80.50 10.75
C ASN A 43 7.52 -79.41 9.82
N VAL A 44 6.98 -78.20 10.01
CA VAL A 44 7.33 -77.04 9.19
C VAL A 44 8.81 -76.87 8.81
N GLU A 45 9.72 -77.16 9.74
CA GLU A 45 11.14 -76.98 9.45
C GLU A 45 11.65 -77.88 8.32
N THR A 46 11.15 -79.11 8.29
CA THR A 46 11.57 -80.05 7.26
C THR A 46 10.41 -80.93 6.85
N ASN A 47 9.48 -80.35 6.09
CA ASN A 47 8.29 -81.04 5.61
C ASN A 47 8.24 -82.54 5.94
N THR A 48 7.85 -82.88 7.16
CA THR A 48 7.76 -84.26 7.60
C THR A 48 6.42 -84.50 8.30
N SER A 49 5.35 -84.59 7.52
CA SER A 49 4.03 -84.82 8.09
C SER A 49 3.78 -86.31 8.34
N THR A 50 4.22 -86.79 9.49
CA THR A 50 4.07 -88.18 9.88
C THR A 50 2.58 -88.50 10.04
N VAL A 51 2.28 -89.71 10.50
CA VAL A 51 0.90 -90.12 10.70
C VAL A 51 0.74 -90.53 12.16
N LEU A 52 -0.17 -89.87 12.87
CA LEU A 52 -0.42 -90.15 14.28
C LEU A 52 -1.63 -91.06 14.50
N ILE A 53 -2.73 -90.75 13.81
CA ILE A 53 -3.95 -91.55 13.91
C ILE A 53 -4.51 -91.62 12.50
N GLU A 54 -5.29 -92.67 12.21
CA GLU A 54 -5.85 -92.85 10.88
C GLU A 54 -7.35 -93.12 10.92
N GLY A 55 -7.92 -93.48 9.78
CA GLY A 55 -9.34 -93.78 9.71
C GLY A 55 -9.70 -94.98 10.57
N LYS A 56 -9.05 -95.07 11.73
CA LYS A 56 -9.32 -96.15 12.68
C LYS A 56 -10.19 -95.48 13.74
N LYS A 57 -10.46 -94.20 13.52
CA LYS A 57 -11.31 -93.42 14.40
C LYS A 57 -12.73 -93.82 14.04
N ILE A 58 -12.96 -94.00 12.74
CA ILE A 58 -14.25 -94.43 12.23
C ILE A 58 -14.52 -95.74 12.96
N GLU A 59 -13.45 -96.51 13.15
CA GLU A 59 -13.51 -97.80 13.84
C GLU A 59 -14.17 -97.59 15.18
N SER A 60 -13.52 -96.80 16.03
CA SER A 60 -14.05 -96.51 17.36
C SER A 60 -15.35 -95.75 17.25
N LEU A 61 -16.38 -96.45 16.79
CA LEU A 61 -17.72 -95.92 16.61
C LEU A 61 -17.65 -94.42 16.34
N ARG A 62 -16.94 -94.08 15.26
CA ARG A 62 -16.76 -92.70 14.85
C ARG A 62 -16.61 -91.79 16.06
N ALA A 63 -15.48 -91.91 16.75
CA ALA A 63 -15.23 -91.08 17.91
C ALA A 63 -15.44 -89.65 17.44
N ILE A 64 -16.31 -88.93 18.15
CA ILE A 64 -16.62 -87.55 17.79
C ILE A 64 -15.44 -86.64 18.10
N ARG A 65 -14.76 -86.91 19.22
CA ARG A 65 -13.63 -86.13 19.64
C ARG A 65 -12.44 -87.02 19.93
N TYR A 66 -11.25 -86.43 19.88
CA TYR A 66 -10.04 -87.16 20.15
C TYR A 66 -8.95 -86.18 20.55
N GLU A 67 -7.99 -86.65 21.33
CA GLU A 67 -6.89 -85.79 21.75
C GLU A 67 -5.64 -86.62 22.02
N ILE A 68 -4.58 -86.28 21.32
CA ILE A 68 -3.30 -86.95 21.47
C ILE A 68 -2.64 -86.49 22.78
N SER A 69 -1.99 -87.41 23.49
CA SER A 69 -1.34 -87.04 24.75
C SER A 69 -0.11 -86.19 24.49
N PRO A 70 0.45 -85.56 25.54
CA PRO A 70 1.65 -84.73 25.32
C PRO A 70 2.87 -85.53 24.90
N ASP A 71 3.12 -86.67 25.56
CA ASP A 71 4.27 -87.49 25.21
C ASP A 71 4.03 -88.21 23.88
N ARG A 72 2.95 -87.81 23.20
CA ARG A 72 2.59 -88.36 21.90
C ARG A 72 2.59 -89.89 21.81
N GLU A 73 2.31 -90.55 22.92
CA GLU A 73 2.29 -92.01 22.91
C GLU A 73 0.90 -92.62 23.07
N TYR A 74 -0.10 -91.77 23.28
CA TYR A 74 -1.47 -92.24 23.42
C TYR A 74 -2.45 -91.23 22.83
N ALA A 75 -3.69 -91.65 22.67
CA ALA A 75 -4.71 -90.76 22.15
C ALA A 75 -5.96 -91.00 22.97
N LEU A 76 -6.70 -89.93 23.21
CA LEU A 76 -7.93 -89.99 23.98
C LEU A 76 -9.08 -89.90 22.98
N PHE A 77 -9.98 -90.88 22.98
CA PHE A 77 -11.09 -90.87 22.05
C PHE A 77 -12.46 -90.88 22.73
N SER A 78 -13.40 -90.08 22.20
CA SER A 78 -14.76 -90.04 22.77
C SER A 78 -15.76 -90.41 21.68
N TYR A 79 -16.76 -91.21 22.04
CA TYR A 79 -17.77 -91.62 21.07
C TYR A 79 -19.17 -91.65 21.67
N ASN A 80 -20.17 -91.67 20.79
CA ASN A 80 -21.57 -91.69 21.19
C ASN A 80 -21.76 -90.54 22.16
N VAL A 81 -21.14 -89.42 21.81
CA VAL A 81 -21.22 -88.21 22.60
C VAL A 81 -22.60 -87.62 22.44
N GLU A 82 -23.20 -87.22 23.54
CA GLU A 82 -24.53 -86.62 23.53
C GLU A 82 -24.32 -85.18 24.00
N PRO A 83 -24.91 -84.20 23.29
CA PRO A 83 -24.77 -82.80 23.67
C PRO A 83 -25.63 -82.39 24.87
N ILE A 84 -25.11 -81.50 25.70
CA ILE A 84 -25.85 -81.00 26.85
C ILE A 84 -26.26 -79.56 26.57
N TYR A 85 -25.40 -78.61 26.90
CA TYR A 85 -25.73 -77.22 26.65
C TYR A 85 -25.05 -76.73 25.39
N GLN A 86 -24.31 -75.63 25.49
CA GLN A 86 -23.62 -75.09 24.31
C GLN A 86 -22.63 -76.13 23.75
N HIS A 87 -21.54 -76.33 24.50
CA HIS A 87 -20.52 -77.30 24.12
C HIS A 87 -20.45 -78.30 25.25
N SER A 88 -20.57 -79.59 24.96
CA SER A 88 -20.53 -80.54 26.06
C SER A 88 -20.01 -81.94 25.74
N TYR A 89 -18.68 -82.02 25.65
CA TYR A 89 -17.98 -83.28 25.39
C TYR A 89 -18.32 -84.28 26.50
N THR A 90 -19.41 -85.01 26.32
CA THR A 90 -19.85 -85.99 27.32
C THR A 90 -20.34 -87.32 26.73
N GLY A 91 -19.41 -88.25 26.56
CA GLY A 91 -19.75 -89.55 26.02
C GLY A 91 -18.94 -90.67 26.64
N TYR A 92 -18.60 -91.68 25.85
CA TYR A 92 -17.79 -92.79 26.35
C TYR A 92 -16.34 -92.53 25.97
N TYR A 93 -15.43 -92.76 26.91
CA TYR A 93 -14.02 -92.51 26.64
C TYR A 93 -13.12 -93.74 26.57
N VAL A 94 -12.34 -93.78 25.51
CA VAL A 94 -11.41 -94.87 25.27
C VAL A 94 -9.98 -94.39 24.98
N LEU A 95 -9.03 -95.19 25.46
CA LEU A 95 -7.62 -94.89 25.30
C LEU A 95 -6.97 -95.87 24.34
N SER A 96 -5.92 -95.43 23.65
CA SER A 96 -5.21 -96.27 22.69
C SER A 96 -3.77 -95.77 22.50
N LYS A 97 -2.87 -96.65 22.07
CA LYS A 97 -1.49 -96.26 21.86
C LYS A 97 -1.31 -95.58 20.50
N ILE A 98 -0.39 -94.62 20.46
CA ILE A 98 -0.18 -93.81 19.25
C ILE A 98 -0.16 -94.45 17.85
N PRO A 99 0.66 -95.49 17.57
CA PRO A 99 0.51 -95.92 16.19
C PRO A 99 -0.92 -96.38 15.94
N HIS A 100 -1.25 -97.55 16.51
CA HIS A 100 -2.60 -98.08 16.39
C HIS A 100 -2.82 -99.32 17.23
N GLY A 101 -4.06 -99.78 17.24
CA GLY A 101 -4.42 -100.99 17.96
C GLY A 101 -4.67 -100.95 19.46
N ASP A 102 -5.57 -101.84 19.87
CA ASP A 102 -5.97 -102.07 21.26
C ASP A 102 -6.58 -100.92 22.07
N PRO A 103 -7.87 -100.62 21.84
CA PRO A 103 -8.54 -99.55 22.59
C PRO A 103 -8.90 -100.04 24.00
N GLN A 104 -9.15 -99.11 24.92
CA GLN A 104 -9.50 -99.47 26.30
C GLN A 104 -10.45 -98.46 26.92
N SER A 105 -11.51 -98.97 27.55
CA SER A 105 -12.48 -98.11 28.18
C SER A 105 -11.92 -97.38 29.39
N LEU A 106 -12.18 -96.07 29.44
CA LEU A 106 -11.73 -95.22 30.52
C LEU A 106 -12.93 -95.08 31.44
N ASP A 107 -13.01 -95.92 32.46
CA ASP A 107 -14.12 -95.85 33.40
C ASP A 107 -13.57 -95.58 34.78
N PRO A 108 -14.37 -94.95 35.64
CA PRO A 108 -13.90 -94.66 37.00
C PRO A 108 -13.62 -95.99 37.71
N PRO A 109 -13.13 -95.93 38.95
CA PRO A 109 -12.84 -97.16 39.68
C PRO A 109 -14.09 -97.87 40.16
N GLU A 110 -14.16 -99.16 39.85
CA GLU A 110 -15.26 -100.03 40.26
C GLU A 110 -16.55 -99.89 39.45
N VAL A 111 -16.62 -98.88 38.58
CA VAL A 111 -17.82 -98.69 37.77
C VAL A 111 -17.57 -99.24 36.36
N SER A 112 -18.58 -99.86 35.78
CA SER A 112 -18.46 -100.44 34.44
C SER A 112 -18.55 -99.42 33.31
N ASN A 113 -18.85 -99.90 32.11
CA ASN A 113 -18.98 -99.07 30.92
C ASN A 113 -19.95 -97.91 31.18
N ALA A 114 -19.40 -96.79 31.65
CA ALA A 114 -20.19 -95.61 31.98
C ALA A 114 -19.72 -94.32 31.32
N LYS A 115 -20.69 -93.48 30.95
CA LYS A 115 -20.40 -92.20 30.31
C LYS A 115 -19.61 -91.28 31.24
N LEU A 116 -18.77 -90.46 30.64
CA LEU A 116 -17.96 -89.52 31.40
C LEU A 116 -18.36 -88.12 30.97
N GLN A 117 -18.27 -87.17 31.90
CA GLN A 117 -18.63 -85.79 31.59
C GLN A 117 -17.49 -85.06 30.90
N TYR A 118 -16.28 -85.58 31.05
CA TYR A 118 -15.09 -85.00 30.43
C TYR A 118 -13.84 -85.85 30.65
N ALA A 119 -12.90 -85.76 29.71
CA ALA A 119 -11.65 -86.52 29.79
C ALA A 119 -10.42 -85.61 29.67
N GLY A 120 -9.87 -85.46 28.48
CA GLY A 120 -8.71 -84.58 28.29
C GLY A 120 -7.37 -84.88 28.97
N TRP A 121 -6.29 -84.57 28.25
CA TRP A 121 -4.92 -84.79 28.73
C TRP A 121 -4.35 -83.68 29.58
N GLY A 122 -3.38 -84.04 30.42
CA GLY A 122 -2.71 -83.06 31.27
C GLY A 122 -1.63 -82.36 30.47
N PRO A 123 -0.77 -81.55 31.11
CA PRO A 123 0.28 -80.85 30.37
C PRO A 123 1.47 -81.72 30.01
N LYS A 124 2.00 -82.42 31.00
CA LYS A 124 3.16 -83.26 30.75
C LYS A 124 2.93 -84.76 30.86
N GLY A 125 3.84 -85.50 30.23
CA GLY A 125 3.78 -86.95 30.24
C GLY A 125 2.57 -87.51 29.52
N GLN A 126 1.71 -88.16 30.30
CA GLN A 126 0.50 -88.73 29.76
C GLN A 126 -0.51 -88.71 30.89
N GLN A 127 -0.34 -87.73 31.79
CA GLN A 127 -1.25 -87.56 32.89
C GLN A 127 -2.58 -87.12 32.31
N LEU A 128 -3.66 -87.41 33.01
CA LEU A 128 -4.99 -87.02 32.55
C LEU A 128 -6.00 -87.10 33.67
N ILE A 129 -7.11 -86.40 33.50
CA ILE A 129 -8.17 -86.44 34.49
C ILE A 129 -9.46 -86.64 33.73
N PHE A 130 -10.51 -87.05 34.43
CA PHE A 130 -11.81 -87.24 33.82
C PHE A 130 -12.84 -87.00 34.91
N ILE A 131 -13.97 -86.43 34.52
CA ILE A 131 -15.00 -86.12 35.48
C ILE A 131 -16.21 -87.04 35.36
N PHE A 132 -16.59 -87.62 36.49
CA PHE A 132 -17.72 -88.53 36.59
C PHE A 132 -18.58 -88.05 37.74
N GLU A 133 -19.89 -87.92 37.48
CA GLU A 133 -20.85 -87.45 38.48
C GLU A 133 -20.27 -86.32 39.33
N ASN A 134 -19.77 -85.31 38.62
CA ASN A 134 -19.18 -84.10 39.19
C ASN A 134 -18.02 -84.29 40.18
N ASN A 135 -17.20 -85.30 39.95
CA ASN A 135 -16.04 -85.54 40.79
C ASN A 135 -14.87 -85.64 39.83
N ILE A 136 -13.71 -85.16 40.27
CA ILE A 136 -12.52 -85.21 39.44
C ILE A 136 -11.61 -86.38 39.79
N TYR A 137 -11.32 -87.21 38.80
CA TYR A 137 -10.45 -88.38 38.97
C TYR A 137 -9.13 -88.11 38.25
N TYR A 138 -8.04 -88.61 38.79
CA TYR A 138 -6.72 -88.39 38.21
C TYR A 138 -5.89 -89.66 37.97
N CYS A 139 -5.20 -89.67 36.84
CA CYS A 139 -4.32 -90.77 36.43
C CYS A 139 -3.05 -90.16 35.87
N ALA A 140 -1.93 -90.34 36.58
CA ALA A 140 -0.66 -89.79 36.12
C ALA A 140 -0.10 -90.62 34.98
N HIS A 141 0.05 -91.91 35.23
CA HIS A 141 0.58 -92.86 34.27
C HIS A 141 -0.65 -93.48 33.57
N VAL A 142 -0.52 -93.83 32.30
CA VAL A 142 -1.66 -94.42 31.59
C VAL A 142 -2.18 -95.70 32.25
N GLY A 143 -1.26 -96.52 32.76
CA GLY A 143 -1.67 -97.76 33.40
C GLY A 143 -2.18 -97.54 34.82
N LYS A 144 -1.70 -96.49 35.47
CA LYS A 144 -2.10 -96.14 36.83
C LYS A 144 -3.63 -96.12 36.96
N GLN A 145 -4.16 -96.50 38.12
CA GLN A 145 -5.61 -96.51 38.29
C GLN A 145 -6.03 -95.12 38.76
N ALA A 146 -7.21 -94.70 38.34
CA ALA A 146 -7.73 -93.39 38.70
C ALA A 146 -7.90 -93.21 40.21
N ILE A 147 -7.75 -91.96 40.64
CA ILE A 147 -7.89 -91.61 42.04
C ILE A 147 -8.87 -90.46 42.08
N ARG A 148 -9.86 -90.54 42.96
CA ARG A 148 -10.84 -89.48 43.07
C ARG A 148 -10.28 -88.32 43.87
N VAL A 149 -9.64 -87.38 43.16
CA VAL A 149 -9.01 -86.22 43.77
C VAL A 149 -9.99 -85.28 44.49
N VAL A 150 -11.17 -85.07 43.92
CA VAL A 150 -12.18 -84.23 44.54
C VAL A 150 -13.45 -85.08 44.50
N SER A 151 -14.17 -85.12 45.61
CA SER A 151 -15.37 -85.95 45.66
C SER A 151 -16.62 -85.28 46.20
N THR A 152 -16.61 -83.95 46.24
CA THR A 152 -17.76 -83.22 46.74
C THR A 152 -18.83 -83.03 45.67
N GLY A 153 -18.67 -83.70 44.53
CA GLY A 153 -19.65 -83.55 43.46
C GLY A 153 -21.02 -84.16 43.69
N LYS A 154 -22.05 -83.47 43.23
CA LYS A 154 -23.43 -83.93 43.34
C LYS A 154 -24.17 -83.58 42.05
N GLU A 155 -24.45 -84.59 41.23
CA GLU A 155 -25.13 -84.41 39.95
C GLU A 155 -26.17 -83.28 39.88
N GLY A 156 -25.93 -82.35 38.96
CA GLY A 156 -26.83 -81.24 38.76
C GLY A 156 -26.90 -80.18 39.85
N VAL A 157 -26.17 -80.38 40.94
CA VAL A 157 -26.21 -79.41 42.03
C VAL A 157 -24.83 -78.89 42.42
N ILE A 158 -23.85 -79.78 42.53
CA ILE A 158 -22.51 -79.38 42.90
C ILE A 158 -21.53 -79.77 41.79
N TYR A 159 -21.14 -78.78 41.02
CA TYR A 159 -20.21 -78.99 39.91
C TYR A 159 -18.81 -78.52 40.26
N ASN A 160 -17.82 -79.33 39.92
CA ASN A 160 -16.43 -78.92 40.11
C ASN A 160 -15.62 -79.47 38.96
N GLY A 161 -15.00 -78.55 38.23
CA GLY A 161 -14.22 -78.92 37.07
C GLY A 161 -14.98 -78.54 35.81
N LEU A 162 -16.30 -78.46 35.92
CA LEU A 162 -17.13 -78.11 34.78
C LEU A 162 -18.12 -77.04 35.18
N SER A 163 -18.57 -76.27 34.21
CA SER A 163 -19.54 -75.21 34.49
C SER A 163 -20.95 -75.75 34.69
N ASP A 164 -21.79 -74.92 35.30
CA ASP A 164 -23.19 -75.26 35.50
C ASP A 164 -23.79 -74.49 34.32
N TRP A 165 -25.10 -74.50 34.14
CA TRP A 165 -25.66 -73.79 33.00
C TRP A 165 -25.17 -72.35 32.88
N LEU A 166 -25.53 -71.49 33.84
CA LEU A 166 -25.14 -70.09 33.79
C LEU A 166 -23.67 -69.87 33.51
N TYR A 167 -22.78 -70.64 34.15
CA TYR A 167 -21.36 -70.44 33.90
C TYR A 167 -20.92 -70.78 32.49
N GLU A 168 -21.56 -71.77 31.88
CA GLU A 168 -21.23 -72.18 30.53
C GLU A 168 -21.82 -71.26 29.46
N GLU A 169 -23.08 -70.94 29.62
CA GLU A 169 -23.79 -70.12 28.66
C GLU A 169 -23.54 -68.63 28.77
N GLU A 170 -23.41 -68.12 29.99
CA GLU A 170 -23.24 -66.68 30.15
C GLU A 170 -21.95 -66.12 30.70
N ILE A 171 -21.50 -66.60 31.86
CA ILE A 171 -20.31 -66.01 32.45
C ILE A 171 -18.93 -66.57 32.06
N LEU A 172 -18.80 -67.86 31.82
CA LEU A 172 -17.48 -68.37 31.44
C LEU A 172 -17.35 -68.70 29.96
N LYS A 173 -18.48 -68.97 29.32
CA LYS A 173 -18.51 -69.28 27.90
C LYS A 173 -17.77 -70.55 27.48
N THR A 174 -17.67 -71.50 28.42
CA THR A 174 -17.04 -72.80 28.19
C THR A 174 -17.64 -73.76 29.19
N HIS A 175 -17.60 -75.05 28.89
CA HIS A 175 -18.15 -76.02 29.81
C HIS A 175 -17.02 -76.40 30.75
N ILE A 176 -15.79 -76.27 30.26
CA ILE A 176 -14.61 -76.61 31.04
C ILE A 176 -14.25 -75.54 32.07
N ALA A 177 -14.11 -75.95 33.33
CA ALA A 177 -13.79 -75.01 34.40
C ALA A 177 -12.68 -75.49 35.35
N HIS A 178 -11.58 -75.98 34.77
CA HIS A 178 -10.43 -76.42 35.55
C HIS A 178 -9.20 -76.01 34.74
N TRP A 179 -8.07 -75.82 35.41
CA TRP A 179 -6.86 -75.40 34.72
C TRP A 179 -5.60 -76.00 35.34
N TRP A 180 -4.80 -76.67 34.51
CA TRP A 180 -3.56 -77.27 35.01
C TRP A 180 -2.44 -76.25 35.12
N SER A 181 -1.58 -76.43 36.13
CA SER A 181 -0.43 -75.54 36.29
C SER A 181 0.45 -75.90 35.10
N PRO A 182 1.35 -75.02 34.67
CA PRO A 182 2.23 -75.30 33.52
C PRO A 182 3.06 -76.57 33.67
N ASP A 183 3.50 -76.86 34.89
CA ASP A 183 4.31 -78.05 35.13
C ASP A 183 3.50 -79.29 35.50
N GLY A 184 2.18 -79.22 35.35
CA GLY A 184 1.34 -80.36 35.66
C GLY A 184 1.46 -80.91 37.07
N THR A 185 1.77 -80.05 38.02
CA THR A 185 1.94 -80.46 39.42
C THR A 185 0.73 -80.07 40.28
N ARG A 186 0.12 -78.94 39.92
CA ARG A 186 -1.04 -78.45 40.64
C ARG A 186 -2.20 -78.29 39.65
N LEU A 187 -3.42 -78.55 40.14
CA LEU A 187 -4.61 -78.43 39.30
C LEU A 187 -5.60 -77.48 39.95
N ALA A 188 -5.96 -76.45 39.23
CA ALA A 188 -6.93 -75.48 39.72
C ALA A 188 -8.27 -75.85 39.11
N TYR A 189 -9.33 -75.71 39.89
CA TYR A 189 -10.66 -76.04 39.40
C TYR A 189 -11.72 -75.24 40.11
N ALA A 190 -12.74 -74.82 39.37
CA ALA A 190 -13.82 -74.06 39.96
C ALA A 190 -14.79 -75.06 40.57
N ALA A 191 -15.42 -74.67 41.66
CA ALA A 191 -16.40 -75.50 42.34
C ALA A 191 -17.66 -74.64 42.38
N ILE A 192 -18.65 -75.03 41.58
CA ILE A 192 -19.88 -74.28 41.52
C ILE A 192 -20.97 -74.96 42.32
N ASN A 193 -21.62 -74.18 43.16
CA ASN A 193 -22.69 -74.67 44.00
C ASN A 193 -24.03 -74.07 43.57
N ASP A 194 -24.90 -74.90 42.99
CA ASP A 194 -26.21 -74.42 42.55
C ASP A 194 -27.27 -74.75 43.57
N SER A 195 -26.83 -75.30 44.69
CA SER A 195 -27.70 -75.70 45.79
C SER A 195 -28.84 -74.73 46.11
N ARG A 196 -28.53 -73.43 46.19
CA ARG A 196 -29.57 -72.45 46.51
C ARG A 196 -30.11 -71.71 45.28
N VAL A 197 -29.80 -72.21 44.09
CA VAL A 197 -30.30 -71.56 42.89
C VAL A 197 -31.66 -72.16 42.58
N PRO A 198 -32.63 -71.33 42.15
CA PRO A 198 -33.96 -71.81 41.83
C PRO A 198 -33.87 -72.88 40.76
N ILE A 199 -34.84 -73.78 40.74
CA ILE A 199 -34.80 -74.83 39.76
C ILE A 199 -35.95 -74.73 38.75
N MET A 200 -35.58 -74.60 37.48
CA MET A 200 -36.54 -74.48 36.39
C MET A 200 -36.95 -75.86 35.88
N GLU A 201 -38.24 -76.05 35.68
CA GLU A 201 -38.74 -77.32 35.17
C GLU A 201 -38.97 -77.20 33.68
N LEU A 202 -38.42 -78.14 32.91
CA LEU A 202 -38.62 -78.10 31.46
C LEU A 202 -39.68 -79.13 31.11
N PRO A 203 -40.72 -78.69 30.39
CA PRO A 203 -41.84 -79.54 29.97
C PRO A 203 -41.45 -80.59 28.94
N THR A 204 -41.98 -81.79 29.09
CA THR A 204 -41.71 -82.87 28.15
C THR A 204 -43.04 -83.43 27.66
N TYR A 205 -43.13 -83.77 26.38
CA TYR A 205 -44.36 -84.30 25.82
C TYR A 205 -44.18 -85.49 24.89
N THR A 206 -42.99 -86.08 24.84
CA THR A 206 -42.79 -87.18 23.91
C THR A 206 -42.17 -88.46 24.44
N GLY A 207 -41.36 -88.36 25.48
CA GLY A 207 -40.71 -89.55 26.00
C GLY A 207 -41.62 -90.76 26.17
N SER A 208 -41.95 -91.02 27.42
CA SER A 208 -42.81 -92.15 27.78
C SER A 208 -44.28 -91.80 27.54
N ILE A 209 -45.17 -92.69 27.99
CA ILE A 209 -46.60 -92.49 27.88
C ILE A 209 -46.96 -91.33 28.78
N TYR A 210 -46.30 -91.28 29.93
CA TYR A 210 -46.50 -90.20 30.89
C TYR A 210 -45.24 -89.37 30.92
N PRO A 211 -45.14 -88.37 30.03
CA PRO A 211 -43.95 -87.53 30.00
C PRO A 211 -43.77 -86.83 31.33
N THR A 212 -42.53 -86.51 31.67
CA THR A 212 -42.25 -85.84 32.91
C THR A 212 -41.32 -84.67 32.64
N VAL A 213 -41.26 -83.73 33.57
CA VAL A 213 -40.41 -82.58 33.39
C VAL A 213 -38.93 -82.88 33.65
N LYS A 214 -38.07 -82.09 33.04
CA LYS A 214 -36.63 -82.22 33.22
C LYS A 214 -36.24 -81.00 34.03
N PRO A 215 -35.81 -81.21 35.27
CA PRO A 215 -35.41 -80.11 36.16
C PRO A 215 -33.93 -79.77 36.05
N TYR A 216 -33.60 -78.52 36.38
CA TYR A 216 -32.21 -78.07 36.36
C TYR A 216 -32.17 -76.64 36.88
N HIS A 217 -31.05 -76.27 37.50
CA HIS A 217 -30.89 -74.95 38.07
C HIS A 217 -30.63 -73.87 37.03
N TYR A 218 -31.52 -72.89 37.02
CA TYR A 218 -31.45 -71.78 36.08
C TYR A 218 -31.86 -70.54 36.85
N PRO A 219 -30.95 -69.56 36.99
CA PRO A 219 -31.30 -68.34 37.72
C PRO A 219 -31.87 -67.18 36.88
N LYS A 220 -33.17 -66.95 37.00
CA LYS A 220 -33.81 -65.84 36.30
C LYS A 220 -33.31 -64.55 36.95
N ALA A 221 -33.53 -63.43 36.30
CA ALA A 221 -33.09 -62.16 36.85
C ALA A 221 -33.63 -61.95 38.26
N GLY A 222 -32.74 -61.53 39.16
CA GLY A 222 -33.13 -61.26 40.53
C GLY A 222 -33.04 -62.42 41.51
N SER A 223 -33.05 -63.66 41.01
CA SER A 223 -32.98 -64.82 41.89
C SER A 223 -31.55 -65.05 42.38
N GLU A 224 -31.36 -66.09 43.19
CA GLU A 224 -30.03 -66.39 43.71
C GLU A 224 -29.16 -67.02 42.65
N ASN A 225 -27.94 -66.53 42.54
CA ASN A 225 -27.00 -67.05 41.55
C ASN A 225 -26.17 -68.19 42.08
N PRO A 226 -25.55 -68.96 41.18
CA PRO A 226 -24.72 -70.07 41.63
C PRO A 226 -23.54 -69.52 42.44
N SER A 227 -23.22 -70.19 43.54
CA SER A 227 -22.12 -69.77 44.40
C SER A 227 -20.84 -70.48 43.95
N ILE A 228 -19.80 -69.72 43.63
CA ILE A 228 -18.55 -70.31 43.16
C ILE A 228 -17.35 -70.11 44.08
N SER A 229 -16.39 -71.02 43.97
CA SER A 229 -15.17 -70.96 44.76
C SER A 229 -14.04 -71.56 43.93
N LEU A 230 -12.84 -70.99 44.04
CA LEU A 230 -11.70 -71.51 43.29
C LEU A 230 -10.82 -72.37 44.21
N HIS A 231 -10.48 -73.57 43.77
CA HIS A 231 -9.66 -74.49 44.56
C HIS A 231 -8.43 -74.96 43.80
N VAL A 232 -7.40 -75.39 44.53
CA VAL A 232 -6.19 -75.92 43.92
C VAL A 232 -5.71 -77.12 44.74
N ILE A 233 -5.30 -78.18 44.03
CA ILE A 233 -4.81 -79.40 44.68
C ILE A 233 -3.49 -79.86 44.07
N GLY A 234 -2.74 -80.64 44.84
CA GLY A 234 -1.46 -81.15 44.36
C GLY A 234 -1.70 -82.43 43.60
N LEU A 235 -0.96 -82.66 42.54
CA LEU A 235 -1.13 -83.87 41.73
C LEU A 235 -0.13 -84.98 42.06
N ASN A 236 0.67 -84.75 43.09
CA ASN A 236 1.64 -85.73 43.55
C ASN A 236 1.78 -85.55 45.06
N GLY A 237 1.59 -86.63 45.80
CA GLY A 237 1.65 -86.54 47.26
C GLY A 237 0.23 -86.37 47.76
N PRO A 238 0.00 -86.44 49.09
CA PRO A 238 -1.31 -86.31 49.73
C PRO A 238 -2.33 -85.33 49.11
N THR A 239 -1.86 -84.38 48.33
CA THR A 239 -2.74 -83.40 47.66
C THR A 239 -3.57 -82.54 48.62
N HIS A 240 -2.96 -81.50 49.18
CA HIS A 240 -3.68 -80.60 50.08
C HIS A 240 -4.51 -79.65 49.23
N ASP A 241 -5.84 -79.70 49.37
CA ASP A 241 -6.72 -78.83 48.60
C ASP A 241 -6.84 -77.49 49.30
N LEU A 242 -6.60 -76.41 48.56
CA LEU A 242 -6.71 -75.08 49.14
C LEU A 242 -7.64 -74.19 48.33
N GLU A 243 -8.41 -73.36 49.01
CA GLU A 243 -9.31 -72.44 48.33
C GLU A 243 -8.62 -71.09 48.18
N MET A 244 -8.75 -70.49 47.00
CA MET A 244 -8.15 -69.19 46.75
C MET A 244 -9.11 -68.12 47.25
N MET A 245 -8.77 -67.48 48.37
CA MET A 245 -9.64 -66.46 48.93
C MET A 245 -9.80 -65.22 48.06
N PRO A 246 -11.05 -64.75 47.91
CA PRO A 246 -11.36 -63.56 47.10
C PRO A 246 -11.04 -62.26 47.84
N PRO A 247 -11.03 -61.13 47.12
CA PRO A 247 -10.74 -59.82 47.71
C PRO A 247 -11.75 -59.41 48.78
N ASP A 248 -11.95 -58.10 48.94
CA ASP A 248 -12.87 -57.58 49.95
C ASP A 248 -13.76 -56.43 49.54
N ASP A 249 -13.27 -55.58 48.64
CA ASP A 249 -14.04 -54.42 48.19
C ASP A 249 -15.51 -54.73 48.44
N PRO A 250 -16.12 -54.07 49.43
CA PRO A 250 -17.53 -54.30 49.73
C PRO A 250 -18.39 -54.33 48.47
N ARG A 251 -17.84 -53.84 47.38
CA ARG A 251 -18.55 -53.84 46.10
C ARG A 251 -18.24 -55.13 45.34
N MET A 252 -18.07 -56.21 46.11
CA MET A 252 -17.77 -57.54 45.60
C MET A 252 -18.19 -58.60 46.61
N ARG A 253 -19.41 -58.49 47.12
CA ARG A 253 -19.88 -59.47 48.08
C ARG A 253 -20.58 -60.61 47.34
N GLU A 254 -21.09 -60.29 46.15
CA GLU A 254 -21.73 -61.27 45.27
C GLU A 254 -20.92 -61.15 44.00
N TYR A 255 -20.28 -62.23 43.58
CA TYR A 255 -19.44 -62.17 42.40
C TYR A 255 -19.43 -63.42 41.54
N TYR A 256 -18.85 -63.27 40.36
CA TYR A 256 -18.68 -64.37 39.41
C TYR A 256 -17.17 -64.39 39.20
N ILE A 257 -16.60 -65.56 38.96
CA ILE A 257 -15.18 -65.62 38.67
C ILE A 257 -15.19 -65.76 37.14
N THR A 258 -14.77 -64.71 36.45
CA THR A 258 -14.80 -64.71 34.98
C THR A 258 -13.52 -65.07 34.24
N MET A 259 -12.43 -65.23 34.96
CA MET A 259 -11.16 -65.54 34.29
C MET A 259 -10.14 -66.10 35.27
N VAL A 260 -9.50 -67.19 34.89
CA VAL A 260 -8.46 -67.77 35.70
C VAL A 260 -7.41 -68.40 34.79
N LYS A 261 -6.15 -68.05 35.03
CA LYS A 261 -5.03 -68.54 34.25
C LYS A 261 -3.77 -68.58 35.09
N TRP A 262 -2.90 -69.54 34.82
CA TRP A 262 -1.66 -69.64 35.58
C TRP A 262 -0.60 -68.68 35.05
N ALA A 263 -0.05 -67.88 35.94
CA ALA A 263 0.98 -66.91 35.58
C ALA A 263 2.31 -67.65 35.63
N THR A 264 2.42 -68.58 36.58
CA THR A 264 3.60 -69.41 36.76
C THR A 264 3.07 -70.74 37.28
N SER A 265 3.94 -71.61 37.80
CA SER A 265 3.46 -72.88 38.31
C SER A 265 3.11 -72.77 39.78
N THR A 266 3.25 -71.57 40.31
CA THR A 266 2.95 -71.32 41.72
C THR A 266 1.91 -70.22 41.91
N LYS A 267 1.81 -69.34 40.92
CA LYS A 267 0.85 -68.25 40.97
C LYS A 267 -0.22 -68.37 39.87
N VAL A 268 -1.46 -68.03 40.21
CA VAL A 268 -2.58 -68.10 39.28
C VAL A 268 -3.36 -66.80 39.26
N ALA A 269 -3.64 -66.29 38.07
CA ALA A 269 -4.39 -65.05 37.89
C ALA A 269 -5.90 -65.28 37.85
N VAL A 270 -6.64 -64.44 38.58
CA VAL A 270 -8.07 -64.55 38.67
C VAL A 270 -8.76 -63.19 38.55
N THR A 271 -9.84 -63.14 37.78
CA THR A 271 -10.59 -61.91 37.62
C THR A 271 -11.90 -62.14 38.34
N TRP A 272 -12.20 -61.26 39.30
CA TRP A 272 -13.43 -61.36 40.07
C TRP A 272 -14.39 -60.25 39.68
N LEU A 273 -15.54 -60.64 39.14
CA LEU A 273 -16.57 -59.70 38.70
C LEU A 273 -17.78 -59.83 39.61
N ASN A 274 -18.29 -58.71 40.10
CA ASN A 274 -19.43 -58.72 41.00
C ASN A 274 -20.73 -58.89 40.22
N ARG A 275 -21.73 -59.49 40.85
CA ARG A 275 -23.03 -59.74 40.23
C ARG A 275 -23.53 -58.59 39.36
N ALA A 276 -23.43 -57.37 39.87
CA ALA A 276 -23.87 -56.20 39.13
C ALA A 276 -23.03 -55.97 37.87
N GLN A 277 -21.89 -56.64 37.83
CA GLN A 277 -20.98 -56.57 36.70
C GLN A 277 -20.51 -55.15 36.39
N ASN A 278 -20.22 -54.38 37.44
CA ASN A 278 -19.76 -53.01 37.27
C ASN A 278 -18.44 -52.76 38.01
N VAL A 279 -17.88 -53.82 38.59
CA VAL A 279 -16.61 -53.75 39.30
C VAL A 279 -15.86 -55.05 39.04
N SER A 280 -14.62 -54.92 38.61
CA SER A 280 -13.78 -56.06 38.29
C SER A 280 -12.45 -56.02 39.05
N ILE A 281 -11.90 -57.19 39.39
CA ILE A 281 -10.64 -57.24 40.11
C ILE A 281 -9.67 -58.31 39.64
N LEU A 282 -8.57 -57.90 39.03
CA LEU A 282 -7.57 -58.84 38.56
C LEU A 282 -6.79 -59.26 39.79
N THR A 283 -6.37 -60.51 39.86
CA THR A 283 -5.68 -60.98 41.05
C THR A 283 -4.65 -62.08 40.86
N LEU A 284 -3.58 -61.99 41.65
CA LEU A 284 -2.55 -63.02 41.61
C LEU A 284 -2.59 -63.76 42.94
N CYS A 285 -2.88 -65.06 42.87
CA CYS A 285 -2.97 -65.86 44.08
C CYS A 285 -1.83 -66.85 44.16
N ASP A 286 -1.46 -67.21 45.38
CA ASP A 286 -0.39 -68.17 45.60
C ASP A 286 -1.01 -69.55 45.72
N ALA A 287 -0.83 -70.38 44.70
CA ALA A 287 -1.38 -71.73 44.67
C ALA A 287 -0.94 -72.59 45.85
N THR A 288 -0.28 -71.97 46.83
CA THR A 288 0.19 -72.71 47.99
C THR A 288 -0.16 -71.98 49.28
N THR A 289 -0.66 -70.76 49.13
CA THR A 289 -1.05 -69.94 50.26
C THR A 289 -2.57 -69.79 50.29
N GLY A 290 -3.13 -69.43 49.14
CA GLY A 290 -4.55 -69.22 49.05
C GLY A 290 -4.80 -67.73 49.16
N VAL A 291 -3.71 -67.00 49.36
CA VAL A 291 -3.78 -65.56 49.48
C VAL A 291 -3.72 -64.93 48.09
N CYS A 292 -4.77 -64.18 47.76
CA CYS A 292 -4.83 -63.52 46.47
C CYS A 292 -4.52 -62.04 46.70
N THR A 293 -3.74 -61.45 45.81
CA THR A 293 -3.38 -60.04 45.95
C THR A 293 -3.91 -59.21 44.79
N LYS A 294 -4.53 -58.07 45.08
CA LYS A 294 -5.03 -57.22 44.02
C LYS A 294 -3.85 -56.85 43.14
N LYS A 295 -4.07 -56.85 41.84
CA LYS A 295 -3.02 -56.54 40.89
C LYS A 295 -3.53 -55.46 39.94
N HIS A 296 -4.81 -55.13 40.12
CA HIS A 296 -5.49 -54.13 39.31
C HIS A 296 -7.00 -54.26 39.52
N GLU A 297 -7.75 -53.28 39.05
CA GLU A 297 -9.20 -53.31 39.18
C GLU A 297 -9.83 -52.24 38.31
N ASP A 298 -11.00 -52.55 37.77
CA ASP A 298 -11.73 -51.63 36.91
C ASP A 298 -13.17 -51.52 37.37
N GLU A 299 -13.79 -50.39 37.08
CA GLU A 299 -15.19 -50.18 37.39
C GLU A 299 -15.74 -49.30 36.29
N SER A 300 -17.02 -49.46 35.98
CA SER A 300 -17.66 -48.69 34.93
C SER A 300 -19.01 -48.21 35.40
N GLU A 301 -19.55 -47.21 34.71
CA GLU A 301 -20.86 -46.70 35.07
C GLU A 301 -21.89 -47.69 34.54
N ALA A 302 -21.74 -48.10 33.29
CA ALA A 302 -22.64 -49.07 32.68
C ALA A 302 -22.30 -50.46 33.20
N TRP A 303 -21.56 -51.22 32.41
CA TRP A 303 -21.17 -52.57 32.79
C TRP A 303 -19.81 -52.92 32.18
N LEU A 304 -18.99 -53.61 32.95
CA LEU A 304 -17.68 -54.02 32.45
C LEU A 304 -17.98 -54.97 31.31
N HIS A 305 -17.14 -54.98 30.29
CA HIS A 305 -17.34 -55.84 29.13
C HIS A 305 -16.05 -56.59 28.84
N ARG A 306 -16.14 -57.71 28.13
CA ARG A 306 -14.97 -58.50 27.80
C ARG A 306 -14.16 -58.81 29.06
N GLN A 307 -14.75 -59.61 29.95
CA GLN A 307 -14.07 -59.94 31.19
C GLN A 307 -13.42 -61.33 31.26
N ASN A 308 -13.51 -62.12 30.19
CA ASN A 308 -12.87 -63.43 30.23
C ASN A 308 -11.43 -63.23 29.77
N GLU A 309 -11.13 -61.98 29.41
CA GLU A 309 -9.83 -61.55 28.94
C GLU A 309 -8.65 -62.14 29.71
N GLU A 310 -7.91 -63.03 29.06
CA GLU A 310 -6.75 -63.67 29.68
C GLU A 310 -5.50 -62.82 29.51
N PRO A 311 -4.75 -62.60 30.60
CA PRO A 311 -3.53 -61.81 30.51
C PRO A 311 -2.36 -62.68 30.05
N VAL A 312 -1.38 -62.06 29.39
CA VAL A 312 -0.21 -62.77 28.90
C VAL A 312 0.98 -62.42 29.78
N PHE A 313 1.55 -63.43 30.44
CA PHE A 313 2.69 -63.19 31.33
C PHE A 313 4.03 -63.54 30.70
N SER A 314 5.07 -62.90 31.21
CA SER A 314 6.43 -63.14 30.75
C SER A 314 6.87 -64.42 31.45
N LYS A 315 7.53 -65.31 30.73
CA LYS A 315 7.98 -66.59 31.28
C LYS A 315 8.35 -66.58 32.77
N ASP A 316 8.90 -65.47 33.26
CA ASP A 316 9.28 -65.37 34.67
C ASP A 316 8.15 -64.83 35.53
N GLY A 317 6.92 -64.94 35.03
CA GLY A 317 5.78 -64.46 35.78
C GLY A 317 5.89 -62.99 36.14
N ARG A 318 6.88 -62.30 35.57
CA ARG A 318 7.08 -60.88 35.84
C ARG A 318 5.97 -60.07 35.16
N LYS A 319 6.32 -58.92 34.58
CA LYS A 319 5.32 -58.09 33.91
C LYS A 319 4.38 -58.90 33.02
N PHE A 320 3.20 -58.35 32.74
CA PHE A 320 2.23 -59.05 31.91
C PHE A 320 1.45 -58.10 31.01
N PHE A 321 0.82 -58.65 29.98
CA PHE A 321 0.02 -57.86 29.04
C PHE A 321 -1.45 -58.19 29.14
N PHE A 322 -2.24 -57.18 29.46
CA PHE A 322 -3.69 -57.35 29.57
C PHE A 322 -4.26 -56.58 28.39
N ILE A 323 -5.57 -56.33 28.43
CA ILE A 323 -6.23 -55.59 27.38
C ILE A 323 -7.54 -55.08 27.93
N ARG A 324 -7.72 -53.77 27.90
CA ARG A 324 -8.93 -53.20 28.44
C ARG A 324 -9.29 -51.89 27.78
N ALA A 325 -10.39 -51.31 28.24
CA ALA A 325 -10.87 -50.05 27.71
C ALA A 325 -10.06 -48.90 28.28
N ILE A 326 -9.47 -48.12 27.39
CA ILE A 326 -8.68 -46.97 27.80
C ILE A 326 -9.26 -45.78 27.03
N PRO A 327 -9.71 -44.75 27.75
CA PRO A 327 -10.30 -43.50 27.26
C PRO A 327 -10.11 -43.11 25.80
N GLN A 328 -8.89 -43.20 25.28
CA GLN A 328 -8.65 -42.85 23.88
C GLN A 328 -9.12 -41.45 23.49
N GLY A 329 -8.74 -40.46 24.29
CA GLY A 329 -9.12 -39.09 24.02
C GLY A 329 -10.62 -38.84 24.09
N GLY A 330 -11.23 -38.64 22.93
CA GLY A 330 -12.66 -38.38 22.87
C GLY A 330 -13.41 -39.44 22.09
N ARG A 331 -14.69 -39.59 22.41
CA ARG A 331 -15.56 -40.56 21.77
C ARG A 331 -15.41 -41.94 22.40
N GLY A 332 -15.67 -42.00 23.70
CA GLY A 332 -15.58 -43.24 24.45
C GLY A 332 -14.18 -43.79 24.55
N LYS A 333 -14.07 -44.99 25.08
CA LYS A 333 -12.80 -45.67 25.25
C LYS A 333 -12.82 -46.91 24.38
N PHE A 334 -11.64 -47.43 24.05
CA PHE A 334 -11.54 -48.62 23.22
C PHE A 334 -10.63 -49.65 23.87
N TYR A 335 -10.75 -50.90 23.43
CA TYR A 335 -9.95 -51.97 23.99
C TYR A 335 -8.57 -52.05 23.33
N HIS A 336 -7.53 -51.87 24.13
CA HIS A 336 -6.17 -51.91 23.66
C HIS A 336 -5.31 -52.68 24.64
N ILE A 337 -4.11 -53.06 24.19
CA ILE A 337 -3.17 -53.80 25.02
C ILE A 337 -2.61 -52.89 26.11
N THR A 338 -2.31 -53.46 27.26
CA THR A 338 -1.78 -52.71 28.39
C THR A 338 -0.67 -53.51 29.06
N VAL A 339 0.29 -52.83 29.67
CA VAL A 339 1.37 -53.53 30.34
C VAL A 339 1.47 -53.14 31.81
N SER A 340 1.85 -54.10 32.64
CA SER A 340 2.00 -53.89 34.07
C SER A 340 3.04 -54.88 34.58
N SER A 341 3.79 -54.48 35.61
CA SER A 341 4.80 -55.36 36.18
C SER A 341 4.11 -56.47 36.95
N SER A 342 4.81 -57.58 37.20
CA SER A 342 4.24 -58.71 37.93
C SER A 342 3.80 -58.36 39.34
N GLN A 343 4.57 -57.51 40.00
CA GLN A 343 4.24 -57.13 41.36
C GLN A 343 3.79 -55.68 41.51
N PRO A 344 2.63 -55.35 40.93
CA PRO A 344 2.09 -53.99 41.01
C PRO A 344 1.97 -53.61 42.50
N ASN A 345 2.68 -52.57 42.90
CA ASN A 345 2.65 -52.13 44.28
C ASN A 345 1.47 -51.16 44.54
N SER A 346 0.77 -51.40 45.65
CA SER A 346 -0.42 -50.65 46.09
C SER A 346 -0.71 -49.22 45.62
N SER A 347 0.30 -48.36 45.55
CA SER A 347 0.08 -46.96 45.15
C SER A 347 -0.70 -46.78 43.85
N ASN A 348 0.01 -46.71 42.74
CA ASN A 348 -0.61 -46.51 41.43
C ASN A 348 -0.28 -47.68 40.51
N ASP A 349 -0.83 -47.66 39.30
CA ASP A 349 -0.60 -48.73 38.33
C ASP A 349 0.71 -48.55 37.57
N ASN A 350 1.12 -49.60 36.86
CA ASN A 350 2.31 -49.57 36.03
C ASN A 350 1.75 -49.13 34.68
N ILE A 351 0.46 -48.80 34.71
CA ILE A 351 -0.28 -48.36 33.53
C ILE A 351 0.50 -47.69 32.44
N GLN A 352 0.20 -48.12 31.23
CA GLN A 352 0.77 -47.60 30.00
C GLN A 352 0.40 -48.58 28.94
N SER A 353 -0.41 -48.11 28.00
CA SER A 353 -0.86 -48.94 26.91
C SER A 353 0.15 -48.96 25.78
N ILE A 354 0.09 -50.05 25.01
CA ILE A 354 0.97 -50.26 23.89
C ILE A 354 0.31 -49.81 22.59
N THR A 355 -1.00 -50.01 22.50
CA THR A 355 -1.71 -49.58 21.29
C THR A 355 -2.76 -48.55 21.67
N SER A 356 -3.26 -47.85 20.66
CA SER A 356 -4.27 -46.83 20.88
C SER A 356 -4.94 -46.39 19.58
N GLY A 357 -6.14 -45.83 19.71
CA GLY A 357 -6.88 -45.38 18.55
C GLY A 357 -8.35 -45.69 18.66
N ASP A 358 -9.10 -45.34 17.61
CA ASP A 358 -10.53 -45.60 17.61
C ASP A 358 -10.82 -46.90 16.87
N TRP A 359 -10.30 -47.97 17.44
CA TRP A 359 -10.46 -49.33 16.91
C TRP A 359 -10.15 -50.25 18.08
N ASP A 360 -10.67 -51.47 18.04
CA ASP A 360 -10.43 -52.40 19.12
C ASP A 360 -9.51 -53.54 18.81
N VAL A 361 -8.75 -53.94 19.82
CA VAL A 361 -7.84 -55.06 19.73
C VAL A 361 -8.81 -56.17 20.12
N THR A 362 -8.80 -57.30 19.43
CA THR A 362 -9.75 -58.33 19.79
C THR A 362 -9.14 -59.62 20.34
N LYS A 363 -7.83 -59.76 20.29
CA LYS A 363 -7.23 -61.00 20.79
C LYS A 363 -5.70 -61.03 20.82
N ILE A 364 -5.12 -61.15 22.00
CA ILE A 364 -3.67 -61.25 22.08
C ILE A 364 -3.34 -62.70 21.73
N LEU A 365 -2.43 -62.90 20.80
CA LEU A 365 -2.09 -64.26 20.41
C LEU A 365 -0.79 -64.79 21.01
N ALA A 366 0.19 -63.92 21.15
CA ALA A 366 1.47 -64.35 21.69
C ALA A 366 2.40 -63.21 22.08
N TYR A 367 3.35 -63.52 22.94
CA TYR A 367 4.33 -62.54 23.40
C TYR A 367 5.73 -63.12 23.26
N ASP A 368 6.54 -62.49 22.41
CA ASP A 368 7.91 -62.94 22.19
C ASP A 368 8.84 -62.15 23.11
N GLU A 369 9.03 -62.68 24.31
CA GLU A 369 9.86 -62.04 25.32
C GLU A 369 11.26 -61.74 24.82
N LYS A 370 11.74 -62.54 23.88
CA LYS A 370 13.08 -62.35 23.30
C LYS A 370 13.09 -61.12 22.41
N GLY A 371 12.79 -59.97 22.99
CA GLY A 371 12.79 -58.75 22.20
C GLY A 371 11.56 -57.89 22.46
N ASN A 372 10.84 -57.59 21.39
CA ASN A 372 9.65 -56.78 21.52
C ASN A 372 8.62 -57.04 20.45
N LYS A 373 7.94 -58.17 20.59
CA LYS A 373 6.90 -58.55 19.66
C LYS A 373 5.71 -59.04 20.46
N ILE A 374 4.53 -58.56 20.06
CA ILE A 374 3.28 -58.93 20.69
C ILE A 374 2.29 -59.03 19.53
N TYR A 375 1.87 -60.26 19.22
CA TYR A 375 0.96 -60.49 18.11
C TYR A 375 -0.50 -60.49 18.56
N PHE A 376 -1.38 -59.98 17.69
CA PHE A 376 -2.79 -59.90 18.04
C PHE A 376 -3.67 -59.60 16.83
N LEU A 377 -4.99 -59.70 17.02
CA LEU A 377 -5.96 -59.42 15.98
C LEU A 377 -6.57 -58.07 16.34
N SER A 378 -7.03 -57.32 15.34
CA SER A 378 -7.62 -56.01 15.60
C SER A 378 -8.62 -55.62 14.52
N THR A 379 -9.31 -54.52 14.80
CA THR A 379 -10.28 -53.99 13.86
C THR A 379 -9.67 -52.72 13.27
N GLU A 380 -8.39 -52.53 13.50
CA GLU A 380 -7.70 -51.34 13.00
C GLU A 380 -7.92 -51.11 11.51
N ASP A 381 -8.05 -52.20 10.75
CA ASP A 381 -8.30 -52.08 9.32
C ASP A 381 -9.71 -51.51 9.21
N LEU A 382 -10.69 -52.39 9.34
CA LEU A 382 -12.10 -52.02 9.28
C LEU A 382 -12.73 -52.85 10.38
N PRO A 383 -13.68 -52.27 11.13
CA PRO A 383 -14.30 -53.07 12.19
C PRO A 383 -14.86 -54.39 11.67
N ARG A 384 -15.19 -54.43 10.38
CA ARG A 384 -15.77 -55.61 9.75
C ARG A 384 -14.71 -56.62 9.33
N ARG A 385 -13.45 -56.37 9.73
CA ARG A 385 -12.36 -57.26 9.36
C ARG A 385 -11.52 -57.66 10.55
N ARG A 386 -10.63 -58.63 10.33
CA ARG A 386 -9.73 -59.13 11.37
C ARG A 386 -8.35 -59.37 10.81
N GLN A 387 -7.42 -58.49 11.16
CA GLN A 387 -6.06 -58.63 10.66
C GLN A 387 -5.10 -58.98 11.79
N LEU A 388 -4.06 -59.73 11.45
CA LEU A 388 -3.04 -60.11 12.41
C LEU A 388 -1.99 -59.00 12.44
N TYR A 389 -1.67 -58.53 13.63
CA TYR A 389 -0.68 -57.47 13.77
C TYR A 389 0.44 -57.91 14.70
N SER A 390 1.30 -56.97 15.01
CA SER A 390 2.43 -57.18 15.91
C SER A 390 2.89 -55.80 16.34
N ALA A 391 3.38 -55.71 17.56
CA ALA A 391 3.85 -54.43 18.09
C ALA A 391 5.12 -54.68 18.89
N ASN A 392 5.88 -53.63 19.15
CA ASN A 392 7.10 -53.78 19.93
C ASN A 392 6.83 -53.54 21.40
N THR A 393 7.19 -54.52 22.23
CA THR A 393 6.98 -54.39 23.67
C THR A 393 7.84 -53.27 24.25
N VAL A 394 8.85 -52.84 23.49
CA VAL A 394 9.76 -51.81 23.96
C VAL A 394 9.65 -50.45 23.23
N GLY A 395 10.51 -49.53 23.65
CA GLY A 395 10.60 -48.18 23.12
C GLY A 395 9.55 -47.52 22.24
N ASN A 396 9.32 -48.06 21.05
CA ASN A 396 8.39 -47.46 20.10
C ASN A 396 6.93 -47.91 20.12
N PHE A 397 6.72 -49.22 20.03
CA PHE A 397 5.40 -49.83 19.98
C PHE A 397 4.86 -49.72 18.55
N ASN A 398 5.76 -49.86 17.58
CA ASN A 398 5.37 -49.77 16.17
C ASN A 398 4.58 -50.99 15.74
N ARG A 399 3.41 -50.74 15.17
CA ARG A 399 2.55 -51.82 14.69
C ARG A 399 2.79 -52.12 13.24
N GLN A 400 3.10 -53.38 12.96
CA GLN A 400 3.34 -53.85 11.62
C GLN A 400 2.19 -54.82 11.36
N CYS A 401 1.44 -54.63 10.28
CA CYS A 401 0.31 -55.52 10.00
C CYS A 401 0.73 -56.71 9.14
N LEU A 402 0.97 -57.84 9.81
CA LEU A 402 1.39 -59.06 9.12
C LEU A 402 0.48 -59.59 8.02
N SER A 403 -0.83 -59.62 8.26
CA SER A 403 -1.76 -60.13 7.24
C SER A 403 -2.02 -59.11 6.14
N CYS A 404 -2.80 -58.07 6.45
CA CYS A 404 -3.13 -57.01 5.50
C CYS A 404 -2.73 -57.30 4.06
N ASP A 405 -3.71 -57.68 3.24
CA ASP A 405 -3.49 -57.97 1.83
C ASP A 405 -2.56 -59.11 1.46
N LEU A 406 -2.18 -59.92 2.44
CA LEU A 406 -1.36 -61.09 2.17
C LEU A 406 -2.48 -62.06 1.79
N VAL A 407 -2.16 -63.24 1.27
CA VAL A 407 -3.18 -64.22 0.86
C VAL A 407 -4.55 -63.58 0.59
N GLU A 408 -4.63 -62.79 -0.47
CA GLU A 408 -5.86 -62.10 -0.82
C GLU A 408 -7.11 -62.94 -1.00
N ASN A 409 -8.21 -62.23 -1.22
CA ASN A 409 -9.53 -62.81 -1.40
C ASN A 409 -10.11 -63.08 -0.03
N CYS A 410 -9.42 -62.61 1.00
CA CYS A 410 -9.89 -62.80 2.37
C CYS A 410 -9.24 -61.81 3.35
N THR A 411 -10.09 -61.14 4.15
CA THR A 411 -9.65 -60.13 5.10
C THR A 411 -10.05 -60.39 6.56
N TYR A 412 -10.69 -61.53 6.81
CA TYR A 412 -11.08 -61.87 8.16
C TYR A 412 -10.01 -62.90 8.53
N PHE A 413 -9.46 -62.82 9.73
CA PHE A 413 -8.40 -63.75 10.11
C PHE A 413 -8.36 -64.25 11.54
N SER A 414 -7.72 -65.40 11.67
CA SER A 414 -7.50 -66.06 12.95
C SER A 414 -6.12 -66.67 12.76
N ALA A 415 -5.39 -66.88 13.84
CA ALA A 415 -4.06 -67.44 13.71
C ALA A 415 -3.47 -67.87 15.04
N SER A 416 -2.42 -68.68 14.97
CA SER A 416 -1.74 -69.17 16.17
C SER A 416 -0.27 -69.35 15.82
N PHE A 417 0.61 -69.06 16.77
CA PHE A 417 2.05 -69.19 16.52
C PHE A 417 2.66 -70.42 17.16
N SER A 418 3.77 -70.88 16.59
CA SER A 418 4.47 -72.05 17.14
C SER A 418 4.95 -71.71 18.54
N HIS A 419 5.43 -72.71 19.28
CA HIS A 419 5.89 -72.46 20.64
C HIS A 419 7.17 -71.64 20.73
N SER A 420 7.39 -70.77 19.75
CA SER A 420 8.55 -69.89 19.71
C SER A 420 8.34 -68.75 18.73
N MET A 421 7.09 -68.52 18.36
CA MET A 421 6.72 -67.44 17.46
C MET A 421 7.29 -67.57 16.06
N ASP A 422 8.22 -68.49 15.87
CA ASP A 422 8.85 -68.69 14.57
C ASP A 422 7.86 -68.73 13.41
N PHE A 423 6.94 -69.67 13.48
CA PHE A 423 5.93 -69.83 12.43
C PHE A 423 4.56 -69.59 13.01
N PHE A 424 3.54 -69.55 12.16
CA PHE A 424 2.19 -69.34 12.61
C PHE A 424 1.14 -69.81 11.62
N LEU A 425 0.10 -70.46 12.14
CA LEU A 425 -1.00 -70.93 11.31
C LEU A 425 -1.91 -69.73 11.11
N LEU A 426 -2.40 -69.56 9.89
CA LEU A 426 -3.24 -68.42 9.57
C LEU A 426 -4.49 -68.89 8.83
N LYS A 427 -5.66 -68.62 9.40
CA LYS A 427 -6.92 -69.02 8.78
C LYS A 427 -7.81 -67.85 8.35
N CYS A 428 -8.37 -67.97 7.15
CA CYS A 428 -9.23 -66.94 6.56
C CYS A 428 -10.54 -66.66 7.26
N GLU A 429 -11.58 -67.38 6.85
CA GLU A 429 -12.93 -67.22 7.40
C GLU A 429 -13.75 -66.22 6.59
N GLY A 430 -13.13 -65.62 5.57
CA GLY A 430 -13.83 -64.67 4.73
C GLY A 430 -12.93 -63.59 4.17
N PRO A 431 -13.40 -62.80 3.19
CA PRO A 431 -14.73 -62.90 2.60
C PRO A 431 -14.83 -64.07 1.63
N GLY A 432 -13.69 -64.45 1.05
CA GLY A 432 -13.66 -65.56 0.12
C GLY A 432 -13.68 -66.89 0.84
N VAL A 433 -13.92 -67.98 0.12
CA VAL A 433 -13.95 -69.29 0.73
C VAL A 433 -12.78 -69.45 1.70
N PRO A 434 -13.06 -69.90 2.93
CA PRO A 434 -12.10 -70.12 4.02
C PRO A 434 -10.96 -71.05 3.67
N MET A 435 -9.83 -70.85 4.35
CA MET A 435 -8.64 -71.68 4.13
C MET A 435 -7.59 -71.50 5.23
N VAL A 436 -6.67 -72.45 5.30
CA VAL A 436 -5.61 -72.43 6.30
C VAL A 436 -4.24 -72.39 5.64
N THR A 437 -3.40 -71.47 6.08
CA THR A 437 -2.06 -71.31 5.53
C THR A 437 -0.98 -71.34 6.60
N VAL A 438 0.28 -71.48 6.19
CA VAL A 438 1.41 -71.51 7.12
C VAL A 438 2.50 -70.52 6.69
N HIS A 439 2.96 -69.70 7.63
CA HIS A 439 3.98 -68.67 7.37
C HIS A 439 5.08 -68.68 8.45
N ASN A 440 6.23 -68.06 8.18
CA ASN A 440 7.29 -67.96 9.20
C ASN A 440 7.27 -66.53 9.72
N THR A 441 6.76 -66.39 10.95
CA THR A 441 6.60 -65.09 11.62
C THR A 441 7.35 -63.88 11.04
N THR A 442 8.67 -63.96 10.95
CA THR A 442 9.47 -62.85 10.41
C THR A 442 9.11 -62.62 8.96
N ASP A 443 9.59 -63.52 8.11
CA ASP A 443 9.36 -63.46 6.68
C ASP A 443 7.94 -63.11 6.21
N LYS A 444 6.92 -63.80 6.76
CA LYS A 444 5.51 -63.59 6.40
C LYS A 444 5.15 -64.35 5.12
N LYS A 445 6.10 -65.15 4.65
CA LYS A 445 5.95 -65.92 3.44
C LYS A 445 5.18 -67.22 3.61
N LYS A 446 4.18 -67.42 2.77
CA LYS A 446 3.35 -68.63 2.80
C LYS A 446 4.21 -69.86 2.55
N MET A 447 4.66 -70.51 3.61
CA MET A 447 5.48 -71.70 3.47
C MET A 447 4.76 -72.83 2.74
N PHE A 448 3.42 -72.78 2.74
CA PHE A 448 2.61 -73.78 2.06
C PHE A 448 1.15 -73.70 2.51
N ASP A 449 0.28 -74.42 1.82
CA ASP A 449 -1.13 -74.43 2.16
C ASP A 449 -1.50 -75.68 2.95
N LEU A 450 -2.28 -75.51 4.00
CA LEU A 450 -2.68 -76.65 4.83
C LEU A 450 -4.04 -77.18 4.38
N GLU A 451 -4.94 -76.27 4.06
CA GLU A 451 -6.27 -76.65 3.60
C GLU A 451 -6.77 -75.54 2.72
N THR A 452 -7.19 -75.92 1.53
CA THR A 452 -7.67 -74.95 0.55
C THR A 452 -9.17 -75.05 0.27
N ASN A 453 -9.75 -76.21 0.56
CA ASN A 453 -11.18 -76.43 0.31
C ASN A 453 -11.53 -76.14 -1.13
N GLU A 454 -10.89 -76.84 -2.07
CA GLU A 454 -11.17 -76.62 -3.49
C GLU A 454 -12.59 -77.05 -3.83
N HIS A 455 -13.04 -78.15 -3.22
CA HIS A 455 -14.39 -78.66 -3.42
C HIS A 455 -15.32 -77.47 -3.40
N VAL A 456 -15.29 -76.78 -2.27
CA VAL A 456 -16.12 -75.61 -2.03
C VAL A 456 -15.91 -74.49 -3.03
N LYS A 457 -14.66 -74.17 -3.33
CA LYS A 457 -14.38 -73.10 -4.29
C LYS A 457 -14.98 -73.44 -5.65
N LYS A 458 -14.98 -74.71 -5.99
CA LYS A 458 -15.54 -75.16 -7.26
C LYS A 458 -17.04 -74.94 -7.20
N ALA A 459 -17.69 -75.72 -6.34
CA ALA A 459 -19.14 -75.66 -6.14
C ALA A 459 -19.71 -74.24 -6.04
N ILE A 460 -19.00 -73.36 -5.36
CA ILE A 460 -19.45 -71.97 -5.22
C ILE A 460 -19.44 -71.28 -6.58
N ASN A 461 -18.39 -71.52 -7.36
CA ASN A 461 -18.25 -70.91 -8.68
C ASN A 461 -19.26 -71.45 -9.70
N ASP A 462 -20.00 -72.49 -9.33
CA ASP A 462 -21.00 -73.07 -10.23
C ASP A 462 -22.35 -72.48 -9.87
N ARG A 463 -22.37 -71.62 -8.86
CA ARG A 463 -23.61 -71.02 -8.39
C ARG A 463 -23.65 -69.49 -8.42
N GLN A 464 -24.88 -68.96 -8.55
CA GLN A 464 -25.10 -67.52 -8.61
C GLN A 464 -25.04 -66.93 -7.20
N MET A 465 -23.85 -66.95 -6.62
CA MET A 465 -23.63 -66.43 -5.27
C MET A 465 -24.11 -64.99 -5.11
N PRO A 466 -24.77 -64.70 -3.98
CA PRO A 466 -25.26 -63.34 -3.75
C PRO A 466 -24.12 -62.32 -3.79
N LYS A 467 -24.47 -61.08 -4.10
CA LYS A 467 -23.51 -59.99 -4.18
C LYS A 467 -23.49 -59.15 -2.91
N VAL A 468 -22.31 -59.06 -2.28
CA VAL A 468 -22.14 -58.30 -1.05
C VAL A 468 -22.00 -56.80 -1.27
N GLU A 469 -22.33 -56.02 -0.25
CA GLU A 469 -22.25 -54.57 -0.32
C GLU A 469 -22.34 -53.92 1.07
N TYR A 470 -21.33 -53.14 1.42
CA TYR A 470 -21.33 -52.46 2.72
C TYR A 470 -21.68 -51.00 2.55
N ARG A 471 -22.50 -50.48 3.46
CA ARG A 471 -22.97 -49.10 3.35
C ARG A 471 -23.15 -48.42 4.71
N ASP A 472 -22.03 -48.09 5.35
CA ASP A 472 -22.07 -47.43 6.65
C ASP A 472 -23.08 -46.27 6.65
N ILE A 473 -24.03 -46.30 7.58
CA ILE A 473 -25.02 -45.24 7.71
C ILE A 473 -24.66 -44.61 9.05
N GLU A 474 -25.47 -43.71 9.58
CA GLU A 474 -25.11 -43.11 10.86
C GLU A 474 -26.18 -42.29 11.58
N ILE A 475 -26.16 -42.40 12.90
CA ILE A 475 -27.08 -41.69 13.80
C ILE A 475 -26.21 -41.12 14.91
N ASP A 476 -26.23 -39.80 15.07
CA ASP A 476 -25.42 -39.13 16.08
C ASP A 476 -23.93 -39.32 15.75
N ASP A 477 -23.07 -39.17 16.73
CA ASP A 477 -21.63 -39.31 16.50
C ASP A 477 -21.23 -40.75 16.16
N TYR A 478 -22.20 -41.57 15.76
CA TYR A 478 -21.93 -42.97 15.41
C TYR A 478 -22.28 -43.31 13.96
N ASN A 479 -21.45 -44.16 13.36
CA ASN A 479 -21.67 -44.61 11.98
C ASN A 479 -22.02 -46.09 12.09
N LEU A 480 -23.24 -46.45 11.70
CA LEU A 480 -23.68 -47.83 11.81
C LEU A 480 -23.46 -48.63 10.51
N PRO A 481 -22.52 -49.59 10.55
CA PRO A 481 -22.24 -50.41 9.36
C PRO A 481 -23.50 -51.21 9.02
N MET A 482 -23.65 -51.56 7.75
CA MET A 482 -24.79 -52.35 7.34
C MET A 482 -24.57 -52.97 5.98
N GLN A 483 -24.29 -54.27 5.96
CA GLN A 483 -24.08 -54.93 4.68
C GLN A 483 -25.40 -55.34 4.09
N ILE A 484 -25.51 -55.22 2.77
CA ILE A 484 -26.72 -55.57 2.05
C ILE A 484 -26.37 -56.61 0.99
N LEU A 485 -27.12 -57.71 0.95
CA LEU A 485 -26.88 -58.77 -0.01
C LEU A 485 -27.84 -58.68 -1.18
N LYS A 486 -27.28 -58.62 -2.39
CA LYS A 486 -28.06 -58.53 -3.62
C LYS A 486 -28.00 -59.85 -4.40
N PRO A 487 -29.13 -60.27 -4.99
CA PRO A 487 -29.37 -61.48 -5.79
C PRO A 487 -28.34 -62.00 -6.80
N ALA A 488 -27.26 -61.26 -7.04
CA ALA A 488 -26.21 -61.69 -7.97
C ALA A 488 -26.51 -61.52 -9.46
N THR A 489 -27.78 -61.44 -9.81
CA THR A 489 -28.19 -61.23 -11.20
C THR A 489 -29.04 -59.98 -11.12
N PHE A 490 -28.65 -59.16 -10.16
CA PHE A 490 -29.28 -57.90 -9.81
C PHE A 490 -29.19 -56.85 -10.90
N THR A 491 -30.34 -56.30 -11.28
CA THR A 491 -30.41 -55.24 -12.27
C THR A 491 -30.79 -54.01 -11.47
N ASP A 492 -31.63 -53.15 -12.03
CA ASP A 492 -32.06 -51.97 -11.31
C ASP A 492 -33.52 -51.69 -11.66
N THR A 493 -33.97 -52.31 -12.75
CA THR A 493 -35.35 -52.15 -13.23
C THR A 493 -36.30 -52.83 -12.25
N THR A 494 -36.16 -54.14 -12.13
CA THR A 494 -36.97 -54.96 -11.26
C THR A 494 -36.93 -54.49 -9.82
N HIS A 495 -38.02 -54.73 -9.10
CA HIS A 495 -38.15 -54.37 -7.70
C HIS A 495 -38.05 -55.63 -6.85
N TYR A 496 -37.19 -55.60 -5.85
CA TYR A 496 -37.01 -56.76 -4.99
C TYR A 496 -37.63 -56.55 -3.61
N PRO A 497 -37.97 -57.65 -2.92
CA PRO A 497 -38.57 -57.60 -1.59
C PRO A 497 -37.42 -57.44 -0.59
N LEU A 498 -37.69 -56.75 0.51
CA LEU A 498 -36.64 -56.51 1.49
C LEU A 498 -36.75 -57.42 2.71
N LEU A 499 -35.65 -58.09 3.05
CA LEU A 499 -35.62 -58.97 4.21
C LEU A 499 -34.61 -58.48 5.24
N LEU A 500 -35.10 -57.83 6.29
CA LEU A 500 -34.23 -57.34 7.35
C LEU A 500 -33.92 -58.50 8.30
N VAL A 501 -32.65 -58.89 8.37
CA VAL A 501 -32.25 -59.95 9.27
C VAL A 501 -31.53 -59.30 10.43
N VAL A 502 -32.18 -59.26 11.58
CA VAL A 502 -31.62 -58.63 12.76
C VAL A 502 -31.25 -59.55 13.90
N ASP A 503 -30.09 -59.29 14.48
CA ASP A 503 -29.59 -60.02 15.63
C ASP A 503 -29.64 -58.99 16.75
N GLY A 504 -28.62 -58.15 16.81
CA GLY A 504 -28.58 -57.09 17.80
C GLY A 504 -28.24 -57.41 19.24
N THR A 505 -27.63 -58.56 19.49
CA THR A 505 -27.29 -58.86 20.87
C THR A 505 -26.22 -57.85 21.25
N PRO A 506 -26.42 -57.14 22.37
CA PRO A 506 -25.42 -56.16 22.77
C PRO A 506 -24.01 -56.74 22.87
N GLY A 507 -23.08 -56.10 22.17
CA GLY A 507 -21.70 -56.55 22.18
C GLY A 507 -21.32 -57.33 20.94
N SER A 508 -22.31 -57.97 20.32
CA SER A 508 -22.07 -58.76 19.12
C SER A 508 -21.80 -57.89 17.89
N GLN A 509 -21.64 -58.55 16.75
CA GLN A 509 -21.39 -57.88 15.48
C GLN A 509 -22.03 -58.67 14.35
N SER A 510 -22.94 -58.04 13.60
CA SER A 510 -23.63 -58.71 12.50
C SER A 510 -23.07 -58.40 11.13
N VAL A 511 -22.29 -57.32 11.02
CA VAL A 511 -21.70 -56.93 9.74
C VAL A 511 -20.21 -57.22 9.73
N ALA A 512 -19.83 -58.32 9.08
CA ALA A 512 -18.42 -58.68 8.99
C ALA A 512 -18.15 -59.41 7.70
N GLU A 513 -16.90 -59.38 7.27
CA GLU A 513 -16.51 -60.02 6.02
C GLU A 513 -16.17 -61.50 6.15
N LYS A 514 -16.92 -62.22 6.97
CA LYS A 514 -16.70 -63.66 7.12
C LYS A 514 -17.44 -64.37 6.00
N PHE A 515 -17.07 -65.62 5.74
CA PHE A 515 -17.71 -66.40 4.69
C PHE A 515 -18.82 -67.25 5.29
N GLU A 516 -20.06 -66.89 4.98
CA GLU A 516 -21.21 -67.64 5.48
C GLU A 516 -22.22 -67.97 4.40
N VAL A 517 -22.84 -69.11 4.56
CA VAL A 517 -23.86 -69.57 3.63
C VAL A 517 -24.97 -70.24 4.45
N SER A 518 -26.13 -69.61 4.51
CA SER A 518 -27.27 -70.13 5.25
C SER A 518 -28.52 -69.94 4.41
N TRP A 519 -29.68 -70.09 5.02
CA TRP A 519 -30.96 -69.94 4.32
C TRP A 519 -31.10 -68.54 3.73
N GLU A 520 -30.30 -67.60 4.21
CA GLU A 520 -30.34 -66.23 3.69
C GLU A 520 -29.79 -66.25 2.28
N THR A 521 -28.72 -67.03 2.08
CA THR A 521 -28.10 -67.17 0.78
C THR A 521 -29.15 -67.69 -0.20
N VAL A 522 -29.89 -68.71 0.24
CA VAL A 522 -30.93 -69.32 -0.56
C VAL A 522 -32.00 -68.29 -0.93
N MET A 523 -32.39 -67.47 0.05
CA MET A 523 -33.39 -66.44 -0.18
C MET A 523 -32.96 -65.42 -1.22
N VAL A 524 -31.69 -65.05 -1.21
CA VAL A 524 -31.17 -64.10 -2.17
C VAL A 524 -31.01 -64.77 -3.52
N SER A 525 -30.34 -65.92 -3.54
CA SER A 525 -30.09 -66.67 -4.75
C SER A 525 -31.35 -67.28 -5.39
N SER A 526 -31.88 -68.33 -4.78
CA SER A 526 -33.04 -69.02 -5.31
C SER A 526 -34.37 -68.27 -5.35
N HIS A 527 -34.56 -67.28 -4.49
CA HIS A 527 -35.82 -66.55 -4.51
C HIS A 527 -35.64 -65.05 -4.71
N GLY A 528 -34.46 -64.67 -5.15
CA GLY A 528 -34.14 -63.27 -5.42
C GLY A 528 -34.71 -62.20 -4.52
N ALA A 529 -34.05 -61.96 -3.41
CA ALA A 529 -34.48 -60.92 -2.48
C ALA A 529 -33.22 -60.34 -1.87
N VAL A 530 -33.30 -59.08 -1.44
CA VAL A 530 -32.14 -58.45 -0.83
C VAL A 530 -32.28 -58.47 0.69
N VAL A 531 -31.25 -58.96 1.36
CA VAL A 531 -31.25 -59.01 2.81
C VAL A 531 -30.39 -57.89 3.35
N VAL A 532 -30.81 -57.30 4.45
CA VAL A 532 -30.07 -56.21 5.06
C VAL A 532 -29.75 -56.45 6.52
N LYS A 533 -28.49 -56.28 6.88
CA LYS A 533 -28.04 -56.43 8.24
C LYS A 533 -27.44 -55.09 8.62
N CYS A 534 -27.57 -54.72 9.89
CA CYS A 534 -27.04 -53.45 10.36
C CYS A 534 -26.69 -53.57 11.84
N ASP A 535 -25.63 -52.92 12.25
CA ASP A 535 -25.21 -52.97 13.65
C ASP A 535 -25.36 -51.59 14.31
N GLY A 536 -26.49 -51.38 14.99
CA GLY A 536 -26.73 -50.11 15.66
C GLY A 536 -25.99 -49.95 16.98
N ARG A 537 -26.44 -49.03 17.84
CA ARG A 537 -25.75 -48.87 19.10
C ARG A 537 -26.02 -50.10 19.94
N GLY A 538 -24.99 -50.54 20.65
CA GLY A 538 -25.09 -51.74 21.44
C GLY A 538 -24.17 -52.72 20.76
N SER A 539 -23.89 -52.45 19.48
CA SER A 539 -23.00 -53.29 18.71
C SER A 539 -21.65 -53.26 19.40
N GLY A 540 -20.81 -54.23 19.07
CA GLY A 540 -19.49 -54.27 19.67
C GLY A 540 -18.47 -53.76 18.66
N PHE A 541 -17.20 -53.87 19.01
CA PHE A 541 -16.09 -53.47 18.15
C PHE A 541 -16.05 -52.01 17.68
N GLN A 542 -16.67 -51.12 18.45
CA GLN A 542 -16.66 -49.69 18.13
C GLN A 542 -16.70 -48.87 19.40
N GLY A 543 -15.91 -49.31 20.37
CA GLY A 543 -15.80 -48.60 21.63
C GLY A 543 -16.97 -48.55 22.57
N THR A 544 -16.61 -48.53 23.85
CA THR A 544 -17.51 -48.45 24.99
C THR A 544 -18.75 -47.58 24.77
N LYS A 545 -18.53 -46.33 24.39
CA LYS A 545 -19.62 -45.38 24.17
C LYS A 545 -20.76 -45.96 23.34
N LEU A 546 -20.43 -46.48 22.16
CA LEU A 546 -21.45 -47.07 21.28
C LEU A 546 -22.15 -48.22 21.98
N LEU A 547 -21.35 -49.14 22.50
CA LEU A 547 -21.84 -50.33 23.21
C LEU A 547 -22.87 -50.05 24.32
N HIS A 548 -22.50 -49.17 25.24
CA HIS A 548 -23.34 -48.83 26.38
C HIS A 548 -24.56 -47.98 26.09
N GLU A 549 -24.70 -47.55 24.84
CA GLU A 549 -25.84 -46.73 24.48
C GLU A 549 -27.17 -47.39 24.82
N VAL A 550 -27.18 -48.72 24.91
CA VAL A 550 -28.41 -49.44 25.21
C VAL A 550 -28.68 -49.75 26.69
N ARG A 551 -27.76 -49.39 27.58
CA ARG A 551 -27.94 -49.62 29.02
C ARG A 551 -29.35 -49.20 29.45
N ARG A 552 -30.05 -50.11 30.12
CA ARG A 552 -31.40 -49.85 30.62
C ARG A 552 -32.41 -49.43 29.55
N ARG A 553 -32.02 -49.53 28.29
CA ARG A 553 -32.89 -49.15 27.17
C ARG A 553 -32.97 -50.27 26.15
N LEU A 554 -32.62 -51.46 26.58
CA LEU A 554 -32.64 -52.63 25.73
C LEU A 554 -33.83 -52.63 24.80
N GLY A 555 -33.56 -52.76 23.50
CA GLY A 555 -34.65 -52.80 22.53
C GLY A 555 -35.27 -51.49 22.08
N LEU A 556 -34.89 -50.38 22.70
CA LEU A 556 -35.45 -49.10 22.31
C LEU A 556 -34.65 -48.49 21.18
N LEU A 557 -33.40 -48.17 21.44
CA LEU A 557 -32.55 -47.58 20.42
C LEU A 557 -32.47 -48.51 19.21
N GLU A 558 -32.05 -49.76 19.44
CA GLU A 558 -31.93 -50.69 18.32
C GLU A 558 -33.15 -50.74 17.42
N GLU A 559 -34.31 -50.32 17.93
CA GLU A 559 -35.51 -50.32 17.11
C GLU A 559 -35.37 -49.19 16.10
N LYS A 560 -34.90 -48.04 16.58
CA LYS A 560 -34.71 -46.87 15.75
C LYS A 560 -33.57 -47.08 14.77
N ASP A 561 -32.42 -47.51 15.27
CA ASP A 561 -31.27 -47.76 14.43
C ASP A 561 -31.61 -48.73 13.32
N GLN A 562 -32.39 -49.75 13.64
CA GLN A 562 -32.80 -50.73 12.66
C GLN A 562 -33.83 -50.15 11.70
N MET A 563 -34.82 -49.43 12.22
CA MET A 563 -35.82 -48.83 11.36
C MET A 563 -35.19 -47.82 10.41
N GLU A 564 -34.14 -47.15 10.89
CA GLU A 564 -33.45 -46.16 10.06
C GLU A 564 -32.71 -46.84 8.92
N ALA A 565 -32.15 -48.01 9.17
CA ALA A 565 -31.44 -48.76 8.14
C ALA A 565 -32.43 -49.30 7.12
N VAL A 566 -33.65 -49.56 7.58
CA VAL A 566 -34.70 -50.08 6.71
C VAL A 566 -35.17 -48.94 5.82
N ARG A 567 -35.39 -47.78 6.42
CA ARG A 567 -35.85 -46.61 5.67
C ARG A 567 -34.89 -46.25 4.54
N THR A 568 -33.62 -46.03 4.87
CA THR A 568 -32.63 -45.69 3.87
C THR A 568 -32.54 -46.75 2.77
N MET A 569 -32.99 -47.95 3.07
CA MET A 569 -32.97 -49.04 2.09
C MET A 569 -34.25 -48.99 1.28
N LEU A 570 -35.31 -48.48 1.90
CA LEU A 570 -36.61 -48.37 1.26
C LEU A 570 -36.58 -47.28 0.20
N LYS A 571 -35.73 -46.28 0.42
CA LYS A 571 -35.60 -45.16 -0.52
C LYS A 571 -35.17 -45.61 -1.90
N GLU A 572 -34.26 -46.58 -1.97
CA GLU A 572 -33.80 -47.08 -3.26
C GLU A 572 -34.99 -47.48 -4.11
N GLN A 573 -34.78 -47.62 -5.41
CA GLN A 573 -35.87 -47.99 -6.30
C GLN A 573 -35.86 -49.47 -6.66
N TYR A 574 -34.78 -50.17 -6.30
CA TYR A 574 -34.69 -51.59 -6.59
C TYR A 574 -35.28 -52.43 -5.45
N ILE A 575 -36.18 -51.80 -4.71
CA ILE A 575 -36.85 -52.44 -3.57
C ILE A 575 -38.24 -51.82 -3.49
N ASP A 576 -39.27 -52.65 -3.31
CA ASP A 576 -40.64 -52.14 -3.25
C ASP A 576 -41.29 -52.20 -1.88
N ARG A 577 -41.59 -51.02 -1.35
CA ARG A 577 -42.22 -50.87 -0.04
C ARG A 577 -43.22 -51.96 0.35
N THR A 578 -43.92 -52.55 -0.61
CA THR A 578 -44.91 -53.56 -0.30
C THR A 578 -44.42 -54.89 0.29
N ARG A 579 -43.24 -55.33 -0.10
CA ARG A 579 -42.72 -56.60 0.40
C ARG A 579 -41.50 -56.47 1.32
N VAL A 580 -41.74 -56.00 2.55
CA VAL A 580 -40.69 -55.83 3.54
C VAL A 580 -40.94 -56.83 4.69
N ALA A 581 -39.90 -57.60 5.03
CA ALA A 581 -39.99 -58.60 6.09
C ALA A 581 -38.82 -58.52 7.06
N VAL A 582 -39.00 -59.10 8.25
CA VAL A 582 -37.97 -59.10 9.27
C VAL A 582 -37.86 -60.45 9.95
N PHE A 583 -36.63 -60.82 10.32
CA PHE A 583 -36.38 -62.08 11.00
C PHE A 583 -35.28 -61.90 12.04
N GLY A 584 -35.37 -62.66 13.13
CA GLY A 584 -34.38 -62.58 14.16
C GLY A 584 -34.50 -63.77 15.08
N LYS A 585 -33.38 -64.20 15.64
CA LYS A 585 -33.38 -65.33 16.56
C LYS A 585 -32.72 -64.94 17.87
N ASP A 586 -33.19 -65.55 18.96
CA ASP A 586 -32.67 -65.29 20.30
C ASP A 586 -32.94 -63.83 20.67
N TYR A 587 -31.90 -63.07 20.99
CA TYR A 587 -32.12 -61.67 21.33
C TYR A 587 -32.61 -61.02 20.04
N GLY A 588 -32.26 -61.64 18.92
CA GLY A 588 -32.68 -61.15 17.63
C GLY A 588 -34.16 -61.37 17.43
N GLY A 589 -34.69 -62.41 18.08
CA GLY A 589 -36.11 -62.70 17.97
C GLY A 589 -36.86 -61.65 18.75
N TYR A 590 -36.24 -61.17 19.82
CA TYR A 590 -36.84 -60.14 20.66
C TYR A 590 -37.00 -58.87 19.83
N LEU A 591 -35.90 -58.45 19.21
CA LEU A 591 -35.93 -57.24 18.38
C LEU A 591 -36.86 -57.47 17.22
N SER A 592 -36.78 -58.66 16.63
CA SER A 592 -37.62 -59.02 15.51
C SER A 592 -39.09 -58.77 15.83
N THR A 593 -39.56 -59.29 16.95
CA THR A 593 -40.98 -59.07 17.27
C THR A 593 -41.22 -57.67 17.79
N TYR A 594 -40.16 -56.97 18.16
CA TYR A 594 -40.27 -55.61 18.67
C TYR A 594 -40.47 -54.64 17.51
N ILE A 595 -39.89 -54.99 16.36
CA ILE A 595 -39.97 -54.15 15.17
C ILE A 595 -41.13 -54.44 14.20
N LEU A 596 -42.34 -54.61 14.70
CA LEU A 596 -43.45 -54.82 13.77
C LEU A 596 -44.43 -53.68 13.98
N PRO A 597 -44.07 -52.48 13.49
CA PRO A 597 -44.86 -51.27 13.58
C PRO A 597 -45.08 -50.66 12.20
N ALA A 598 -45.44 -49.38 12.24
CA ALA A 598 -45.70 -48.58 11.07
C ALA A 598 -45.07 -47.22 11.35
N LYS A 599 -44.06 -46.85 10.57
CA LYS A 599 -43.42 -45.55 10.77
C LYS A 599 -44.39 -44.43 10.38
N GLY A 600 -44.36 -43.34 11.14
CA GLY A 600 -45.27 -42.24 10.88
C GLY A 600 -46.61 -42.73 11.41
N GLU A 601 -47.68 -42.53 10.64
CA GLU A 601 -49.01 -43.01 11.02
C GLU A 601 -49.80 -43.20 9.75
N ASN A 602 -49.78 -42.18 8.90
CA ASN A 602 -50.47 -42.22 7.63
C ASN A 602 -49.73 -43.21 6.74
N GLN A 603 -48.41 -43.30 6.95
CA GLN A 603 -47.57 -44.22 6.18
C GLN A 603 -47.32 -45.45 7.07
N GLY A 604 -48.41 -46.07 7.50
CA GLY A 604 -48.31 -47.24 8.36
C GLY A 604 -47.96 -48.54 7.67
N GLN A 605 -47.91 -49.61 8.45
CA GLN A 605 -47.58 -50.95 7.96
C GLN A 605 -46.26 -50.98 7.20
N THR A 606 -45.16 -50.91 7.93
CA THR A 606 -43.83 -50.94 7.32
C THR A 606 -43.44 -52.34 6.89
N PHE A 607 -43.84 -53.33 7.68
CA PHE A 607 -43.54 -54.72 7.38
C PHE A 607 -44.78 -55.51 7.00
N THR A 608 -44.59 -56.55 6.19
CA THR A 608 -45.67 -57.41 5.75
C THR A 608 -45.74 -58.62 6.66
N CYS A 609 -44.56 -59.17 6.96
CA CYS A 609 -44.45 -60.34 7.81
C CYS A 609 -43.11 -60.38 8.54
N GLY A 610 -43.12 -60.99 9.72
CA GLY A 610 -41.91 -61.11 10.52
C GLY A 610 -41.86 -62.46 11.19
N SER A 611 -40.69 -62.82 11.69
CA SER A 611 -40.54 -64.11 12.36
C SER A 611 -39.49 -64.05 13.45
N ALA A 612 -39.74 -64.79 14.53
CA ALA A 612 -38.81 -64.83 15.66
C ALA A 612 -38.55 -66.27 16.06
N LEU A 613 -37.27 -66.61 16.18
CA LEU A 613 -36.86 -67.94 16.57
C LEU A 613 -36.38 -67.94 18.02
N SER A 614 -37.07 -68.67 18.90
CA SER A 614 -36.71 -68.70 20.31
C SER A 614 -36.50 -67.28 20.80
N PRO A 615 -37.54 -66.44 20.69
CA PRO A 615 -37.48 -65.04 21.12
C PRO A 615 -37.58 -64.85 22.62
N ILE A 616 -36.73 -63.98 23.16
CA ILE A 616 -36.79 -63.67 24.57
C ILE A 616 -37.79 -62.51 24.53
N THR A 617 -38.77 -62.52 25.44
CA THR A 617 -39.81 -61.50 25.45
C THR A 617 -40.04 -60.83 26.80
N ASP A 618 -39.22 -61.17 27.78
CA ASP A 618 -39.36 -60.61 29.11
C ASP A 618 -38.10 -60.90 29.92
N PHE A 619 -37.23 -59.90 30.04
CA PHE A 619 -35.98 -60.10 30.75
C PHE A 619 -36.10 -60.50 32.21
N LYS A 620 -37.33 -60.59 32.70
CA LYS A 620 -37.55 -61.01 34.08
C LYS A 620 -37.46 -62.53 34.06
N LEU A 621 -37.73 -63.09 32.90
CA LEU A 621 -37.71 -64.53 32.70
C LEU A 621 -36.41 -65.01 32.09
N TYR A 622 -35.44 -64.11 31.92
CA TYR A 622 -34.17 -64.51 31.33
C TYR A 622 -33.06 -64.64 32.37
N ALA A 623 -31.99 -65.32 31.96
CA ALA A 623 -30.83 -65.55 32.81
C ALA A 623 -30.33 -64.28 33.50
N SER A 624 -30.14 -64.38 34.81
CA SER A 624 -29.67 -63.26 35.60
C SER A 624 -28.49 -62.54 34.95
N ALA A 625 -27.41 -63.28 34.76
CA ALA A 625 -26.18 -62.74 34.19
C ALA A 625 -26.37 -61.88 32.96
N PHE A 626 -27.40 -62.15 32.17
CA PHE A 626 -27.64 -61.37 30.96
C PHE A 626 -28.46 -60.12 31.23
N SER A 627 -29.66 -60.31 31.77
CA SER A 627 -30.56 -59.20 32.08
C SER A 627 -29.93 -58.15 32.99
N GLU A 628 -29.46 -58.60 34.13
CA GLU A 628 -28.86 -57.70 35.11
C GLU A 628 -27.71 -56.88 34.54
N ARG A 629 -27.01 -57.45 33.57
CA ARG A 629 -25.89 -56.78 32.95
C ARG A 629 -26.29 -55.50 32.21
N TYR A 630 -27.45 -55.52 31.56
CA TYR A 630 -27.90 -54.37 30.80
C TYR A 630 -28.98 -53.53 31.49
N LEU A 631 -29.72 -54.14 32.40
CA LEU A 631 -30.79 -53.42 33.09
C LEU A 631 -30.53 -53.22 34.57
N GLY A 632 -29.37 -53.66 35.05
CA GLY A 632 -29.04 -53.50 36.46
C GLY A 632 -29.72 -54.57 37.29
N LEU A 633 -29.35 -54.68 38.57
CA LEU A 633 -29.96 -55.68 39.43
C LEU A 633 -31.45 -55.46 39.56
N HIS A 634 -32.18 -56.54 39.81
CA HIS A 634 -33.63 -56.47 39.96
C HIS A 634 -33.99 -56.33 41.43
N GLY A 635 -34.71 -57.31 41.97
CA GLY A 635 -35.10 -57.27 43.36
C GLY A 635 -35.98 -56.08 43.72
N LEU A 636 -35.34 -54.96 44.05
CA LEU A 636 -36.04 -53.73 44.40
C LEU A 636 -36.67 -53.14 43.13
N ASP A 637 -36.97 -54.03 42.19
CA ASP A 637 -37.57 -53.70 40.90
C ASP A 637 -36.88 -52.51 40.23
N ASN A 638 -35.89 -52.81 39.40
CA ASN A 638 -35.15 -51.78 38.69
C ASN A 638 -36.05 -51.14 37.63
N ARG A 639 -37.26 -51.66 37.53
CA ARG A 639 -38.26 -51.19 36.60
C ARG A 639 -37.75 -50.77 35.22
N ALA A 640 -36.92 -51.62 34.65
CA ALA A 640 -36.40 -51.41 33.31
C ALA A 640 -36.88 -52.69 32.66
N TYR A 641 -37.16 -53.67 33.52
CA TYR A 641 -37.65 -54.97 33.11
C TYR A 641 -39.12 -54.85 32.71
N GLU A 642 -39.71 -53.68 32.95
CA GLU A 642 -41.11 -53.49 32.62
C GLU A 642 -41.29 -52.86 31.25
N MET A 643 -40.54 -51.80 31.00
CA MET A 643 -40.65 -51.09 29.74
C MET A 643 -39.98 -51.84 28.58
N THR A 644 -39.06 -52.73 28.90
CA THR A 644 -38.38 -53.49 27.88
C THR A 644 -39.25 -54.65 27.39
N LYS A 645 -40.24 -55.03 28.19
CA LYS A 645 -41.14 -56.11 27.82
C LYS A 645 -41.67 -55.86 26.41
N VAL A 646 -41.49 -56.84 25.54
CA VAL A 646 -41.93 -56.72 24.17
C VAL A 646 -43.46 -56.68 24.07
N ALA A 647 -44.12 -57.07 25.15
CA ALA A 647 -45.59 -57.09 25.21
C ALA A 647 -46.21 -55.76 24.82
N HIS A 648 -45.60 -54.67 25.29
CA HIS A 648 -46.10 -53.33 25.00
C HIS A 648 -46.19 -53.02 23.50
N ARG A 649 -45.31 -53.63 22.72
CA ARG A 649 -45.28 -53.40 21.28
C ARG A 649 -46.29 -54.17 20.43
N VAL A 650 -46.52 -55.45 20.74
CA VAL A 650 -47.46 -56.24 19.95
C VAL A 650 -48.86 -55.65 19.93
N SER A 651 -49.12 -54.74 20.87
CA SER A 651 -50.42 -54.08 20.97
C SER A 651 -50.80 -53.51 19.62
N ALA A 652 -49.81 -52.98 18.91
CA ALA A 652 -50.02 -52.42 17.58
C ALA A 652 -50.43 -53.58 16.67
N LEU A 653 -49.45 -54.15 15.97
CA LEU A 653 -49.70 -55.28 15.08
C LEU A 653 -51.09 -55.23 14.47
N GLU A 654 -51.18 -54.89 13.20
CA GLU A 654 -52.49 -54.81 12.56
C GLU A 654 -52.73 -55.80 11.44
N GLU A 655 -51.78 -55.88 10.50
CA GLU A 655 -51.96 -56.74 9.35
C GLU A 655 -50.82 -57.70 9.05
N GLN A 656 -49.73 -57.61 9.81
CA GLN A 656 -48.58 -58.45 9.56
C GLN A 656 -48.73 -59.91 9.96
N GLN A 657 -48.07 -60.79 9.21
CA GLN A 657 -48.09 -62.22 9.50
C GLN A 657 -46.95 -62.45 10.48
N PHE A 658 -47.23 -63.11 11.59
CA PHE A 658 -46.22 -63.35 12.61
C PHE A 658 -45.98 -64.84 12.83
N LEU A 659 -44.77 -65.29 12.49
CA LEU A 659 -44.42 -66.70 12.66
C LEU A 659 -43.35 -66.89 13.74
N ILE A 660 -43.77 -67.53 14.82
CA ILE A 660 -42.89 -67.80 15.95
C ILE A 660 -42.43 -69.25 15.89
N ILE A 661 -41.11 -69.44 15.89
CA ILE A 661 -40.55 -70.79 15.89
C ILE A 661 -39.84 -70.96 17.22
N HIS A 662 -40.14 -72.05 17.92
CA HIS A 662 -39.53 -72.26 19.23
C HIS A 662 -39.43 -73.71 19.64
N PRO A 663 -38.21 -74.20 19.90
CA PRO A 663 -38.00 -75.58 20.32
C PRO A 663 -38.52 -75.66 21.76
N THR A 664 -39.38 -76.63 22.02
CA THR A 664 -40.04 -76.79 23.32
C THR A 664 -39.22 -76.97 24.59
N ALA A 665 -38.14 -77.74 24.52
CA ALA A 665 -37.34 -77.95 25.71
C ALA A 665 -36.11 -77.03 25.65
N ASP A 666 -36.32 -75.81 25.17
CA ASP A 666 -35.23 -74.86 25.07
C ASP A 666 -34.71 -74.52 26.47
N GLU A 667 -33.44 -74.82 26.72
CA GLU A 667 -32.83 -74.59 28.02
C GLU A 667 -32.21 -73.20 28.16
N LYS A 668 -32.01 -72.51 27.05
CA LYS A 668 -31.42 -71.19 27.09
C LYS A 668 -32.47 -70.08 27.18
N ILE A 669 -33.41 -70.09 26.22
CA ILE A 669 -34.49 -69.12 26.20
C ILE A 669 -35.74 -69.97 26.33
N HIS A 670 -36.21 -70.13 27.57
CA HIS A 670 -37.38 -70.95 27.87
C HIS A 670 -38.61 -70.70 27.00
N PHE A 671 -39.28 -71.77 26.62
CA PHE A 671 -40.49 -71.67 25.80
C PHE A 671 -41.45 -70.75 26.53
N GLN A 672 -41.23 -70.61 27.83
CA GLN A 672 -42.05 -69.76 28.68
C GLN A 672 -42.22 -68.38 28.05
N HIS A 673 -41.16 -67.86 27.43
CA HIS A 673 -41.25 -66.56 26.78
C HIS A 673 -42.30 -66.60 25.70
N THR A 674 -42.15 -67.51 24.75
CA THR A 674 -43.11 -67.63 23.66
C THR A 674 -44.52 -67.79 24.21
N ALA A 675 -44.66 -68.51 25.31
CA ALA A 675 -45.98 -68.73 25.91
C ALA A 675 -46.55 -67.40 26.39
N GLU A 676 -45.76 -66.68 27.19
CA GLU A 676 -46.20 -65.41 27.71
C GLU A 676 -46.55 -64.46 26.56
N LEU A 677 -45.73 -64.46 25.51
CA LEU A 677 -45.95 -63.61 24.34
C LEU A 677 -47.28 -63.91 23.65
N ILE A 678 -47.55 -65.18 23.39
CA ILE A 678 -48.79 -65.57 22.75
C ILE A 678 -49.99 -65.13 23.58
N THR A 679 -49.86 -65.19 24.90
CA THR A 679 -50.94 -64.77 25.78
C THR A 679 -51.26 -63.32 25.45
N GLN A 680 -50.22 -62.51 25.28
CA GLN A 680 -50.41 -61.10 24.94
C GLN A 680 -51.02 -60.93 23.56
N LEU A 681 -50.54 -61.71 22.60
CA LEU A 681 -51.08 -61.63 21.25
C LEU A 681 -52.58 -61.95 21.29
N ILE A 682 -52.95 -62.83 22.21
CA ILE A 682 -54.35 -63.23 22.34
C ILE A 682 -55.21 -62.14 22.97
N ARG A 683 -54.70 -61.50 24.00
CA ARG A 683 -55.44 -60.43 24.66
C ARG A 683 -55.52 -59.25 23.69
N GLY A 684 -54.42 -59.02 22.96
CA GLY A 684 -54.37 -57.93 22.01
C GLY A 684 -55.06 -58.26 20.70
N LYS A 685 -55.62 -59.46 20.62
CA LYS A 685 -56.32 -59.91 19.43
C LYS A 685 -55.50 -59.74 18.14
N ALA A 686 -54.24 -60.13 18.21
CA ALA A 686 -53.34 -60.06 17.07
C ALA A 686 -53.30 -61.43 16.41
N ASN A 687 -52.75 -61.52 15.20
CA ASN A 687 -52.66 -62.80 14.52
C ASN A 687 -51.23 -63.32 14.53
N TYR A 688 -51.07 -64.58 14.91
CA TYR A 688 -49.74 -65.18 14.96
C TYR A 688 -49.83 -66.61 14.47
N SER A 689 -48.69 -67.29 14.46
CA SER A 689 -48.61 -68.67 14.06
C SER A 689 -47.41 -69.26 14.76
N LEU A 690 -47.59 -70.44 15.33
CA LEU A 690 -46.50 -71.07 16.05
C LEU A 690 -46.05 -72.37 15.40
N GLN A 691 -44.74 -72.55 15.40
CA GLN A 691 -44.15 -73.78 14.89
C GLN A 691 -43.29 -74.22 16.05
N ILE A 692 -43.55 -75.44 16.50
CA ILE A 692 -42.87 -75.98 17.66
C ILE A 692 -41.92 -77.12 17.31
N TYR A 693 -40.97 -77.39 18.19
CA TYR A 693 -40.03 -78.49 18.01
C TYR A 693 -40.05 -79.27 19.32
N PRO A 694 -41.09 -80.11 19.49
CA PRO A 694 -41.31 -80.96 20.66
C PRO A 694 -40.06 -81.57 21.29
N ASP A 695 -39.90 -81.32 22.58
CA ASP A 695 -38.76 -81.81 23.36
C ASP A 695 -37.38 -81.43 22.87
N GLU A 696 -37.32 -80.59 21.84
CA GLU A 696 -36.05 -80.16 21.30
C GLU A 696 -35.36 -79.11 22.14
N SER A 697 -34.04 -79.20 22.20
CA SER A 697 -33.21 -78.26 22.93
C SER A 697 -33.15 -76.93 22.19
N HIS A 698 -32.37 -75.99 22.71
CA HIS A 698 -32.23 -74.69 22.08
C HIS A 698 -31.36 -74.64 20.83
N TYR A 699 -30.30 -75.45 20.77
CA TYR A 699 -29.38 -75.35 19.64
C TYR A 699 -29.57 -75.93 18.24
N PHE A 700 -30.26 -77.07 18.08
CA PHE A 700 -30.43 -77.66 16.75
C PHE A 700 -29.11 -78.23 16.23
N THR A 701 -28.56 -79.21 16.95
CA THR A 701 -27.31 -79.83 16.56
C THR A 701 -27.56 -81.08 15.73
N SER A 702 -28.56 -80.97 14.85
CA SER A 702 -28.95 -82.05 13.97
C SER A 702 -29.13 -81.50 12.57
N SER A 703 -28.23 -81.89 11.66
CA SER A 703 -28.28 -81.44 10.28
C SER A 703 -29.70 -81.66 9.75
N SER A 704 -30.26 -82.82 10.12
CA SER A 704 -31.60 -83.18 9.72
C SER A 704 -32.57 -82.10 10.17
N LEU A 705 -32.50 -81.74 11.46
CA LEU A 705 -33.38 -80.72 12.02
C LEU A 705 -33.06 -79.33 11.49
N LYS A 706 -31.79 -78.94 11.56
CA LYS A 706 -31.36 -77.63 11.09
C LYS A 706 -31.94 -77.40 9.70
N GLN A 707 -31.90 -78.43 8.88
CA GLN A 707 -32.42 -78.37 7.52
C GLN A 707 -33.91 -78.02 7.55
N HIS A 708 -34.69 -78.86 8.24
CA HIS A 708 -36.13 -78.64 8.36
C HIS A 708 -36.36 -77.20 8.82
N LEU A 709 -35.55 -76.74 9.77
CA LEU A 709 -35.66 -75.38 10.30
C LEU A 709 -35.57 -74.39 9.16
N TYR A 710 -34.43 -74.40 8.46
CA TYR A 710 -34.22 -73.49 7.35
C TYR A 710 -35.38 -73.53 6.35
N ARG A 711 -35.70 -74.73 5.87
CA ARG A 711 -36.79 -74.88 4.92
C ARG A 711 -38.00 -74.12 5.45
N SER A 712 -38.41 -74.44 6.68
CA SER A 712 -39.56 -73.76 7.29
C SER A 712 -39.42 -72.26 7.16
N ILE A 713 -38.29 -71.74 7.61
CA ILE A 713 -38.07 -70.31 7.53
C ILE A 713 -38.18 -69.79 6.10
N ILE A 714 -37.43 -70.35 5.15
CA ILE A 714 -37.55 -69.83 3.78
C ILE A 714 -38.97 -69.90 3.25
N ASN A 715 -39.67 -70.99 3.56
CA ASN A 715 -41.05 -71.20 3.12
C ASN A 715 -42.00 -70.12 3.62
N PHE A 716 -41.65 -69.48 4.73
CA PHE A 716 -42.50 -68.44 5.31
C PHE A 716 -42.38 -67.12 4.54
N PHE A 717 -41.19 -66.56 4.52
CA PHE A 717 -40.92 -65.30 3.84
C PHE A 717 -41.19 -65.36 2.36
N VAL A 718 -40.71 -66.42 1.72
CA VAL A 718 -40.89 -66.63 0.29
C VAL A 718 -42.38 -66.57 -0.07
N GLU A 719 -43.22 -66.93 0.89
CA GLU A 719 -44.66 -66.91 0.70
C GLU A 719 -45.16 -65.48 0.72
N CYS A 720 -45.14 -64.86 1.90
CA CYS A 720 -45.59 -63.47 2.02
C CYS A 720 -44.73 -62.51 1.19
N PHE A 721 -44.14 -63.04 0.13
CA PHE A 721 -43.31 -62.25 -0.78
C PHE A 721 -43.84 -62.33 -2.20
N ARG A 722 -43.97 -63.53 -2.75
CA ARG A 722 -44.47 -63.66 -4.11
C ARG A 722 -45.86 -63.00 -4.16
N ILE A 723 -46.17 -62.35 -5.26
CA ILE A 723 -47.44 -61.65 -5.42
C ILE A 723 -48.28 -62.22 -6.57
N GLN B 1 -79.51 -57.21 1.47
CA GLN B 1 -80.66 -56.33 1.87
C GLN B 1 -80.52 -55.87 3.31
N LYS B 2 -80.15 -56.78 4.22
CA LYS B 2 -79.99 -56.42 5.62
C LYS B 2 -78.94 -57.23 6.37
N LYS B 3 -78.29 -56.55 7.32
CA LYS B 3 -77.24 -57.09 8.18
C LYS B 3 -77.00 -58.61 8.14
N LYS B 4 -75.73 -58.98 8.02
CA LYS B 4 -75.33 -60.38 8.01
C LYS B 4 -74.90 -60.71 9.44
N VAL B 5 -75.05 -61.97 9.85
CA VAL B 5 -74.68 -62.36 11.19
C VAL B 5 -73.17 -62.28 11.36
N THR B 6 -72.72 -61.48 12.33
CA THR B 6 -71.30 -61.31 12.59
C THR B 6 -70.91 -61.86 13.98
N VAL B 7 -69.63 -61.98 14.23
CA VAL B 7 -69.15 -62.48 15.51
C VAL B 7 -69.63 -61.61 16.66
N GLU B 8 -69.61 -60.30 16.46
CA GLU B 8 -70.07 -59.37 17.50
C GLU B 8 -71.49 -59.78 17.87
N ASP B 9 -72.29 -60.03 16.85
CA ASP B 9 -73.68 -60.43 17.05
C ASP B 9 -73.74 -61.64 17.98
N LEU B 10 -72.91 -62.65 17.68
CA LEU B 10 -72.88 -63.86 18.49
C LEU B 10 -72.82 -63.55 19.97
N PHE B 11 -71.94 -62.64 20.35
CA PHE B 11 -71.78 -62.28 21.75
C PHE B 11 -72.55 -61.03 22.13
N SER B 12 -73.61 -60.75 21.37
CA SER B 12 -74.45 -59.58 21.62
C SER B 12 -75.46 -59.87 22.72
N GLU B 13 -75.74 -58.86 23.54
CA GLU B 13 -76.72 -59.02 24.62
C GLU B 13 -78.07 -59.21 23.95
N ASP B 14 -78.09 -59.01 22.63
CA ASP B 14 -79.29 -59.14 21.82
C ASP B 14 -79.60 -60.59 21.50
N PHE B 15 -78.58 -61.32 21.07
CA PHE B 15 -78.75 -62.72 20.70
C PHE B 15 -78.64 -63.68 21.89
N LYS B 16 -78.50 -63.13 23.09
CA LYS B 16 -78.38 -63.96 24.29
C LYS B 16 -79.74 -64.52 24.70
N ILE B 17 -79.85 -65.84 24.68
CA ILE B 17 -81.07 -66.54 25.09
C ILE B 17 -81.12 -66.50 26.61
N HIS B 18 -82.32 -66.40 27.19
CA HIS B 18 -82.44 -66.37 28.64
C HIS B 18 -83.22 -67.58 29.14
N ASP B 19 -82.52 -68.48 29.83
CA ASP B 19 -83.18 -69.67 30.36
C ASP B 19 -83.62 -69.41 31.79
N PRO B 20 -84.95 -69.40 32.01
CA PRO B 20 -85.55 -69.14 33.32
C PRO B 20 -85.17 -70.22 34.31
N GLU B 21 -84.65 -71.34 33.81
CA GLU B 21 -84.26 -72.46 34.67
C GLU B 21 -85.42 -72.74 35.63
N ALA B 22 -86.61 -72.91 35.06
CA ALA B 22 -87.79 -73.19 35.86
C ALA B 22 -87.72 -74.58 36.50
N LYS B 23 -88.08 -74.66 37.78
CA LYS B 23 -88.03 -75.93 38.51
C LYS B 23 -89.19 -76.07 39.48
N TRP B 24 -89.96 -77.15 39.34
CA TRP B 24 -91.10 -77.39 40.23
C TRP B 24 -90.69 -77.60 41.68
N ILE B 25 -91.52 -77.13 42.59
CA ILE B 25 -91.28 -77.24 44.03
C ILE B 25 -92.41 -78.06 44.65
N SER B 26 -93.53 -78.07 43.95
CA SER B 26 -94.72 -78.79 44.40
C SER B 26 -95.46 -79.29 43.16
N ASP B 27 -96.72 -79.66 43.37
CA ASP B 27 -97.56 -80.16 42.29
C ASP B 27 -98.43 -79.02 41.78
N THR B 28 -98.14 -77.81 42.27
CA THR B 28 -98.90 -76.63 41.90
C THR B 28 -98.04 -75.42 41.54
N GLU B 29 -96.73 -75.52 41.75
CA GLU B 29 -95.87 -74.37 41.46
C GLU B 29 -94.39 -74.66 41.19
N PHE B 30 -93.79 -73.81 40.36
CA PHE B 30 -92.38 -73.90 40.01
C PHE B 30 -91.65 -72.63 40.43
N ILE B 31 -90.34 -72.74 40.62
CA ILE B 31 -89.52 -71.62 41.06
C ILE B 31 -89.60 -70.31 40.28
N TYR B 32 -89.67 -70.38 38.94
CA TYR B 32 -89.71 -69.18 38.11
C TYR B 32 -88.38 -68.51 38.35
N ARG B 33 -87.34 -69.32 38.22
CA ARG B 33 -85.96 -68.92 38.41
C ARG B 33 -85.68 -67.65 37.59
N GLU B 34 -84.85 -66.78 38.15
CA GLU B 34 -84.45 -65.51 37.52
C GLU B 34 -85.15 -65.18 36.20
N GLN B 35 -85.86 -64.05 36.18
CA GLN B 35 -86.55 -63.63 34.96
C GLN B 35 -85.59 -62.77 34.13
N LYS B 36 -84.58 -62.25 34.81
CA LYS B 36 -83.51 -61.41 34.27
C LYS B 36 -83.06 -60.55 35.45
N GLY B 37 -82.74 -61.25 36.53
CA GLY B 37 -82.31 -60.64 37.76
C GLY B 37 -82.99 -61.34 38.91
N THR B 38 -84.13 -60.79 39.31
CA THR B 38 -84.91 -61.33 40.42
C THR B 38 -85.43 -62.76 40.23
N VAL B 39 -85.52 -63.48 41.35
CA VAL B 39 -85.99 -64.86 41.39
C VAL B 39 -87.40 -64.88 41.99
N ARG B 40 -88.36 -65.41 41.22
CA ARG B 40 -89.74 -65.45 41.68
C ARG B 40 -90.23 -66.80 42.20
N LEU B 41 -91.52 -67.05 41.98
CA LEU B 41 -92.18 -68.29 42.40
C LEU B 41 -93.62 -68.29 41.89
N TRP B 42 -93.79 -68.78 40.67
CA TRP B 42 -95.09 -68.85 40.03
C TRP B 42 -95.97 -69.91 40.68
N ASN B 43 -97.28 -69.68 40.65
CA ASN B 43 -98.22 -70.63 41.20
C ASN B 43 -99.28 -70.89 40.13
N VAL B 44 -98.96 -71.81 39.23
CA VAL B 44 -99.85 -72.15 38.11
C VAL B 44 -101.35 -72.23 38.40
N GLU B 45 -101.75 -72.76 39.55
CA GLU B 45 -103.17 -72.87 39.87
C GLU B 45 -103.88 -71.53 39.97
N THR B 46 -103.19 -70.54 40.53
CA THR B 46 -103.77 -69.21 40.68
C THR B 46 -102.72 -68.14 40.50
N ASN B 47 -102.30 -67.93 39.26
CA ASN B 47 -101.29 -66.94 38.90
C ASN B 47 -100.83 -66.07 40.06
N THR B 48 -99.91 -66.59 40.86
CA THR B 48 -99.37 -65.86 42.01
C THR B 48 -97.85 -65.99 42.04
N SER B 49 -97.17 -65.27 41.15
CA SER B 49 -95.72 -65.32 41.10
C SER B 49 -95.09 -64.37 42.10
N THR B 50 -94.94 -64.85 43.34
CA THR B 50 -94.35 -64.07 44.42
C THR B 50 -92.89 -63.76 44.10
N VAL B 51 -92.19 -63.16 45.05
CA VAL B 51 -90.78 -62.82 44.86
C VAL B 51 -89.97 -63.48 45.97
N LEU B 52 -89.02 -64.32 45.59
CA LEU B 52 -88.18 -65.03 46.55
C LEU B 52 -86.83 -64.36 46.76
N ILE B 53 -86.19 -63.97 45.67
CA ILE B 53 -84.89 -63.30 45.72
C ILE B 53 -84.93 -62.22 44.64
N GLU B 54 -84.14 -61.17 44.81
CA GLU B 54 -84.11 -60.07 43.86
C GLU B 54 -82.70 -59.71 43.41
N GLY B 55 -82.56 -58.61 42.69
CA GLY B 55 -81.25 -58.16 42.25
C GLY B 55 -80.34 -57.84 43.40
N LYS B 56 -80.45 -58.61 44.48
CA LYS B 56 -79.61 -58.45 45.65
C LYS B 56 -78.56 -59.54 45.51
N LYS B 57 -78.66 -60.28 44.40
CA LYS B 57 -77.71 -61.33 44.08
C LYS B 57 -76.50 -60.63 43.52
N ILE B 58 -76.76 -59.59 42.73
CA ILE B 58 -75.72 -58.77 42.15
C ILE B 58 -74.91 -58.26 43.34
N GLU B 59 -75.64 -57.93 44.41
CA GLU B 59 -75.05 -57.46 45.67
C GLU B 59 -73.96 -58.45 46.08
N SER B 60 -74.38 -59.67 46.39
CA SER B 60 -73.46 -60.72 46.81
C SER B 60 -72.49 -61.03 45.69
N LEU B 61 -71.61 -60.07 45.42
CA LEU B 61 -70.59 -60.18 44.39
C LEU B 61 -71.06 -61.09 43.26
N ARG B 62 -72.19 -60.71 42.68
CA ARG B 62 -72.80 -61.46 41.59
C ARG B 62 -72.63 -62.97 41.82
N ALA B 63 -73.36 -63.48 42.80
CA ALA B 63 -73.32 -64.91 43.10
C ALA B 63 -73.60 -65.61 41.78
N ILE B 64 -72.69 -66.48 41.37
CA ILE B 64 -72.83 -67.21 40.13
C ILE B 64 -73.95 -68.23 40.23
N ARG B 65 -74.06 -68.87 41.38
CA ARG B 65 -75.07 -69.87 41.63
C ARG B 65 -75.84 -69.57 42.90
N TYR B 66 -77.05 -70.11 42.99
CA TYR B 66 -77.88 -69.91 44.16
C TYR B 66 -78.90 -71.05 44.24
N GLU B 67 -79.35 -71.35 45.44
CA GLU B 67 -80.34 -72.40 45.61
C GLU B 67 -81.18 -72.13 46.85
N ILE B 68 -82.48 -72.06 46.65
CA ILE B 68 -83.44 -71.84 47.73
C ILE B 68 -83.59 -73.14 48.52
N SER B 69 -83.72 -73.03 49.84
CA SER B 69 -83.87 -74.22 50.67
C SER B 69 -85.26 -74.83 50.48
N PRO B 70 -85.47 -76.06 50.96
CA PRO B 70 -86.79 -76.68 50.79
C PRO B 70 -87.89 -75.95 51.57
N ASP B 71 -87.61 -75.61 52.83
CA ASP B 71 -88.61 -74.92 53.64
C ASP B 71 -88.76 -73.47 53.18
N ARG B 72 -88.17 -73.17 52.04
CA ARG B 72 -88.24 -71.84 51.42
C ARG B 72 -87.97 -70.66 52.37
N GLU B 73 -87.13 -70.88 53.37
CA GLU B 73 -86.82 -69.82 54.32
C GLU B 73 -85.39 -69.31 54.23
N TYR B 74 -84.58 -69.93 53.37
CA TYR B 74 -83.20 -69.51 53.18
C TYR B 74 -82.77 -69.69 51.72
N ALA B 75 -81.66 -69.03 51.35
CA ALA B 75 -81.11 -69.09 50.00
C ALA B 75 -79.58 -69.17 50.00
N LEU B 76 -79.06 -70.18 49.30
CA LEU B 76 -77.62 -70.41 49.19
C LEU B 76 -77.06 -69.63 48.01
N PHE B 77 -75.91 -69.00 48.19
CA PHE B 77 -75.29 -68.22 47.12
C PHE B 77 -73.83 -68.61 46.93
N SER B 78 -73.29 -68.35 45.74
CA SER B 78 -71.88 -68.68 45.48
C SER B 78 -71.23 -67.80 44.40
N TYR B 79 -70.08 -67.22 44.74
CA TYR B 79 -69.34 -66.37 43.79
C TYR B 79 -67.92 -66.88 43.63
N ASN B 80 -67.27 -66.46 42.55
CA ASN B 80 -65.90 -66.87 42.26
C ASN B 80 -64.97 -65.71 41.93
N VAL B 81 -63.93 -65.51 42.73
CA VAL B 81 -62.95 -64.47 42.43
C VAL B 81 -62.11 -65.15 41.37
N GLU B 82 -61.60 -64.38 40.40
CA GLU B 82 -60.82 -64.97 39.32
C GLU B 82 -61.89 -65.75 38.57
N PRO B 83 -63.02 -65.09 38.25
CA PRO B 83 -64.14 -65.70 37.54
C PRO B 83 -63.82 -66.67 36.40
N ILE B 84 -64.43 -67.84 36.50
CA ILE B 84 -64.32 -68.95 35.55
C ILE B 84 -65.48 -69.83 35.96
N TYR B 85 -66.42 -70.10 35.09
CA TYR B 85 -67.48 -70.95 35.57
C TYR B 85 -67.78 -72.23 34.83
N GLN B 86 -67.01 -73.28 35.10
CA GLN B 86 -67.34 -74.57 34.51
C GLN B 86 -68.68 -74.66 35.27
N HIS B 87 -68.62 -75.22 36.47
CA HIS B 87 -69.71 -75.38 37.44
C HIS B 87 -69.28 -76.50 38.35
N SER B 88 -68.02 -76.41 38.75
CA SER B 88 -67.44 -77.38 39.65
C SER B 88 -67.78 -76.88 41.06
N TYR B 89 -68.99 -76.36 41.20
CA TYR B 89 -69.51 -75.85 42.46
C TYR B 89 -68.41 -75.39 43.42
N THR B 90 -67.35 -74.76 42.90
CA THR B 90 -66.28 -74.36 43.81
C THR B 90 -66.03 -72.88 43.91
N GLY B 91 -66.17 -72.37 45.12
CA GLY B 91 -65.97 -70.96 45.37
C GLY B 91 -66.45 -70.65 46.77
N TYR B 92 -66.78 -69.38 47.00
CA TYR B 92 -67.24 -68.92 48.30
C TYR B 92 -68.76 -68.94 48.37
N TYR B 93 -69.29 -69.60 49.39
CA TYR B 93 -70.73 -69.68 49.57
C TYR B 93 -71.22 -68.77 50.68
N VAL B 94 -72.48 -68.36 50.59
CA VAL B 94 -73.09 -67.50 51.60
C VAL B 94 -74.54 -67.91 51.85
N LEU B 95 -75.01 -67.74 53.09
CA LEU B 95 -76.39 -68.06 53.44
C LEU B 95 -77.16 -66.78 53.77
N SER B 96 -78.46 -66.78 53.50
CA SER B 96 -79.31 -65.61 53.76
C SER B 96 -80.77 -66.02 53.93
N LYS B 97 -81.57 -65.20 54.62
CA LYS B 97 -82.98 -65.52 54.83
C LYS B 97 -83.82 -65.13 53.61
N ILE B 98 -84.85 -65.92 53.34
CA ILE B 98 -85.68 -65.74 52.16
C ILE B 98 -86.12 -64.34 51.69
N PRO B 99 -86.74 -63.49 52.55
CA PRO B 99 -87.07 -62.22 51.91
C PRO B 99 -85.79 -61.55 51.45
N HIS B 100 -85.04 -61.03 52.41
CA HIS B 100 -83.77 -60.40 52.12
C HIS B 100 -82.98 -60.02 53.37
N GLY B 101 -81.77 -59.54 53.13
CA GLY B 101 -80.90 -59.10 54.21
C GLY B 101 -80.10 -60.10 55.02
N ASP B 102 -78.94 -59.61 55.47
CA ASP B 102 -77.99 -60.32 56.31
C ASP B 102 -77.36 -61.63 55.83
N PRO B 103 -76.36 -61.53 54.93
CA PRO B 103 -75.68 -62.73 54.41
C PRO B 103 -74.71 -63.28 55.46
N GLN B 104 -74.32 -64.53 55.32
CA GLN B 104 -73.39 -65.15 56.26
C GLN B 104 -72.50 -66.18 55.58
N SER B 105 -71.21 -66.09 55.86
CA SER B 105 -70.24 -67.03 55.28
C SER B 105 -70.42 -68.45 55.80
N LEU B 106 -70.43 -69.39 54.86
CA LEU B 106 -70.58 -70.80 55.17
C LEU B 106 -69.17 -71.37 55.15
N ASP B 107 -68.54 -71.43 56.31
CA ASP B 107 -67.19 -71.97 56.39
C ASP B 107 -67.19 -73.17 57.30
N PRO B 108 -66.26 -74.10 57.09
CA PRO B 108 -66.21 -75.28 57.96
C PRO B 108 -65.90 -74.83 59.38
N PRO B 109 -65.88 -75.78 60.34
CA PRO B 109 -65.58 -75.40 61.71
C PRO B 109 -64.13 -75.05 61.95
N GLU B 110 -63.91 -73.89 62.56
CA GLU B 110 -62.60 -73.40 62.92
C GLU B 110 -61.80 -72.79 61.77
N VAL B 111 -62.28 -72.93 60.54
CA VAL B 111 -61.57 -72.36 59.39
C VAL B 111 -62.24 -71.06 58.97
N SER B 112 -61.44 -70.08 58.59
CA SER B 112 -61.96 -68.77 58.18
C SER B 112 -62.53 -68.74 56.77
N ASN B 113 -62.63 -67.55 56.20
CA ASN B 113 -63.16 -67.33 54.86
C ASN B 113 -62.44 -68.22 53.85
N ALA B 114 -62.97 -69.43 53.64
CA ALA B 114 -62.37 -70.40 52.73
C ALA B 114 -63.32 -70.95 51.67
N LYS B 115 -62.77 -71.20 50.48
CA LYS B 115 -63.54 -71.75 49.38
C LYS B 115 -64.07 -73.13 49.69
N LEU B 116 -65.24 -73.45 49.15
CA LEU B 116 -65.85 -74.75 49.35
C LEU B 116 -65.94 -75.43 48.01
N GLN B 117 -65.84 -76.75 48.01
CA GLN B 117 -65.93 -77.50 46.76
C GLN B 117 -67.38 -77.73 46.34
N TYR B 118 -68.31 -77.60 47.30
CA TYR B 118 -69.73 -77.76 47.04
C TYR B 118 -70.59 -77.45 48.26
N ALA B 119 -71.82 -76.99 48.02
CA ALA B 119 -72.75 -76.65 49.10
C ALA B 119 -74.10 -77.40 48.96
N GLY B 120 -75.10 -76.78 48.34
CA GLY B 120 -76.38 -77.44 48.14
C GLY B 120 -77.25 -77.84 49.34
N TRP B 121 -78.56 -77.73 49.15
CA TRP B 121 -79.56 -78.06 50.17
C TRP B 121 -79.97 -79.53 50.22
N GLY B 122 -80.43 -79.96 51.40
CA GLY B 122 -80.89 -81.32 51.58
C GLY B 122 -82.33 -81.44 51.08
N PRO B 123 -83.00 -82.58 51.31
CA PRO B 123 -84.38 -82.73 50.84
C PRO B 123 -85.40 -81.99 51.70
N LYS B 124 -85.35 -82.22 53.00
CA LYS B 124 -86.31 -81.60 53.88
C LYS B 124 -85.75 -80.54 54.83
N GLY B 125 -86.65 -79.70 55.32
CA GLY B 125 -86.30 -78.64 56.24
C GLY B 125 -85.39 -77.59 55.64
N GLN B 126 -84.17 -77.53 56.17
CA GLN B 126 -83.19 -76.59 55.68
C GLN B 126 -81.85 -77.24 55.94
N GLN B 127 -81.85 -78.57 55.94
CA GLN B 127 -80.62 -79.32 56.14
C GLN B 127 -79.75 -79.08 54.92
N LEU B 128 -78.45 -79.21 55.09
CA LEU B 128 -77.53 -79.01 53.98
C LEU B 128 -76.17 -79.57 54.31
N ILE B 129 -75.38 -79.83 53.27
CA ILE B 129 -74.04 -80.33 53.46
C ILE B 129 -73.14 -79.50 52.58
N PHE B 130 -71.84 -79.55 52.84
CA PHE B 130 -70.88 -78.84 52.02
C PHE B 130 -69.57 -79.60 52.10
N ILE B 131 -68.84 -79.61 51.01
CA ILE B 131 -67.59 -80.35 50.97
C ILE B 131 -66.37 -79.45 50.97
N PHE B 132 -65.46 -79.73 51.90
CA PHE B 132 -64.23 -78.99 52.06
C PHE B 132 -63.09 -80.00 52.11
N GLU B 133 -62.06 -79.76 51.31
CA GLU B 133 -60.90 -80.65 51.21
C GLU B 133 -61.30 -82.13 51.25
N ASN B 134 -62.25 -82.44 50.38
CA ASN B 134 -62.81 -83.78 50.19
C ASN B 134 -63.41 -84.45 51.41
N ASN B 135 -64.02 -83.66 52.28
CA ASN B 135 -64.69 -84.21 53.45
C ASN B 135 -66.10 -83.63 53.43
N ILE B 136 -67.05 -84.43 53.89
CA ILE B 136 -68.44 -83.99 53.90
C ILE B 136 -68.86 -83.48 55.28
N TYR B 137 -69.36 -82.25 55.32
CA TYR B 137 -69.83 -81.63 56.56
C TYR B 137 -71.34 -81.51 56.49
N TYR B 138 -72.00 -81.66 57.63
CA TYR B 138 -73.47 -81.59 57.69
C TYR B 138 -74.03 -80.61 58.72
N CYS B 139 -75.09 -79.93 58.32
CA CYS B 139 -75.81 -78.97 59.16
C CYS B 139 -77.30 -79.20 58.96
N ALA B 140 -77.98 -79.69 60.00
CA ALA B 140 -79.41 -79.96 59.89
C ALA B 140 -80.20 -78.65 59.94
N HIS B 141 -79.96 -77.90 61.01
CA HIS B 141 -80.62 -76.62 61.25
C HIS B 141 -79.67 -75.55 60.69
N VAL B 142 -80.21 -74.45 60.18
CA VAL B 142 -79.35 -73.40 59.63
C VAL B 142 -78.36 -72.84 60.66
N GLY B 143 -78.81 -72.70 61.90
CA GLY B 143 -77.93 -72.18 62.94
C GLY B 143 -76.95 -73.23 63.47
N LYS B 144 -77.35 -74.50 63.39
CA LYS B 144 -76.53 -75.62 63.85
C LYS B 144 -75.12 -75.49 63.27
N GLN B 145 -74.11 -75.93 64.03
CA GLN B 145 -72.74 -75.87 63.52
C GLN B 145 -72.46 -77.13 62.72
N ALA B 146 -71.64 -77.01 61.68
CA ALA B 146 -71.31 -78.15 60.84
C ALA B 146 -70.62 -79.27 61.59
N ILE B 147 -70.84 -80.49 61.11
CA ILE B 147 -70.22 -81.67 61.69
C ILE B 147 -69.57 -82.41 60.54
N ARG B 148 -68.32 -82.81 60.72
CA ARG B 148 -67.62 -83.53 59.67
C ARG B 148 -68.06 -84.99 59.66
N VAL B 149 -69.09 -85.28 58.88
CA VAL B 149 -69.66 -86.62 58.77
C VAL B 149 -68.70 -87.66 58.20
N VAL B 150 -67.93 -87.27 57.19
CA VAL B 150 -66.94 -88.18 56.61
C VAL B 150 -65.65 -87.38 56.59
N SER B 151 -64.55 -88.00 57.00
CA SER B 151 -63.30 -87.28 57.07
C SER B 151 -62.10 -87.98 56.44
N THR B 152 -62.37 -88.96 55.59
CA THR B 152 -61.27 -89.69 54.94
C THR B 152 -60.77 -88.96 53.70
N GLY B 153 -61.23 -87.73 53.47
CA GLY B 153 -60.81 -86.98 52.30
C GLY B 153 -59.37 -86.52 52.26
N LYS B 154 -58.76 -86.58 51.07
CA LYS B 154 -57.38 -86.15 50.86
C LYS B 154 -57.30 -85.45 49.51
N GLU B 155 -57.18 -84.12 49.53
CA GLU B 155 -57.11 -83.31 48.33
C GLU B 155 -56.44 -83.94 47.10
N GLY B 156 -57.21 -84.04 46.02
CA GLY B 156 -56.71 -84.60 44.78
C GLY B 156 -56.45 -86.09 44.75
N VAL B 157 -56.62 -86.77 45.88
CA VAL B 157 -56.36 -88.20 45.92
C VAL B 157 -57.54 -89.04 46.40
N ILE B 158 -58.19 -88.58 47.47
CA ILE B 158 -59.33 -89.29 48.02
C ILE B 158 -60.56 -88.39 48.00
N TYR B 159 -61.43 -88.65 47.03
CA TYR B 159 -62.65 -87.86 46.87
C TYR B 159 -63.86 -88.62 47.38
N ASN B 160 -64.71 -87.93 48.13
CA ASN B 160 -65.96 -88.53 48.56
C ASN B 160 -67.03 -87.45 48.55
N GLY B 161 -68.06 -87.71 47.75
CA GLY B 161 -69.15 -86.77 47.59
C GLY B 161 -69.04 -86.09 46.25
N LEU B 162 -67.84 -86.08 45.69
CA LEU B 162 -67.61 -85.45 44.39
C LEU B 162 -66.79 -86.36 43.51
N SER B 163 -66.92 -86.22 42.20
CA SER B 163 -66.17 -87.06 41.28
C SER B 163 -64.72 -86.63 41.16
N ASP B 164 -63.90 -87.53 40.64
CA ASP B 164 -62.50 -87.24 40.38
C ASP B 164 -62.58 -86.93 38.89
N TRP B 165 -61.48 -86.63 38.22
CA TRP B 165 -61.58 -86.31 36.81
C TRP B 165 -62.36 -87.34 36.01
N LEU B 166 -61.84 -88.56 35.88
CA LEU B 166 -62.50 -89.60 35.11
C LEU B 166 -63.98 -89.77 35.43
N TYR B 167 -64.35 -89.74 36.71
CA TYR B 167 -65.76 -89.92 37.03
C TYR B 167 -66.65 -88.77 36.55
N GLU B 168 -66.10 -87.57 36.54
CA GLU B 168 -66.87 -86.40 36.11
C GLU B 168 -66.95 -86.28 34.58
N GLU B 169 -65.82 -86.46 33.93
CA GLU B 169 -65.74 -86.32 32.49
C GLU B 169 -66.24 -87.50 31.69
N GLU B 170 -65.96 -88.70 32.17
CA GLU B 170 -66.33 -89.88 31.41
C GLU B 170 -67.40 -90.85 31.94
N ILE B 171 -67.25 -91.34 33.16
CA ILE B 171 -68.20 -92.31 33.66
C ILE B 171 -69.48 -91.81 34.38
N LEU B 172 -69.42 -90.72 35.14
CA LEU B 172 -70.66 -90.27 35.79
C LEU B 172 -71.28 -89.05 35.12
N LYS B 173 -70.45 -88.27 34.43
CA LYS B 173 -70.92 -87.09 33.73
C LYS B 173 -71.48 -85.98 34.63
N THR B 174 -71.01 -85.92 35.87
CA THR B 174 -71.40 -84.90 36.84
C THR B 174 -70.25 -84.80 37.82
N HIS B 175 -70.16 -83.68 38.51
CA HIS B 175 -69.10 -83.51 39.48
C HIS B 175 -69.66 -83.99 40.81
N ILE B 176 -70.99 -83.93 40.93
CA ILE B 176 -71.66 -84.35 42.15
C ILE B 176 -71.80 -85.87 42.24
N ALA B 177 -71.34 -86.44 43.36
CA ALA B 177 -71.40 -87.89 43.56
C ALA B 177 -71.91 -88.31 44.93
N HIS B 178 -73.02 -87.72 45.37
CA HIS B 178 -73.66 -88.06 46.63
C HIS B 178 -75.16 -87.96 46.38
N TRP B 179 -75.95 -88.69 47.16
CA TRP B 179 -77.39 -88.69 46.96
C TRP B 179 -78.16 -88.84 48.27
N TRP B 180 -79.07 -87.90 48.54
CA TRP B 180 -79.85 -87.95 49.77
C TRP B 180 -81.03 -88.92 49.65
N SER B 181 -81.36 -89.58 50.76
CA SER B 181 -82.50 -90.47 50.76
C SER B 181 -83.68 -89.52 50.63
N PRO B 182 -84.85 -90.00 50.18
CA PRO B 182 -86.02 -89.12 50.03
C PRO B 182 -86.44 -88.40 51.30
N ASP B 183 -86.30 -89.07 52.45
CA ASP B 183 -86.69 -88.48 53.72
C ASP B 183 -85.57 -87.70 54.42
N GLY B 184 -84.45 -87.50 53.72
CA GLY B 184 -83.34 -86.76 54.28
C GLY B 184 -82.75 -87.32 55.57
N THR B 185 -82.86 -88.64 55.75
CA THR B 185 -82.36 -89.29 56.96
C THR B 185 -81.03 -89.99 56.71
N ARG B 186 -80.86 -90.50 55.51
CA ARG B 186 -79.64 -91.20 55.14
C ARG B 186 -79.02 -90.49 53.94
N LEU B 187 -77.69 -90.49 53.88
CA LEU B 187 -76.98 -89.87 52.77
C LEU B 187 -76.04 -90.87 52.15
N ALA B 188 -76.20 -91.07 50.84
CA ALA B 188 -75.35 -92.00 50.12
C ALA B 188 -74.30 -91.13 49.41
N TYR B 189 -73.07 -91.63 49.34
CA TYR B 189 -72.02 -90.89 48.68
C TYR B 189 -70.94 -91.81 48.16
N ALA B 190 -70.41 -91.48 46.99
CA ALA B 190 -69.36 -92.29 46.39
C ALA B 190 -68.05 -91.85 47.01
N ALA B 191 -67.15 -92.80 47.16
CA ALA B 191 -65.83 -92.53 47.72
C ALA B 191 -64.87 -93.01 46.65
N ILE B 192 -64.21 -92.07 45.98
CA ILE B 192 -63.28 -92.42 44.93
C ILE B 192 -61.85 -92.31 45.40
N ASN B 193 -61.10 -93.38 45.15
CA ASN B 193 -59.71 -93.45 45.54
C ASN B 193 -58.80 -93.42 44.31
N ASP B 194 -58.09 -92.32 44.11
CA ASP B 194 -57.19 -92.22 42.97
C ASP B 194 -55.76 -92.52 43.37
N SER B 195 -55.61 -92.92 44.63
CA SER B 195 -54.31 -93.25 45.19
C SER B 195 -53.37 -94.03 44.28
N ARG B 196 -53.88 -95.07 43.61
CA ARG B 196 -53.02 -95.86 42.73
C ARG B 196 -53.17 -95.51 41.25
N VAL B 197 -53.82 -94.39 40.96
CA VAL B 197 -54.00 -93.98 39.57
C VAL B 197 -52.77 -93.17 39.18
N PRO B 198 -52.25 -93.37 37.95
CA PRO B 198 -51.07 -92.62 37.52
C PRO B 198 -51.37 -91.14 37.57
N ILE B 199 -50.32 -90.34 37.75
CA ILE B 199 -50.51 -88.91 37.83
C ILE B 199 -49.90 -88.18 36.63
N MET B 200 -50.75 -87.46 35.90
CA MET B 200 -50.35 -86.69 34.73
C MET B 200 -49.90 -85.30 35.15
N GLU B 201 -48.78 -84.84 34.59
CA GLU B 201 -48.29 -83.52 34.91
C GLU B 201 -48.71 -82.57 33.78
N LEU B 202 -49.30 -81.44 34.14
CA LEU B 202 -49.70 -80.47 33.13
C LEU B 202 -48.69 -79.34 33.13
N PRO B 203 -48.10 -79.05 31.97
CA PRO B 203 -47.10 -78.00 31.77
C PRO B 203 -47.66 -76.59 31.99
N THR B 204 -46.87 -75.75 32.64
CA THR B 204 -47.27 -74.36 32.87
C THR B 204 -46.16 -73.44 32.36
N TYR B 205 -46.51 -72.33 31.74
CA TYR B 205 -45.51 -71.41 31.21
C TYR B 205 -45.80 -69.95 31.48
N THR B 206 -46.77 -69.65 32.34
CA THR B 206 -47.11 -68.25 32.57
C THR B 206 -47.20 -67.74 33.99
N GLY B 207 -47.53 -68.61 34.94
CA GLY B 207 -47.65 -68.17 36.32
C GLY B 207 -46.50 -67.29 36.82
N SER B 208 -45.66 -67.89 37.65
CA SER B 208 -44.53 -67.21 38.23
C SER B 208 -43.37 -67.10 37.24
N ILE B 209 -42.22 -66.64 37.73
CA ILE B 209 -41.04 -66.53 36.90
C ILE B 209 -40.61 -67.94 36.56
N TYR B 210 -40.73 -68.84 37.53
CA TYR B 210 -40.38 -70.24 37.34
C TYR B 210 -41.70 -71.01 37.34
N PRO B 211 -42.33 -71.16 36.18
CA PRO B 211 -43.59 -71.90 36.12
C PRO B 211 -43.37 -73.33 36.57
N THR B 212 -44.41 -73.94 37.11
CA THR B 212 -44.31 -75.32 37.56
C THR B 212 -45.50 -76.10 37.03
N VAL B 213 -45.37 -77.42 37.02
CA VAL B 213 -46.44 -78.25 36.51
C VAL B 213 -47.57 -78.39 37.51
N LYS B 214 -48.76 -78.69 36.98
CA LYS B 214 -49.95 -78.90 37.78
C LYS B 214 -50.24 -80.38 37.66
N PRO B 215 -50.07 -81.13 38.76
CA PRO B 215 -50.31 -82.57 38.76
C PRO B 215 -51.75 -82.94 39.10
N TYR B 216 -52.17 -84.11 38.63
CA TYR B 216 -53.50 -84.61 38.91
C TYR B 216 -53.63 -86.01 38.32
N HIS B 217 -54.46 -86.83 38.95
CA HIS B 217 -54.66 -88.21 38.52
C HIS B 217 -55.52 -88.33 37.27
N TYR B 218 -54.93 -88.91 36.24
CA TYR B 218 -55.59 -89.11 34.95
C TYR B 218 -55.17 -90.48 34.44
N PRO B 219 -56.13 -91.41 34.29
CA PRO B 219 -55.79 -92.75 33.81
C PRO B 219 -55.85 -92.95 32.29
N LYS B 220 -54.69 -93.04 31.66
CA LYS B 220 -54.62 -93.28 30.21
C LYS B 220 -55.08 -94.71 29.99
N ALA B 221 -55.34 -95.07 28.74
CA ALA B 221 -55.78 -96.41 28.44
C ALA B 221 -54.81 -97.46 28.96
N GLY B 222 -55.34 -98.47 29.63
CA GLY B 222 -54.51 -99.54 30.15
C GLY B 222 -53.97 -99.37 31.55
N SER B 223 -53.91 -98.14 32.05
CA SER B 223 -53.39 -97.89 33.39
C SER B 223 -54.42 -98.25 34.46
N GLU B 224 -54.05 -98.06 35.73
CA GLU B 224 -54.97 -98.36 36.81
C GLU B 224 -56.04 -97.29 36.94
N ASN B 225 -57.28 -97.74 37.07
CA ASN B 225 -58.40 -96.81 37.19
C ASN B 225 -58.70 -96.45 38.63
N PRO B 226 -59.45 -95.36 38.82
CA PRO B 226 -59.79 -94.96 40.19
C PRO B 226 -60.62 -96.06 40.83
N SER B 227 -60.35 -96.35 42.10
CA SER B 227 -61.08 -97.37 42.83
C SER B 227 -62.26 -96.73 43.56
N ILE B 228 -63.48 -97.20 43.30
CA ILE B 228 -64.66 -96.61 43.93
C ILE B 228 -65.42 -97.53 44.89
N SER B 229 -66.13 -96.91 45.83
CA SER B 229 -66.92 -97.64 46.80
C SER B 229 -68.13 -96.79 47.15
N LEU B 230 -69.27 -97.41 47.37
CA LEU B 230 -70.49 -96.67 47.72
C LEU B 230 -70.74 -96.77 49.22
N HIS B 231 -70.97 -95.64 49.88
CA HIS B 231 -71.21 -95.62 51.32
C HIS B 231 -72.52 -94.91 51.68
N VAL B 232 -73.05 -95.24 52.86
CA VAL B 232 -74.27 -94.59 53.35
C VAL B 232 -74.13 -94.34 54.85
N ILE B 233 -74.53 -93.14 55.28
CA ILE B 233 -74.47 -92.75 56.68
C ILE B 233 -75.81 -92.17 57.17
N GLY B 234 -76.03 -92.23 58.47
CA GLY B 234 -77.25 -91.69 59.04
C GLY B 234 -77.07 -90.21 59.31
N LEU B 235 -78.11 -89.42 59.11
CA LEU B 235 -78.01 -87.98 59.32
C LEU B 235 -78.54 -87.52 60.67
N ASN B 236 -78.90 -88.48 61.52
CA ASN B 236 -79.39 -88.20 62.87
C ASN B 236 -78.95 -89.36 63.74
N GLY B 237 -78.27 -89.06 64.84
CA GLY B 237 -77.76 -90.10 65.72
C GLY B 237 -76.33 -90.38 65.33
N PRO B 238 -75.58 -91.20 66.09
CA PRO B 238 -74.18 -91.56 65.84
C PRO B 238 -73.71 -91.73 64.39
N THR B 239 -74.64 -91.95 63.47
CA THR B 239 -74.33 -92.10 62.05
C THR B 239 -73.38 -93.26 61.73
N HIS B 240 -73.91 -94.48 61.66
CA HIS B 240 -73.10 -95.65 61.33
C HIS B 240 -72.89 -95.67 59.82
N ASP B 241 -71.64 -95.55 59.38
CA ASP B 241 -71.32 -95.56 57.95
C ASP B 241 -71.22 -96.99 57.46
N LEU B 242 -71.96 -97.31 56.39
CA LEU B 242 -71.91 -98.65 55.83
C LEU B 242 -71.58 -98.63 54.35
N GLU B 243 -70.79 -99.59 53.90
CA GLU B 243 -70.44 -99.68 52.50
C GLU B 243 -71.40 -100.65 51.83
N MET B 244 -71.88 -100.29 50.64
CA MET B 244 -72.79 -101.15 49.89
C MET B 244 -71.93 -102.15 49.09
N MET B 245 -71.92 -103.40 49.52
CA MET B 245 -71.14 -104.41 48.83
C MET B 245 -71.60 -104.71 47.41
N PRO B 246 -70.65 -104.79 46.47
CA PRO B 246 -70.93 -105.08 45.07
C PRO B 246 -71.20 -106.57 44.82
N PRO B 247 -71.74 -106.90 43.63
CA PRO B 247 -72.03 -108.30 43.27
C PRO B 247 -70.79 -109.19 43.25
N ASP B 248 -70.80 -110.22 42.40
CA ASP B 248 -69.68 -111.15 42.30
C ASP B 248 -69.28 -111.61 40.91
N ASP B 249 -70.26 -111.68 40.01
CA ASP B 249 -69.99 -112.12 38.64
C ASP B 249 -68.52 -111.88 38.36
N PRO B 250 -67.72 -112.95 38.31
CA PRO B 250 -66.29 -112.81 38.04
C PRO B 250 -66.01 -111.83 36.90
N ARG B 251 -67.04 -111.52 36.13
CA ARG B 251 -66.90 -110.57 35.02
C ARG B 251 -67.21 -109.15 35.53
N MET B 252 -66.86 -108.93 36.79
CA MET B 252 -67.06 -107.66 37.47
C MET B 252 -66.05 -107.53 38.61
N ARG B 253 -64.77 -107.76 38.34
CA ARG B 253 -63.77 -107.63 39.38
C ARG B 253 -63.20 -106.22 39.35
N GLU B 254 -63.27 -105.58 38.18
CA GLU B 254 -62.85 -104.19 37.99
C GLU B 254 -64.10 -103.54 37.46
N TYR B 255 -64.61 -102.54 38.18
CA TYR B 255 -65.84 -101.90 37.76
C TYR B 255 -65.92 -100.41 38.03
N TYR B 256 -66.94 -99.80 37.46
CA TYR B 256 -67.25 -98.39 37.64
C TYR B 256 -68.67 -98.41 38.18
N ILE B 257 -69.03 -97.46 39.02
CA ILE B 257 -70.41 -97.40 39.49
C ILE B 257 -70.98 -96.27 38.63
N THR B 258 -71.86 -96.62 37.69
CA THR B 258 -72.40 -95.63 36.76
C THR B 258 -73.76 -95.04 37.06
N MET B 259 -74.42 -95.54 38.10
CA MET B 259 -75.74 -95.04 38.42
C MET B 259 -76.15 -95.43 39.82
N VAL B 260 -76.66 -94.46 40.57
CA VAL B 260 -77.15 -94.72 41.91
C VAL B 260 -78.32 -93.78 42.20
N LYS B 261 -79.42 -94.36 42.67
CA LYS B 261 -80.63 -93.60 42.98
C LYS B 261 -81.40 -94.30 44.07
N TRP B 262 -82.12 -93.53 44.89
CA TRP B 262 -82.91 -94.13 45.96
C TRP B 262 -84.26 -94.61 45.44
N ALA B 263 -84.57 -95.87 45.72
CA ALA B 263 -85.83 -96.47 45.30
C ALA B 263 -86.85 -96.12 46.39
N THR B 264 -86.38 -96.11 47.62
CA THR B 264 -87.20 -95.76 48.79
C THR B 264 -86.24 -95.08 49.74
N SER B 265 -86.63 -94.92 51.00
CA SER B 265 -85.74 -94.27 51.96
C SER B 265 -84.87 -95.29 52.67
N THR B 266 -85.03 -96.56 52.28
CA THR B 266 -84.27 -97.64 52.89
C THR B 266 -83.49 -98.43 51.83
N LYS B 267 -83.97 -98.39 50.59
CA LYS B 267 -83.32 -99.09 49.49
C LYS B 267 -82.77 -98.12 48.44
N VAL B 268 -81.60 -98.45 47.90
CA VAL B 268 -80.94 -97.62 46.90
C VAL B 268 -80.50 -98.46 45.69
N ALA B 269 -80.83 -97.99 44.49
CA ALA B 269 -80.49 -98.67 43.25
C ALA B 269 -79.10 -98.29 42.73
N VAL B 270 -78.34 -99.30 42.33
CA VAL B 270 -76.99 -99.10 41.83
C VAL B 270 -76.72 -99.92 40.57
N THR B 271 -76.06 -99.31 39.59
CA THR B 271 -75.70 -100.00 38.37
C THR B 271 -74.19 -100.16 38.41
N TRP B 272 -73.74 -101.40 38.31
CA TRP B 272 -72.31 -101.70 38.35
C TRP B 272 -71.83 -102.12 36.95
N LEU B 273 -70.95 -101.32 36.38
CA LEU B 273 -70.39 -101.58 35.05
C LEU B 273 -68.92 -101.93 35.19
N ASN B 274 -68.51 -103.03 34.56
CA ASN B 274 -67.11 -103.47 34.63
C ASN B 274 -66.21 -102.65 33.70
N ARG B 275 -64.94 -102.52 34.07
CA ARG B 275 -63.97 -101.75 33.29
C ARG B 275 -64.10 -101.94 31.78
N ALA B 276 -64.26 -103.19 31.34
CA ALA B 276 -64.39 -103.49 29.92
C ALA B 276 -65.69 -102.92 29.36
N GLN B 277 -66.59 -102.54 30.26
CA GLN B 277 -67.87 -101.95 29.89
C GLN B 277 -68.71 -102.84 28.98
N ASN B 278 -68.69 -104.14 29.24
CA ASN B 278 -69.46 -105.09 28.44
C ASN B 278 -70.40 -105.94 29.31
N VAL B 279 -70.45 -105.64 30.60
CA VAL B 279 -71.33 -106.34 31.54
C VAL B 279 -71.84 -105.30 32.55
N SER B 280 -73.15 -105.27 32.73
CA SER B 280 -73.80 -104.31 33.62
C SER B 280 -74.71 -105.02 34.64
N ILE B 281 -74.81 -104.48 35.85
CA ILE B 281 -75.66 -105.10 36.87
C ILE B 281 -76.47 -104.11 37.69
N LEU B 282 -77.79 -104.13 37.50
CA LEU B 282 -78.66 -103.25 38.26
C LEU B 282 -78.79 -103.88 39.63
N THR B 283 -78.87 -103.07 40.67
CA THR B 283 -78.93 -103.61 42.01
C THR B 283 -79.70 -102.82 43.05
N LEU B 284 -80.36 -103.54 43.95
CA LEU B 284 -81.09 -102.89 45.03
C LEU B 284 -80.38 -103.25 46.31
N CYS B 285 -79.88 -102.22 47.00
CA CYS B 285 -79.15 -102.44 48.24
C CYS B 285 -79.94 -101.91 49.43
N ASP B 286 -79.70 -102.52 50.59
CA ASP B 286 -80.39 -102.11 51.81
C ASP B 286 -79.50 -101.11 52.52
N ALA B 287 -79.91 -99.84 52.52
CA ALA B 287 -79.14 -98.77 53.15
C ALA B 287 -78.89 -98.99 54.63
N THR B 288 -79.22 -100.18 55.13
CA THR B 288 -79.03 -100.49 56.53
C THR B 288 -78.36 -101.84 56.70
N THR B 289 -78.23 -102.56 55.60
CA THR B 289 -77.60 -103.88 55.61
C THR B 289 -76.27 -103.81 54.87
N GLY B 290 -76.29 -103.23 53.68
CA GLY B 290 -75.09 -103.12 52.87
C GLY B 290 -75.15 -104.25 51.87
N VAL B 291 -76.19 -105.06 51.98
CA VAL B 291 -76.36 -106.18 51.08
C VAL B 291 -77.09 -105.72 49.83
N CYS B 292 -76.44 -105.92 48.68
CA CYS B 292 -77.03 -105.52 47.41
C CYS B 292 -77.51 -106.79 46.73
N THR B 293 -78.70 -106.72 46.13
CA THR B 293 -79.25 -107.88 45.45
C THR B 293 -79.41 -107.63 43.95
N LYS B 294 -78.97 -108.59 43.13
CA LYS B 294 -79.11 -108.44 41.69
C LYS B 294 -80.59 -108.27 41.40
N LYS B 295 -80.92 -107.35 40.51
CA LYS B 295 -82.30 -107.08 40.15
C LYS B 295 -82.43 -107.16 38.64
N HIS B 296 -81.29 -107.34 37.98
CA HIS B 296 -81.21 -107.45 36.54
C HIS B 296 -79.75 -107.30 36.11
N GLU B 297 -79.46 -107.62 34.86
CA GLU B 297 -78.12 -107.50 34.33
C GLU B 297 -78.11 -107.61 32.82
N ASP B 298 -77.19 -106.88 32.19
CA ASP B 298 -77.08 -106.88 30.75
C ASP B 298 -75.63 -107.09 30.34
N GLU B 299 -75.43 -107.64 29.15
CA GLU B 299 -74.10 -107.80 28.62
C GLU B 299 -74.22 -107.65 27.12
N SER B 300 -73.17 -107.16 26.49
CA SER B 300 -73.17 -106.93 25.06
C SER B 300 -71.87 -107.42 24.45
N GLU B 301 -71.87 -107.63 23.14
CA GLU B 301 -70.66 -108.06 22.48
C GLU B 301 -69.74 -106.86 22.36
N ALA B 302 -70.28 -105.73 21.90
CA ALA B 302 -69.51 -104.50 21.77
C ALA B 302 -69.32 -103.88 23.16
N TRP B 303 -70.14 -102.88 23.46
CA TRP B 303 -70.06 -102.20 24.74
C TRP B 303 -71.45 -101.72 25.18
N LEU B 304 -71.75 -101.84 26.46
CA LEU B 304 -73.04 -101.38 26.97
C LEU B 304 -73.02 -99.87 26.75
N HIS B 305 -74.18 -99.30 26.47
CA HIS B 305 -74.27 -97.86 26.23
C HIS B 305 -75.39 -97.28 27.08
N ARG B 306 -75.35 -95.97 27.33
CA ARG B 306 -76.36 -95.32 28.14
C ARG B 306 -76.52 -96.04 29.47
N GLN B 307 -75.48 -96.00 30.30
CA GLN B 307 -75.53 -96.68 31.57
C GLN B 307 -75.80 -95.80 32.80
N ASN B 308 -75.98 -94.49 32.61
CA ASN B 308 -76.28 -93.64 33.76
C ASN B 308 -77.78 -93.65 33.95
N GLU B 309 -78.44 -94.36 33.05
CA GLU B 309 -79.89 -94.52 33.03
C GLU B 309 -80.51 -94.76 34.40
N GLU B 310 -81.23 -93.78 34.90
CA GLU B 310 -81.90 -93.88 36.19
C GLU B 310 -83.27 -94.54 36.08
N PRO B 311 -83.55 -95.54 36.93
CA PRO B 311 -84.85 -96.21 36.87
C PRO B 311 -85.90 -95.41 37.63
N VAL B 312 -87.17 -95.57 37.24
CA VAL B 312 -88.25 -94.86 37.91
C VAL B 312 -89.05 -95.86 38.74
N PHE B 313 -89.09 -95.64 40.05
CA PHE B 313 -89.82 -96.54 40.94
C PHE B 313 -91.19 -96.04 41.35
N SER B 314 -92.05 -96.98 41.70
CA SER B 314 -93.40 -96.68 42.15
C SER B 314 -93.25 -96.28 43.62
N LYS B 315 -93.95 -95.22 44.03
CA LYS B 315 -93.86 -94.72 45.40
C LYS B 315 -93.61 -95.78 46.48
N ASP B 316 -94.13 -96.99 46.28
CA ASP B 316 -93.94 -98.05 47.26
C ASP B 316 -92.69 -98.88 46.98
N GLY B 317 -91.76 -98.31 46.21
CA GLY B 317 -90.55 -99.01 45.88
C GLY B 317 -90.81 -100.34 45.18
N ARG B 318 -92.07 -100.59 44.81
CA ARG B 318 -92.43 -101.83 44.13
C ARG B 318 -91.88 -101.81 42.71
N LYS B 319 -92.65 -102.30 41.75
CA LYS B 319 -92.20 -102.34 40.35
C LYS B 319 -91.52 -101.03 39.93
N PHE B 320 -90.70 -101.08 38.89
CA PHE B 320 -90.02 -99.89 38.41
C PHE B 320 -89.87 -99.88 36.89
N PHE B 321 -89.60 -98.71 36.33
CA PHE B 321 -89.43 -98.55 34.90
C PHE B 321 -88.00 -98.19 34.54
N PHE B 322 -87.37 -99.04 33.75
CA PHE B 322 -86.00 -98.80 33.31
C PHE B 322 -86.11 -98.50 31.83
N ILE B 323 -84.98 -98.54 31.13
CA ILE B 323 -84.96 -98.28 29.70
C ILE B 323 -83.67 -98.85 29.17
N ARG B 324 -83.79 -99.77 28.21
CA ARG B 324 -82.61 -100.39 27.65
C ARG B 324 -82.83 -100.85 26.23
N ALA B 325 -81.78 -101.45 25.67
CA ALA B 325 -81.82 -101.95 24.31
C ALA B 325 -82.55 -103.28 24.27
N ILE B 326 -83.61 -103.33 23.46
CA ILE B 326 -84.38 -104.54 23.29
C ILE B 326 -84.42 -104.82 21.79
N PRO B 327 -83.93 -105.99 21.37
CA PRO B 327 -83.85 -106.49 20.00
C PRO B 327 -84.68 -105.82 18.91
N GLN B 328 -85.97 -105.56 19.17
CA GLN B 328 -86.80 -104.91 18.17
C GLN B 328 -86.82 -105.61 16.81
N GLY B 329 -87.06 -106.91 16.83
CA GLY B 329 -87.11 -107.67 15.59
C GLY B 329 -85.80 -107.71 14.84
N GLY B 330 -85.74 -107.00 13.71
CA GLY B 330 -84.54 -106.97 12.91
C GLY B 330 -83.96 -105.58 12.78
N ARG B 331 -82.64 -105.52 12.54
CA ARG B 331 -81.91 -104.27 12.40
C ARG B 331 -81.50 -103.71 13.76
N GLY B 332 -80.75 -104.51 14.50
CA GLY B 332 -80.27 -104.11 15.82
C GLY B 332 -81.38 -103.96 16.84
N LYS B 333 -81.01 -103.46 18.01
CA LYS B 333 -81.95 -103.24 19.09
C LYS B 333 -82.02 -101.74 19.35
N PHE B 334 -83.11 -101.30 19.98
CA PHE B 334 -83.28 -99.88 20.28
C PHE B 334 -83.64 -99.69 21.75
N TYR B 335 -83.43 -98.47 22.24
CA TYR B 335 -83.72 -98.17 23.63
C TYR B 335 -85.19 -97.84 23.86
N HIS B 336 -85.84 -98.65 24.68
CA HIS B 336 -87.24 -98.47 25.00
C HIS B 336 -87.47 -98.69 26.49
N ILE B 337 -88.64 -98.28 26.96
CA ILE B 337 -88.99 -98.41 28.35
C ILE B 337 -89.26 -99.87 28.68
N THR B 338 -88.94 -100.27 29.91
CA THR B 338 -89.13 -101.65 30.36
C THR B 338 -89.68 -101.65 31.77
N VAL B 339 -90.45 -102.68 32.12
CA VAL B 339 -91.01 -102.77 33.46
C VAL B 339 -90.59 -104.04 34.16
N SER B 340 -90.40 -103.95 35.47
CA SER B 340 -90.01 -105.08 36.30
C SER B 340 -90.55 -104.83 37.70
N SER B 341 -90.90 -105.91 38.41
CA SER B 341 -91.41 -105.77 39.76
C SER B 341 -90.24 -105.40 40.68
N SER B 342 -90.55 -104.86 41.86
CA SER B 342 -89.51 -104.45 42.81
C SER B 342 -88.63 -105.59 43.28
N GLN B 343 -89.24 -106.76 43.47
CA GLN B 343 -88.50 -107.92 43.93
C GLN B 343 -88.32 -109.01 42.88
N PRO B 344 -87.58 -108.71 41.81
CA PRO B 344 -87.34 -109.69 40.74
C PRO B 344 -86.74 -110.94 41.37
N ASN B 345 -87.43 -112.07 41.25
CA ASN B 345 -86.93 -113.32 41.82
C ASN B 345 -85.99 -114.03 40.85
N SER B 346 -84.87 -114.52 41.39
CA SER B 346 -83.79 -115.21 40.67
C SER B 346 -84.01 -115.90 39.31
N SER B 347 -85.12 -116.62 39.15
CA SER B 347 -85.38 -117.33 37.90
C SER B 347 -85.22 -116.49 36.62
N ASN B 348 -86.32 -115.89 36.18
CA ASN B 348 -86.32 -115.07 34.97
C ASN B 348 -86.74 -113.65 35.30
N ASP B 349 -86.73 -112.77 34.29
CA ASP B 349 -87.09 -111.37 34.48
C ASP B 349 -88.60 -111.16 34.44
N ASN B 350 -89.03 -109.97 34.87
CA ASN B 350 -90.43 -109.59 34.84
C ASN B 350 -90.55 -108.93 33.47
N ILE B 351 -89.46 -109.03 32.72
CA ILE B 351 -89.33 -108.47 31.38
C ILE B 351 -90.61 -108.32 30.58
N GLN B 352 -90.73 -107.15 29.97
CA GLN B 352 -91.83 -106.79 29.11
C GLN B 352 -91.71 -105.30 28.93
N SER B 353 -91.46 -104.91 27.69
CA SER B 353 -91.31 -103.50 27.36
C SER B 353 -92.66 -102.86 27.11
N ILE B 354 -92.68 -101.55 27.29
CA ILE B 354 -93.87 -100.74 27.10
C ILE B 354 -93.89 -100.12 25.72
N THR B 355 -92.71 -99.75 25.23
CA THR B 355 -92.65 -99.16 23.91
C THR B 355 -91.77 -100.02 23.02
N SER B 356 -91.85 -99.78 21.72
CA SER B 356 -91.07 -100.54 20.77
C SER B 356 -91.07 -99.91 19.38
N GLY B 357 -90.07 -100.25 18.58
CA GLY B 357 -89.97 -99.71 17.24
C GLY B 357 -88.54 -99.37 16.87
N ASP B 358 -88.35 -98.82 15.68
CA ASP B 358 -87.02 -98.44 15.22
C ASP B 358 -86.79 -96.96 15.49
N TRP B 359 -86.81 -96.62 16.77
CA TRP B 359 -86.60 -95.27 17.26
C TRP B 359 -86.22 -95.42 18.72
N ASP B 360 -85.53 -94.43 19.27
CA ASP B 360 -85.12 -94.53 20.66
C ASP B 360 -85.85 -93.61 21.61
N VAL B 361 -86.02 -94.09 22.84
CA VAL B 361 -86.63 -93.32 23.89
C VAL B 361 -85.38 -92.66 24.44
N THR B 362 -85.43 -91.36 24.73
CA THR B 362 -84.23 -90.72 25.23
C THR B 362 -84.29 -90.24 26.68
N LYS B 363 -85.46 -90.26 27.31
CA LYS B 363 -85.52 -89.78 28.69
C LYS B 363 -86.86 -89.97 29.37
N ILE B 364 -86.90 -90.75 30.46
CA ILE B 364 -88.14 -90.93 31.19
C ILE B 364 -88.28 -89.69 32.04
N LEU B 365 -89.43 -89.02 31.98
CA LEU B 365 -89.61 -87.81 32.77
C LEU B 365 -90.44 -88.00 34.04
N ALA B 366 -91.44 -88.86 33.99
CA ALA B 366 -92.28 -89.07 35.16
C ALA B 366 -93.19 -90.28 35.05
N TYR B 367 -93.65 -90.75 36.20
CA TYR B 367 -94.53 -91.90 36.26
C TYR B 367 -95.74 -91.57 37.15
N ASP B 368 -96.92 -91.55 36.55
CA ASP B 368 -98.14 -91.26 37.29
C ASP B 368 -98.78 -92.56 37.73
N GLU B 369 -98.37 -93.01 38.91
CA GLU B 369 -98.84 -94.26 39.49
C GLU B 369 -100.37 -94.33 39.57
N LYS B 370 -100.99 -93.17 39.73
CA LYS B 370 -102.45 -93.10 39.82
C LYS B 370 -103.06 -93.40 38.45
N GLY B 371 -102.81 -94.59 37.94
CA GLY B 371 -103.37 -94.95 36.65
C GLY B 371 -102.35 -95.58 35.73
N ASN B 372 -102.19 -94.98 34.55
CA ASN B 372 -101.24 -95.51 33.59
C ASN B 372 -100.68 -94.46 32.66
N LYS B 373 -99.77 -93.66 33.19
CA LYS B 373 -99.14 -92.61 32.41
C LYS B 373 -97.65 -92.64 32.71
N ILE B 374 -96.87 -92.57 31.65
CA ILE B 374 -95.41 -92.58 31.75
C ILE B 374 -94.96 -91.59 30.67
N TYR B 375 -94.47 -90.43 31.10
CA TYR B 375 -94.03 -89.40 30.17
C TYR B 375 -92.56 -89.52 29.82
N PHE B 376 -92.21 -89.19 28.58
CA PHE B 376 -90.83 -89.31 28.13
C PHE B 376 -90.58 -88.60 26.80
N LEU B 377 -89.30 -88.49 26.43
CA LEU B 377 -88.91 -87.86 25.17
C LEU B 377 -88.50 -89.02 24.27
N SER B 378 -88.65 -88.83 22.96
CA SER B 378 -88.28 -89.87 22.01
C SER B 378 -87.89 -89.32 20.66
N THR B 379 -87.39 -90.20 19.81
CA THR B 379 -87.00 -89.85 18.47
C THR B 379 -88.04 -90.45 17.53
N GLU B 380 -89.15 -90.90 18.11
CA GLU B 380 -90.21 -91.52 17.32
C GLU B 380 -90.64 -90.65 16.13
N ASP B 381 -90.60 -89.34 16.31
CA ASP B 381 -90.97 -88.43 15.23
C ASP B 381 -89.87 -88.58 14.18
N LEU B 382 -88.76 -87.91 14.42
CA LEU B 382 -87.59 -87.96 13.55
C LEU B 382 -86.41 -88.02 14.50
N PRO B 383 -85.39 -88.82 14.18
CA PRO B 383 -84.26 -88.87 15.11
C PRO B 383 -83.67 -87.48 15.40
N ARG B 384 -83.89 -86.55 14.48
CA ARG B 384 -83.39 -85.18 14.59
C ARG B 384 -84.29 -84.30 15.45
N ARG B 385 -85.30 -84.91 16.08
CA ARG B 385 -86.25 -84.16 16.90
C ARG B 385 -86.46 -84.78 18.27
N ARG B 386 -87.13 -84.04 19.14
CA ARG B 386 -87.40 -84.48 20.50
C ARG B 386 -88.83 -84.12 20.90
N GLN B 387 -89.71 -85.11 20.93
CA GLN B 387 -91.09 -84.85 21.31
C GLN B 387 -91.43 -85.47 22.64
N LEU B 388 -92.34 -84.83 23.36
CA LEU B 388 -92.79 -85.33 24.65
C LEU B 388 -93.95 -86.29 24.40
N TYR B 389 -93.86 -87.49 24.96
CA TYR B 389 -94.91 -88.48 24.78
C TYR B 389 -95.46 -88.92 26.12
N SER B 390 -96.28 -89.95 26.07
CA SER B 390 -96.88 -90.53 27.26
C SER B 390 -97.40 -91.88 26.82
N ALA B 391 -97.39 -92.85 27.74
CA ALA B 391 -97.86 -94.19 27.44
C ALA B 391 -98.63 -94.71 28.64
N ASN B 392 -99.44 -95.75 28.43
CA ASN B 392 -100.20 -96.31 29.54
C ASN B 392 -99.41 -97.43 30.19
N THR B 393 -99.21 -97.34 31.51
CA THR B 393 -98.48 -98.37 32.22
C THR B 393 -99.26 -99.69 32.23
N VAL B 394 -100.54 -99.62 31.91
CA VAL B 394 -101.39 -100.80 31.91
C VAL B 394 -101.87 -101.29 30.53
N GLY B 395 -102.67 -102.34 30.56
CA GLY B 395 -103.24 -102.97 29.38
C GLY B 395 -102.78 -102.74 27.95
N ASN B 396 -102.93 -101.51 27.46
CA ASN B 396 -102.59 -101.20 26.08
C ASN B 396 -101.20 -100.69 25.75
N PHE B 397 -100.78 -99.65 26.47
CA PHE B 397 -99.48 -99.01 26.28
C PHE B 397 -99.59 -98.05 25.09
N ASN B 398 -100.75 -97.41 24.95
CA ASN B 398 -100.97 -96.47 23.85
C ASN B 398 -100.17 -95.20 24.05
N ARG B 399 -99.40 -94.85 23.02
CA ARG B 399 -98.60 -93.64 23.05
C ARG B 399 -99.33 -92.46 22.43
N GLN B 400 -99.45 -91.41 23.22
CA GLN B 400 -100.10 -90.18 22.79
C GLN B 400 -98.97 -89.16 22.78
N CYS B 401 -98.77 -88.46 21.65
CA CYS B 401 -97.69 -87.48 21.59
C CYS B 401 -98.15 -86.09 22.00
N LEU B 402 -97.87 -85.74 23.25
CA LEU B 402 -98.27 -84.46 23.80
C LEU B 402 -97.78 -83.21 23.06
N SER B 403 -96.50 -83.18 22.68
CA SER B 403 -95.97 -82.01 21.97
C SER B 403 -96.38 -81.98 20.49
N CYS B 404 -95.77 -82.83 19.69
CA CYS B 404 -96.07 -82.93 18.26
C CYS B 404 -96.94 -81.80 17.73
N ASP B 405 -96.30 -80.86 17.04
CA ASP B 405 -96.99 -79.71 16.43
C ASP B 405 -97.75 -78.76 17.36
N LEU B 406 -97.51 -78.88 18.65
CA LEU B 406 -98.12 -77.95 19.61
C LEU B 406 -97.07 -76.85 19.51
N VAL B 407 -97.33 -75.67 20.08
CA VAL B 407 -96.38 -74.55 20.03
C VAL B 407 -95.38 -74.67 18.87
N GLU B 408 -95.90 -74.51 17.65
CA GLU B 408 -95.07 -74.63 16.46
C GLU B 408 -93.85 -73.74 16.36
N ASN B 409 -93.10 -73.96 15.29
CA ASN B 409 -91.88 -73.25 14.99
C ASN B 409 -90.75 -73.90 15.79
N CYS B 410 -91.07 -75.02 16.43
CA CYS B 410 -90.07 -75.74 17.19
C CYS B 410 -90.46 -77.20 17.44
N THR B 411 -89.53 -78.11 17.14
CA THR B 411 -89.74 -79.55 17.26
C THR B 411 -88.76 -80.29 18.16
N TYR B 412 -87.85 -79.55 18.81
CA TYR B 412 -86.90 -80.15 19.73
C TYR B 412 -87.50 -79.79 21.07
N PHE B 413 -87.53 -80.73 22.01
CA PHE B 413 -88.15 -80.44 23.29
C PHE B 413 -87.51 -81.04 24.53
N SER B 414 -87.79 -80.37 25.65
CA SER B 414 -87.34 -80.78 26.96
C SER B 414 -88.52 -80.39 27.83
N ALA B 415 -88.71 -81.07 28.95
CA ALA B 415 -89.84 -80.73 29.81
C ALA B 415 -89.74 -81.39 31.18
N SER B 416 -90.55 -80.88 32.11
CA SER B 416 -90.59 -81.41 33.48
C SER B 416 -92.01 -81.25 34.00
N PHE B 417 -92.48 -82.21 34.78
CA PHE B 417 -93.84 -82.13 35.31
C PHE B 417 -93.87 -81.75 36.79
N SER B 418 -94.99 -81.18 37.21
CA SER B 418 -95.18 -80.78 38.60
C SER B 418 -95.13 -82.04 39.47
N HIS B 419 -95.04 -81.87 40.78
CA HIS B 419 -94.98 -83.03 41.67
C HIS B 419 -96.25 -83.84 41.74
N SER B 420 -97.01 -83.85 40.64
CA SER B 420 -98.26 -84.60 40.54
C SER B 420 -98.67 -84.74 39.10
N MET B 421 -97.74 -84.51 38.19
CA MET B 421 -97.98 -84.63 36.76
C MET B 421 -99.02 -83.67 36.21
N ASP B 422 -99.75 -83.00 37.10
CA ASP B 422 -100.79 -82.06 36.69
C ASP B 422 -100.36 -81.13 35.57
N PHE B 423 -99.31 -80.36 35.82
CA PHE B 423 -98.81 -79.42 34.84
C PHE B 423 -97.38 -79.80 34.46
N PHE B 424 -96.83 -79.14 33.45
CA PHE B 424 -95.48 -79.42 33.03
C PHE B 424 -94.83 -78.28 32.27
N LEU B 425 -93.56 -78.02 32.58
CA LEU B 425 -92.80 -76.99 31.92
C LEU B 425 -92.32 -77.60 30.62
N LEU B 426 -92.40 -76.85 29.53
CA LEU B 426 -92.01 -77.35 28.22
C LEU B 426 -91.09 -76.34 27.52
N LYS B 427 -89.87 -76.79 27.19
CA LYS B 427 -88.91 -75.91 26.53
C LYS B 427 -88.53 -76.35 25.12
N CYS B 428 -88.48 -75.39 24.21
CA CYS B 428 -88.15 -75.62 22.80
C CYS B 428 -86.76 -76.14 22.50
N GLU B 429 -85.84 -75.20 22.26
CA GLU B 429 -84.45 -75.52 21.94
C GLU B 429 -84.25 -75.60 20.44
N GLY B 430 -85.34 -75.43 19.67
CA GLY B 430 -85.24 -75.47 18.22
C GLY B 430 -86.49 -76.00 17.55
N PRO B 431 -86.62 -75.84 16.21
CA PRO B 431 -85.63 -75.19 15.35
C PRO B 431 -85.68 -73.69 15.49
N GLY B 432 -86.85 -73.17 15.84
CA GLY B 432 -87.01 -71.73 15.99
C GLY B 432 -86.43 -71.26 17.30
N VAL B 433 -86.28 -69.95 17.44
CA VAL B 433 -85.75 -69.39 18.68
C VAL B 433 -86.38 -70.08 19.88
N PRO B 434 -85.55 -70.55 20.82
CA PRO B 434 -85.93 -71.25 22.05
C PRO B 434 -86.89 -70.48 22.95
N MET B 435 -87.69 -71.22 23.72
CA MET B 435 -88.66 -70.61 24.62
C MET B 435 -89.19 -71.62 25.63
N VAL B 436 -89.80 -71.10 26.70
CA VAL B 436 -90.35 -71.92 27.76
C VAL B 436 -91.86 -71.66 27.91
N THR B 437 -92.62 -72.75 27.96
CA THR B 437 -94.07 -72.66 28.07
C THR B 437 -94.60 -73.51 29.23
N VAL B 438 -95.87 -73.28 29.60
CA VAL B 438 -96.49 -74.04 30.68
C VAL B 438 -97.85 -74.61 30.23
N HIS B 439 -98.06 -75.91 30.48
CA HIS B 439 -99.28 -76.62 30.09
C HIS B 439 -99.83 -77.47 31.24
N ASN B 440 -101.10 -77.89 31.16
CA ASN B 440 -101.66 -78.78 32.19
C ASN B 440 -101.74 -80.17 31.56
N THR B 441 -100.84 -81.05 32.02
CA THR B 441 -100.70 -82.41 31.53
C THR B 441 -101.85 -83.01 30.69
N THR B 442 -103.05 -83.06 31.26
CA THR B 442 -104.20 -83.60 30.53
C THR B 442 -104.51 -82.75 29.31
N ASP B 443 -105.08 -81.59 29.56
CA ASP B 443 -105.46 -80.63 28.53
C ASP B 443 -104.43 -80.39 27.41
N LYS B 444 -103.17 -80.12 27.77
CA LYS B 444 -102.09 -79.85 26.82
C LYS B 444 -102.13 -78.40 26.36
N LYS B 445 -102.99 -77.62 27.00
CA LYS B 445 -103.18 -76.22 26.67
C LYS B 445 -102.15 -75.29 27.31
N LYS B 446 -101.55 -74.45 26.47
CA LYS B 446 -100.55 -73.49 26.93
C LYS B 446 -101.16 -72.52 27.94
N MET B 447 -101.01 -72.83 29.22
CA MET B 447 -101.55 -71.96 30.26
C MET B 447 -100.95 -70.56 30.23
N PHE B 448 -99.78 -70.43 29.63
CA PHE B 448 -99.10 -69.13 29.50
C PHE B 448 -97.64 -69.31 29.12
N ASP B 449 -96.99 -68.21 28.77
CA ASP B 449 -95.57 -68.26 28.39
C ASP B 449 -94.70 -67.83 29.55
N LEU B 450 -93.60 -68.55 29.77
CA LEU B 450 -92.68 -68.22 30.85
C LEU B 450 -91.53 -67.36 30.35
N GLU B 451 -91.03 -67.71 29.17
CA GLU B 451 -89.95 -66.95 28.56
C GLU B 451 -90.09 -67.10 27.06
N THR B 452 -90.11 -65.97 26.38
CA THR B 452 -90.27 -65.95 24.94
C THR B 452 -89.01 -65.49 24.18
N ASN B 453 -88.15 -64.76 24.87
CA ASN B 453 -86.92 -64.25 24.26
C ASN B 453 -87.23 -63.45 23.00
N GLU B 454 -88.03 -62.39 23.15
CA GLU B 454 -88.38 -61.56 22.01
C GLU B 454 -87.14 -60.85 21.48
N HIS B 455 -86.30 -60.39 22.39
CA HIS B 455 -85.05 -59.71 22.01
C HIS B 455 -84.45 -60.47 20.84
N VAL B 456 -84.17 -61.75 21.11
CA VAL B 456 -83.58 -62.65 20.15
C VAL B 456 -84.39 -62.81 18.87
N LYS B 457 -85.70 -63.00 19.01
CA LYS B 457 -86.55 -63.17 17.84
C LYS B 457 -86.49 -61.94 16.94
N LYS B 458 -86.36 -60.78 17.57
CA LYS B 458 -86.26 -59.53 16.83
C LYS B 458 -84.93 -59.55 16.08
N ALA B 459 -83.85 -59.46 16.84
CA ALA B 459 -82.49 -59.46 16.32
C ALA B 459 -82.26 -60.48 15.21
N ILE B 460 -82.81 -61.68 15.36
CA ILE B 460 -82.63 -62.72 14.36
C ILE B 460 -83.31 -62.32 13.05
N ASN B 461 -84.51 -61.75 13.18
CA ASN B 461 -85.28 -61.32 12.01
C ASN B 461 -84.66 -60.12 11.29
N ASP B 462 -83.64 -59.50 11.89
CA ASP B 462 -82.97 -58.36 11.28
C ASP B 462 -81.74 -58.85 10.53
N ARG B 463 -81.51 -60.16 10.59
CA ARG B 463 -80.34 -60.75 9.97
C ARG B 463 -80.62 -61.82 8.92
N GLN B 464 -79.68 -61.97 7.98
CA GLN B 464 -79.80 -62.96 6.92
C GLN B 464 -79.44 -64.35 7.44
N MET B 465 -80.27 -64.88 8.33
CA MET B 465 -80.04 -66.19 8.92
C MET B 465 -79.84 -67.28 7.89
N PRO B 466 -78.88 -68.18 8.12
CA PRO B 466 -78.64 -69.26 7.17
C PRO B 466 -79.87 -70.13 6.96
N LYS B 467 -79.93 -70.77 5.80
CA LYS B 467 -81.05 -71.63 5.45
C LYS B 467 -80.74 -73.10 5.70
N VAL B 468 -81.56 -73.74 6.53
CA VAL B 468 -81.38 -75.14 6.88
C VAL B 468 -81.90 -76.11 5.82
N GLU B 469 -81.37 -77.32 5.83
CA GLU B 469 -81.76 -78.34 4.86
C GLU B 469 -81.27 -79.73 5.27
N TYR B 470 -82.20 -80.67 5.42
CA TYR B 470 -81.83 -82.04 5.80
C TYR B 470 -81.87 -82.95 4.57
N ARG B 471 -80.88 -83.82 4.44
CA ARG B 471 -80.79 -84.71 3.29
C ARG B 471 -80.24 -86.08 3.61
N ASP B 472 -81.05 -86.91 4.27
CA ASP B 472 -80.64 -88.26 4.63
C ASP B 472 -79.98 -88.97 3.45
N ILE B 473 -78.77 -89.45 3.64
CA ILE B 473 -78.04 -90.19 2.61
C ILE B 473 -77.98 -91.60 3.19
N GLU B 474 -77.21 -92.51 2.59
CA GLU B 474 -77.14 -93.85 3.15
C GLU B 474 -76.08 -94.79 2.60
N ILE B 475 -75.54 -95.60 3.51
CA ILE B 475 -74.51 -96.61 3.22
C ILE B 475 -74.97 -97.89 3.91
N ASP B 476 -75.17 -98.95 3.13
CA ASP B 476 -75.64 -100.23 3.67
C ASP B 476 -77.05 -100.05 4.22
N ASP B 477 -77.46 -100.93 5.12
CA ASP B 477 -78.80 -100.85 5.69
C ASP B 477 -79.00 -99.62 6.59
N TYR B 478 -78.13 -98.63 6.47
CA TYR B 478 -78.21 -97.41 7.27
C TYR B 478 -78.42 -96.15 6.44
N ASN B 479 -79.22 -95.23 6.96
CA ASN B 479 -79.47 -93.95 6.30
C ASN B 479 -78.82 -92.89 7.19
N LEU B 480 -77.80 -92.21 6.66
CA LEU B 480 -77.09 -91.22 7.45
C LEU B 480 -77.62 -89.80 7.25
N PRO B 481 -78.25 -89.23 8.30
CA PRO B 481 -78.80 -87.88 8.21
C PRO B 481 -77.65 -86.91 7.98
N MET B 482 -77.95 -85.78 7.35
CA MET B 482 -76.91 -84.79 7.12
C MET B 482 -77.51 -83.44 6.78
N GLN B 483 -77.52 -82.52 7.74
CA GLN B 483 -78.09 -81.22 7.46
C GLN B 483 -77.05 -80.33 6.78
N ILE B 484 -77.50 -79.54 5.84
CA ILE B 484 -76.62 -78.64 5.10
C ILE B 484 -77.15 -77.21 5.27
N LEU B 485 -76.25 -76.29 5.63
CA LEU B 485 -76.62 -74.89 5.83
C LEU B 485 -76.25 -74.05 4.61
N LYS B 486 -77.25 -73.35 4.06
CA LYS B 486 -77.05 -72.48 2.91
C LYS B 486 -77.15 -71.01 3.30
N PRO B 487 -76.29 -70.16 2.71
CA PRO B 487 -76.13 -68.71 2.90
C PRO B 487 -77.34 -67.79 3.05
N ALA B 488 -78.55 -68.31 2.88
CA ALA B 488 -79.77 -67.50 3.03
C ALA B 488 -80.13 -66.58 1.86
N THR B 489 -79.15 -66.25 1.03
CA THR B 489 -79.37 -65.39 -0.14
C THR B 489 -78.82 -66.26 -1.27
N PHE B 490 -78.97 -67.56 -1.03
CA PHE B 490 -78.53 -68.62 -1.90
C PHE B 490 -79.27 -68.68 -3.24
N THR B 491 -78.48 -68.67 -4.32
CA THR B 491 -79.04 -68.77 -5.66
C THR B 491 -78.61 -70.16 -6.11
N ASP B 492 -78.27 -70.30 -7.38
CA ASP B 492 -77.85 -71.58 -7.89
C ASP B 492 -76.76 -71.36 -8.92
N THR B 493 -76.64 -70.12 -9.37
CA THR B 493 -75.65 -69.74 -10.37
C THR B 493 -74.26 -69.79 -9.73
N THR B 494 -74.08 -68.92 -8.74
CA THR B 494 -72.83 -68.80 -8.01
C THR B 494 -72.40 -70.13 -7.39
N HIS B 495 -71.08 -70.29 -7.26
CA HIS B 495 -70.49 -71.49 -6.68
C HIS B 495 -69.99 -71.13 -5.28
N TYR B 496 -70.36 -71.95 -4.30
CA TYR B 496 -69.94 -71.71 -2.93
C TYR B 496 -68.88 -72.71 -2.46
N PRO B 497 -68.08 -72.31 -1.47
CA PRO B 497 -67.04 -73.18 -0.92
C PRO B 497 -67.70 -74.12 0.09
N LEU B 498 -67.18 -75.33 0.23
CA LEU B 498 -67.77 -76.30 1.12
C LEU B 498 -67.00 -76.45 2.44
N LEU B 499 -67.71 -76.33 3.56
CA LEU B 499 -67.08 -76.46 4.87
C LEU B 499 -67.68 -77.63 5.62
N LEU B 500 -66.96 -78.75 5.65
CA LEU B 500 -67.43 -79.93 6.36
C LEU B 500 -67.10 -79.77 7.84
N VAL B 501 -68.12 -79.70 8.68
CA VAL B 501 -67.91 -79.58 10.12
C VAL B 501 -68.23 -80.94 10.74
N VAL B 502 -67.19 -81.65 11.14
CA VAL B 502 -67.36 -82.98 11.70
C VAL B 502 -67.05 -83.13 13.18
N ASP B 503 -67.91 -83.86 13.87
CA ASP B 503 -67.76 -84.16 15.28
C ASP B 503 -67.48 -85.65 15.29
N GLY B 504 -68.55 -86.44 15.21
CA GLY B 504 -68.40 -87.88 15.14
C GLY B 504 -68.08 -88.66 16.39
N THR B 505 -68.29 -88.07 17.56
CA THR B 505 -68.00 -88.83 18.77
C THR B 505 -69.00 -89.94 18.81
N PRO B 506 -68.53 -91.19 18.97
CA PRO B 506 -69.47 -92.31 19.01
C PRO B 506 -70.58 -92.15 20.05
N GLY B 507 -71.83 -92.24 19.58
CA GLY B 507 -72.97 -92.11 20.46
C GLY B 507 -73.65 -90.77 20.35
N SER B 508 -72.88 -89.75 19.98
CA SER B 508 -73.41 -88.39 19.83
C SER B 508 -74.30 -88.23 18.61
N GLN B 509 -74.75 -87.00 18.39
CA GLN B 509 -75.63 -86.67 17.26
C GLN B 509 -75.33 -85.25 16.81
N SER B 510 -74.93 -85.09 15.54
CA SER B 510 -74.61 -83.78 15.00
C SER B 510 -75.74 -83.14 14.19
N VAL B 511 -76.68 -83.95 13.74
CA VAL B 511 -77.79 -83.46 12.94
C VAL B 511 -79.08 -83.42 13.75
N ALA B 512 -79.45 -82.24 14.22
CA ALA B 512 -80.67 -82.09 15.00
C ALA B 512 -81.28 -80.73 14.79
N GLU B 513 -82.57 -80.63 15.03
CA GLU B 513 -83.28 -79.37 14.84
C GLU B 513 -83.23 -78.42 16.04
N LYS B 514 -82.08 -78.34 16.70
CA LYS B 514 -81.92 -77.44 17.83
C LYS B 514 -81.56 -76.06 17.27
N PHE B 515 -81.72 -75.03 18.09
CA PHE B 515 -81.40 -73.68 17.67
C PHE B 515 -80.00 -73.32 18.12
N GLU B 516 -79.09 -73.22 17.16
CA GLU B 516 -77.71 -72.86 17.48
C GLU B 516 -77.17 -71.77 16.58
N VAL B 517 -76.30 -70.95 17.16
CA VAL B 517 -75.65 -69.87 16.44
C VAL B 517 -74.22 -69.80 16.93
N SER B 518 -73.29 -70.15 16.05
CA SER B 518 -71.86 -70.12 16.37
C SER B 518 -71.11 -69.53 15.18
N TRP B 519 -69.79 -69.67 15.16
CA TRP B 519 -68.95 -69.14 14.09
C TRP B 519 -69.35 -69.74 12.74
N GLU B 520 -70.08 -70.86 12.77
CA GLU B 520 -70.52 -71.51 11.55
C GLU B 520 -71.58 -70.60 10.91
N THR B 521 -72.45 -70.05 11.75
CA THR B 521 -73.50 -69.14 11.28
C THR B 521 -72.84 -67.96 10.58
N VAL B 522 -71.78 -67.44 11.19
CA VAL B 522 -71.03 -66.31 10.64
C VAL B 522 -70.44 -66.68 9.28
N MET B 523 -69.88 -67.89 9.19
CA MET B 523 -69.28 -68.36 7.95
C MET B 523 -70.28 -68.44 6.82
N VAL B 524 -71.50 -68.88 7.13
CA VAL B 524 -72.54 -69.00 6.12
C VAL B 524 -73.09 -67.61 5.78
N SER B 525 -73.44 -66.87 6.81
CA SER B 525 -74.01 -65.53 6.65
C SER B 525 -73.02 -64.49 6.12
N SER B 526 -72.06 -64.08 6.95
CA SER B 526 -71.08 -63.08 6.58
C SER B 526 -70.07 -63.42 5.50
N HIS B 527 -69.76 -64.70 5.31
CA HIS B 527 -68.79 -65.06 4.27
C HIS B 527 -69.33 -66.04 3.25
N GLY B 528 -70.65 -66.17 3.23
CA GLY B 528 -71.33 -67.03 2.29
C GLY B 528 -70.69 -68.35 1.91
N ALA B 529 -70.90 -69.36 2.74
CA ALA B 529 -70.35 -70.68 2.45
C ALA B 529 -71.37 -71.67 2.98
N VAL B 530 -71.38 -72.88 2.40
CA VAL B 530 -72.31 -73.89 2.86
C VAL B 530 -71.58 -74.89 3.76
N VAL B 531 -72.14 -75.11 4.95
CA VAL B 531 -71.55 -76.04 5.89
C VAL B 531 -72.35 -77.35 5.85
N VAL B 532 -71.65 -78.47 5.98
CA VAL B 532 -72.30 -79.77 5.96
C VAL B 532 -71.94 -80.60 7.18
N LYS B 533 -72.98 -81.14 7.83
CA LYS B 533 -72.80 -81.99 8.98
C LYS B 533 -73.46 -83.31 8.60
N CYS B 534 -72.92 -84.41 9.08
CA CYS B 534 -73.48 -85.72 8.77
C CYS B 534 -73.18 -86.67 9.91
N ASP B 535 -74.13 -87.56 10.21
CA ASP B 535 -73.94 -88.52 11.29
C ASP B 535 -73.82 -89.94 10.73
N GLY B 536 -72.59 -90.42 10.55
CA GLY B 536 -72.38 -91.76 10.02
C GLY B 536 -72.54 -92.86 11.05
N ARG B 537 -71.98 -94.06 10.81
CA ARG B 537 -72.12 -95.12 11.80
C ARG B 537 -71.30 -94.74 13.01
N GLY B 538 -71.86 -95.02 14.18
CA GLY B 538 -71.21 -94.67 15.42
C GLY B 538 -72.10 -93.61 16.01
N SER B 539 -72.91 -93.00 15.16
CA SER B 539 -73.84 -91.97 15.61
C SER B 539 -74.78 -92.63 16.60
N GLY B 540 -75.48 -91.82 17.39
CA GLY B 540 -76.41 -92.38 18.34
C GLY B 540 -77.81 -92.20 17.82
N PHE B 541 -78.81 -92.51 18.66
CA PHE B 541 -80.20 -92.35 18.33
C PHE B 541 -80.73 -93.11 17.11
N GLN B 542 -80.05 -94.19 16.74
CA GLN B 542 -80.49 -95.02 15.61
C GLN B 542 -80.13 -96.47 15.85
N GLY B 543 -80.35 -96.91 17.08
CA GLY B 543 -80.10 -98.29 17.44
C GLY B 543 -78.68 -98.81 17.51
N THR B 544 -78.52 -99.76 18.43
CA THR B 544 -77.28 -100.45 18.72
C THR B 544 -76.43 -100.77 17.51
N LYS B 545 -77.03 -101.46 16.53
CA LYS B 545 -76.34 -101.85 15.31
C LYS B 545 -75.52 -100.72 14.68
N LEU B 546 -76.16 -99.60 14.42
CA LEU B 546 -75.47 -98.45 13.82
C LEU B 546 -74.34 -97.98 14.71
N LEU B 547 -74.66 -97.77 15.99
CA LEU B 547 -73.70 -97.30 16.99
C LEU B 547 -72.41 -98.12 17.07
N HIS B 548 -72.55 -99.43 17.23
CA HIS B 548 -71.42 -100.35 17.36
C HIS B 548 -70.62 -100.61 16.10
N GLU B 549 -71.08 -100.06 14.99
CA GLU B 549 -70.37 -100.27 13.73
C GLU B 549 -68.91 -99.85 13.82
N VAL B 550 -68.60 -98.94 14.74
CA VAL B 550 -67.22 -98.45 14.86
C VAL B 550 -66.33 -99.19 15.86
N ARG B 551 -66.88 -100.17 16.58
CA ARG B 551 -66.10 -100.94 17.55
C ARG B 551 -64.76 -101.37 16.96
N ARG B 552 -63.68 -101.07 17.66
CA ARG B 552 -62.32 -101.41 17.24
C ARG B 552 -61.92 -100.88 15.88
N ARG B 553 -62.74 -100.00 15.31
CA ARG B 553 -62.48 -99.41 13.99
C ARG B 553 -62.58 -97.90 14.04
N LEU B 554 -62.49 -97.36 15.24
CA LEU B 554 -62.57 -95.94 15.47
C LEU B 554 -61.87 -95.15 14.37
N GLY B 555 -62.59 -94.21 13.76
CA GLY B 555 -61.98 -93.40 12.73
C GLY B 555 -61.88 -93.97 11.33
N LEU B 556 -62.21 -95.24 11.16
CA LEU B 556 -62.13 -95.84 9.83
C LEU B 556 -63.42 -95.62 9.06
N LEU B 557 -64.50 -96.20 9.56
CA LEU B 557 -65.78 -96.06 8.90
C LEU B 557 -66.14 -94.58 8.78
N GLU B 558 -66.17 -93.87 9.90
CA GLU B 558 -66.54 -92.47 9.86
C GLU B 558 -65.79 -91.66 8.81
N GLU B 559 -64.64 -92.15 8.38
CA GLU B 559 -63.89 -91.46 7.34
C GLU B 559 -64.65 -91.61 6.03
N LYS B 560 -65.11 -92.84 5.78
CA LYS B 560 -65.85 -93.16 4.57
C LYS B 560 -67.21 -92.49 4.58
N ASP B 561 -67.95 -92.67 5.67
CA ASP B 561 -69.27 -92.07 5.80
C ASP B 561 -69.19 -90.56 5.58
N GLN B 562 -68.16 -89.94 6.14
CA GLN B 562 -67.99 -88.51 5.99
C GLN B 562 -67.57 -88.16 4.56
N MET B 563 -66.62 -88.91 3.99
CA MET B 563 -66.19 -88.65 2.64
C MET B 563 -67.34 -88.82 1.66
N GLU B 564 -68.22 -89.76 1.95
CA GLU B 564 -69.37 -90.02 1.09
C GLU B 564 -70.33 -88.84 1.13
N ALA B 565 -70.51 -88.23 2.29
CA ALA B 565 -71.40 -87.08 2.43
C ALA B 565 -70.80 -85.88 1.72
N VAL B 566 -69.47 -85.83 1.67
CA VAL B 566 -68.77 -84.74 1.00
C VAL B 566 -68.93 -84.92 -0.50
N ARG B 567 -68.72 -86.14 -0.98
CA ARG B 567 -68.86 -86.42 -2.40
C ARG B 567 -70.24 -86.04 -2.92
N THR B 568 -71.29 -86.58 -2.31
CA THR B 568 -72.65 -86.29 -2.74
C THR B 568 -72.95 -84.80 -2.71
N MET B 569 -72.18 -84.05 -1.92
CA MET B 569 -72.37 -82.62 -1.81
C MET B 569 -71.54 -81.93 -2.90
N LEU B 570 -70.45 -82.59 -3.29
CA LEU B 570 -69.56 -82.07 -4.32
C LEU B 570 -70.24 -82.16 -5.69
N LYS B 571 -71.10 -83.16 -5.85
CA LYS B 571 -71.82 -83.35 -7.11
C LYS B 571 -72.67 -82.15 -7.49
N GLU B 572 -73.30 -81.51 -6.51
CA GLU B 572 -74.12 -80.34 -6.79
C GLU B 572 -73.32 -79.32 -7.57
N GLN B 573 -73.99 -78.38 -8.20
CA GLN B 573 -73.31 -77.37 -8.99
C GLN B 573 -73.14 -76.05 -8.24
N TYR B 574 -73.81 -75.92 -7.10
CA TYR B 574 -73.72 -74.69 -6.32
C TYR B 574 -72.57 -74.77 -5.31
N ILE B 575 -71.60 -75.62 -5.62
CA ILE B 575 -70.41 -75.83 -4.80
C ILE B 575 -69.27 -76.16 -5.75
N ASP B 576 -68.11 -75.54 -5.52
CA ASP B 576 -66.95 -75.77 -6.40
C ASP B 576 -65.83 -76.57 -5.77
N ARG B 577 -65.58 -77.74 -6.35
CA ARG B 577 -64.53 -78.65 -5.89
C ARG B 577 -63.25 -77.99 -5.35
N THR B 578 -62.90 -76.83 -5.88
CA THR B 578 -61.67 -76.17 -5.44
C THR B 578 -61.60 -75.67 -4.00
N ARG B 579 -62.73 -75.23 -3.45
CA ARG B 579 -62.72 -74.71 -2.09
C ARG B 579 -63.49 -75.59 -1.08
N VAL B 580 -62.89 -76.72 -0.72
CA VAL B 580 -63.47 -77.65 0.24
C VAL B 580 -62.62 -77.66 1.51
N ALA B 581 -63.25 -77.45 2.66
CA ALA B 581 -62.53 -77.42 3.93
C ALA B 581 -63.20 -78.29 5.00
N VAL B 582 -62.45 -78.64 6.03
CA VAL B 582 -62.98 -79.47 7.12
C VAL B 582 -62.53 -78.95 8.48
N PHE B 583 -63.40 -79.09 9.47
CA PHE B 583 -63.10 -78.67 10.83
C PHE B 583 -63.71 -79.63 11.82
N GLY B 584 -63.04 -79.79 12.96
CA GLY B 584 -63.53 -80.68 13.98
C GLY B 584 -62.82 -80.41 15.28
N LYS B 585 -63.51 -80.64 16.40
CA LYS B 585 -62.90 -80.42 17.70
C LYS B 585 -63.06 -81.67 18.55
N ASP B 586 -62.09 -81.90 19.43
CA ASP B 586 -62.08 -83.06 20.31
C ASP B 586 -61.99 -84.33 19.48
N TYR B 587 -62.95 -85.24 19.64
CA TYR B 587 -62.91 -86.45 18.83
C TYR B 587 -63.11 -86.00 17.40
N GLY B 588 -63.74 -84.85 17.25
CA GLY B 588 -63.99 -84.28 15.94
C GLY B 588 -62.69 -83.79 15.33
N GLY B 589 -61.75 -83.39 16.19
CA GLY B 589 -60.46 -82.93 15.69
C GLY B 589 -59.70 -84.13 15.17
N TYR B 590 -59.92 -85.28 15.79
CA TYR B 590 -59.26 -86.51 15.41
C TYR B 590 -59.72 -86.86 13.99
N LEU B 591 -61.03 -86.88 13.79
CA LEU B 591 -61.60 -87.19 12.48
C LEU B 591 -61.16 -86.14 11.50
N SER B 592 -61.22 -84.89 11.95
CA SER B 592 -60.84 -83.76 11.12
C SER B 592 -59.45 -83.97 10.52
N THR B 593 -58.46 -84.30 11.35
CA THR B 593 -57.12 -84.49 10.82
C THR B 593 -56.98 -85.84 10.13
N TYR B 594 -57.94 -86.72 10.34
CA TYR B 594 -57.91 -88.04 9.74
C TYR B 594 -58.39 -87.94 8.28
N ILE B 595 -59.28 -86.99 8.04
CA ILE B 595 -59.86 -86.77 6.72
C ILE B 595 -59.14 -85.77 5.81
N LEU B 596 -57.82 -85.82 5.73
CA LEU B 596 -57.16 -84.91 4.80
C LEU B 596 -56.43 -85.75 3.76
N PRO B 597 -57.20 -86.34 2.84
CA PRO B 597 -56.70 -87.19 1.76
C PRO B 597 -57.18 -86.67 0.40
N ALA B 598 -57.11 -87.59 -0.56
CA ALA B 598 -57.51 -87.34 -1.93
C ALA B 598 -58.25 -88.61 -2.37
N LYS B 599 -59.53 -88.48 -2.68
CA LYS B 599 -60.29 -89.65 -3.11
C LYS B 599 -59.80 -90.08 -4.50
N GLY B 600 -59.76 -91.38 -4.73
CA GLY B 600 -59.27 -91.90 -5.99
C GLY B 600 -57.77 -91.72 -5.92
N GLU B 601 -57.16 -91.22 -6.99
CA GLU B 601 -55.73 -90.95 -7.00
C GLU B 601 -55.47 -89.86 -8.02
N ASN B 602 -56.04 -90.03 -9.21
CA ASN B 602 -55.91 -89.06 -10.27
C ASN B 602 -56.72 -87.84 -9.85
N GLN B 603 -57.80 -88.08 -9.12
CA GLN B 603 -58.66 -87.01 -8.62
C GLN B 603 -58.29 -86.74 -7.17
N GLY B 604 -57.01 -86.44 -6.95
CA GLY B 604 -56.51 -86.17 -5.61
C GLY B 604 -56.83 -84.80 -5.04
N GLN B 605 -56.35 -84.55 -3.82
CA GLN B 605 -56.56 -83.29 -3.12
C GLN B 605 -58.04 -82.92 -3.01
N THR B 606 -58.75 -83.61 -2.12
CA THR B 606 -60.18 -83.35 -1.93
C THR B 606 -60.40 -82.09 -1.11
N PHE B 607 -59.52 -81.85 -0.15
CA PHE B 607 -59.63 -80.67 0.70
C PHE B 607 -58.50 -79.69 0.45
N THR B 608 -58.78 -78.41 0.70
CA THR B 608 -57.82 -77.34 0.53
C THR B 608 -57.15 -77.07 1.86
N CYS B 609 -57.97 -77.02 2.91
CA CYS B 609 -57.48 -76.75 4.25
C CYS B 609 -58.38 -77.38 5.29
N GLY B 610 -57.79 -77.73 6.43
CA GLY B 610 -58.54 -78.33 7.52
C GLY B 610 -58.03 -77.81 8.86
N SER B 611 -58.80 -78.02 9.91
CA SER B 611 -58.41 -77.56 11.22
C SER B 611 -58.93 -78.48 12.32
N ALA B 612 -58.13 -78.65 13.37
CA ALA B 612 -58.51 -79.49 14.49
C ALA B 612 -58.28 -78.75 15.80
N LEU B 613 -59.32 -78.74 16.64
CA LEU B 613 -59.25 -78.08 17.93
C LEU B 613 -59.12 -79.12 19.04
N SER B 614 -58.00 -79.08 19.77
CA SER B 614 -57.77 -80.06 20.83
C SER B 614 -58.04 -81.46 20.29
N PRO B 615 -57.33 -81.86 19.24
CA PRO B 615 -57.49 -83.17 18.62
C PRO B 615 -56.86 -84.33 19.39
N ILE B 616 -57.60 -85.41 19.53
CA ILE B 616 -57.05 -86.58 20.18
C ILE B 616 -56.37 -87.27 18.97
N THR B 617 -55.15 -87.76 19.14
CA THR B 617 -54.42 -88.37 18.04
C THR B 617 -53.82 -89.73 18.34
N ASP B 618 -54.10 -90.24 19.53
CA ASP B 618 -53.57 -91.53 19.93
C ASP B 618 -54.32 -92.03 21.15
N PHE B 619 -55.26 -92.94 20.96
CA PHE B 619 -56.07 -93.45 22.06
C PHE B 619 -55.29 -94.13 23.19
N LYS B 620 -53.98 -94.25 23.02
CA LYS B 620 -53.14 -94.84 24.07
C LYS B 620 -52.93 -93.73 25.09
N LEU B 621 -53.03 -92.49 24.62
CA LEU B 621 -52.83 -91.32 25.45
C LEU B 621 -54.14 -90.72 25.94
N TYR B 622 -55.26 -91.39 25.64
CA TYR B 622 -56.54 -90.85 26.07
C TYR B 622 -57.11 -91.60 27.28
N ALA B 623 -58.07 -90.97 27.93
CA ALA B 623 -58.74 -91.52 29.11
C ALA B 623 -59.18 -92.96 28.93
N SER B 624 -58.80 -93.81 29.87
CA SER B 624 -59.14 -95.23 29.83
C SER B 624 -60.59 -95.47 29.47
N ALA B 625 -61.49 -94.95 30.31
CA ALA B 625 -62.92 -95.11 30.12
C ALA B 625 -63.43 -94.88 28.71
N PHE B 626 -62.76 -94.02 27.95
CA PHE B 626 -63.18 -93.73 26.59
C PHE B 626 -62.60 -94.73 25.58
N SER B 627 -61.28 -94.80 25.52
CA SER B 627 -60.57 -95.69 24.61
C SER B 627 -60.99 -97.14 24.76
N GLU B 628 -60.87 -97.66 25.98
CA GLU B 628 -61.20 -99.05 26.26
C GLU B 628 -62.64 -99.40 25.87
N ARG B 629 -63.52 -98.42 25.93
CA ARG B 629 -64.91 -98.65 25.58
C ARG B 629 -65.10 -99.03 24.11
N TYR B 630 -64.32 -98.43 23.23
CA TYR B 630 -64.45 -98.70 21.79
C TYR B 630 -63.39 -99.63 21.22
N LEU B 631 -62.22 -99.69 21.88
CA LEU B 631 -61.14 -100.55 21.38
C LEU B 631 -60.84 -101.73 22.29
N GLY B 632 -61.60 -101.88 23.38
CA GLY B 632 -61.38 -102.98 24.30
C GLY B 632 -60.21 -102.68 25.21
N LEU B 633 -60.03 -103.50 26.24
CA LEU B 633 -58.94 -103.28 27.18
C LEU B 633 -57.59 -103.34 26.47
N HIS B 634 -56.62 -102.64 27.03
CA HIS B 634 -55.28 -102.58 26.46
C HIS B 634 -54.41 -103.64 27.14
N GLY B 635 -53.34 -103.19 27.79
CA GLY B 635 -52.44 -104.10 28.48
C GLY B 635 -51.77 -105.10 27.56
N LEU B 636 -52.45 -106.21 27.30
CA LEU B 636 -51.93 -107.26 26.42
C LEU B 636 -52.00 -106.77 24.97
N ASP B 637 -51.91 -105.44 24.84
CA ASP B 637 -51.95 -104.74 23.56
C ASP B 637 -53.07 -105.24 22.64
N ASN B 638 -54.23 -104.60 22.74
CA ASN B 638 -55.39 -104.96 21.94
C ASN B 638 -55.14 -104.60 20.49
N ARG B 639 -53.98 -104.00 20.24
CA ARG B 639 -53.53 -103.58 18.92
C ARG B 639 -54.61 -103.01 17.99
N ALA B 640 -55.41 -102.12 18.55
CA ALA B 640 -56.46 -101.44 17.81
C ALA B 640 -56.01 -100.01 18.03
N TYR B 641 -55.22 -99.85 19.08
CA TYR B 641 -54.67 -98.56 19.48
C TYR B 641 -53.55 -98.18 18.53
N GLU B 642 -53.16 -99.12 17.66
CA GLU B 642 -52.08 -98.85 16.72
C GLU B 642 -52.59 -98.37 15.38
N MET B 643 -53.58 -99.08 14.84
CA MET B 643 -54.13 -98.73 13.55
C MET B 643 -55.03 -97.50 13.58
N THR B 644 -55.53 -97.18 14.77
CA THR B 644 -56.40 -96.01 14.92
C THR B 644 -55.58 -94.74 15.00
N LYS B 645 -54.29 -94.87 15.33
CA LYS B 645 -53.41 -93.71 15.43
C LYS B 645 -53.54 -92.88 14.16
N VAL B 646 -53.85 -91.59 14.33
CA VAL B 646 -54.03 -90.71 13.19
C VAL B 646 -52.71 -90.48 12.46
N ALA B 647 -51.61 -90.86 13.11
CA ALA B 647 -50.28 -90.69 12.53
C ALA B 647 -50.14 -91.31 11.15
N HIS B 648 -50.72 -92.50 10.98
CA HIS B 648 -50.67 -93.20 9.72
C HIS B 648 -51.24 -92.42 8.55
N ARG B 649 -52.21 -91.56 8.84
CA ARG B 649 -52.86 -90.76 7.79
C ARG B 649 -52.13 -89.49 7.33
N VAL B 650 -51.54 -88.75 8.26
CA VAL B 650 -50.85 -87.51 7.89
C VAL B 650 -49.72 -87.75 6.89
N SER B 651 -49.30 -89.00 6.77
CA SER B 651 -48.24 -89.38 5.85
C SER B 651 -48.55 -88.83 4.47
N ALA B 652 -49.83 -88.89 4.09
CA ALA B 652 -50.28 -88.37 2.81
C ALA B 652 -50.03 -86.87 2.83
N LEU B 653 -51.06 -86.10 3.17
CA LEU B 653 -50.94 -84.64 3.26
C LEU B 653 -49.95 -84.09 2.25
N GLU B 654 -50.46 -83.47 1.19
CA GLU B 654 -49.56 -82.94 0.19
C GLU B 654 -49.58 -81.43 0.02
N GLU B 655 -50.77 -80.87 -0.10
CA GLU B 655 -50.90 -79.44 -0.33
C GLU B 655 -51.84 -78.68 0.58
N GLN B 656 -52.52 -79.40 1.46
CA GLN B 656 -53.49 -78.76 2.35
C GLN B 656 -52.88 -77.94 3.49
N GLN B 657 -53.59 -76.88 3.88
CA GLN B 657 -53.16 -76.03 4.98
C GLN B 657 -53.76 -76.68 6.23
N PHE B 658 -52.93 -76.92 7.24
CA PHE B 658 -53.39 -77.56 8.47
C PHE B 658 -53.21 -76.65 9.68
N LEU B 659 -54.33 -76.25 10.28
CA LEU B 659 -54.28 -75.38 11.45
C LEU B 659 -54.77 -76.11 12.69
N ILE B 660 -53.84 -76.33 13.62
CA ILE B 660 -54.14 -77.01 14.87
C ILE B 660 -54.28 -75.97 15.96
N ILE B 661 -55.41 -75.98 16.66
CA ILE B 661 -55.63 -75.07 17.78
C ILE B 661 -55.69 -75.92 19.04
N HIS B 662 -54.91 -75.57 20.06
CA HIS B 662 -54.91 -76.36 21.27
C HIS B 662 -54.54 -75.59 22.52
N PRO B 663 -55.43 -75.59 23.52
CA PRO B 663 -55.17 -74.88 24.78
C PRO B 663 -54.14 -75.74 25.52
N THR B 664 -53.06 -75.09 25.93
CA THR B 664 -51.93 -75.75 26.58
C THR B 664 -52.13 -76.58 27.84
N ALA B 665 -52.95 -76.11 28.75
CA ALA B 665 -53.17 -76.87 29.98
C ALA B 665 -54.47 -77.64 29.87
N ASP B 666 -54.73 -78.19 28.69
CA ASP B 666 -55.94 -78.97 28.45
C ASP B 666 -55.91 -80.22 29.34
N GLU B 667 -56.89 -80.33 30.23
CA GLU B 667 -56.98 -81.46 31.16
C GLU B 667 -57.76 -82.64 30.62
N LYS B 668 -58.51 -82.42 29.55
CA LYS B 668 -59.30 -83.49 28.95
C LYS B 668 -58.55 -84.21 27.84
N ILE B 669 -58.08 -83.46 26.85
CA ILE B 669 -57.33 -84.01 25.75
C ILE B 669 -55.96 -83.32 25.84
N HIS B 670 -55.02 -83.98 26.51
CA HIS B 670 -53.69 -83.44 26.74
C HIS B 670 -52.99 -82.88 25.50
N PHE B 671 -52.34 -81.74 25.67
CA PHE B 671 -51.59 -81.10 24.58
C PHE B 671 -50.63 -82.14 24.02
N GLN B 672 -50.35 -83.14 24.84
CA GLN B 672 -49.45 -84.23 24.47
C GLN B 672 -49.82 -84.77 23.10
N HIS B 673 -51.12 -84.87 22.84
CA HIS B 673 -51.56 -85.39 21.55
C HIS B 673 -51.03 -84.50 20.44
N THR B 674 -51.37 -83.21 20.50
CA THR B 674 -50.92 -82.28 19.49
C THR B 674 -49.39 -82.34 19.33
N ALA B 675 -48.69 -82.52 20.44
CA ALA B 675 -47.23 -82.61 20.39
C ALA B 675 -46.79 -83.83 19.61
N GLU B 676 -47.35 -84.98 19.96
CA GLU B 676 -47.01 -86.21 19.27
C GLU B 676 -47.34 -86.08 17.78
N LEU B 677 -48.49 -85.46 17.48
CA LEU B 677 -48.93 -85.28 16.10
C LEU B 677 -47.94 -84.44 15.30
N ILE B 678 -47.55 -83.30 15.85
CA ILE B 678 -46.61 -82.43 15.17
C ILE B 678 -45.30 -83.15 14.89
N THR B 679 -44.88 -84.00 15.81
CA THR B 679 -43.65 -84.75 15.62
C THR B 679 -43.79 -85.54 14.33
N GLN B 680 -44.96 -86.14 14.13
CA GLN B 680 -45.22 -86.93 12.93
C GLN B 680 -45.25 -86.05 11.70
N LEU B 681 -45.88 -84.89 11.81
CA LEU B 681 -45.96 -83.96 10.69
C LEU B 681 -44.56 -83.55 10.28
N ILE B 682 -43.66 -83.51 11.26
CA ILE B 682 -42.28 -83.12 11.02
C ILE B 682 -41.49 -84.22 10.32
N ARG B 683 -41.66 -85.47 10.78
CA ARG B 683 -40.96 -86.58 10.17
C ARG B 683 -41.51 -86.78 8.75
N GLY B 684 -42.83 -86.61 8.62
CA GLY B 684 -43.47 -86.77 7.32
C GLY B 684 -43.30 -85.56 6.43
N LYS B 685 -42.60 -84.56 6.94
CA LYS B 685 -42.35 -83.34 6.19
C LYS B 685 -43.62 -82.70 5.63
N ALA B 686 -44.66 -82.63 6.47
CA ALA B 686 -45.93 -82.04 6.08
C ALA B 686 -45.94 -80.58 6.57
N ASN B 687 -46.89 -79.79 6.11
CA ASN B 687 -46.97 -78.39 6.55
C ASN B 687 -48.14 -78.22 7.50
N TYR B 688 -47.88 -77.58 8.63
CA TYR B 688 -48.92 -77.35 9.62
C TYR B 688 -48.74 -75.96 10.21
N SER B 689 -49.62 -75.62 11.13
CA SER B 689 -49.57 -74.34 11.82
C SER B 689 -50.25 -74.54 13.16
N LEU B 690 -49.63 -74.04 14.21
CA LEU B 690 -50.19 -74.21 15.53
C LEU B 690 -50.59 -72.89 16.16
N GLN B 691 -51.73 -72.91 16.85
CA GLN B 691 -52.20 -71.77 17.59
C GLN B 691 -52.43 -72.33 18.97
N ILE B 692 -51.77 -71.72 19.94
CA ILE B 692 -51.81 -72.19 21.30
C ILE B 692 -52.55 -71.24 22.23
N TYR B 693 -52.99 -71.76 23.37
CA TYR B 693 -53.67 -70.95 24.37
C TYR B 693 -52.98 -71.25 25.70
N PRO B 694 -51.82 -70.62 25.91
CA PRO B 694 -50.98 -70.76 27.10
C PRO B 694 -51.73 -70.91 28.41
N ASP B 695 -51.41 -71.98 29.13
CA ASP B 695 -52.02 -72.29 30.43
C ASP B 695 -53.53 -72.38 30.46
N GLU B 696 -54.15 -72.33 29.30
CA GLU B 696 -55.60 -72.45 29.23
C GLU B 696 -56.10 -73.87 29.36
N SER B 697 -57.26 -74.01 29.99
CA SER B 697 -57.90 -75.29 30.19
C SER B 697 -58.52 -75.78 28.89
N HIS B 698 -59.20 -76.92 28.94
CA HIS B 698 -59.83 -77.47 27.76
C HIS B 698 -61.12 -76.78 27.32
N TYR B 699 -61.93 -76.28 28.25
CA TYR B 699 -63.21 -75.71 27.86
C TYR B 699 -63.47 -74.30 27.29
N PHE B 700 -62.68 -73.30 27.64
CA PHE B 700 -62.93 -71.95 27.12
C PHE B 700 -64.21 -71.35 27.74
N THR B 701 -64.22 -71.20 29.06
CA THR B 701 -65.37 -70.64 29.76
C THR B 701 -65.20 -69.14 29.94
N SER B 702 -64.69 -68.50 28.89
CA SER B 702 -64.45 -67.06 28.89
C SER B 702 -64.95 -66.49 27.59
N SER B 703 -66.05 -65.73 27.65
CA SER B 703 -66.63 -65.11 26.48
C SER B 703 -65.52 -64.41 25.68
N SER B 704 -64.65 -63.74 26.42
CA SER B 704 -63.53 -63.03 25.83
C SER B 704 -62.71 -64.02 24.99
N LEU B 705 -62.34 -65.14 25.60
CA LEU B 705 -61.55 -66.17 24.92
C LEU B 705 -62.32 -66.86 23.81
N LYS B 706 -63.51 -67.35 24.15
CA LYS B 706 -64.35 -68.04 23.18
C LYS B 706 -64.44 -67.21 21.90
N GLN B 707 -64.59 -65.90 22.09
CA GLN B 707 -64.66 -64.97 20.98
C GLN B 707 -63.37 -65.03 20.15
N HIS B 708 -62.23 -64.78 20.78
CA HIS B 708 -60.95 -64.85 20.10
C HIS B 708 -60.86 -66.18 19.34
N LEU B 709 -61.30 -67.26 19.98
CA LEU B 709 -61.27 -68.58 19.38
C LEU B 709 -62.00 -68.55 18.05
N TYR B 710 -63.29 -68.24 18.10
CA TYR B 710 -64.12 -68.18 16.90
C TYR B 710 -63.47 -67.33 15.82
N ARG B 711 -63.11 -66.09 16.16
CA ARG B 711 -62.49 -65.20 15.20
C ARG B 711 -61.34 -65.96 14.52
N SER B 712 -60.43 -66.50 15.32
CA SER B 712 -59.31 -67.25 14.78
C SER B 712 -59.80 -68.29 13.78
N ILE B 713 -60.75 -69.10 14.20
CA ILE B 713 -61.27 -70.12 13.30
C ILE B 713 -61.84 -69.52 12.02
N ILE B 714 -62.77 -68.57 12.12
CA ILE B 714 -63.31 -68.02 10.87
C ILE B 714 -62.23 -67.42 9.98
N ASN B 715 -61.26 -66.74 10.60
CA ASN B 715 -60.15 -66.12 9.85
C ASN B 715 -59.33 -67.12 9.06
N PHE B 716 -59.33 -68.38 9.49
CA PHE B 716 -58.56 -69.41 8.81
C PHE B 716 -59.23 -69.87 7.52
N PHE B 717 -60.42 -70.42 7.66
CA PHE B 717 -61.19 -70.92 6.52
C PHE B 717 -61.51 -69.84 5.49
N VAL B 718 -61.98 -68.69 6.00
CA VAL B 718 -62.34 -67.56 5.16
C VAL B 718 -61.17 -67.18 4.26
N GLU B 719 -59.96 -67.45 4.76
CA GLU B 719 -58.75 -67.16 4.01
C GLU B 719 -58.58 -68.15 2.87
N CYS B 720 -58.27 -69.40 3.20
CA CYS B 720 -58.11 -70.43 2.17
C CYS B 720 -59.39 -70.67 1.40
N PHE B 721 -60.25 -69.65 1.34
CA PHE B 721 -61.50 -69.73 0.61
C PHE B 721 -61.58 -68.65 -0.46
N ARG B 722 -61.42 -67.39 -0.06
CA ARG B 722 -61.48 -66.32 -1.06
C ARG B 722 -60.40 -66.59 -2.10
N ILE B 723 -60.69 -66.29 -3.36
CA ILE B 723 -59.75 -66.52 -4.45
C ILE B 723 -59.36 -65.22 -5.16
N GLN C 1 7.96 94.33 -39.51
CA GLN C 1 6.85 95.06 -38.84
C GLN C 1 7.19 95.39 -37.38
N LYS C 2 7.78 94.44 -36.67
CA LYS C 2 8.15 94.68 -35.27
C LYS C 2 9.37 93.88 -34.81
N LYS C 3 10.12 94.51 -33.91
CA LYS C 3 11.34 93.98 -33.30
C LYS C 3 11.68 92.52 -33.55
N LYS C 4 12.93 92.26 -33.92
CA LYS C 4 13.43 90.91 -34.15
C LYS C 4 14.11 90.49 -32.84
N VAL C 5 14.13 89.19 -32.57
CA VAL C 5 14.75 88.70 -31.34
C VAL C 5 16.27 88.88 -31.41
N THR C 6 16.81 89.64 -30.47
CA THR C 6 18.25 89.90 -30.43
C THR C 6 18.89 89.26 -29.20
N VAL C 7 20.22 89.24 -29.17
CA VAL C 7 20.95 88.65 -28.04
C VAL C 7 20.60 89.36 -26.74
N GLU C 8 20.50 90.68 -26.79
CA GLU C 8 20.16 91.45 -25.59
C GLU C 8 18.86 90.88 -25.04
N ASP C 9 17.90 90.67 -25.94
CA ASP C 9 16.61 90.13 -25.56
C ASP C 9 16.80 88.83 -24.78
N LEU C 10 17.63 87.94 -25.31
CA LEU C 10 17.88 86.65 -24.67
C LEU C 10 18.18 86.81 -23.18
N PHE C 11 19.04 87.76 -22.85
CA PHE C 11 19.42 87.99 -21.47
C PHE C 11 18.63 89.12 -20.82
N SER C 12 17.44 89.40 -21.37
CA SER C 12 16.59 90.45 -20.85
C SER C 12 15.81 89.98 -19.64
N GLU C 13 15.60 90.87 -18.68
CA GLU C 13 14.84 90.52 -17.49
C GLU C 13 13.42 90.26 -17.95
N ASP C 14 13.15 90.60 -19.20
CA ASP C 14 11.83 90.43 -19.80
C ASP C 14 11.58 89.00 -20.24
N PHE C 15 12.56 88.40 -20.92
CA PHE C 15 12.42 87.03 -21.41
C PHE C 15 12.82 85.99 -20.37
N LYS C 16 13.13 86.42 -19.15
CA LYS C 16 13.50 85.49 -18.10
C LYS C 16 12.27 84.78 -17.52
N ILE C 17 12.25 83.46 -17.66
CA ILE C 17 11.17 82.63 -17.15
C ILE C 17 11.39 82.51 -15.64
N HIS C 18 10.30 82.44 -14.87
CA HIS C 18 10.43 82.32 -13.43
C HIS C 18 9.84 81.00 -12.93
N ASP C 19 10.70 80.10 -12.48
CA ASP C 19 10.22 78.81 -12.00
C ASP C 19 10.01 78.88 -10.49
N PRO C 20 8.74 78.77 -10.06
CA PRO C 20 8.36 78.83 -8.66
C PRO C 20 8.98 77.71 -7.86
N GLU C 21 9.49 76.69 -8.56
CA GLU C 21 10.09 75.53 -7.91
C GLU C 21 9.14 75.05 -6.82
N ALA C 22 7.89 74.82 -7.19
CA ALA C 22 6.88 74.38 -6.24
C ALA C 22 7.17 72.94 -5.78
N LYS C 23 7.03 72.70 -4.48
CA LYS C 23 7.30 71.39 -3.92
C LYS C 23 6.33 71.04 -2.78
N TRP C 24 5.64 69.91 -2.91
CA TRP C 24 4.69 69.48 -1.89
C TRP C 24 5.35 69.16 -0.56
N ILE C 25 4.66 69.47 0.53
CA ILE C 25 5.15 69.24 1.89
C ILE C 25 4.22 68.27 2.59
N SER C 26 2.99 68.22 2.10
CA SER C 26 1.94 67.36 2.64
C SER C 26 1.05 66.92 1.50
N ASP C 27 -0.12 66.42 1.85
CA ASP C 27 -1.11 65.96 0.88
C ASP C 27 -2.13 67.06 0.65
N THR C 28 -1.85 68.24 1.21
CA THR C 28 -2.75 69.38 1.10
C THR C 28 -2.05 70.68 0.76
N GLU C 29 -0.71 70.68 0.73
CA GLU C 29 0.00 71.93 0.45
C GLU C 29 1.42 71.80 -0.10
N PHE C 30 1.81 72.79 -0.90
CA PHE C 30 3.14 72.85 -1.50
C PHE C 30 3.84 74.13 -1.07
N ILE C 31 5.17 74.12 -1.12
CA ILE C 31 5.97 75.27 -0.69
C ILE C 31 5.67 76.63 -1.30
N TYR C 32 5.37 76.69 -2.60
CA TYR C 32 5.10 77.95 -3.27
C TYR C 32 6.42 78.72 -3.18
N ARG C 33 7.47 78.02 -3.57
CA ARG C 33 8.82 78.52 -3.56
C ARG C 33 8.87 79.88 -4.26
N GLU C 34 9.72 80.77 -3.76
CA GLU C 34 9.92 82.12 -4.30
C GLU C 34 8.97 82.51 -5.44
N GLN C 35 8.20 83.57 -5.23
CA GLN C 35 7.28 84.05 -6.25
C GLN C 35 8.02 85.04 -7.13
N LYS C 36 9.10 85.59 -6.57
CA LYS C 36 10.00 86.57 -7.18
C LYS C 36 10.56 87.36 -6.01
N GLY C 37 11.13 86.59 -5.08
CA GLY C 37 11.71 87.12 -3.87
C GLY C 37 11.29 86.25 -2.71
N THR C 38 10.20 86.64 -2.07
CA THR C 38 9.65 85.93 -0.93
C THR C 38 9.21 84.48 -1.19
N VAL C 39 9.37 83.65 -0.16
CA VAL C 39 9.01 82.24 -0.19
C VAL C 39 7.73 82.03 0.62
N ARG C 40 6.70 81.51 -0.02
CA ARG C 40 5.42 81.30 0.65
C ARG C 40 5.12 79.87 1.09
N LEU C 41 3.84 79.52 1.06
CA LEU C 41 3.35 78.21 1.45
C LEU C 41 1.85 78.13 1.18
N TRP C 42 1.51 77.74 -0.05
CA TRP C 42 0.13 77.61 -0.47
C TRP C 42 -0.55 76.42 0.19
N ASN C 43 -1.85 76.52 0.40
CA ASN C 43 -2.62 75.45 0.99
C ASN C 43 -3.82 75.22 0.09
N VAL C 44 -3.62 74.42 -0.95
CA VAL C 44 -4.64 74.11 -1.94
C VAL C 44 -6.07 73.88 -1.43
N GLU C 45 -6.22 73.21 -0.29
CA GLU C 45 -7.55 72.94 0.24
C GLU C 45 -8.33 74.19 0.61
N THR C 46 -7.64 75.18 1.15
CA THR C 46 -8.27 76.43 1.55
C THR C 46 -7.34 77.59 1.32
N ASN C 47 -7.16 77.97 0.06
CA ASN C 47 -6.30 79.07 -0.35
C ASN C 47 -5.70 79.87 0.81
N THR C 48 -4.62 79.34 1.40
CA THR C 48 -3.94 79.99 2.51
C THR C 48 -2.44 79.99 2.26
N SER C 49 -1.98 80.86 1.37
CA SER C 49 -0.55 80.95 1.07
C SER C 49 0.17 81.85 2.07
N THR C 50 0.57 81.26 3.20
CA THR C 50 1.27 81.99 4.25
C THR C 50 2.63 82.47 3.73
N VAL C 51 3.44 83.03 4.61
CA VAL C 51 4.76 83.50 4.24
C VAL C 51 5.79 82.80 5.12
N LEU C 52 6.73 82.10 4.49
CA LEU C 52 7.76 81.37 5.22
C LEU C 52 9.08 82.14 5.28
N ILE C 53 9.51 82.68 4.15
CA ILE C 53 10.74 83.46 4.07
C ILE C 53 10.44 84.64 3.13
N GLU C 54 11.18 85.73 3.28
CA GLU C 54 10.95 86.91 2.46
C GLU C 54 12.24 87.43 1.84
N GLY C 55 12.17 88.61 1.23
CA GLY C 55 13.35 89.21 0.63
C GLY C 55 14.42 89.51 1.66
N LYS C 56 14.56 88.62 2.64
CA LYS C 56 15.57 88.75 3.67
C LYS C 56 16.66 87.77 3.24
N LYS C 57 16.42 87.13 2.10
CA LYS C 57 17.37 86.20 1.51
C LYS C 57 18.41 87.08 0.85
N ILE C 58 17.93 88.15 0.22
CA ILE C 58 18.80 89.13 -0.43
C ILE C 58 19.77 89.58 0.67
N GLU C 59 19.21 89.72 1.87
CA GLU C 59 19.97 90.12 3.06
C GLU C 59 21.18 89.21 3.18
N SER C 60 20.90 87.92 3.39
CA SER C 60 21.96 86.92 3.53
C SER C 60 22.75 86.81 2.23
N LEU C 61 23.51 87.86 1.94
CA LEU C 61 24.35 87.96 0.75
C LEU C 61 23.73 87.11 -0.37
N ARG C 62 22.50 87.45 -0.72
CA ARG C 62 21.77 86.76 -1.76
C ARG C 62 22.06 85.27 -1.73
N ALA C 63 21.56 84.60 -0.71
CA ALA C 63 21.76 83.16 -0.59
C ALA C 63 21.30 82.56 -1.91
N ILE C 64 22.19 81.83 -2.55
CA ILE C 64 21.88 81.21 -3.83
C ILE C 64 20.88 80.09 -3.66
N ARG C 65 21.02 79.34 -2.57
CA ARG C 65 20.14 78.23 -2.30
C ARG C 65 19.58 78.33 -0.89
N TYR C 66 18.45 77.67 -0.66
CA TYR C 66 17.82 77.67 0.63
C TYR C 66 16.92 76.45 0.75
N GLU C 67 16.70 75.99 1.98
CA GLU C 67 15.83 74.85 2.18
C GLU C 67 15.20 74.92 3.56
N ILE C 68 13.88 74.89 3.59
CA ILE C 68 13.11 74.93 4.82
C ILE C 68 13.18 73.55 5.48
N SER C 69 13.26 73.51 6.81
CA SER C 69 13.34 72.23 7.52
C SER C 69 12.00 71.54 7.49
N PRO C 70 11.95 70.24 7.85
CA PRO C 70 10.68 69.52 7.84
C PRO C 70 9.69 70.06 8.87
N ASP C 71 10.15 70.30 10.09
CA ASP C 71 9.27 70.83 11.13
C ASP C 71 8.94 72.30 10.87
N ARG C 72 9.30 72.77 9.68
CA ARG C 72 9.03 74.13 9.25
C ARG C 72 9.36 75.22 10.26
N GLU C 73 10.38 74.98 11.08
CA GLU C 73 10.78 75.97 12.07
C GLU C 73 12.14 76.60 11.80
N TYR C 74 12.83 76.15 10.75
CA TYR C 74 14.12 76.70 10.39
C TYR C 74 14.32 76.66 8.87
N ALA C 75 15.38 77.32 8.42
CA ALA C 75 15.69 77.34 6.99
C ALA C 75 17.20 77.28 6.81
N LEU C 76 17.62 76.65 5.73
CA LEU C 76 19.03 76.51 5.42
C LEU C 76 19.35 77.39 4.22
N PHE C 77 20.16 78.42 4.44
CA PHE C 77 20.53 79.33 3.37
C PHE C 77 21.97 79.08 2.98
N SER C 78 22.30 79.27 1.70
CA SER C 78 23.67 79.10 1.27
C SER C 78 24.08 80.32 0.45
N TYR C 79 25.29 80.82 0.68
CA TYR C 79 25.75 81.99 -0.05
C TYR C 79 27.18 81.87 -0.54
N ASN C 80 27.55 82.78 -1.43
CA ASN C 80 28.88 82.77 -2.01
C ASN C 80 29.12 81.39 -2.58
N VAL C 81 28.08 80.83 -3.20
CA VAL C 81 28.20 79.51 -3.79
C VAL C 81 28.96 79.57 -5.09
N GLU C 82 29.99 78.73 -5.21
CA GLU C 82 30.78 78.67 -6.43
C GLU C 82 30.57 77.30 -7.05
N PRO C 83 30.22 77.27 -8.35
CA PRO C 83 29.96 76.06 -9.14
C PRO C 83 31.16 75.15 -9.31
N ILE C 84 31.07 73.90 -8.83
CA ILE C 84 32.19 72.99 -8.98
C ILE C 84 32.08 72.30 -10.34
N TYR C 85 31.45 71.13 -10.39
CA TYR C 85 31.30 70.46 -11.67
C TYR C 85 29.96 70.89 -12.26
N GLN C 86 29.15 69.93 -12.70
CA GLN C 86 27.86 70.27 -13.27
C GLN C 86 27.07 71.11 -12.26
N HIS C 87 26.62 70.47 -11.19
CA HIS C 87 25.87 71.10 -10.11
C HIS C 87 26.69 70.97 -8.84
N SER C 88 26.80 72.03 -8.04
CA SER C 88 27.59 71.94 -6.81
C SER C 88 27.34 72.90 -5.66
N TYR C 89 26.49 72.40 -4.77
CA TYR C 89 26.06 73.07 -3.58
C TYR C 89 27.27 73.20 -2.61
N THR C 90 28.23 74.05 -2.99
CA THR C 90 29.46 74.29 -2.25
C THR C 90 29.72 75.77 -1.94
N GLY C 91 29.10 76.26 -0.87
CA GLY C 91 29.29 77.65 -0.50
C GLY C 91 29.26 77.85 1.00
N TYR C 92 28.65 78.93 1.45
CA TYR C 92 28.57 79.22 2.86
C TYR C 92 27.18 78.91 3.38
N TYR C 93 27.12 78.29 4.55
CA TYR C 93 25.83 77.95 5.15
C TYR C 93 25.50 78.71 6.42
N VAL C 94 24.24 79.12 6.50
CA VAL C 94 23.71 79.90 7.60
C VAL C 94 22.32 79.35 7.96
N LEU C 95 22.05 79.22 9.24
CA LEU C 95 20.75 78.72 9.72
C LEU C 95 19.96 79.89 10.30
N SER C 96 18.63 79.80 10.25
CA SER C 96 17.77 80.87 10.77
C SER C 96 16.38 80.31 11.12
N LYS C 97 15.68 80.97 12.03
CA LYS C 97 14.34 80.51 12.42
C LYS C 97 13.29 80.93 11.40
N ILE C 98 12.27 80.10 11.23
CA ILE C 98 11.24 80.33 10.22
C ILE C 98 10.63 81.73 10.00
N PRO C 99 10.10 82.42 11.03
CA PRO C 99 9.58 83.72 10.59
C PRO C 99 10.71 84.56 10.01
N HIS C 100 11.59 85.03 10.89
CA HIS C 100 12.74 85.81 10.47
C HIS C 100 13.70 86.11 11.60
N GLY C 101 14.82 86.74 11.24
CA GLY C 101 15.81 87.12 12.22
C GLY C 101 16.81 86.13 12.75
N ASP C 102 17.99 86.67 13.06
CA ASP C 102 19.13 85.96 13.64
C ASP C 102 19.76 84.79 12.92
N PRO C 103 20.57 85.05 11.88
CA PRO C 103 21.23 83.98 11.13
C PRO C 103 22.41 83.42 11.94
N GLN C 104 22.86 82.22 11.59
CA GLN C 104 23.98 81.60 12.30
C GLN C 104 24.81 80.72 11.38
N SER C 105 26.13 80.88 11.44
CA SER C 105 27.04 80.11 10.61
C SER C 105 27.05 78.64 10.99
N LEU C 106 26.94 77.79 9.97
CA LEU C 106 26.95 76.36 10.16
C LEU C 106 28.37 75.92 9.82
N ASP C 107 29.20 75.80 10.85
CA ASP C 107 30.58 75.38 10.63
C ASP C 107 30.82 74.10 11.39
N PRO C 108 31.77 73.28 10.94
CA PRO C 108 32.05 72.02 11.64
C PRO C 108 32.57 72.35 13.04
N PRO C 109 32.82 71.32 13.86
CA PRO C 109 33.33 71.59 15.20
C PRO C 109 34.77 72.04 15.24
N GLU C 110 35.00 73.16 15.94
CA GLU C 110 36.32 73.73 16.12
C GLU C 110 36.87 74.50 14.93
N VAL C 111 36.18 74.44 13.79
CA VAL C 111 36.64 75.18 12.62
C VAL C 111 35.82 76.47 12.46
N SER C 112 36.48 77.55 12.05
CA SER C 112 35.82 78.83 11.89
C SER C 112 35.01 78.95 10.60
N ASN C 113 34.73 80.19 10.20
CA ASN C 113 33.96 80.48 8.99
C ASN C 113 34.56 79.76 7.78
N ALA C 114 34.08 78.54 7.54
CA ALA C 114 34.58 77.72 6.45
C ALA C 114 33.49 77.20 5.50
N LYS C 115 33.84 77.11 4.21
CA LYS C 115 32.91 76.62 3.20
C LYS C 115 32.55 75.16 3.44
N LEU C 116 31.33 74.80 3.07
CA LEU C 116 30.86 73.43 3.22
C LEU C 116 30.57 72.88 1.83
N GLN C 117 30.77 71.58 1.66
CA GLN C 117 30.54 70.95 0.38
C GLN C 117 29.05 70.65 0.19
N TYR C 118 28.31 70.60 1.29
CA TYR C 118 26.87 70.33 1.23
C TYR C 118 26.22 70.45 2.61
N ALA C 119 24.94 70.81 2.64
CA ALA C 119 24.19 70.96 3.89
C ALA C 119 22.90 70.12 3.87
N GLY C 120 21.77 70.70 3.49
CA GLY C 120 20.52 69.94 3.44
C GLY C 120 19.89 69.33 4.71
N TRP C 121 18.56 69.37 4.76
CA TRP C 121 17.79 68.85 5.88
C TRP C 121 17.49 67.36 5.84
N GLY C 122 17.27 66.79 7.02
CA GLY C 122 16.94 65.37 7.12
C GLY C 122 15.47 65.18 6.85
N PRO C 123 14.91 63.97 7.07
CA PRO C 123 13.49 63.75 6.81
C PRO C 123 12.59 64.30 7.90
N LYS C 124 12.89 63.95 9.15
CA LYS C 124 12.05 64.40 10.24
C LYS C 124 12.67 65.39 11.20
N GLY C 125 11.81 66.11 11.91
CA GLY C 125 12.24 67.10 12.88
C GLY C 125 12.96 68.27 12.26
N GLN C 126 14.24 68.38 12.59
CA GLN C 126 15.07 69.44 12.06
C GLN C 126 16.48 68.90 12.01
N GLN C 127 16.56 67.58 11.87
CA GLN C 127 17.86 66.91 11.78
C GLN C 127 18.48 67.35 10.47
N LEU C 128 19.80 67.32 10.41
CA LEU C 128 20.50 67.72 9.20
C LEU C 128 21.94 67.24 9.22
N ILE C 129 22.55 67.17 8.06
CA ILE C 129 23.94 66.77 7.96
C ILE C 129 24.61 67.76 7.03
N PHE C 130 25.93 67.80 7.07
CA PHE C 130 26.68 68.67 6.20
C PHE C 130 28.04 68.02 5.98
N ILE C 131 28.58 68.19 4.78
CA ILE C 131 29.83 67.57 4.45
C ILE C 131 30.98 68.57 4.35
N PHE C 132 32.04 68.28 5.08
CA PHE C 132 33.24 69.11 5.13
C PHE C 132 34.44 68.20 4.86
N GLU C 133 35.30 68.62 3.93
CA GLU C 133 36.47 67.86 3.55
C GLU C 133 36.19 66.35 3.49
N ASN C 134 35.13 66.03 2.75
CA ASN C 134 34.65 64.67 2.52
C ASN C 134 34.33 63.82 3.74
N ASN C 135 33.81 64.47 4.78
CA ASN C 135 33.40 63.76 5.98
C ASN C 135 31.97 64.20 6.25
N ILE C 136 31.16 63.28 6.76
CA ILE C 136 29.77 63.60 7.05
C ILE C 136 29.56 63.92 8.53
N TYR C 137 28.99 65.10 8.80
CA TYR C 137 28.71 65.55 10.15
C TYR C 137 27.20 65.54 10.35
N TYR C 138 26.76 65.22 11.56
CA TYR C 138 25.32 65.15 11.86
C TYR C 138 24.88 65.97 13.07
N CYS C 139 23.70 66.59 12.93
CA CYS C 139 23.08 67.40 13.98
C CYS C 139 21.60 67.04 14.00
N ALA C 140 21.14 66.41 15.07
CA ALA C 140 19.75 66.03 15.18
C ALA C 140 18.88 67.24 15.51
N HIS C 141 19.24 67.90 16.59
CA HIS C 141 18.55 69.09 17.08
C HIS C 141 19.31 70.29 16.50
N VAL C 142 18.61 71.39 16.20
CA VAL C 142 19.29 72.56 15.64
C VAL C 142 20.40 73.09 16.57
N GLY C 143 20.15 73.07 17.86
CA GLY C 143 21.15 73.56 18.80
C GLY C 143 22.28 72.57 19.03
N LYS C 144 21.97 71.28 18.88
CA LYS C 144 22.95 70.19 19.06
C LYS C 144 24.22 70.49 18.28
N GLN C 145 25.38 70.07 18.80
CA GLN C 145 26.63 70.31 18.09
C GLN C 145 26.87 69.16 17.13
N ALA C 146 27.47 69.47 15.97
CA ALA C 146 27.73 68.45 14.97
C ALA C 146 28.61 67.32 15.46
N ILE C 147 28.41 66.14 14.89
CA ILE C 147 29.19 64.97 15.24
C ILE C 147 29.69 64.40 13.92
N ARG C 148 30.97 64.09 13.86
CA ARG C 148 31.54 63.55 12.62
C ARG C 148 31.21 62.07 12.51
N VAL C 149 30.08 61.78 11.89
CA VAL C 149 29.61 60.41 11.73
C VAL C 149 30.52 59.51 10.89
N VAL C 150 31.08 60.07 9.82
CA VAL C 150 32.01 59.32 8.99
C VAL C 150 33.22 60.24 8.85
N SER C 151 34.41 59.68 9.00
CA SER C 151 35.62 60.50 8.94
C SER C 151 36.73 59.99 8.04
N THR C 152 36.39 59.05 7.15
CA THR C 152 37.39 58.50 6.26
C THR C 152 37.61 59.38 5.02
N GLY C 153 37.05 60.58 5.04
CA GLY C 153 37.19 61.46 3.90
C GLY C 153 38.57 62.06 3.67
N LYS C 154 38.96 62.17 2.39
CA LYS C 154 40.25 62.74 2.00
C LYS C 154 40.05 63.58 0.75
N GLU C 155 40.08 64.90 0.90
CA GLU C 155 39.88 65.84 -0.20
C GLU C 155 40.37 65.38 -1.58
N GLY C 156 39.44 65.33 -2.52
CA GLY C 156 39.76 64.94 -3.88
C GLY C 156 40.12 63.48 -4.11
N VAL C 157 40.19 62.68 -3.06
CA VAL C 157 40.55 61.28 -3.24
C VAL C 157 39.52 60.32 -2.66
N ILE C 158 39.05 60.61 -1.46
CA ILE C 158 38.07 59.75 -0.81
C ILE C 158 36.81 60.54 -0.53
N TYR C 159 35.80 60.30 -1.37
CA TYR C 159 34.51 60.97 -1.24
C TYR C 159 33.47 60.08 -0.62
N ASN C 160 32.72 60.61 0.33
CA ASN C 160 31.61 59.86 0.89
C ASN C 160 30.48 60.83 1.18
N GLY C 161 29.35 60.56 0.55
CA GLY C 161 28.18 61.41 0.68
C GLY C 161 28.01 62.23 -0.59
N LEU C 162 29.09 62.40 -1.33
CA LEU C 162 29.05 63.17 -2.56
C LEU C 162 29.75 62.41 -3.66
N SER C 163 29.39 62.67 -4.90
CA SER C 163 30.04 62.00 -6.03
C SER C 163 31.41 62.57 -6.35
N ASP C 164 32.20 61.80 -7.09
CA ASP C 164 33.51 62.24 -7.54
C ASP C 164 33.14 62.69 -8.95
N TRP C 165 34.10 63.15 -9.74
CA TRP C 165 33.73 63.60 -11.09
C TRP C 165 32.90 62.59 -11.86
N LEU C 166 33.48 61.44 -12.19
CA LEU C 166 32.77 60.42 -12.95
C LEU C 166 31.38 60.10 -12.42
N TYR C 167 31.23 59.95 -11.11
CA TYR C 167 29.91 59.63 -10.59
C TYR C 167 28.88 60.74 -10.78
N GLU C 168 29.34 61.99 -10.74
CA GLU C 168 28.43 63.12 -10.91
C GLU C 168 28.07 63.37 -12.37
N GLU C 169 29.09 63.39 -13.22
CA GLU C 169 28.90 63.66 -14.63
C GLU C 169 28.36 62.53 -15.46
N GLU C 170 28.80 61.30 -15.18
CA GLU C 170 28.38 60.17 -15.99
C GLU C 170 27.50 59.08 -15.41
N ILE C 171 27.89 58.49 -14.28
CA ILE C 171 27.10 57.39 -13.75
C ILE C 171 25.94 57.69 -12.79
N LEU C 172 26.04 58.69 -11.92
CA LEU C 172 24.91 58.98 -11.04
C LEU C 172 24.10 60.21 -11.45
N LYS C 173 24.73 61.11 -12.19
CA LYS C 173 24.07 62.32 -12.66
C LYS C 173 23.59 63.27 -11.56
N THR C 174 24.28 63.25 -10.42
CA THR C 174 23.99 64.13 -9.28
C THR C 174 25.27 64.23 -8.49
N HIS C 175 25.40 65.29 -7.72
CA HIS C 175 26.59 65.43 -6.91
C HIS C 175 26.30 64.78 -5.57
N ILE C 176 25.01 64.71 -5.22
CA ILE C 176 24.60 64.12 -3.97
C ILE C 176 24.59 62.59 -4.02
N ALA C 177 25.29 61.96 -3.08
CA ALA C 177 25.36 60.51 -3.02
C ALA C 177 25.13 59.89 -1.64
N HIS C 178 24.06 60.34 -0.98
CA HIS C 178 23.68 59.82 0.33
C HIS C 178 22.16 59.81 0.34
N TRP C 179 21.56 58.93 1.15
CA TRP C 179 20.10 58.83 1.19
C TRP C 179 19.60 58.49 2.59
N TRP C 180 18.68 59.31 3.11
CA TRP C 180 18.13 59.07 4.44
C TRP C 180 17.03 58.01 4.40
N SER C 181 16.95 57.22 5.46
CA SER C 181 15.89 56.21 5.55
C SER C 181 14.64 57.08 5.73
N PRO C 182 13.44 56.55 5.43
CA PRO C 182 12.20 57.31 5.57
C PRO C 182 11.95 57.87 6.97
N ASP C 183 12.33 57.11 7.99
CA ASP C 183 12.13 57.53 9.37
C ASP C 183 13.30 58.33 9.96
N GLY C 184 14.26 58.70 9.11
CA GLY C 184 15.40 59.47 9.56
C GLY C 184 16.23 58.85 10.67
N THR C 185 16.26 57.52 10.70
CA THR C 185 17.00 56.79 11.73
C THR C 185 18.31 56.23 11.21
N ARG C 186 18.31 55.87 9.93
CA ARG C 186 19.50 55.34 9.30
C ARG C 186 19.85 56.20 8.09
N LEU C 187 21.14 56.34 7.82
CA LEU C 187 21.60 57.13 6.68
C LEU C 187 22.49 56.29 5.80
N ALA C 188 22.12 56.20 4.53
CA ALA C 188 22.90 55.42 3.58
C ALA C 188 23.74 56.43 2.82
N TYR C 189 24.97 56.06 2.49
CA TYR C 189 25.84 56.96 1.75
C TYR C 189 26.87 56.19 0.95
N ALA C 190 27.16 56.68 -0.25
CA ALA C 190 28.16 56.04 -1.08
C ALA C 190 29.52 56.52 -0.64
N ALA C 191 30.50 55.66 -0.75
CA ALA C 191 31.87 55.99 -0.39
C ALA C 191 32.67 55.69 -1.65
N ILE C 192 33.12 56.76 -2.30
CA ILE C 192 33.88 56.60 -3.53
C ILE C 192 35.37 56.78 -3.29
N ASN C 193 36.14 55.82 -3.78
CA ASN C 193 37.58 55.83 -3.63
C ASN C 193 38.24 56.06 -4.99
N ASP C 194 38.84 57.23 -5.17
CA ASP C 194 39.51 57.53 -6.43
C ASP C 194 41.01 57.32 -6.30
N SER C 195 41.41 56.81 -5.15
CA SER C 195 42.80 56.54 -4.84
C SER C 195 43.62 55.92 -5.98
N ARG C 196 43.08 54.92 -6.66
CA ARG C 196 43.82 54.31 -7.76
C ARG C 196 43.39 54.79 -9.14
N VAL C 197 42.64 55.87 -9.19
CA VAL C 197 42.21 56.41 -10.48
C VAL C 197 43.28 57.36 -10.96
N PRO C 198 43.60 57.33 -12.27
CA PRO C 198 44.62 58.21 -12.83
C PRO C 198 44.25 59.65 -12.54
N ILE C 199 45.25 60.51 -12.48
CA ILE C 199 44.97 61.90 -12.20
C ILE C 199 45.30 62.81 -13.37
N MET C 200 44.28 63.52 -13.86
CA MET C 200 44.44 64.43 -14.99
C MET C 200 44.85 65.80 -14.51
N GLU C 201 45.81 66.40 -15.20
CA GLU C 201 46.26 67.74 -14.84
C GLU C 201 45.59 68.76 -15.76
N LEU C 202 44.99 69.78 -15.18
CA LEU C 202 44.34 70.80 -15.99
C LEU C 202 45.27 72.01 -16.03
N PRO C 203 45.60 72.47 -17.24
CA PRO C 203 46.47 73.62 -17.48
C PRO C 203 45.89 74.95 -17.02
N THR C 204 46.72 75.78 -16.43
CA THR C 204 46.29 77.10 -15.97
C THR C 204 47.22 78.15 -16.56
N TYR C 205 46.68 79.29 -16.97
CA TYR C 205 47.50 80.34 -17.55
C TYR C 205 47.16 81.74 -17.07
N THR C 206 46.35 81.89 -16.04
CA THR C 206 45.97 83.22 -15.61
C THR C 206 46.10 83.56 -14.14
N GLY C 207 46.01 82.57 -13.27
CA GLY C 207 46.10 82.86 -11.85
C GLY C 207 47.24 83.78 -11.44
N SER C 208 48.24 83.19 -10.84
CA SER C 208 49.41 83.90 -10.38
C SER C 208 50.36 84.19 -11.53
N ILE C 209 51.54 84.71 -11.19
CA ILE C 209 52.56 85.02 -12.19
C ILE C 209 53.02 83.68 -12.75
N TYR C 210 53.12 82.69 -11.87
CA TYR C 210 53.52 81.34 -12.26
C TYR C 210 52.30 80.45 -12.13
N PRO C 211 51.49 80.37 -13.19
CA PRO C 211 50.29 79.53 -13.12
C PRO C 211 50.69 78.09 -12.87
N THR C 212 49.79 77.33 -12.24
CA THR C 212 50.08 75.94 -11.96
C THR C 212 48.87 75.11 -12.37
N VAL C 213 49.08 73.81 -12.55
CA VAL C 213 48.00 72.95 -12.97
C VAL C 213 47.06 72.61 -11.83
N LYS C 214 45.83 72.27 -12.19
CA LYS C 214 44.82 71.87 -11.22
C LYS C 214 44.63 70.40 -11.47
N PRO C 215 45.03 69.56 -10.50
CA PRO C 215 44.89 68.11 -10.62
C PRO C 215 43.56 67.59 -10.09
N TYR C 216 43.14 66.44 -10.61
CA TYR C 216 41.91 65.80 -10.16
C TYR C 216 41.78 64.45 -10.88
N HIS C 217 41.13 63.51 -10.21
CA HIS C 217 40.96 62.17 -10.77
C HIS C 217 39.90 62.10 -11.85
N TYR C 218 40.35 61.67 -13.03
CA TYR C 218 39.48 61.54 -14.19
C TYR C 218 39.90 60.27 -14.92
N PRO C 219 39.00 59.29 -15.01
CA PRO C 219 39.34 58.04 -15.70
C PRO C 219 39.05 57.98 -17.20
N LYS C 220 40.09 58.05 -18.02
CA LYS C 220 39.93 57.96 -19.47
C LYS C 220 39.54 56.52 -19.77
N ALA C 221 39.07 56.26 -20.98
CA ALA C 221 38.67 54.92 -21.36
C ALA C 221 39.80 53.91 -21.13
N GLY C 222 39.47 52.80 -20.48
CA GLY C 222 40.46 51.77 -20.23
C GLY C 222 41.23 51.86 -18.93
N SER C 223 41.27 53.04 -18.33
CA SER C 223 42.00 53.19 -17.07
C SER C 223 41.21 52.66 -15.88
N GLU C 224 41.77 52.74 -14.68
CA GLU C 224 41.07 52.25 -13.51
C GLU C 224 39.97 53.20 -13.10
N ASN C 225 38.80 52.64 -12.81
CA ASN C 225 37.66 53.44 -12.41
C ASN C 225 37.59 53.63 -10.92
N PRO C 226 36.80 54.62 -10.48
CA PRO C 226 36.68 54.84 -9.04
C PRO C 226 36.04 53.62 -8.38
N SER C 227 36.56 53.23 -7.22
CA SER C 227 36.03 52.09 -6.51
C SER C 227 34.96 52.56 -5.52
N ILE C 228 33.76 52.01 -5.63
CA ILE C 228 32.65 52.42 -4.75
C ILE C 228 32.15 51.36 -3.79
N SER C 229 31.57 51.80 -2.69
CA SER C 229 31.01 50.91 -1.69
C SER C 229 29.82 51.62 -1.04
N LEU C 230 28.78 50.87 -0.72
CA LEU C 230 27.59 51.45 -0.09
C LEU C 230 27.61 51.18 1.41
N HIS C 231 27.41 52.23 2.22
CA HIS C 231 27.43 52.08 3.68
C HIS C 231 26.17 52.62 4.33
N VAL C 232 25.87 52.14 5.53
CA VAL C 232 24.71 52.62 6.28
C VAL C 232 25.08 52.75 7.76
N ILE C 233 24.66 53.85 8.37
CA ILE C 233 24.93 54.10 9.78
C ILE C 233 23.67 54.51 10.54
N GLY C 234 23.69 54.32 11.86
CA GLY C 234 22.55 54.67 12.68
C GLY C 234 22.68 56.13 13.08
N LEU C 235 21.55 56.85 13.13
CA LEU C 235 21.58 58.26 13.49
C LEU C 235 21.26 58.54 14.95
N ASN C 236 21.12 57.47 15.73
CA ASN C 236 20.85 57.56 17.16
C ASN C 236 21.52 56.36 17.82
N GLY C 237 22.36 56.63 18.81
CA GLY C 237 23.07 55.55 19.47
C GLY C 237 24.44 55.44 18.82
N PRO C 238 25.36 54.62 19.36
CA PRO C 238 26.73 54.41 18.85
C PRO C 238 26.94 54.43 17.32
N THR C 239 25.88 54.22 16.55
CA THR C 239 25.97 54.23 15.08
C THR C 239 26.93 53.19 14.49
N HIS C 240 26.47 51.96 14.37
CA HIS C 240 27.30 50.90 13.79
C HIS C 240 27.25 51.05 12.26
N ASP C 241 28.39 51.32 11.65
CA ASP C 241 28.47 51.48 10.21
C ASP C 241 28.59 50.12 9.54
N LEU C 242 27.70 49.83 8.58
CA LEU C 242 27.74 48.56 7.87
C LEU C 242 27.79 48.76 6.37
N GLU C 243 28.57 47.92 5.69
CA GLU C 243 28.67 48.00 4.24
C GLU C 243 27.68 47.03 3.64
N MET C 244 27.00 47.46 2.59
CA MET C 244 26.04 46.60 1.91
C MET C 244 26.80 45.77 0.89
N MET C 245 26.97 44.48 1.16
CA MET C 245 27.70 43.62 0.24
C MET C 245 27.02 43.42 -1.11
N PRO C 246 27.81 43.51 -2.19
CA PRO C 246 27.30 43.35 -3.56
C PRO C 246 27.11 41.88 -3.93
N PRO C 247 26.41 41.60 -5.04
CA PRO C 247 26.15 40.24 -5.51
C PRO C 247 27.43 39.47 -5.85
N ASP C 248 27.32 38.52 -6.77
CA ASP C 248 28.47 37.71 -7.16
C ASP C 248 28.65 37.43 -8.64
N ASP C 249 27.55 37.37 -9.37
CA ASP C 249 27.61 37.09 -10.81
C ASP C 249 28.99 37.49 -11.28
N PRO C 250 29.85 36.51 -11.60
CA PRO C 250 31.20 36.80 -12.07
C PRO C 250 31.20 37.91 -13.12
N ARG C 251 30.03 38.20 -13.68
CA ARG C 251 29.90 39.26 -14.68
C ARG C 251 29.58 40.58 -13.98
N MET C 252 30.15 40.72 -12.78
CA MET C 252 29.98 41.91 -11.94
C MET C 252 31.15 42.01 -10.97
N ARG C 253 32.37 41.91 -11.48
CA ARG C 253 33.53 42.02 -10.60
C ARG C 253 33.98 43.47 -10.56
N GLU C 254 33.67 44.21 -11.62
CA GLU C 254 33.96 45.64 -11.72
C GLU C 254 32.58 46.24 -11.96
N TYR C 255 32.14 47.10 -11.06
CA TYR C 255 30.81 47.68 -11.20
C TYR C 255 30.67 49.12 -10.75
N TYR C 256 29.52 49.69 -11.07
CA TYR C 256 29.17 51.05 -10.68
C TYR C 256 27.86 50.83 -9.94
N ILE C 257 27.58 51.66 -8.94
CA ILE C 257 26.30 51.55 -8.24
C ILE C 257 25.52 52.70 -8.88
N THR C 258 24.51 52.38 -9.69
CA THR C 258 23.74 53.40 -10.41
C THR C 258 22.41 53.83 -9.82
N MET C 259 21.98 53.20 -8.74
CA MET C 259 20.70 53.54 -8.15
C MET C 259 20.54 52.97 -6.76
N VAL C 260 20.13 53.82 -5.83
CA VAL C 260 19.90 53.37 -4.47
C VAL C 260 18.74 54.16 -3.89
N LYS C 261 17.77 53.45 -3.32
CA LYS C 261 16.59 54.05 -2.74
C LYS C 261 16.05 53.19 -1.61
N TRP C 262 15.45 53.81 -0.61
CA TRP C 262 14.91 53.04 0.51
C TRP C 262 13.53 52.49 0.17
N ALA C 263 13.37 51.19 0.35
CA ALA C 263 12.10 50.53 0.09
C ALA C 263 11.26 50.68 1.35
N THR C 264 11.93 50.61 2.49
CA THR C 264 11.30 50.77 3.80
C THR C 264 12.36 51.44 4.66
N SER C 265 12.17 51.45 5.97
CA SER C 265 13.16 52.07 6.84
C SER C 265 14.22 51.06 7.27
N THR C 266 14.08 49.84 6.77
CA THR C 266 15.01 48.77 7.12
C THR C 266 15.66 48.15 5.87
N LYS C 267 14.97 48.26 4.74
CA LYS C 267 15.47 47.73 3.48
C LYS C 267 15.76 48.84 2.46
N VAL C 268 16.84 48.67 1.71
CA VAL C 268 17.25 49.64 0.70
C VAL C 268 17.52 48.97 -0.65
N ALA C 269 16.96 49.53 -1.71
CA ALA C 269 17.14 48.99 -3.06
C ALA C 269 18.38 49.56 -3.74
N VAL C 270 19.13 48.67 -4.39
CA VAL C 270 20.35 49.05 -5.07
C VAL C 270 20.46 48.39 -6.44
N THR C 271 20.90 49.17 -7.43
CA THR C 271 21.09 48.62 -8.76
C THR C 271 22.59 48.59 -8.99
N TRP C 272 23.11 47.42 -9.31
CA TRP C 272 24.53 47.25 -9.55
C TRP C 272 24.79 47.00 -11.02
N LEU C 273 25.52 47.94 -11.64
CA LEU C 273 25.85 47.87 -13.05
C LEU C 273 27.35 47.63 -13.20
N ASN C 274 27.73 46.65 -14.02
CA ASN C 274 29.13 46.32 -14.24
C ASN C 274 29.80 47.30 -15.19
N ARG C 275 31.10 47.51 -15.03
CA ARG C 275 31.85 48.44 -15.87
C ARG C 275 31.49 48.38 -17.35
N ALA C 276 31.33 47.17 -17.90
CA ALA C 276 30.98 47.01 -19.30
C ALA C 276 29.57 47.52 -19.58
N GLN C 277 28.82 47.73 -18.51
CA GLN C 277 27.46 48.23 -18.59
C GLN C 277 26.54 47.37 -19.46
N ASN C 278 26.67 46.05 -19.33
CA ASN C 278 25.87 45.11 -20.10
C ASN C 278 25.15 44.12 -19.19
N VAL C 279 25.30 44.29 -17.88
CA VAL C 279 24.66 43.43 -16.89
C VAL C 279 24.25 44.29 -15.70
N SER C 280 22.99 44.20 -15.32
CA SER C 280 22.45 44.99 -14.23
C SER C 280 21.78 44.11 -13.16
N ILE C 281 21.84 44.53 -11.90
CA ILE C 281 21.23 43.74 -10.83
C ILE C 281 20.51 44.56 -9.77
N LEU C 282 19.18 44.43 -9.74
CA LEU C 282 18.38 45.15 -8.76
C LEU C 282 18.55 44.38 -7.47
N THR C 283 18.58 45.07 -6.34
CA THR C 283 18.80 44.38 -5.08
C THR C 283 18.17 45.01 -3.85
N LEU C 284 17.73 44.15 -2.94
CA LEU C 284 17.15 44.61 -1.68
C LEU C 284 18.10 44.20 -0.58
N CYS C 285 18.63 45.19 0.13
CA CYS C 285 19.58 44.92 1.20
C CYS C 285 18.97 45.25 2.55
N ASP C 286 19.44 44.55 3.58
CA ASP C 286 18.94 44.78 4.94
C ASP C 286 19.88 45.79 5.61
N ALA C 287 19.39 47.01 5.80
CA ALA C 287 20.18 48.07 6.41
C ALA C 287 20.70 47.73 7.80
N THR C 288 20.54 46.47 8.20
CA THR C 288 20.99 46.05 9.52
C THR C 288 21.79 44.75 9.43
N THR C 289 21.78 44.15 8.24
CA THR C 289 22.48 42.91 7.99
C THR C 289 23.66 43.17 7.06
N GLY C 290 23.39 43.87 5.96
CA GLY C 290 24.42 44.16 4.99
C GLY C 290 24.27 43.13 3.88
N VAL C 291 23.33 42.23 4.08
CA VAL C 291 23.07 41.18 3.10
C VAL C 291 22.11 41.69 2.05
N CYS C 292 22.58 41.67 0.80
CA CYS C 292 21.74 42.13 -0.30
C CYS C 292 21.24 40.90 -1.04
N THR C 293 19.97 40.92 -1.44
CA THR C 293 19.40 39.78 -2.13
C THR C 293 18.95 40.17 -3.54
N LYS C 294 19.30 39.34 -4.52
CA LYS C 294 18.91 39.62 -5.89
C LYS C 294 17.38 39.69 -5.93
N LYS C 295 16.85 40.66 -6.66
CA LYS C 295 15.42 40.83 -6.74
C LYS C 295 15.03 40.88 -8.21
N HIS C 296 16.05 40.87 -9.05
CA HIS C 296 15.90 40.92 -10.51
C HIS C 296 17.25 41.25 -11.14
N GLU C 297 17.34 41.08 -12.45
CA GLU C 297 18.57 41.38 -13.17
C GLU C 297 18.31 41.42 -14.66
N ASP C 298 19.04 42.29 -15.36
CA ASP C 298 18.91 42.44 -16.80
C ASP C 298 20.27 42.41 -17.45
N GLU C 299 20.30 42.00 -18.70
CA GLU C 299 21.53 42.01 -19.47
C GLU C 299 21.14 42.30 -20.90
N SER C 300 22.04 42.94 -21.63
CA SER C 300 21.77 43.30 -23.02
C SER C 300 22.98 42.98 -23.86
N GLU C 301 22.77 42.92 -25.18
CA GLU C 301 23.88 42.65 -26.08
C GLU C 301 24.68 43.95 -26.21
N ALA C 302 23.98 45.05 -26.43
CA ALA C 302 24.63 46.35 -26.56
C ALA C 302 25.01 46.84 -25.17
N TRP C 303 24.18 47.73 -24.62
CA TRP C 303 24.43 48.30 -23.31
C TRP C 303 23.11 48.61 -22.60
N LEU C 304 23.05 48.33 -21.30
CA LEU C 304 21.84 48.62 -20.54
C LEU C 304 21.72 50.14 -20.59
N HIS C 305 20.48 50.64 -20.60
CA HIS C 305 20.25 52.07 -20.67
C HIS C 305 19.26 52.46 -19.58
N ARG C 306 19.25 53.74 -19.20
CA ARG C 306 18.34 54.21 -18.16
C ARG C 306 18.47 53.35 -16.92
N GLN C 307 19.62 53.42 -16.26
CA GLN C 307 19.85 52.61 -15.08
C GLN C 307 19.73 53.34 -13.74
N ASN C 308 19.42 54.63 -13.75
CA ASN C 308 19.28 55.34 -12.48
C ASN C 308 17.84 55.17 -12.04
N GLU C 309 17.09 54.49 -12.90
CA GLU C 309 15.67 54.20 -12.71
C GLU C 309 15.31 53.78 -11.28
N GLU C 310 14.60 54.65 -10.56
CA GLU C 310 14.18 54.35 -9.19
C GLU C 310 12.86 53.59 -9.17
N PRO C 311 12.81 52.51 -8.39
CA PRO C 311 11.58 51.72 -8.31
C PRO C 311 10.62 52.36 -7.29
N VAL C 312 9.33 52.13 -7.48
CA VAL C 312 8.32 52.67 -6.58
C VAL C 312 7.75 51.53 -5.75
N PHE C 313 7.91 51.61 -4.43
CA PHE C 313 7.43 50.55 -3.55
C PHE C 313 6.12 50.90 -2.87
N SER C 314 5.40 49.85 -2.49
CA SER C 314 4.13 49.98 -1.79
C SER C 314 4.49 50.24 -0.33
N LYS C 315 3.81 51.19 0.29
CA LYS C 315 4.09 51.55 1.69
C LYS C 315 4.59 50.42 2.59
N ASP C 316 4.13 49.20 2.35
CA ASP C 316 4.57 48.06 3.17
C ASP C 316 5.80 47.38 2.58
N GLY C 317 6.53 48.10 1.74
CA GLY C 317 7.72 47.54 1.12
C GLY C 317 7.44 46.28 0.34
N ARG C 318 6.16 45.95 0.15
CA ARG C 318 5.77 44.76 -0.58
C ARG C 318 6.07 44.97 -2.06
N LYS C 319 5.18 44.50 -2.94
CA LYS C 319 5.39 44.65 -4.39
C LYS C 319 5.88 46.05 -4.77
N PHE C 320 6.51 46.17 -5.93
CA PHE C 320 7.02 47.46 -6.37
C PHE C 320 6.90 47.64 -7.89
N PHE C 321 6.99 48.88 -8.34
CA PHE C 321 6.90 49.18 -9.76
C PHE C 321 8.21 49.71 -10.31
N PHE C 322 8.77 48.99 -11.29
CA PHE C 322 10.01 49.40 -11.90
C PHE C 322 9.63 49.84 -13.32
N ILE C 323 10.62 49.97 -14.18
CA ILE C 323 10.38 50.37 -15.56
C ILE C 323 11.60 49.97 -16.36
N ARG C 324 11.38 49.16 -17.38
CA ARG C 324 12.49 48.69 -18.19
C ARG C 324 12.07 48.36 -19.60
N ALA C 325 13.04 47.91 -20.39
CA ALA C 325 12.80 47.55 -21.77
C ALA C 325 12.16 46.16 -21.84
N ILE C 326 11.00 46.10 -22.47
CA ILE C 326 10.29 44.85 -22.64
C ILE C 326 10.01 44.72 -24.13
N PRO C 327 10.49 43.63 -24.75
CA PRO C 327 10.37 43.27 -26.17
C PRO C 327 9.32 43.98 -27.02
N GLN C 328 8.09 44.09 -26.53
CA GLN C 328 7.04 44.77 -27.31
C GLN C 328 6.84 44.22 -28.71
N GLY C 329 6.71 42.89 -28.80
CA GLY C 329 6.50 42.26 -30.09
C GLY C 329 7.66 42.40 -31.05
N GLY C 330 7.46 43.24 -32.08
CA GLY C 330 8.50 43.45 -33.06
C GLY C 330 8.96 44.90 -33.12
N ARG C 331 10.19 45.09 -33.56
CA ARG C 331 10.80 46.41 -33.68
C ARG C 331 11.40 46.87 -32.35
N GLY C 332 12.32 46.05 -31.84
CA GLY C 332 12.99 46.36 -30.59
C GLY C 332 12.07 46.31 -29.39
N LYS C 333 12.60 46.73 -28.25
CA LYS C 333 11.85 46.76 -27.00
C LYS C 333 11.71 48.21 -26.57
N PHE C 334 10.73 48.49 -25.72
CA PHE C 334 10.51 49.85 -25.24
C PHE C 334 10.41 49.87 -23.73
N TYR C 335 10.61 51.05 -23.13
CA TYR C 335 10.54 51.18 -21.69
C TYR C 335 9.12 51.36 -21.19
N HIS C 336 8.68 50.41 -20.37
CA HIS C 336 7.33 50.44 -19.81
C HIS C 336 7.38 50.06 -18.34
N ILE C 337 6.29 50.33 -17.64
CA ILE C 337 6.19 50.03 -16.22
C ILE C 337 6.09 48.52 -16.02
N THR C 338 6.64 48.03 -14.91
CA THR C 338 6.63 46.60 -14.61
C THR C 338 6.33 46.40 -13.13
N VAL C 339 5.70 45.28 -12.78
CA VAL C 339 5.40 45.01 -11.38
C VAL C 339 6.01 43.71 -10.90
N SER C 340 6.43 43.70 -9.64
CA SER C 340 7.03 42.53 -9.01
C SER C 340 6.72 42.59 -7.53
N SER C 341 6.59 41.41 -6.90
CA SER C 341 6.31 41.37 -5.48
C SER C 341 7.59 41.75 -4.72
N SER C 342 7.45 42.15 -3.46
CA SER C 342 8.60 42.55 -2.65
C SER C 342 9.62 41.45 -2.47
N GLN C 343 9.14 40.22 -2.32
CA GLN C 343 10.04 39.09 -2.12
C GLN C 343 10.10 38.13 -3.29
N PRO C 344 10.63 38.60 -4.44
CA PRO C 344 10.75 37.75 -5.62
C PRO C 344 11.54 36.51 -5.24
N ASN C 345 10.92 35.34 -5.38
CA ASN C 345 11.59 34.10 -5.04
C ASN C 345 12.41 33.56 -6.22
N SER C 346 13.63 33.12 -5.93
CA SER C 346 14.61 32.59 -6.90
C SER C 346 14.22 32.03 -8.27
N SER C 347 13.16 31.24 -8.33
CA SER C 347 12.73 30.64 -9.60
C SER C 347 12.61 31.61 -10.77
N ASN C 348 11.41 32.14 -10.96
CA ASN C 348 11.14 33.08 -12.05
C ASN C 348 10.68 34.43 -11.50
N ASP C 349 10.46 35.39 -12.40
CA ASP C 349 10.04 36.73 -11.99
C ASP C 349 8.53 36.81 -11.75
N ASN C 350 8.10 37.90 -11.13
CA ASN C 350 6.69 38.17 -10.89
C ASN C 350 6.29 38.93 -12.14
N ILE C 351 7.25 39.01 -13.07
CA ILE C 351 7.09 39.71 -14.33
C ILE C 351 5.69 39.82 -14.89
N GLN C 352 5.38 41.03 -15.33
CA GLN C 352 4.13 41.38 -15.95
C GLN C 352 4.11 42.89 -15.97
N SER C 353 4.11 43.42 -17.19
CA SER C 353 4.10 44.86 -17.39
C SER C 353 2.69 45.40 -17.35
N ILE C 354 2.60 46.68 -17.01
CA ILE C 354 1.34 47.39 -16.91
C ILE C 354 1.04 48.14 -18.18
N THR C 355 2.08 48.66 -18.83
CA THR C 355 1.87 49.39 -20.07
C THR C 355 2.64 48.69 -21.18
N SER C 356 2.32 49.05 -22.42
CA SER C 356 2.99 48.45 -23.57
C SER C 356 2.70 49.23 -24.85
N GLY C 357 3.57 49.06 -25.84
CA GLY C 357 3.40 49.74 -27.11
C GLY C 357 4.72 50.24 -27.65
N ASP C 358 4.67 50.92 -28.79
CA ASP C 358 5.86 51.45 -29.41
C ASP C 358 6.04 52.91 -29.03
N TRP C 359 6.21 53.12 -27.73
CA TRP C 359 6.40 54.44 -27.15
C TRP C 359 7.04 54.17 -25.79
N ASP C 360 7.75 55.15 -25.26
CA ASP C 360 8.40 54.96 -23.97
C ASP C 360 7.79 55.72 -22.82
N VAL C 361 7.85 55.09 -21.65
CA VAL C 361 7.38 55.70 -20.42
C VAL C 361 8.65 56.41 -20.01
N THR C 362 8.56 57.66 -19.57
CA THR C 362 9.78 58.36 -19.20
C THR C 362 9.94 58.70 -17.72
N LYS C 363 8.90 58.49 -16.91
CA LYS C 363 9.04 58.83 -15.50
C LYS C 363 7.84 58.45 -14.63
N ILE C 364 8.05 57.58 -13.66
CA ILE C 364 6.97 57.22 -12.76
C ILE C 364 6.90 58.35 -11.76
N LEU C 365 5.71 58.92 -11.55
CA LEU C 365 5.58 60.02 -10.62
C LEU C 365 5.01 59.63 -9.26
N ALA C 366 4.07 58.70 -9.25
CA ALA C 366 3.47 58.31 -7.99
C ALA C 366 2.64 57.04 -8.07
N TYR C 367 2.43 56.41 -6.93
CA TYR C 367 1.64 55.19 -6.83
C TYR C 367 0.61 55.33 -5.73
N ASP C 368 -0.67 55.30 -6.11
CA ASP C 368 -1.76 55.42 -5.16
C ASP C 368 -2.21 54.02 -4.76
N GLU C 369 -1.57 53.49 -3.73
CA GLU C 369 -1.85 52.15 -3.22
C GLU C 369 -3.33 51.94 -2.90
N LYS C 370 -4.01 53.02 -2.53
CA LYS C 370 -5.43 52.95 -2.20
C LYS C 370 -6.24 52.74 -3.47
N GLY C 371 -6.01 51.63 -4.15
CA GLY C 371 -6.75 51.36 -5.36
C GLY C 371 -5.87 50.91 -6.50
N ASN C 372 -5.94 51.62 -7.61
CA ASN C 372 -5.14 51.28 -8.76
C ASN C 372 -4.83 52.46 -9.66
N LYS C 373 -3.90 53.29 -9.19
CA LYS C 373 -3.49 54.45 -9.95
C LYS C 373 -1.97 54.53 -9.90
N ILE C 374 -1.38 54.78 -11.06
CA ILE C 374 0.06 54.88 -11.19
C ILE C 374 0.25 56.01 -12.20
N TYR C 375 0.73 57.16 -11.74
CA TYR C 375 0.91 58.31 -12.62
C TYR C 375 2.32 58.36 -13.21
N PHE C 376 2.41 58.84 -14.44
CA PHE C 376 3.70 58.90 -15.13
C PHE C 376 3.67 59.75 -16.38
N LEU C 377 4.85 60.00 -16.94
CA LEU C 377 4.98 60.78 -18.17
C LEU C 377 5.31 59.78 -19.26
N SER C 378 4.92 60.07 -20.49
CA SER C 378 5.18 59.16 -21.60
C SER C 378 5.30 59.88 -22.93
N THR C 379 5.72 59.13 -23.94
CA THR C 379 5.84 59.66 -25.29
C THR C 379 4.70 59.07 -26.10
N GLU C 380 3.75 58.45 -25.41
CA GLU C 380 2.61 57.81 -26.07
C GLU C 380 1.91 58.76 -27.06
N ASP C 381 1.91 60.05 -26.75
CA ASP C 381 1.30 61.03 -27.64
C ASP C 381 2.20 61.07 -28.87
N LEU C 382 3.29 61.81 -28.73
CA LEU C 382 4.28 61.95 -29.79
C LEU C 382 5.61 61.90 -29.05
N PRO C 383 6.61 61.22 -29.62
CA PRO C 383 7.89 61.18 -28.90
C PRO C 383 8.42 62.58 -28.56
N ARG C 384 7.98 63.58 -29.33
CA ARG C 384 8.40 64.97 -29.14
C ARG C 384 7.60 65.67 -28.05
N ARG C 385 6.76 64.93 -27.35
CA ARG C 385 5.92 65.50 -26.31
C ARG C 385 6.01 64.74 -25.00
N ARG C 386 5.43 65.32 -23.96
CA ARG C 386 5.42 64.73 -22.62
C ARG C 386 4.06 64.93 -21.96
N GLN C 387 3.27 63.86 -21.89
CA GLN C 387 1.95 63.97 -21.27
C GLN C 387 1.90 63.18 -19.98
N LEU C 388 1.08 63.66 -19.05
CA LEU C 388 0.90 63.00 -17.78
C LEU C 388 -0.22 61.98 -17.94
N TYR C 389 0.06 60.74 -17.53
CA TYR C 389 -0.94 59.69 -17.64
C TYR C 389 -1.21 59.07 -16.29
N SER C 390 -1.97 57.98 -16.32
CA SER C 390 -2.31 57.23 -15.13
C SER C 390 -2.82 55.88 -15.62
N ALA C 391 -2.57 54.85 -14.84
CA ALA C 391 -3.00 53.51 -15.20
C ALA C 391 -3.50 52.79 -13.96
N ASN C 392 -4.24 51.71 -14.14
CA ASN C 392 -4.76 50.99 -12.99
C ASN C 392 -3.79 49.87 -12.61
N THR C 393 -3.39 49.86 -11.34
CA THR C 393 -2.47 48.83 -10.86
C THR C 393 -3.14 47.46 -10.88
N VAL C 394 -4.46 47.45 -10.99
CA VAL C 394 -5.22 46.19 -10.97
C VAL C 394 -5.88 45.80 -12.30
N GLY C 395 -6.59 44.68 -12.26
CA GLY C 395 -7.31 44.12 -13.39
C GLY C 395 -7.12 44.53 -14.84
N ASN C 396 -7.43 45.78 -15.16
CA ASN C 396 -7.36 46.26 -16.55
C ASN C 396 -6.08 46.92 -17.03
N PHE C 397 -5.62 47.92 -16.28
CA PHE C 397 -4.42 48.69 -16.61
C PHE C 397 -4.81 49.74 -17.65
N ASN C 398 -6.01 50.29 -17.52
CA ASN C 398 -6.48 51.31 -18.45
C ASN C 398 -5.77 52.63 -18.25
N ARG C 399 -5.22 53.16 -19.35
CA ARG C 399 -4.50 54.41 -19.31
C ARG C 399 -5.40 55.58 -19.65
N GLN C 400 -5.47 56.54 -18.75
CA GLN C 400 -6.27 57.73 -18.94
C GLN C 400 -5.22 58.85 -19.03
N CYS C 401 -5.26 59.66 -20.08
CA CYS C 401 -4.29 60.73 -20.22
C CYS C 401 -4.76 62.03 -19.59
N LEU C 402 -4.31 62.28 -18.36
CA LEU C 402 -4.69 63.46 -17.61
C LEU C 402 -4.42 64.82 -18.28
N SER C 403 -3.24 65.00 -18.85
CA SER C 403 -2.92 66.27 -19.50
C SER C 403 -3.57 66.42 -20.87
N CYS C 404 -3.05 65.70 -21.86
CA CYS C 404 -3.59 65.73 -23.21
C CYS C 404 -4.61 66.83 -23.48
N ASP C 405 -4.18 67.89 -24.15
CA ASP C 405 -5.04 69.01 -24.51
C ASP C 405 -5.69 69.80 -23.37
N LEU C 406 -5.24 69.57 -22.15
CA LEU C 406 -5.74 70.34 -21.01
C LEU C 406 -4.80 71.55 -21.15
N VAL C 407 -5.04 72.63 -20.41
CA VAL C 407 -4.18 73.83 -20.49
C VAL C 407 -3.40 73.92 -21.81
N GLU C 408 -4.13 74.15 -22.89
CA GLU C 408 -3.51 74.22 -24.22
C GLU C 408 -2.39 75.23 -24.41
N ASN C 409 -1.83 75.17 -25.61
CA ASN C 409 -0.73 76.01 -26.03
C ASN C 409 0.57 75.39 -25.52
N CYS C 410 0.45 74.18 -24.95
CA CYS C 410 1.62 73.49 -24.44
C CYS C 410 1.38 71.98 -24.30
N THR C 411 2.30 71.19 -24.85
CA THR C 411 2.22 69.73 -24.86
C THR C 411 3.38 69.00 -24.21
N TYR C 412 4.32 69.74 -23.66
CA TYR C 412 5.46 69.13 -22.99
C TYR C 412 5.09 69.30 -21.53
N PHE C 413 5.28 68.28 -20.71
CA PHE C 413 4.88 68.39 -19.31
C PHE C 413 5.76 67.73 -18.27
N SER C 414 5.63 68.25 -17.06
CA SER C 414 6.34 67.75 -15.89
C SER C 414 5.28 67.95 -14.80
N ALA C 415 5.34 67.15 -13.75
CA ALA C 415 4.37 67.30 -12.68
C ALA C 415 4.73 66.54 -11.42
N SER C 416 4.07 66.87 -10.32
CA SER C 416 4.30 66.21 -9.05
C SER C 416 2.99 66.20 -8.27
N PHE C 417 2.72 65.12 -7.54
CA PHE C 417 1.49 65.03 -6.78
C PHE C 417 1.68 65.25 -5.29
N SER C 418 0.61 65.67 -4.63
CA SER C 418 0.64 65.93 -3.19
C SER C 418 0.91 64.60 -2.50
N HIS C 419 1.21 64.65 -1.20
CA HIS C 419 1.51 63.42 -0.47
C HIS C 419 0.32 62.49 -0.28
N SER C 420 -0.60 62.53 -1.24
CA SER C 420 -1.79 61.67 -1.21
C SER C 420 -2.45 61.64 -2.58
N MET C 421 -1.70 62.05 -3.60
CA MET C 421 -2.18 62.03 -4.97
C MET C 421 -3.37 62.95 -5.22
N ASP C 422 -3.97 63.46 -4.16
CA ASP C 422 -5.12 64.33 -4.30
C ASP C 422 -4.95 65.41 -5.36
N PHE C 423 -3.94 66.24 -5.20
CA PHE C 423 -3.68 67.32 -6.14
C PHE C 423 -2.32 67.10 -6.79
N PHE C 424 -2.00 67.92 -7.78
CA PHE C 424 -0.72 67.80 -8.45
C PHE C 424 -0.30 69.07 -9.17
N LEU C 425 0.98 69.40 -9.06
CA LEU C 425 1.54 70.56 -9.72
C LEU C 425 1.84 70.12 -11.14
N LEU C 426 1.53 70.98 -12.10
CA LEU C 426 1.72 70.63 -13.50
C LEU C 426 2.44 71.77 -14.22
N LYS C 427 3.61 71.49 -14.79
CA LYS C 427 4.38 72.51 -15.50
C LYS C 427 4.54 72.24 -16.99
N CYS C 428 4.38 73.30 -17.79
CA CYS C 428 4.46 73.22 -19.24
C CYS C 428 5.82 72.87 -19.83
N GLU C 429 6.62 73.90 -20.11
CA GLU C 429 7.94 73.74 -20.70
C GLU C 429 7.89 73.83 -22.22
N GLY C 430 6.68 73.97 -22.77
CA GLY C 430 6.54 74.08 -24.22
C GLY C 430 5.23 73.52 -24.73
N PRO C 431 4.86 73.79 -25.99
CA PRO C 431 5.63 74.60 -26.94
C PRO C 431 5.48 76.09 -26.63
N GLY C 432 4.37 76.46 -26.02
CA GLY C 432 4.13 77.84 -25.68
C GLY C 432 4.90 78.24 -24.44
N VAL C 433 4.97 79.55 -24.17
CA VAL C 433 5.68 80.02 -22.99
C VAL C 433 5.31 79.16 -21.78
N PRO C 434 6.32 78.69 -21.04
CA PRO C 434 6.21 77.85 -19.85
C PRO C 434 5.35 78.42 -18.73
N MET C 435 4.77 77.54 -17.93
CA MET C 435 3.93 77.96 -16.82
C MET C 435 3.65 76.82 -15.84
N VAL C 436 3.19 77.18 -14.65
CA VAL C 436 2.88 76.19 -13.62
C VAL C 436 1.42 76.29 -13.20
N THR C 437 0.76 75.14 -13.15
CA THR C 437 -0.65 75.10 -12.79
C THR C 437 -0.93 74.10 -11.66
N VAL C 438 -2.12 74.17 -11.07
CA VAL C 438 -2.51 73.27 -9.99
C VAL C 438 -3.87 72.63 -10.27
N HIS C 439 -3.93 71.30 -10.14
CA HIS C 439 -5.17 70.53 -10.40
C HIS C 439 -5.45 69.52 -9.28
N ASN C 440 -6.67 69.00 -9.20
CA ASN C 440 -6.98 67.97 -8.21
C ASN C 440 -7.07 66.65 -8.96
N THR C 441 -6.04 65.81 -8.75
CA THR C 441 -5.90 64.52 -9.41
C THR C 441 -7.12 63.91 -10.10
N THR C 442 -8.21 63.69 -9.36
CA THR C 442 -9.43 63.12 -9.94
C THR C 442 -9.99 64.07 -11.00
N ASP C 443 -10.61 65.14 -10.51
CA ASP C 443 -11.21 66.15 -11.36
C ASP C 443 -10.41 66.60 -12.60
N LYS C 444 -9.13 66.93 -12.42
CA LYS C 444 -8.25 67.39 -13.52
C LYS C 444 -8.46 68.87 -13.79
N LYS C 445 -9.27 69.51 -12.94
CA LYS C 445 -9.61 70.91 -13.07
C LYS C 445 -8.56 71.87 -12.51
N LYS C 446 -8.16 72.84 -13.33
CA LYS C 446 -7.17 73.83 -12.94
C LYS C 446 -7.66 74.63 -11.74
N MET C 447 -7.26 74.22 -10.54
CA MET C 447 -7.68 74.92 -9.34
C MET C 447 -7.20 76.36 -9.30
N PHE C 448 -6.16 76.66 -10.07
CA PHE C 448 -5.61 78.01 -10.16
C PHE C 448 -4.23 78.00 -10.80
N ASP C 449 -3.72 79.19 -11.12
CA ASP C 449 -2.40 79.32 -11.73
C ASP C 449 -1.37 79.70 -10.69
N LEU C 450 -0.20 79.06 -10.75
CA LEU C 450 0.87 79.36 -9.80
C LEU C 450 1.85 80.36 -10.38
N GLU C 451 2.16 80.19 -11.65
CA GLU C 451 3.06 81.09 -12.34
C GLU C 451 2.68 81.08 -13.81
N THR C 452 2.47 82.26 -14.35
CA THR C 452 2.07 82.41 -15.73
C THR C 452 3.13 83.05 -16.62
N ASN C 453 4.06 83.77 -16.01
CA ASN C 453 5.12 84.45 -16.75
C ASN C 453 4.55 85.35 -17.84
N GLU C 454 3.70 86.30 -17.45
CA GLU C 454 3.11 87.21 -18.42
C GLU C 454 4.17 88.08 -19.06
N HIS C 455 5.14 88.51 -18.25
CA HIS C 455 6.24 89.34 -18.75
C HIS C 455 6.69 88.74 -20.07
N VAL C 456 7.09 87.48 -20.00
CA VAL C 456 7.57 86.74 -21.14
C VAL C 456 6.57 86.63 -22.29
N LYS C 457 5.32 86.31 -21.96
CA LYS C 457 4.29 86.19 -22.99
C LYS C 457 4.13 87.51 -23.73
N LYS C 458 4.26 88.60 -23.00
CA LYS C 458 4.15 89.92 -23.61
C LYS C 458 5.32 90.09 -24.56
N ALA C 459 6.51 90.19 -23.98
CA ALA C 459 7.75 90.38 -24.73
C ALA C 459 7.87 89.49 -25.97
N ILE C 460 7.44 88.25 -25.85
CA ILE C 460 7.52 87.33 -26.99
C ILE C 460 6.58 87.79 -28.11
N ASN C 461 5.39 88.24 -27.73
CA ASN C 461 4.41 88.72 -28.69
C ASN C 461 4.80 90.04 -29.36
N ASP C 462 5.86 90.67 -28.89
CA ASP C 462 6.33 91.93 -29.46
C ASP C 462 7.45 91.62 -30.45
N ARG C 463 7.77 90.34 -30.57
CA ARG C 463 8.86 89.92 -31.44
C ARG C 463 8.49 88.92 -32.54
N GLN C 464 9.25 88.95 -33.63
CA GLN C 464 9.03 88.06 -34.77
C GLN C 464 9.59 86.67 -34.48
N MET C 465 8.97 86.00 -33.52
CA MET C 465 9.38 84.66 -33.13
C MET C 465 9.48 83.70 -34.30
N PRO C 466 10.51 82.87 -34.33
CA PRO C 466 10.66 81.91 -35.43
C PRO C 466 9.48 80.96 -35.52
N LYS C 467 9.26 80.43 -36.72
CA LYS C 467 8.16 79.52 -36.98
C LYS C 467 8.62 78.05 -36.94
N VAL C 468 7.99 77.27 -36.07
CA VAL C 468 8.33 75.86 -35.90
C VAL C 468 7.70 74.97 -36.97
N GLU C 469 8.31 73.81 -37.20
CA GLU C 469 7.83 72.85 -38.19
C GLU C 469 8.47 71.49 -38.03
N TYR C 470 7.66 70.45 -37.83
CA TYR C 470 8.18 69.10 -37.67
C TYR C 470 7.99 68.31 -38.97
N ARG C 471 9.01 67.54 -39.35
CA ARG C 471 8.96 66.80 -40.60
C ARG C 471 9.65 65.43 -40.54
N ASP C 472 9.04 64.49 -39.83
CA ASP C 472 9.60 63.15 -39.70
C ASP C 472 10.08 62.62 -41.05
N ILE C 473 11.35 62.23 -41.11
CA ILE C 473 11.93 61.67 -42.33
C ILE C 473 12.19 60.22 -41.94
N GLU C 474 12.90 59.45 -42.74
CA GLU C 474 13.16 58.07 -42.36
C GLU C 474 14.18 57.28 -43.16
N ILE C 475 14.91 56.42 -42.46
CA ILE C 475 15.94 55.55 -43.03
C ILE C 475 15.71 54.18 -42.41
N ASP C 476 15.45 53.18 -43.26
CA ASP C 476 15.18 51.83 -42.80
C ASP C 476 13.87 51.83 -42.01
N ASP C 477 13.68 50.82 -41.17
CA ASP C 477 12.45 50.73 -40.38
C ASP C 477 12.33 51.83 -39.33
N TYR C 478 13.10 52.91 -39.49
CA TYR C 478 13.07 54.02 -38.54
C TYR C 478 12.63 55.34 -39.19
N ASN C 479 11.87 56.14 -38.45
CA ASN C 479 11.42 57.44 -38.91
C ASN C 479 12.15 58.45 -38.02
N LEU C 480 13.00 59.27 -38.62
CA LEU C 480 13.77 60.24 -37.87
C LEU C 480 13.11 61.62 -37.81
N PRO C 481 12.64 62.02 -36.62
CA PRO C 481 11.99 63.33 -36.45
C PRO C 481 13.01 64.42 -36.76
N MET C 482 12.53 65.58 -37.22
CA MET C 482 13.43 66.68 -37.50
C MET C 482 12.70 67.99 -37.58
N GLN C 483 12.79 68.81 -36.53
CA GLN C 483 12.10 70.08 -36.57
C GLN C 483 12.94 71.11 -37.31
N ILE C 484 12.27 71.97 -38.06
CA ILE C 484 12.94 73.01 -38.83
C ILE C 484 12.36 74.35 -38.42
N LEU C 485 13.24 75.31 -38.11
CA LEU C 485 12.80 76.64 -37.69
C LEU C 485 12.89 77.64 -38.84
N LYS C 486 11.77 78.28 -39.15
CA LYS C 486 11.70 79.28 -40.22
C LYS C 486 11.58 80.69 -39.64
N PRO C 487 12.26 81.66 -40.27
CA PRO C 487 12.34 83.10 -39.96
C PRO C 487 11.11 83.89 -39.51
N ALA C 488 9.93 83.29 -39.52
CA ALA C 488 8.70 83.97 -39.09
C ALA C 488 8.08 84.96 -40.08
N THR C 489 8.89 85.46 -41.01
CA THR C 489 8.41 86.40 -42.03
C THR C 489 8.81 85.70 -43.31
N PHE C 490 8.79 84.38 -43.21
CA PHE C 490 9.15 83.44 -44.25
C PHE C 490 8.21 83.46 -45.45
N THR C 491 8.77 83.64 -46.64
CA THR C 491 8.01 83.63 -47.87
C THR C 491 8.43 82.34 -48.54
N ASP C 492 8.56 82.36 -49.86
CA ASP C 492 8.98 81.17 -50.58
C ASP C 492 9.87 81.58 -51.73
N THR C 493 9.82 82.86 -52.06
CA THR C 493 10.61 83.44 -53.15
C THR C 493 12.07 83.45 -52.77
N THR C 494 12.37 84.22 -51.72
CA THR C 494 13.72 84.37 -51.20
C THR C 494 14.34 83.04 -50.81
N HIS C 495 15.67 82.98 -50.92
CA HIS C 495 16.44 81.80 -50.58
C HIS C 495 17.15 82.04 -49.25
N TYR C 496 17.00 81.11 -48.32
CA TYR C 496 17.63 81.25 -47.01
C TYR C 496 18.81 80.31 -46.85
N PRO C 497 19.75 80.67 -45.95
CA PRO C 497 20.93 79.85 -45.68
C PRO C 497 20.52 78.76 -44.70
N LEU C 498 21.14 77.60 -44.80
CA LEU C 498 20.79 76.49 -43.92
C LEU C 498 21.77 76.29 -42.78
N LEU C 499 21.26 76.23 -41.55
CA LEU C 499 22.10 76.01 -40.38
C LEU C 499 21.73 74.73 -39.67
N LEU C 500 22.52 73.68 -39.89
CA LEU C 500 22.28 72.39 -39.24
C LEU C 500 22.86 72.44 -37.83
N VAL C 501 21.98 72.34 -36.83
CA VAL C 501 22.43 72.34 -35.45
C VAL C 501 22.31 70.91 -34.94
N VAL C 502 23.45 70.25 -34.79
CA VAL C 502 23.47 68.86 -34.37
C VAL C 502 24.04 68.60 -32.99
N ASP C 503 23.36 67.72 -32.25
CA ASP C 503 23.78 67.31 -30.93
C ASP C 503 24.15 65.85 -31.14
N GLY C 504 23.15 64.98 -31.13
CA GLY C 504 23.38 63.57 -31.37
C GLY C 504 23.98 62.71 -30.28
N THR C 505 23.94 63.16 -29.04
CA THR C 505 24.49 62.32 -27.98
C THR C 505 23.58 61.11 -27.92
N PRO C 506 24.16 59.90 -27.96
CA PRO C 506 23.33 58.71 -27.90
C PRO C 506 22.41 58.67 -26.68
N GLY C 507 21.12 58.51 -26.95
CA GLY C 507 20.14 58.45 -25.87
C GLY C 507 19.35 59.75 -25.73
N SER C 508 19.97 60.86 -26.11
CA SER C 508 19.34 62.18 -26.00
C SER C 508 18.24 62.36 -27.03
N GLN C 509 17.67 63.57 -27.06
CA GLN C 509 16.59 63.91 -27.98
C GLN C 509 16.69 65.39 -28.32
N SER C 510 16.85 65.71 -29.60
CA SER C 510 16.98 67.10 -30.03
C SER C 510 15.71 67.71 -30.58
N VAL C 511 14.74 66.87 -30.95
CA VAL C 511 13.48 67.34 -31.49
C VAL C 511 12.35 67.18 -30.49
N ALA C 512 12.01 68.27 -29.81
CA ALA C 512 10.93 68.24 -28.83
C ALA C 512 10.20 69.55 -28.80
N GLU C 513 8.96 69.52 -28.33
CA GLU C 513 8.14 70.71 -28.26
C GLU C 513 8.32 71.54 -27.01
N LYS C 514 9.56 71.65 -26.53
CA LYS C 514 9.84 72.46 -25.34
C LYS C 514 10.01 73.91 -25.79
N PHE C 515 9.90 74.84 -24.86
CA PHE C 515 10.05 76.25 -25.16
C PHE C 515 11.49 76.69 -24.92
N GLU C 516 12.22 76.96 -26.00
CA GLU C 516 13.60 77.41 -25.89
C GLU C 516 13.90 78.63 -26.73
N VAL C 517 14.79 79.47 -26.20
CA VAL C 517 15.23 80.66 -26.90
C VAL C 517 16.72 80.82 -26.64
N SER C 518 17.52 80.65 -27.70
CA SER C 518 18.97 80.76 -27.61
C SER C 518 19.45 81.53 -28.83
N TRP C 519 20.76 81.50 -29.07
CA TRP C 519 21.35 82.20 -30.21
C TRP C 519 20.78 81.70 -31.54
N GLU C 520 20.15 80.54 -31.51
CA GLU C 520 19.54 79.98 -32.71
C GLU C 520 18.34 80.85 -33.06
N THR C 521 17.58 81.22 -32.04
CA THR C 521 16.41 82.08 -32.22
C THR C 521 16.85 83.37 -32.89
N VAL C 522 17.96 83.92 -32.41
CA VAL C 522 18.52 85.16 -32.94
C VAL C 522 18.89 84.98 -34.41
N MET C 523 19.51 83.85 -34.73
CA MET C 523 19.93 83.56 -36.10
C MET C 523 18.74 83.49 -37.05
N VAL C 524 17.64 82.92 -36.58
CA VAL C 524 16.44 82.80 -37.42
C VAL C 524 15.76 84.17 -37.51
N SER C 525 15.52 84.77 -36.35
CA SER C 525 14.85 86.06 -36.27
C SER C 525 15.67 87.23 -36.85
N SER C 526 16.71 87.64 -36.14
CA SER C 526 17.55 88.77 -36.54
C SER C 526 18.37 88.61 -37.81
N HIS C 527 18.72 87.39 -38.19
CA HIS C 527 19.52 87.23 -39.39
C HIS C 527 18.90 86.31 -40.43
N GLY C 528 17.60 86.07 -40.25
CA GLY C 528 16.83 85.24 -41.15
C GLY C 528 17.49 84.02 -41.79
N ALA C 529 17.50 82.92 -41.07
CA ALA C 529 18.07 81.69 -41.58
C ALA C 529 17.25 80.56 -41.00
N VAL C 530 17.22 79.43 -41.69
CA VAL C 530 16.46 78.29 -41.21
C VAL C 530 17.40 77.29 -40.56
N VAL C 531 17.07 76.89 -39.33
CA VAL C 531 17.88 75.92 -38.60
C VAL C 531 17.18 74.58 -38.66
N VAL C 532 17.96 73.51 -38.76
CA VAL C 532 17.40 72.18 -38.82
C VAL C 532 18.03 71.25 -37.78
N LYS C 533 17.17 70.58 -37.04
CA LYS C 533 17.60 69.63 -36.03
C LYS C 533 16.97 68.32 -36.43
N CYS C 534 17.68 67.22 -36.17
CA CYS C 534 17.16 65.91 -36.53
C CYS C 534 17.71 64.87 -35.56
N ASP C 535 16.90 63.87 -35.24
CA ASP C 535 17.33 62.82 -34.32
C ASP C 535 17.46 61.47 -35.03
N GLY C 536 18.66 61.13 -35.48
CA GLY C 536 18.87 59.87 -36.18
C GLY C 536 18.97 58.67 -35.26
N ARG C 537 19.56 57.56 -35.73
CA ARG C 537 19.67 56.40 -34.85
C ARG C 537 20.67 56.72 -33.75
N GLY C 538 20.33 56.28 -32.54
CA GLY C 538 21.16 56.56 -31.40
C GLY C 538 20.32 57.48 -30.54
N SER C 539 19.33 58.11 -31.18
CA SER C 539 18.42 59.00 -30.47
C SER C 539 17.73 58.17 -29.43
N GLY C 540 17.12 58.84 -28.45
CA GLY C 540 16.40 58.11 -27.42
C GLY C 540 14.91 58.21 -27.68
N PHE C 541 14.13 57.72 -26.74
CA PHE C 541 12.66 57.77 -26.81
C PHE C 541 11.99 57.10 -28.01
N GLN C 542 12.66 56.13 -28.60
CA GLN C 542 12.11 55.38 -29.73
C GLN C 542 12.61 53.95 -29.72
N GLY C 543 12.63 53.38 -28.52
CA GLY C 543 13.05 52.00 -28.35
C GLY C 543 14.49 51.59 -28.59
N THR C 544 14.87 50.60 -27.80
CA THR C 544 16.18 49.98 -27.82
C THR C 544 16.83 49.86 -29.18
N LYS C 545 16.11 49.23 -30.11
CA LYS C 545 16.61 49.01 -31.46
C LYS C 545 17.23 50.26 -32.09
N LEU C 546 16.47 51.35 -32.12
CA LEU C 546 16.95 52.61 -32.69
C LEU C 546 18.20 53.08 -31.95
N LEU C 547 18.09 53.13 -30.62
CA LEU C 547 19.17 53.57 -29.75
C LEU C 547 20.51 52.87 -29.98
N HIS C 548 20.49 51.55 -29.94
CA HIS C 548 21.69 50.73 -30.10
C HIS C 548 22.29 50.68 -31.50
N GLU C 549 21.60 51.28 -32.46
CA GLU C 549 22.09 51.26 -33.81
C GLU C 549 23.52 51.81 -33.93
N VAL C 550 23.93 52.63 -32.97
CA VAL C 550 25.26 53.22 -33.03
C VAL C 550 26.36 52.47 -32.27
N ARG C 551 26.01 51.38 -31.59
CA ARG C 551 26.99 50.59 -30.85
C ARG C 551 28.24 50.36 -31.71
N ARG C 552 29.41 50.69 -31.15
CA ARG C 552 30.69 50.50 -31.82
C ARG C 552 30.82 51.20 -33.17
N ARG C 553 29.84 52.03 -33.50
CA ARG C 553 29.83 52.78 -34.76
C ARG C 553 29.63 54.26 -34.52
N LEU C 554 29.89 54.68 -33.30
CA LEU C 554 29.76 56.07 -32.90
C LEU C 554 30.20 57.02 -34.01
N GLY C 555 29.31 57.94 -34.39
CA GLY C 555 29.66 58.91 -35.42
C GLY C 555 29.57 58.48 -36.87
N LEU C 556 29.31 57.21 -37.13
CA LEU C 556 29.20 56.76 -38.50
C LEU C 556 27.79 56.94 -39.03
N LEU C 557 26.85 56.21 -38.43
CA LEU C 557 25.47 56.32 -38.85
C LEU C 557 24.99 57.76 -38.74
N GLU C 558 25.10 58.34 -37.55
CA GLU C 558 24.64 59.71 -37.37
C GLU C 558 25.13 60.68 -38.43
N GLU C 559 26.23 60.33 -39.10
CA GLU C 559 26.75 61.20 -40.16
C GLU C 559 25.78 61.10 -41.34
N LYS C 560 25.37 59.88 -41.64
CA LYS C 560 24.45 59.61 -42.74
C LYS C 560 23.06 60.15 -42.43
N ASP C 561 22.54 59.80 -41.26
CA ASP C 561 21.22 60.26 -40.84
C ASP C 561 21.15 61.78 -40.91
N GLN C 562 22.22 62.45 -40.48
CA GLN C 562 22.27 63.90 -40.49
C GLN C 562 22.40 64.41 -41.92
N MET C 563 23.30 63.81 -42.70
CA MET C 563 23.47 64.24 -44.08
C MET C 563 22.18 64.07 -44.86
N GLU C 564 21.43 63.02 -44.53
CA GLU C 564 20.18 62.75 -45.23
C GLU C 564 19.15 63.82 -44.91
N ALA C 565 19.15 64.30 -43.66
CA ALA C 565 18.21 65.34 -43.25
C ALA C 565 18.59 66.66 -43.90
N VAL C 566 19.88 66.83 -44.17
CA VAL C 566 20.38 68.03 -44.81
C VAL C 566 19.98 68.02 -46.28
N ARG C 567 20.17 66.86 -46.91
CA ARG C 567 19.81 66.70 -48.32
C ARG C 567 18.34 67.00 -48.57
N THR C 568 17.45 66.32 -47.86
CA THR C 568 16.03 66.53 -48.03
C THR C 568 15.62 67.99 -47.78
N MET C 569 16.47 68.71 -47.06
CA MET C 569 16.20 70.11 -46.75
C MET C 569 16.78 70.96 -47.88
N LEU C 570 17.84 70.45 -48.50
CA LEU C 570 18.49 71.14 -49.61
C LEU C 570 17.60 71.13 -50.84
N LYS C 571 16.78 70.08 -50.96
CA LYS C 571 15.88 69.94 -52.10
C LYS C 571 14.89 71.10 -52.21
N GLU C 572 14.39 71.58 -51.08
CA GLU C 572 13.45 72.69 -51.09
C GLU C 572 14.05 73.86 -51.88
N GLN C 573 13.20 74.80 -52.28
CA GLN C 573 13.69 75.94 -53.05
C GLN C 573 13.88 77.19 -52.18
N TYR C 574 13.40 77.14 -50.95
CA TYR C 574 13.54 78.29 -50.06
C TYR C 574 14.84 78.21 -49.25
N ILE C 575 15.81 77.49 -49.83
CA ILE C 575 17.13 77.29 -49.23
C ILE C 575 18.12 77.17 -50.38
N ASP C 576 19.25 77.87 -50.28
CA ASP C 576 20.24 77.83 -51.36
C ASP C 576 21.52 77.07 -51.03
N ARG C 577 21.75 75.98 -51.76
CA ARG C 577 22.92 75.13 -51.58
C ARG C 577 24.22 75.85 -51.20
N THR C 578 24.40 77.09 -51.64
CA THR C 578 25.64 77.80 -51.34
C THR C 578 25.91 78.16 -49.89
N ARG C 579 24.87 78.44 -49.11
CA ARG C 579 25.07 78.81 -47.72
C ARG C 579 24.56 77.79 -46.70
N VAL C 580 25.29 76.69 -46.58
CA VAL C 580 24.94 75.63 -45.65
C VAL C 580 26.02 75.57 -44.55
N ALA C 581 25.58 75.60 -43.29
CA ALA C 581 26.50 75.56 -42.15
C ALA C 581 26.08 74.53 -41.09
N VAL C 582 27.02 74.15 -40.24
CA VAL C 582 26.76 73.19 -39.18
C VAL C 582 27.40 73.60 -37.87
N PHE C 583 26.72 73.29 -36.76
CA PHE C 583 27.22 73.61 -35.43
C PHE C 583 26.86 72.49 -34.47
N GLY C 584 27.73 72.27 -33.49
CA GLY C 584 27.48 71.25 -32.50
C GLY C 584 28.39 71.44 -31.31
N LYS C 585 27.92 71.06 -30.13
CA LYS C 585 28.73 71.20 -28.93
C LYS C 585 28.80 69.86 -28.21
N ASP C 586 29.93 69.64 -27.53
CA ASP C 586 30.18 68.40 -26.80
C ASP C 586 30.20 67.22 -27.78
N TYR C 587 29.35 66.23 -27.56
CA TYR C 587 29.34 65.11 -28.49
C TYR C 587 28.85 65.68 -29.83
N GLY C 588 28.13 66.79 -29.74
CA GLY C 588 27.62 67.45 -30.92
C GLY C 588 28.75 68.11 -31.67
N GLY C 589 29.80 68.50 -30.94
CA GLY C 589 30.95 69.12 -31.58
C GLY C 589 31.70 68.06 -32.35
N TYR C 590 31.68 66.84 -31.83
CA TYR C 590 32.34 65.71 -32.46
C TYR C 590 31.67 65.45 -33.82
N LEU C 591 30.35 65.33 -33.80
CA LEU C 591 29.59 65.11 -35.03
C LEU C 591 29.77 66.32 -35.93
N SER C 592 29.69 67.49 -35.34
CA SER C 592 29.85 68.72 -36.09
C SER C 592 31.12 68.70 -36.93
N THR C 593 32.26 68.37 -36.31
CA THR C 593 33.50 68.36 -37.08
C THR C 593 33.62 67.11 -37.94
N TYR C 594 32.78 66.12 -37.65
CA TYR C 594 32.79 64.87 -38.41
C TYR C 594 32.06 65.08 -39.74
N ILE C 595 31.06 65.96 -39.74
CA ILE C 595 30.25 66.25 -40.91
C ILE C 595 30.73 67.39 -41.81
N LEU C 596 32.02 67.47 -42.11
CA LEU C 596 32.44 68.53 -43.03
C LEU C 596 33.04 67.87 -44.25
N PRO C 597 32.17 67.30 -45.11
CA PRO C 597 32.52 66.62 -46.33
C PRO C 597 31.79 67.21 -47.53
N ALA C 598 31.76 66.42 -48.58
CA ALA C 598 31.11 66.76 -49.83
C ALA C 598 30.41 65.48 -50.28
N LYS C 599 29.08 65.52 -50.36
CA LYS C 599 28.34 64.35 -50.79
C LYS C 599 28.61 64.09 -52.28
N GLY C 600 28.71 62.82 -52.66
CA GLY C 600 29.01 62.47 -54.04
C GLY C 600 30.49 62.78 -54.19
N GLU C 601 30.86 63.44 -55.27
CA GLU C 601 32.25 63.83 -55.51
C GLU C 601 32.24 65.05 -56.42
N ASN C 602 31.50 64.94 -57.50
CA ASN C 602 31.38 66.02 -58.47
C ASN C 602 30.56 67.12 -57.79
N GLN C 603 29.65 66.71 -56.91
CA GLN C 603 28.81 67.65 -56.16
C GLN C 603 29.40 67.80 -54.76
N GLY C 604 30.67 68.19 -54.72
CA GLY C 604 31.37 68.36 -53.46
C GLY C 604 31.06 69.64 -52.70
N GLN C 605 31.73 69.81 -51.56
CA GLN C 605 31.56 70.97 -50.70
C GLN C 605 30.09 71.19 -50.31
N THR C 606 29.60 70.36 -49.40
CA THR C 606 28.21 70.47 -48.95
C THR C 606 28.04 71.63 -47.98
N PHE C 607 29.06 71.85 -47.15
CA PHE C 607 29.01 72.92 -46.17
C PHE C 607 30.01 74.03 -46.48
N THR C 608 29.68 75.23 -46.06
CA THR C 608 30.53 76.40 -46.27
C THR C 608 31.39 76.60 -45.03
N CYS C 609 30.77 76.48 -43.87
CA CYS C 609 31.47 76.64 -42.60
C CYS C 609 30.80 75.85 -41.48
N GLY C 610 31.61 75.43 -40.52
CA GLY C 610 31.11 74.68 -39.39
C GLY C 610 31.79 75.10 -38.11
N SER C 611 31.23 74.71 -36.98
CA SER C 611 31.81 75.06 -35.70
C SER C 611 31.56 74.00 -34.64
N ALA C 612 32.54 73.81 -33.77
CA ALA C 612 32.42 72.83 -32.70
C ALA C 612 32.81 73.43 -31.36
N LEU C 613 31.94 73.29 -30.38
CA LEU C 613 32.18 73.82 -29.05
C LEU C 613 32.58 72.70 -28.11
N SER C 614 33.81 72.75 -27.57
CA SER C 614 34.29 71.72 -26.68
C SER C 614 34.03 70.36 -27.30
N PRO C 615 34.57 70.12 -28.50
CA PRO C 615 34.39 68.86 -29.23
C PRO C 615 35.22 67.70 -28.72
N ILE C 616 34.59 66.54 -28.57
CA ILE C 616 35.33 65.36 -28.16
C ILE C 616 35.81 64.85 -29.53
N THR C 617 37.09 64.47 -29.62
CA THR C 617 37.65 64.04 -30.89
C THR C 617 38.39 62.71 -30.84
N ASP C 618 38.36 62.08 -29.69
CA ASP C 618 39.05 60.80 -29.51
C ASP C 618 38.55 60.13 -28.25
N PHE C 619 37.67 59.14 -28.41
CA PHE C 619 37.11 58.47 -27.25
C PHE C 619 38.12 57.75 -26.34
N LYS C 620 39.38 57.76 -26.73
CA LYS C 620 40.42 57.16 -25.92
C LYS C 620 40.73 58.16 -24.82
N LEU C 621 40.47 59.44 -25.13
CA LEU C 621 40.72 60.52 -24.20
C LEU C 621 39.48 60.94 -23.45
N TYR C 622 38.38 60.23 -23.63
CA TYR C 622 37.15 60.59 -22.94
C TYR C 622 36.86 59.69 -21.75
N ALA C 623 35.97 60.17 -20.88
CA ALA C 623 35.57 59.45 -19.68
C ALA C 623 35.21 58.00 -19.96
N SER C 624 35.81 57.10 -19.17
CA SER C 624 35.56 55.67 -19.30
C SER C 624 34.07 55.35 -19.45
N ALA C 625 33.30 55.71 -18.43
CA ALA C 625 31.87 55.44 -18.39
C ALA C 625 31.11 55.76 -19.68
N PHE C 626 31.59 56.75 -20.44
CA PHE C 626 30.91 57.11 -21.67
C PHE C 626 31.38 56.29 -22.85
N SER C 627 32.68 56.33 -23.13
CA SER C 627 33.27 55.60 -24.24
C SER C 627 32.98 54.12 -24.19
N GLU C 628 33.35 53.49 -23.07
CA GLU C 628 33.17 52.06 -22.91
C GLU C 628 31.73 51.61 -23.11
N ARG C 629 30.79 52.50 -22.80
CA ARG C 629 29.38 52.19 -22.94
C ARG C 629 28.97 51.93 -24.39
N TYR C 630 29.54 52.69 -25.31
CA TYR C 630 29.19 52.55 -26.72
C TYR C 630 30.20 51.78 -27.56
N LEU C 631 31.46 51.74 -27.12
CA LEU C 631 32.50 51.05 -27.87
C LEU C 631 33.03 49.80 -27.16
N GLY C 632 32.48 49.48 -25.99
CA GLY C 632 32.95 48.32 -25.25
C GLY C 632 34.22 48.63 -24.51
N LEU C 633 34.64 47.73 -23.62
CA LEU C 633 35.86 47.97 -22.85
C LEU C 633 37.06 48.09 -23.77
N HIS C 634 38.06 48.83 -23.32
CA HIS C 634 39.28 49.05 -24.09
C HIS C 634 40.33 48.01 -23.67
N GLY C 635 41.46 48.49 -23.16
CA GLY C 635 42.52 47.59 -22.73
C GLY C 635 43.09 46.76 -23.86
N LEU C 636 42.47 45.61 -24.13
CA LEU C 636 42.90 44.71 -25.19
C LEU C 636 42.55 45.35 -26.54
N ASP C 637 42.52 46.68 -26.54
CA ASP C 637 42.21 47.50 -27.71
C ASP C 637 40.98 46.99 -28.48
N ASN C 638 39.81 47.52 -28.11
CA ASN C 638 38.56 47.14 -28.75
C ASN C 638 38.53 47.67 -30.18
N ARG C 639 39.60 48.38 -30.54
CA ARG C 639 39.77 48.96 -31.86
C ARG C 639 38.50 49.52 -32.52
N ALA C 640 37.75 50.27 -31.74
CA ALA C 640 36.55 50.92 -32.23
C ALA C 640 36.91 52.37 -31.93
N TYR C 641 37.87 52.50 -31.01
CA TYR C 641 38.38 53.78 -30.57
C TYR C 641 39.30 54.35 -31.65
N GLU C 642 39.58 53.53 -32.66
CA GLU C 642 40.47 53.98 -33.73
C GLU C 642 39.71 54.55 -34.91
N MET C 643 38.69 53.82 -35.35
CA MET C 643 37.90 54.25 -36.49
C MET C 643 36.94 55.38 -36.16
N THR C 644 36.62 55.53 -34.89
CA THR C 644 35.72 56.59 -34.48
C THR C 644 36.45 57.93 -34.39
N LYS C 645 37.78 57.88 -34.28
CA LYS C 645 38.58 59.09 -34.21
C LYS C 645 38.19 60.02 -35.34
N VAL C 646 37.82 61.25 -34.98
CA VAL C 646 37.38 62.23 -35.97
C VAL C 646 38.54 62.65 -36.88
N ALA C 647 39.76 62.34 -36.46
CA ALA C 647 40.96 62.68 -37.23
C ALA C 647 40.89 62.20 -38.68
N HIS C 648 40.39 60.98 -38.86
CA HIS C 648 40.27 60.40 -40.20
C HIS C 648 39.46 61.26 -41.16
N ARG C 649 38.49 61.98 -40.63
CA ARG C 649 37.62 62.82 -41.45
C ARG C 649 38.16 64.18 -41.88
N VAL C 650 38.84 64.89 -40.98
CA VAL C 650 39.36 66.21 -41.33
C VAL C 650 40.31 66.16 -42.51
N SER C 651 40.80 64.97 -42.84
CA SER C 651 41.72 64.78 -43.95
C SER C 651 41.14 65.43 -45.20
N ALA C 652 39.81 65.32 -45.36
CA ALA C 652 39.11 65.91 -46.50
C ALA C 652 39.24 67.41 -46.35
N LEU C 653 38.24 68.05 -45.75
CA LEU C 653 38.25 69.49 -45.53
C LEU C 653 39.02 70.23 -46.62
N GLU C 654 38.30 70.91 -47.50
CA GLU C 654 38.98 71.61 -48.57
C GLU C 654 38.82 73.12 -48.55
N GLU C 655 37.58 73.58 -48.43
CA GLU C 655 37.33 75.02 -48.47
C GLU C 655 36.51 75.60 -47.34
N GLN C 656 36.05 74.74 -46.44
CA GLN C 656 35.21 75.19 -45.34
C GLN C 656 35.94 75.95 -44.23
N GLN C 657 35.24 76.89 -43.61
CA GLN C 657 35.79 77.66 -42.50
C GLN C 657 35.47 76.84 -41.26
N PHE C 658 36.47 76.58 -40.43
CA PHE C 658 36.27 75.79 -39.23
C PHE C 658 36.60 76.59 -37.97
N LEU C 659 35.58 76.83 -37.15
CA LEU C 659 35.76 77.58 -35.92
C LEU C 659 35.55 76.68 -34.70
N ILE C 660 36.64 76.46 -33.96
CA ILE C 660 36.61 75.65 -32.77
C ILE C 660 36.59 76.56 -31.55
N ILE C 661 35.61 76.38 -30.68
CA ILE C 661 35.51 77.16 -29.45
C ILE C 661 35.70 76.17 -28.30
N HIS C 662 36.63 76.49 -27.40
CA HIS C 662 36.90 75.56 -26.30
C HIS C 662 37.43 76.25 -25.05
N PRO C 663 36.72 76.09 -23.92
CA PRO C 663 37.15 76.68 -22.65
C PRO C 663 38.36 75.86 -22.20
N THR C 664 39.45 76.56 -21.88
CA THR C 664 40.70 75.92 -21.51
C THR C 664 40.79 74.97 -20.34
N ALA C 665 40.09 75.26 -19.25
CA ALA C 665 40.15 74.37 -18.10
C ALA C 665 38.92 73.50 -18.08
N ASP C 666 38.50 73.06 -19.27
CA ASP C 666 37.32 72.21 -19.38
C ASP C 666 37.59 70.88 -18.66
N GLU C 667 36.79 70.60 -17.63
CA GLU C 667 36.94 69.39 -16.84
C GLU C 667 36.16 68.19 -17.38
N LYS C 668 35.22 68.44 -18.28
CA LYS C 668 34.42 67.37 -18.85
C LYS C 668 35.02 66.83 -20.14
N ILE C 669 35.25 67.72 -21.10
CA ILE C 669 35.84 67.34 -22.38
C ILE C 669 37.15 68.14 -22.44
N HIS C 670 38.22 67.51 -21.98
CA HIS C 670 39.54 68.14 -21.92
C HIS C 670 39.97 68.87 -23.19
N PHE C 671 40.58 70.05 -23.00
CA PHE C 671 41.07 70.84 -24.11
C PHE C 671 42.00 69.96 -24.93
N GLN C 672 42.50 68.91 -24.29
CA GLN C 672 43.38 67.95 -24.93
C GLN C 672 42.81 67.51 -26.28
N HIS C 673 41.49 67.32 -26.33
CA HIS C 673 40.87 66.91 -27.58
C HIS C 673 41.14 67.94 -28.66
N THR C 674 40.74 69.17 -28.39
CA THR C 674 40.94 70.24 -29.35
C THR C 674 42.40 70.34 -29.76
N ALA C 675 43.31 70.10 -28.81
CA ALA C 675 44.73 70.16 -29.11
C ALA C 675 45.10 69.08 -30.11
N GLU C 676 44.71 67.84 -29.79
CA GLU C 676 45.01 66.71 -30.66
C GLU C 676 44.41 66.96 -32.05
N LEU C 677 43.19 67.49 -32.10
CA LEU C 677 42.50 67.78 -33.35
C LEU C 677 43.26 68.78 -34.20
N ILE C 678 43.68 69.88 -33.59
CA ILE C 678 44.41 70.90 -34.33
C ILE C 678 45.71 70.33 -34.88
N THR C 679 46.34 69.42 -34.14
CA THR C 679 47.56 68.80 -34.62
C THR C 679 47.28 68.14 -35.96
N GLN C 680 46.14 67.45 -36.03
CA GLN C 680 45.74 66.76 -37.25
C GLN C 680 45.43 67.75 -38.35
N LEU C 681 44.73 68.83 -38.02
CA LEU C 681 44.39 69.84 -39.00
C LEU C 681 45.68 70.42 -39.57
N ILE C 682 46.73 70.45 -38.74
CA ILE C 682 48.01 70.99 -39.17
C ILE C 682 48.73 70.04 -40.10
N ARG C 683 48.73 68.74 -39.76
CA ARG C 683 49.39 67.76 -40.61
C ARG C 683 48.61 67.66 -41.91
N GLY C 684 47.29 67.71 -41.82
CA GLY C 684 46.44 67.62 -42.99
C GLY C 684 46.37 68.93 -43.76
N LYS C 685 47.10 69.94 -43.28
CA LYS C 685 47.13 71.24 -43.93
C LYS C 685 45.74 71.82 -44.20
N ALA C 686 44.86 71.72 -43.21
CA ALA C 686 43.50 72.24 -43.31
C ALA C 686 43.48 73.62 -42.65
N ASN C 687 42.40 74.38 -42.86
CA ASN C 687 42.29 75.70 -42.26
C ASN C 687 41.30 75.69 -41.12
N TYR C 688 41.70 76.23 -39.97
CA TYR C 688 40.84 76.28 -38.80
C TYR C 688 41.02 77.61 -38.10
N SER C 689 40.29 77.79 -37.02
CA SER C 689 40.38 78.99 -36.22
C SER C 689 39.96 78.58 -34.81
N LEU C 690 40.72 79.05 -33.82
CA LEU C 690 40.41 78.69 -32.46
C LEU C 690 40.02 79.91 -31.62
N GLN C 691 39.04 79.72 -30.76
CA GLN C 691 38.60 80.74 -29.84
C GLN C 691 38.68 80.02 -28.52
N ILE C 692 39.45 80.60 -27.60
CA ILE C 692 39.68 79.99 -26.31
C ILE C 692 39.04 80.78 -25.17
N TYR C 693 38.83 80.11 -24.04
CA TYR C 693 38.27 80.75 -22.86
C TYR C 693 39.22 80.38 -21.71
N PRO C 694 40.35 81.09 -21.63
CA PRO C 694 41.39 80.88 -20.63
C PRO C 694 40.89 80.56 -19.22
N ASP C 695 41.40 79.45 -18.69
CA ASP C 695 41.05 78.96 -17.36
C ASP C 695 39.58 78.71 -17.09
N GLU C 696 38.74 78.84 -18.10
CA GLU C 696 37.33 78.62 -17.93
C GLU C 696 36.97 77.15 -17.88
N SER C 697 35.95 76.84 -17.09
CA SER C 697 35.44 75.49 -16.93
C SER C 697 34.64 75.09 -18.17
N HIS C 698 34.06 73.90 -18.13
CA HIS C 698 33.28 73.42 -19.26
C HIS C 698 31.89 74.04 -19.39
N TYR C 699 31.22 74.36 -18.29
CA TYR C 699 29.84 74.85 -18.38
C TYR C 699 29.39 76.27 -18.74
N PHE C 700 30.16 77.31 -18.43
CA PHE C 700 29.72 78.68 -18.73
C PHE C 700 28.54 79.10 -17.85
N THR C 701 28.75 79.12 -16.54
CA THR C 701 27.69 79.50 -15.61
C THR C 701 27.79 80.98 -15.29
N SER C 702 28.07 81.76 -16.33
CA SER C 702 28.21 83.20 -16.21
C SER C 702 27.44 83.86 -17.35
N SER C 703 26.32 84.50 -17.02
CA SER C 703 25.50 85.18 -18.01
C SER C 703 26.39 86.05 -18.88
N SER C 704 27.34 86.72 -18.22
CA SER C 704 28.29 87.56 -18.91
C SER C 704 29.02 86.75 -19.97
N LEU C 705 29.59 85.62 -19.57
CA LEU C 705 30.32 84.75 -20.49
C LEU C 705 29.41 84.11 -21.53
N LYS C 706 28.34 83.47 -21.06
CA LYS C 706 27.38 82.80 -21.94
C LYS C 706 27.02 83.75 -23.08
N GLN C 707 26.82 85.01 -22.72
CA GLN C 707 26.49 86.04 -23.70
C GLN C 707 27.60 86.17 -24.73
N HIS C 708 28.81 86.46 -24.27
CA HIS C 708 29.96 86.58 -25.17
C HIS C 708 30.02 85.34 -26.07
N LEU C 709 29.77 84.17 -25.49
CA LEU C 709 29.79 82.91 -26.25
C LEU C 709 28.83 83.00 -27.43
N TYR C 710 27.55 83.20 -27.11
CA TYR C 710 26.52 83.31 -28.14
C TYR C 710 26.92 84.31 -29.21
N ARG C 711 27.24 85.53 -28.80
CA ARG C 711 27.63 86.57 -29.75
C ARG C 711 28.68 85.99 -30.69
N SER C 712 29.76 85.47 -30.11
CA SER C 712 30.83 84.88 -30.92
C SER C 712 30.24 83.91 -31.93
N ILE C 713 29.44 82.96 -31.45
CA ILE C 713 28.86 82.00 -32.36
C ILE C 713 28.02 82.65 -33.45
N ILE C 714 27.08 83.53 -33.11
CA ILE C 714 26.27 84.15 -34.17
C ILE C 714 27.15 84.79 -35.21
N ASN C 715 28.11 85.60 -34.69
CA ASN C 715 29.06 86.38 -35.49
C ASN C 715 29.82 85.55 -36.50
N PHE C 716 29.96 84.26 -36.23
CA PHE C 716 30.69 83.37 -37.14
C PHE C 716 29.83 82.98 -38.33
N PHE C 717 28.71 82.31 -38.06
CA PHE C 717 27.80 81.87 -39.12
C PHE C 717 27.23 83.01 -39.93
N VAL C 718 26.78 84.06 -39.23
CA VAL C 718 26.20 85.23 -39.87
C VAL C 718 27.17 85.81 -40.90
N GLU C 719 28.46 85.60 -40.66
CA GLU C 719 29.50 86.07 -41.56
C GLU C 719 29.54 85.21 -42.80
N CYS C 720 29.99 83.96 -42.67
CA CYS C 720 30.05 83.06 -43.81
C CYS C 720 28.66 82.77 -44.38
N PHE C 721 27.75 83.72 -44.20
CA PHE C 721 26.39 83.60 -44.71
C PHE C 721 26.05 84.78 -45.63
N ARG C 722 26.18 86.01 -45.14
CA ARG C 722 25.87 87.17 -45.98
C ARG C 722 26.79 87.10 -47.20
N ILE C 723 26.25 87.50 -48.35
CA ILE C 723 27.01 87.45 -49.60
C ILE C 723 27.19 88.83 -50.20
N GLN D 1 55.46 87.33 -67.08
CA GLN D 1 56.36 86.74 -68.10
C GLN D 1 56.93 85.39 -67.65
N LYS D 2 57.35 85.31 -66.39
CA LYS D 2 57.90 84.05 -65.88
C LYS D 2 57.67 83.83 -64.38
N LYS D 3 57.49 82.57 -64.04
CA LYS D 3 57.25 82.08 -62.67
C LYS D 3 57.42 83.08 -61.52
N LYS D 4 56.43 83.11 -60.64
CA LYS D 4 56.46 83.98 -59.45
C LYS D 4 56.98 83.11 -58.31
N VAL D 5 57.63 83.74 -57.33
CA VAL D 5 58.17 82.98 -56.21
C VAL D 5 57.04 82.45 -55.34
N THR D 6 57.00 81.13 -55.19
CA THR D 6 55.96 80.47 -54.40
C THR D 6 56.55 79.80 -53.16
N VAL D 7 55.67 79.38 -52.25
CA VAL D 7 56.11 78.72 -51.02
C VAL D 7 56.91 77.46 -51.33
N GLU D 8 56.44 76.69 -52.31
CA GLU D 8 57.14 75.46 -52.69
C GLU D 8 58.57 75.84 -53.02
N ASP D 9 58.73 76.92 -53.77
CA ASP D 9 60.06 77.39 -54.14
C ASP D 9 60.91 77.60 -52.90
N LEU D 10 60.34 78.27 -51.91
CA LEU D 10 61.07 78.55 -50.67
C LEU D 10 61.75 77.30 -50.13
N PHE D 11 61.02 76.20 -50.09
CA PHE D 11 61.56 74.95 -49.57
C PHE D 11 62.07 74.02 -50.67
N SER D 12 62.44 74.61 -51.81
CA SER D 12 62.94 73.85 -52.95
C SER D 12 64.41 73.54 -52.77
N GLU D 13 64.82 72.36 -53.23
CA GLU D 13 66.23 71.97 -53.12
C GLU D 13 67.00 72.90 -54.04
N ASP D 14 66.25 73.66 -54.84
CA ASP D 14 66.81 74.60 -55.80
C ASP D 14 67.25 75.90 -55.13
N PHE D 15 66.39 76.45 -54.28
CA PHE D 15 66.69 77.70 -53.59
C PHE D 15 67.48 77.49 -52.30
N LYS D 16 67.88 76.26 -52.02
CA LYS D 16 68.65 75.98 -50.81
C LYS D 16 70.10 76.41 -50.96
N ILE D 17 70.53 77.35 -50.13
CA ILE D 17 71.89 77.85 -50.12
C ILE D 17 72.76 76.78 -49.44
N HIS D 18 74.00 76.62 -49.88
CA HIS D 18 74.88 75.64 -49.26
C HIS D 18 76.08 76.31 -48.61
N ASP D 19 76.14 76.28 -47.29
CA ASP D 19 77.24 76.90 -46.58
C ASP D 19 78.30 75.85 -46.32
N PRO D 20 79.48 76.02 -46.95
CA PRO D 20 80.60 75.10 -46.81
C PRO D 20 81.11 75.05 -45.38
N GLU D 21 80.71 76.03 -44.58
CA GLU D 21 81.15 76.11 -43.19
C GLU D 21 82.67 75.93 -43.15
N ALA D 22 83.37 76.73 -43.95
CA ALA D 22 84.82 76.66 -44.03
C ALA D 22 85.46 77.14 -42.74
N LYS D 23 86.47 76.42 -42.26
CA LYS D 23 87.15 76.77 -41.01
C LYS D 23 88.64 76.49 -41.07
N TRP D 24 89.46 77.51 -40.83
CA TRP D 24 90.91 77.35 -40.86
C TRP D 24 91.42 76.40 -39.78
N ILE D 25 92.46 75.65 -40.13
CA ILE D 25 93.08 74.68 -39.22
C ILE D 25 94.52 75.09 -38.98
N SER D 26 95.06 75.85 -39.93
CA SER D 26 96.42 76.33 -39.87
C SER D 26 96.48 77.70 -40.52
N ASP D 27 97.68 78.13 -40.85
CA ASP D 27 97.91 79.42 -41.50
C ASP D 27 98.04 79.21 -42.99
N THR D 28 97.76 77.99 -43.43
CA THR D 28 97.87 77.61 -44.84
C THR D 28 96.68 76.80 -45.36
N GLU D 29 95.76 76.42 -44.47
CA GLU D 29 94.64 75.61 -44.92
C GLU D 29 93.37 75.64 -44.06
N PHE D 30 92.23 75.46 -44.72
CA PHE D 30 90.94 75.44 -44.05
C PHE D 30 90.24 74.10 -44.32
N ILE D 31 89.32 73.71 -43.44
CA ILE D 31 88.61 72.45 -43.54
C ILE D 31 87.92 72.11 -44.86
N TYR D 32 87.29 73.09 -45.49
CA TYR D 32 86.55 72.85 -46.73
C TYR D 32 85.44 71.90 -46.35
N ARG D 33 84.75 72.28 -45.28
CA ARG D 33 83.64 71.53 -44.72
C ARG D 33 82.65 71.16 -45.83
N GLU D 34 82.06 69.97 -45.70
CA GLU D 34 81.07 69.45 -46.65
C GLU D 34 80.85 70.31 -47.90
N GLN D 35 81.11 69.73 -49.07
CA GLN D 35 80.90 70.44 -50.32
C GLN D 35 79.45 70.20 -50.78
N LYS D 36 78.87 69.13 -50.25
CA LYS D 36 77.51 68.65 -50.50
C LYS D 36 77.58 67.15 -50.29
N GLY D 37 78.08 66.80 -49.11
CA GLY D 37 78.25 65.43 -48.71
C GLY D 37 79.61 65.28 -48.04
N THR D 38 80.60 64.91 -48.85
CA THR D 38 81.96 64.71 -48.38
C THR D 38 82.62 65.95 -47.77
N VAL D 39 83.48 65.70 -46.79
CA VAL D 39 84.25 66.72 -46.08
C VAL D 39 85.69 66.68 -46.55
N ARG D 40 86.18 67.80 -47.08
CA ARG D 40 87.54 67.85 -47.58
C ARG D 40 88.57 68.54 -46.68
N LEU D 41 89.55 69.17 -47.32
CA LEU D 41 90.63 69.88 -46.63
C LEU D 41 91.50 70.60 -47.65
N TRP D 42 91.10 71.81 -48.00
CA TRP D 42 91.81 72.64 -48.97
C TRP D 42 93.14 73.13 -48.41
N ASN D 43 94.11 73.32 -49.29
CA ASN D 43 95.42 73.82 -48.89
C ASN D 43 95.73 74.99 -49.82
N VAL D 44 95.25 76.17 -49.45
CA VAL D 44 95.43 77.38 -50.24
C VAL D 44 96.80 77.61 -50.88
N GLU D 45 97.88 77.28 -50.18
CA GLU D 45 99.22 77.49 -50.72
C GLU D 45 99.51 76.68 -51.98
N THR D 46 99.00 75.45 -52.01
CA THR D 46 99.22 74.58 -53.16
C THR D 46 97.99 73.71 -53.38
N ASN D 47 96.93 74.31 -53.92
CA ASN D 47 95.67 73.64 -54.20
C ASN D 47 95.70 72.13 -54.00
N THR D 48 95.55 71.71 -52.74
CA THR D 48 95.55 70.30 -52.39
C THR D 48 94.38 70.00 -51.45
N SER D 49 93.17 69.93 -52.01
CA SER D 49 91.99 69.65 -51.21
C SER D 49 91.80 68.15 -51.03
N THR D 50 92.47 67.60 -50.02
CA THR D 50 92.38 66.17 -49.71
C THR D 50 90.95 65.82 -49.29
N VAL D 51 90.75 64.58 -48.86
CA VAL D 51 89.44 64.14 -48.41
C VAL D 51 89.56 63.62 -46.97
N LEU D 52 88.80 64.23 -46.06
CA LEU D 52 88.84 63.85 -44.66
C LEU D 52 87.70 62.92 -44.26
N ILE D 53 86.49 63.23 -44.71
CA ILE D 53 85.31 62.41 -44.44
C ILE D 53 84.49 62.43 -45.71
N GLU D 54 83.67 61.40 -45.92
CA GLU D 54 82.86 61.30 -47.13
C GLU D 54 81.39 61.02 -46.81
N GLY D 55 80.60 60.72 -47.84
CA GLY D 55 79.20 60.41 -47.64
C GLY D 55 79.01 59.15 -46.81
N LYS D 56 79.88 58.97 -45.82
CA LYS D 56 79.80 57.83 -44.91
C LYS D 56 79.16 58.42 -43.65
N LYS D 57 78.83 59.70 -43.74
CA LYS D 57 78.18 60.42 -42.65
C LYS D 57 76.72 60.02 -42.75
N ILE D 58 76.25 59.92 -43.99
CA ILE D 58 74.88 59.51 -44.26
C ILE D 58 74.76 58.14 -43.59
N GLU D 59 75.84 57.37 -43.69
CA GLU D 59 75.93 56.04 -43.09
C GLU D 59 75.53 56.15 -41.62
N SER D 60 76.34 56.88 -40.86
CA SER D 60 76.09 57.08 -39.44
C SER D 60 74.78 57.83 -39.23
N LEU D 61 73.69 57.14 -39.55
CA LEU D 61 72.34 57.67 -39.42
C LEU D 61 72.36 59.18 -39.59
N ARG D 62 72.84 59.60 -40.76
CA ARG D 62 72.93 61.01 -41.09
C ARG D 62 73.30 61.84 -39.88
N ALA D 63 74.55 61.70 -39.44
CA ALA D 63 75.03 62.45 -38.30
C ALA D 63 74.73 63.91 -38.61
N ILE D 64 74.01 64.55 -37.70
CA ILE D 64 73.63 65.95 -37.88
C ILE D 64 74.85 66.87 -37.74
N ARG D 65 75.72 66.52 -36.81
CA ARG D 65 76.93 67.29 -36.56
C ARG D 65 78.15 66.40 -36.58
N TYR D 66 79.30 67.01 -36.82
CA TYR D 66 80.55 66.26 -36.85
C TYR D 66 81.70 67.24 -36.59
N GLU D 67 82.79 66.74 -36.04
CA GLU D 67 83.94 67.58 -35.80
C GLU D 67 85.22 66.76 -35.82
N ILE D 68 86.13 67.16 -36.70
CA ILE D 68 87.42 66.49 -36.84
C ILE D 68 88.30 66.88 -35.66
N SER D 69 89.10 65.94 -35.16
CA SER D 69 89.98 66.22 -34.02
C SER D 69 91.13 67.12 -34.46
N PRO D 70 91.89 67.68 -33.51
CA PRO D 70 93.01 68.54 -33.88
C PRO D 70 94.13 67.78 -34.59
N ASP D 71 94.50 66.61 -34.07
CA ASP D 71 95.56 65.82 -34.70
C ASP D 71 95.06 65.19 -35.99
N ARG D 72 93.88 65.63 -36.43
CA ARG D 72 93.28 65.15 -37.67
C ARG D 72 93.28 63.64 -37.87
N GLU D 73 93.20 62.89 -36.77
CA GLU D 73 93.19 61.45 -36.87
C GLU D 73 91.87 60.81 -36.48
N TYR D 74 90.92 61.62 -36.04
CA TYR D 74 89.61 61.13 -35.65
C TYR D 74 88.52 62.14 -35.97
N ALA D 75 87.27 61.67 -35.89
CA ALA D 75 86.12 62.51 -36.15
C ALA D 75 85.02 62.21 -35.12
N LEU D 76 84.33 63.26 -34.73
CA LEU D 76 83.24 63.13 -33.77
C LEU D 76 81.94 63.28 -34.54
N PHE D 77 81.00 62.38 -34.28
CA PHE D 77 79.71 62.39 -34.95
C PHE D 77 78.59 62.40 -33.92
N SER D 78 77.47 63.01 -34.28
CA SER D 78 76.31 63.06 -33.40
C SER D 78 75.01 62.98 -34.18
N TYR D 79 74.07 62.17 -33.67
CA TYR D 79 72.76 62.00 -34.30
C TYR D 79 71.71 61.87 -33.21
N ASN D 80 70.43 61.98 -33.56
CA ASN D 80 69.37 61.87 -32.56
C ASN D 80 67.90 61.87 -33.06
N VAL D 81 67.13 62.83 -32.55
CA VAL D 81 65.70 63.01 -32.87
C VAL D 81 65.32 64.52 -32.95
N GLU D 82 65.30 65.23 -31.82
CA GLU D 82 64.97 66.66 -31.82
C GLU D 82 65.74 67.51 -30.77
N PRO D 83 66.00 68.80 -31.08
CA PRO D 83 66.70 69.83 -30.31
C PRO D 83 66.11 70.32 -28.96
N ILE D 84 66.98 70.85 -28.08
CA ILE D 84 66.62 71.36 -26.74
C ILE D 84 66.01 72.78 -26.74
N TYR D 85 66.86 73.80 -26.56
CA TYR D 85 66.42 75.19 -26.53
C TYR D 85 66.78 75.92 -27.83
N GLN D 86 67.73 76.84 -27.77
CA GLN D 86 68.16 77.58 -28.97
C GLN D 86 68.85 76.57 -29.91
N HIS D 87 70.18 76.45 -29.79
CA HIS D 87 70.94 75.49 -30.61
C HIS D 87 71.23 74.31 -29.68
N SER D 88 71.06 73.07 -30.16
CA SER D 88 71.28 71.90 -29.30
C SER D 88 72.01 70.68 -29.83
N TYR D 89 73.29 70.57 -29.50
CA TYR D 89 74.06 69.41 -29.90
C TYR D 89 73.92 68.36 -28.80
N THR D 90 72.67 67.98 -28.54
CA THR D 90 72.37 66.97 -27.53
C THR D 90 71.96 65.74 -28.33
N GLY D 91 72.41 64.58 -27.88
CA GLY D 91 72.07 63.37 -28.58
C GLY D 91 73.13 62.29 -28.43
N TYR D 92 73.17 61.34 -29.35
CA TYR D 92 74.14 60.26 -29.29
C TYR D 92 75.39 60.63 -30.07
N TYR D 93 76.55 60.28 -29.51
CA TYR D 93 77.81 60.58 -30.16
C TYR D 93 78.59 59.35 -30.58
N VAL D 94 79.39 59.51 -31.63
CA VAL D 94 80.18 58.41 -32.17
C VAL D 94 81.58 58.84 -32.60
N LEU D 95 82.55 57.95 -32.41
CA LEU D 95 83.93 58.25 -32.81
C LEU D 95 84.39 57.34 -33.94
N SER D 96 85.29 57.85 -34.79
CA SER D 96 85.79 57.08 -35.92
C SER D 96 87.17 57.61 -36.35
N LYS D 97 87.96 56.77 -37.01
CA LYS D 97 89.29 57.20 -37.48
C LYS D 97 89.20 57.98 -38.78
N ILE D 98 90.08 58.96 -38.95
CA ILE D 98 90.06 59.86 -40.09
C ILE D 98 89.81 59.32 -41.52
N PRO D 99 90.56 58.31 -42.01
CA PRO D 99 90.13 57.97 -43.38
C PRO D 99 88.69 57.51 -43.38
N HIS D 100 88.47 56.31 -42.83
CA HIS D 100 87.14 55.76 -42.73
C HIS D 100 87.09 54.45 -41.94
N GLY D 101 85.87 53.99 -41.73
CA GLY D 101 85.66 52.73 -41.03
C GLY D 101 85.70 52.66 -39.52
N ASP D 102 84.91 51.73 -39.01
CA ASP D 102 84.77 51.39 -37.59
C ASP D 102 84.34 52.46 -36.59
N PRO D 103 83.03 52.77 -36.54
CA PRO D 103 82.52 53.77 -35.59
C PRO D 103 82.43 53.18 -34.19
N GLN D 104 82.37 54.04 -33.18
CA GLN D 104 82.30 53.59 -31.80
C GLN D 104 81.49 54.54 -30.93
N SER D 105 80.57 53.98 -30.14
CA SER D 105 79.73 54.77 -29.26
C SER D 105 80.52 55.43 -28.14
N LEU D 106 80.26 56.72 -27.96
CA LEU D 106 80.90 57.50 -26.92
C LEU D 106 79.91 57.57 -25.77
N ASP D 107 80.05 56.66 -24.81
CA ASP D 107 79.15 56.63 -23.68
C ASP D 107 79.95 56.82 -22.42
N PRO D 108 79.33 57.38 -21.38
CA PRO D 108 80.07 57.58 -20.13
C PRO D 108 80.48 56.22 -19.58
N PRO D 109 81.20 56.20 -18.46
CA PRO D 109 81.63 54.92 -17.88
C PRO D 109 80.50 54.16 -17.21
N GLU D 110 80.37 52.90 -17.58
CA GLU D 110 79.38 51.98 -17.03
C GLU D 110 77.95 52.17 -17.56
N VAL D 111 77.71 53.22 -18.34
CA VAL D 111 76.39 53.44 -18.89
C VAL D 111 76.36 53.01 -20.36
N SER D 112 75.25 52.40 -20.77
CA SER D 112 75.11 51.92 -22.14
C SER D 112 74.79 53.01 -23.14
N ASN D 113 74.25 52.60 -24.29
CA ASN D 113 73.90 53.52 -25.38
C ASN D 113 73.00 54.65 -24.87
N ALA D 114 73.63 55.74 -24.44
CA ALA D 114 72.90 56.89 -23.88
C ALA D 114 73.24 58.22 -24.53
N LYS D 115 72.22 59.08 -24.63
CA LYS D 115 72.38 60.40 -25.22
C LYS D 115 73.33 61.26 -24.40
N LEU D 116 74.05 62.14 -25.09
CA LEU D 116 74.98 63.04 -24.45
C LEU D 116 74.50 64.46 -24.68
N GLN D 117 74.76 65.34 -23.73
CA GLN D 117 74.35 66.72 -23.85
C GLN D 117 75.33 67.52 -24.70
N TYR D 118 76.55 67.00 -24.84
CA TYR D 118 77.60 67.65 -25.63
C TYR D 118 78.87 66.81 -25.72
N ALA D 119 79.60 66.95 -26.83
CA ALA D 119 80.85 66.22 -27.04
C ALA D 119 82.04 67.15 -27.33
N GLY D 120 82.32 67.41 -28.61
CA GLY D 120 83.43 68.31 -28.95
C GLY D 120 84.87 67.98 -28.56
N TRP D 121 85.80 68.36 -29.45
CA TRP D 121 87.23 68.12 -29.28
C TRP D 121 87.96 69.20 -28.47
N GLY D 122 89.08 68.79 -27.86
CA GLY D 122 89.90 69.73 -27.10
C GLY D 122 90.80 70.51 -28.05
N PRO D 123 91.77 71.27 -27.52
CA PRO D 123 92.65 72.04 -28.41
C PRO D 123 93.74 71.20 -29.05
N LYS D 124 94.47 70.45 -28.23
CA LYS D 124 95.56 69.65 -28.75
C LYS D 124 95.36 68.15 -28.70
N GLY D 125 96.13 67.46 -29.56
CA GLY D 125 96.07 66.01 -29.64
C GLY D 125 94.75 65.48 -30.14
N GLN D 126 94.05 64.77 -29.26
CA GLN D 126 92.76 64.23 -29.59
C GLN D 126 91.98 64.16 -28.30
N GLN D 127 92.33 65.06 -27.38
CA GLN D 127 91.65 65.14 -26.10
C GLN D 127 90.23 65.59 -26.39
N LEU D 128 89.31 65.25 -25.49
CA LEU D 128 87.93 65.65 -25.66
C LEU D 128 87.15 65.49 -24.37
N ILE D 129 86.02 66.16 -24.28
CA ILE D 129 85.18 66.04 -23.11
C ILE D 129 83.77 65.87 -23.62
N PHE D 130 82.88 65.40 -22.75
CA PHE D 130 81.49 65.24 -23.11
C PHE D 130 80.69 65.38 -21.83
N ILE D 131 79.50 65.96 -21.95
CA ILE D 131 78.67 66.18 -20.79
C ILE D 131 77.47 65.26 -20.75
N PHE D 132 77.32 64.60 -19.61
CA PHE D 132 76.23 63.67 -19.35
C PHE D 132 75.60 64.05 -18.01
N GLU D 133 74.28 64.19 -18.00
CA GLU D 133 73.53 64.57 -16.81
C GLU D 133 74.24 65.65 -16.01
N ASN D 134 74.62 66.70 -16.73
CA ASN D 134 75.30 67.88 -16.20
C ASN D 134 76.62 67.66 -15.47
N ASN D 135 77.38 66.66 -15.93
CA ASN D 135 78.69 66.38 -15.37
C ASN D 135 79.66 66.36 -16.53
N ILE D 136 80.88 66.83 -16.29
CA ILE D 136 81.87 66.86 -17.34
C ILE D 136 82.82 65.68 -17.24
N TYR D 137 82.94 64.94 -18.35
CA TYR D 137 83.82 63.77 -18.43
C TYR D 137 84.97 64.11 -19.37
N TYR D 138 86.15 63.59 -19.09
CA TYR D 138 87.33 63.86 -19.91
C TYR D 138 88.10 62.63 -20.38
N CYS D 139 88.56 62.71 -21.63
CA CYS D 139 89.34 61.65 -22.26
C CYS D 139 90.49 62.32 -23.01
N ALA D 140 91.72 62.10 -22.55
CA ALA D 140 92.87 62.71 -23.21
C ALA D 140 93.19 61.97 -24.49
N HIS D 141 93.39 60.66 -24.36
CA HIS D 141 93.71 59.79 -25.48
C HIS D 141 92.38 59.20 -25.97
N VAL D 142 92.24 58.94 -27.26
CA VAL D 142 90.99 58.39 -27.78
C VAL D 142 90.62 57.06 -27.12
N GLY D 143 91.63 56.22 -26.86
CA GLY D 143 91.35 54.94 -26.24
C GLY D 143 91.13 55.04 -24.73
N LYS D 144 91.72 56.05 -24.12
CA LYS D 144 91.61 56.30 -22.68
C LYS D 144 90.13 56.27 -22.27
N GLN D 145 89.84 55.82 -21.05
CA GLN D 145 88.46 55.79 -20.59
C GLN D 145 88.13 57.12 -19.96
N ALA D 146 86.87 57.56 -20.11
CA ALA D 146 86.44 58.83 -19.56
C ALA D 146 86.58 58.91 -18.05
N ILE D 147 86.80 60.12 -17.56
CA ILE D 147 86.93 60.37 -16.13
C ILE D 147 85.98 61.51 -15.83
N ARG D 148 85.19 61.35 -14.77
CA ARG D 148 84.23 62.39 -14.42
C ARG D 148 84.94 63.50 -13.66
N VAL D 149 85.42 64.48 -14.41
CA VAL D 149 86.16 65.62 -13.86
C VAL D 149 85.35 66.49 -12.90
N VAL D 150 84.09 66.72 -13.23
CA VAL D 150 83.22 67.50 -12.36
C VAL D 150 81.96 66.64 -12.21
N SER D 151 81.47 66.51 -10.99
CA SER D 151 80.31 65.67 -10.75
C SER D 151 79.18 66.28 -9.93
N THR D 152 79.19 67.59 -9.80
CA THR D 152 78.15 68.27 -9.04
C THR D 152 76.89 68.52 -9.86
N GLY D 153 76.82 67.94 -11.05
CA GLY D 153 75.66 68.15 -11.90
C GLY D 153 74.36 67.50 -11.44
N LYS D 154 73.26 68.20 -11.66
CA LYS D 154 71.93 67.70 -11.30
C LYS D 154 70.96 68.12 -12.39
N GLU D 155 70.54 67.17 -13.22
CA GLU D 155 69.61 67.44 -14.33
C GLU D 155 68.58 68.55 -14.11
N GLY D 156 68.62 69.55 -14.99
CA GLY D 156 67.69 70.65 -14.94
C GLY D 156 67.84 71.63 -13.77
N VAL D 157 68.78 71.37 -12.86
CA VAL D 157 68.95 72.25 -11.72
C VAL D 157 70.38 72.78 -11.57
N ILE D 158 71.36 71.89 -11.72
CA ILE D 158 72.75 72.29 -11.60
C ILE D 158 73.49 71.99 -12.89
N TYR D 159 73.73 73.05 -13.66
CA TYR D 159 74.41 72.92 -14.94
C TYR D 159 75.86 73.38 -14.85
N ASN D 160 76.77 72.61 -15.42
CA ASN D 160 78.16 73.03 -15.49
C ASN D 160 78.73 72.57 -16.81
N GLY D 161 79.19 73.55 -17.58
CA GLY D 161 79.74 73.26 -18.89
C GLY D 161 78.75 73.71 -19.94
N LEU D 162 77.48 73.79 -19.57
CA LEU D 162 76.45 74.20 -20.49
C LEU D 162 75.54 75.23 -19.84
N SER D 163 74.89 76.06 -20.65
CA SER D 163 74.00 77.08 -20.11
C SER D 163 72.67 76.51 -19.69
N ASP D 164 71.96 77.27 -18.87
CA ASP D 164 70.62 76.91 -18.42
C ASP D 164 69.79 77.75 -19.41
N TRP D 165 68.47 77.73 -19.33
CA TRP D 165 67.70 78.50 -20.29
C TRP D 165 68.17 79.95 -20.40
N LEU D 166 67.99 80.72 -19.33
CA LEU D 166 68.37 82.14 -19.36
C LEU D 166 69.77 82.41 -19.89
N TYR D 167 70.76 81.60 -19.51
CA TYR D 167 72.11 81.85 -20.00
C TYR D 167 72.26 81.61 -21.49
N GLU D 168 71.50 80.66 -22.03
CA GLU D 168 71.57 80.35 -23.45
C GLU D 168 70.78 81.34 -24.32
N GLU D 169 69.56 81.63 -23.89
CA GLU D 169 68.69 82.50 -24.64
C GLU D 169 68.96 83.99 -24.50
N GLU D 170 69.31 84.42 -23.29
CA GLU D 170 69.51 85.83 -23.04
C GLU D 170 70.89 86.39 -22.72
N ILE D 171 71.55 85.84 -21.71
CA ILE D 171 72.84 86.40 -21.33
C ILE D 171 74.12 85.88 -22.01
N LEU D 172 74.21 84.60 -22.35
CA LEU D 172 75.43 84.14 -23.02
C LEU D 172 75.26 83.91 -24.52
N LYS D 173 74.02 83.66 -24.94
CA LYS D 173 73.72 83.46 -26.34
C LYS D 173 74.37 82.22 -26.98
N THR D 174 74.65 81.22 -26.14
CA THR D 174 75.23 79.94 -26.58
C THR D 174 74.83 78.92 -25.55
N HIS D 175 74.82 77.65 -25.95
CA HIS D 175 74.46 76.62 -25.01
C HIS D 175 75.77 76.17 -24.35
N ILE D 176 76.87 76.38 -25.06
CA ILE D 176 78.17 75.99 -24.56
C ILE D 176 78.73 76.98 -23.54
N ALA D 177 79.10 76.50 -22.37
CA ALA D 177 79.63 77.36 -21.32
C ALA D 177 80.89 76.83 -20.64
N HIS D 178 81.86 76.42 -21.44
CA HIS D 178 83.15 75.94 -20.95
C HIS D 178 84.18 76.41 -21.95
N TRP D 179 85.42 76.56 -21.50
CA TRP D 179 86.48 77.06 -22.39
C TRP D 179 87.84 76.44 -22.07
N TRP D 180 88.47 75.84 -23.06
CA TRP D 180 89.79 75.22 -22.87
C TRP D 180 90.90 76.26 -22.90
N SER D 181 91.93 76.04 -22.10
CA SER D 181 93.09 76.93 -22.11
C SER D 181 93.71 76.66 -23.47
N PRO D 182 94.52 77.58 -24.00
CA PRO D 182 95.16 77.39 -25.30
C PRO D 182 96.01 76.13 -25.42
N ASP D 183 96.67 75.75 -24.33
CA ASP D 183 97.53 74.57 -24.32
C ASP D 183 96.81 73.28 -23.91
N GLY D 184 95.49 73.35 -23.78
CA GLY D 184 94.71 72.18 -23.40
C GLY D 184 95.09 71.53 -22.08
N THR D 185 95.60 72.33 -21.15
CA THR D 185 96.02 71.83 -19.85
C THR D 185 95.01 72.14 -18.76
N ARG D 186 94.35 73.28 -18.89
CA ARG D 186 93.35 73.71 -17.94
C ARG D 186 92.02 73.90 -18.66
N LEU D 187 90.92 73.61 -17.96
CA LEU D 187 89.60 73.76 -18.54
C LEU D 187 88.76 74.66 -17.64
N ALA D 188 88.24 75.73 -18.22
CA ALA D 188 87.39 76.64 -17.47
C ALA D 188 85.97 76.29 -17.83
N TYR D 189 85.07 76.37 -16.85
CA TYR D 189 83.68 76.06 -17.11
C TYR D 189 82.77 76.78 -16.14
N ALA D 190 81.63 77.25 -16.64
CA ALA D 190 80.66 77.93 -15.81
C ALA D 190 79.83 76.89 -15.09
N ALA D 191 79.44 77.20 -13.86
CA ALA D 191 78.61 76.31 -13.08
C ALA D 191 77.40 77.13 -12.74
N ILE D 192 76.27 76.78 -13.34
CA ILE D 192 75.04 77.51 -13.11
C ILE D 192 74.12 76.77 -12.17
N ASN D 193 73.66 77.48 -11.16
CA ASN D 193 72.77 76.91 -10.16
C ASN D 193 71.37 77.52 -10.28
N ASP D 194 70.41 76.73 -10.75
CA ASP D 194 69.04 77.23 -10.88
C ASP D 194 68.20 76.80 -9.70
N SER D 195 68.86 76.18 -8.73
CA SER D 195 68.22 75.70 -7.52
C SER D 195 67.16 76.63 -6.91
N ARG D 196 67.46 77.92 -6.81
CA ARG D 196 66.50 78.85 -6.22
C ARG D 196 65.73 79.65 -7.26
N VAL D 197 65.82 79.25 -8.52
CA VAL D 197 65.10 79.96 -9.57
C VAL D 197 63.70 79.36 -9.65
N PRO D 198 62.67 80.22 -9.82
CA PRO D 198 61.29 79.73 -9.92
C PRO D 198 61.17 78.75 -11.05
N ILE D 199 60.24 77.83 -10.95
CA ILE D 199 60.07 76.84 -11.98
C ILE D 199 58.75 77.00 -12.73
N MET D 200 58.85 77.23 -14.03
CA MET D 200 57.69 77.41 -14.89
C MET D 200 57.20 76.07 -15.39
N GLU D 201 55.89 75.87 -15.39
CA GLU D 201 55.32 74.62 -15.86
C GLU D 201 54.81 74.84 -17.28
N LEU D 202 55.19 73.98 -18.19
CA LEU D 202 54.72 74.10 -19.56
C LEU D 202 53.61 73.07 -19.78
N PRO D 203 52.43 73.53 -20.22
CA PRO D 203 51.26 72.70 -20.48
C PRO D 203 51.45 71.73 -21.64
N THR D 204 50.97 70.51 -21.48
CA THR D 204 51.06 69.50 -22.54
C THR D 204 49.66 68.95 -22.81
N TYR D 205 49.33 68.71 -24.08
CA TYR D 205 48.00 68.20 -24.41
C TYR D 205 48.01 67.08 -25.44
N THR D 206 49.18 66.53 -25.77
CA THR D 206 49.20 65.51 -26.80
C THR D 206 49.92 64.20 -26.50
N GLY D 207 50.92 64.22 -25.63
CA GLY D 207 51.64 62.99 -25.34
C GLY D 207 50.77 61.77 -25.05
N SER D 208 50.72 61.40 -23.78
CA SER D 208 49.93 60.25 -23.35
C SER D 208 48.45 60.59 -23.27
N ILE D 209 47.67 59.66 -22.72
CA ILE D 209 46.24 59.85 -22.56
C ILE D 209 46.07 60.95 -21.53
N TYR D 210 46.93 60.92 -20.50
CA TYR D 210 46.91 61.93 -19.45
C TYR D 210 48.16 62.77 -19.63
N PRO D 211 48.08 63.83 -20.44
CA PRO D 211 49.24 64.68 -20.66
C PRO D 211 49.68 65.30 -19.34
N THR D 212 50.96 65.61 -19.22
CA THR D 212 51.48 66.21 -18.01
C THR D 212 52.34 67.41 -18.37
N VAL D 213 52.57 68.29 -17.41
CA VAL D 213 53.37 69.46 -17.67
C VAL D 213 54.85 69.16 -17.72
N LYS D 214 55.58 70.01 -18.43
CA LYS D 214 57.03 69.89 -18.55
C LYS D 214 57.57 71.06 -17.73
N PRO D 215 58.23 70.77 -16.61
CA PRO D 215 58.79 71.82 -15.75
C PRO D 215 60.21 72.20 -16.12
N TYR D 216 60.60 73.42 -15.77
CA TYR D 216 61.95 73.91 -16.03
C TYR D 216 62.10 75.29 -15.43
N HIS D 217 63.31 75.62 -15.02
CA HIS D 217 63.57 76.91 -14.39
C HIS D 217 63.62 78.06 -15.38
N TYR D 218 62.74 79.03 -15.15
CA TYR D 218 62.62 80.21 -16.00
C TYR D 218 62.36 81.40 -15.08
N PRO D 219 63.30 82.37 -15.03
CA PRO D 219 63.10 83.53 -14.17
C PRO D 219 62.37 84.72 -14.79
N LYS D 220 61.11 84.93 -14.40
CA LYS D 220 60.34 86.07 -14.90
C LYS D 220 60.95 87.31 -14.28
N ALA D 221 60.59 88.48 -14.79
CA ALA D 221 61.13 89.73 -14.26
C ALA D 221 60.89 89.84 -12.76
N GLY D 222 61.94 90.21 -12.03
CA GLY D 222 61.84 90.37 -10.59
C GLY D 222 62.12 89.16 -9.73
N SER D 223 62.01 87.96 -10.30
CA SER D 223 62.26 86.74 -9.54
C SER D 223 63.76 86.50 -9.34
N GLU D 224 64.11 85.42 -8.65
CA GLU D 224 65.51 85.11 -8.43
C GLU D 224 66.15 84.56 -9.68
N ASN D 225 67.33 85.07 -10.00
CA ASN D 225 68.05 84.63 -11.18
C ASN D 225 68.98 83.46 -10.90
N PRO D 226 69.41 82.78 -11.97
CA PRO D 226 70.32 81.65 -11.76
C PRO D 226 71.62 82.16 -11.15
N SER D 227 72.16 81.42 -10.19
CA SER D 227 73.41 81.80 -9.54
C SER D 227 74.58 81.14 -10.26
N ILE D 228 75.53 81.94 -10.74
CA ILE D 228 76.66 81.40 -11.49
C ILE D 228 78.02 81.55 -10.80
N SER D 229 78.94 80.66 -11.17
CA SER D 229 80.30 80.70 -10.63
C SER D 229 81.23 80.15 -11.70
N LEU D 230 82.43 80.73 -11.79
CA LEU D 230 83.40 80.29 -12.78
C LEU D 230 84.44 79.38 -12.11
N HIS D 231 84.69 78.22 -12.70
CA HIS D 231 85.66 77.25 -12.15
C HIS D 231 86.72 76.85 -13.18
N VAL D 232 87.86 76.39 -12.68
CA VAL D 232 88.94 75.93 -13.56
C VAL D 232 89.58 74.69 -12.93
N ILE D 233 89.84 73.69 -13.76
CA ILE D 233 90.45 72.44 -13.32
C ILE D 233 91.63 72.04 -14.19
N GLY D 234 92.51 71.22 -13.64
CA GLY D 234 93.66 70.76 -14.40
C GLY D 234 93.28 69.52 -15.18
N LEU D 235 93.81 69.39 -16.39
CA LEU D 235 93.48 68.24 -17.23
C LEU D 235 94.53 67.11 -17.18
N ASN D 236 95.52 67.28 -16.32
CA ASN D 236 96.58 66.28 -16.12
C ASN D 236 97.01 66.37 -14.65
N GLY D 237 96.96 65.24 -13.96
CA GLY D 237 97.30 65.22 -12.55
C GLY D 237 96.02 65.33 -11.76
N PRO D 238 96.04 65.18 -10.43
CA PRO D 238 94.88 65.26 -9.53
C PRO D 238 93.76 66.25 -9.87
N THR D 239 94.06 67.26 -10.67
CA THR D 239 93.07 68.27 -11.09
C THR D 239 92.45 69.05 -9.92
N HIS D 240 93.14 70.06 -9.43
CA HIS D 240 92.61 70.88 -8.34
C HIS D 240 91.63 71.89 -8.94
N ASP D 241 90.36 71.79 -8.54
CA ASP D 241 89.34 72.70 -9.05
C ASP D 241 89.35 73.99 -8.26
N LEU D 242 89.43 75.13 -8.96
CA LEU D 242 89.45 76.42 -8.28
C LEU D 242 88.38 77.34 -8.83
N GLU D 243 87.75 78.11 -7.95
CA GLU D 243 86.73 79.05 -8.38
C GLU D 243 87.38 80.41 -8.56
N MET D 244 87.03 81.10 -9.64
CA MET D 244 87.56 82.43 -9.92
C MET D 244 86.70 83.44 -9.16
N MET D 245 87.25 83.99 -8.09
CA MET D 245 86.50 84.96 -7.30
C MET D 245 86.18 86.26 -8.05
N PRO D 246 84.93 86.74 -7.91
CA PRO D 246 84.46 87.96 -8.56
C PRO D 246 84.92 89.22 -7.80
N PRO D 247 84.79 90.39 -8.44
CA PRO D 247 85.18 91.66 -7.82
C PRO D 247 84.40 91.99 -6.55
N ASP D 248 84.23 93.29 -6.26
CA ASP D 248 83.51 93.70 -5.06
C ASP D 248 82.58 94.88 -5.21
N ASP D 249 82.88 95.79 -6.13
CA ASP D 249 82.04 96.96 -6.34
C ASP D 249 80.65 96.62 -5.84
N PRO D 250 80.25 97.19 -4.68
CA PRO D 250 78.92 96.92 -4.14
C PRO D 250 77.84 96.96 -5.20
N ARG D 251 78.17 97.53 -6.35
CA ARG D 251 77.22 97.62 -7.46
C ARG D 251 77.38 96.39 -8.35
N MET D 252 77.71 95.27 -7.71
CA MET D 252 77.91 93.98 -8.36
C MET D 252 77.70 92.86 -7.36
N ARG D 253 76.58 92.90 -6.62
CA ARG D 253 76.30 91.84 -5.65
C ARG D 253 75.47 90.75 -6.33
N GLU D 254 74.73 91.14 -7.37
CA GLU D 254 73.93 90.22 -8.18
C GLU D 254 74.49 90.44 -9.57
N TYR D 255 75.03 89.39 -10.17
CA TYR D 255 75.62 89.54 -11.49
C TYR D 255 75.46 88.36 -12.42
N TYR D 256 75.81 88.59 -13.68
CA TYR D 256 75.78 87.57 -14.72
C TYR D 256 77.22 87.59 -15.22
N ILE D 257 77.73 86.44 -15.66
CA ILE D 257 79.07 86.43 -16.22
C ILE D 257 78.76 86.40 -17.71
N THR D 258 79.04 87.49 -18.41
CA THR D 258 78.72 87.59 -19.84
C THR D 258 79.83 87.31 -20.83
N MET D 259 81.04 87.10 -20.35
CA MET D 259 82.15 86.86 -21.27
C MET D 259 83.35 86.27 -20.55
N VAL D 260 83.91 85.20 -21.12
CA VAL D 260 85.09 84.59 -20.56
C VAL D 260 85.93 84.04 -21.71
N LYS D 261 87.22 84.38 -21.69
CA LYS D 261 88.17 83.96 -22.72
C LYS D 261 89.57 83.88 -22.14
N TRP D 262 90.38 82.97 -22.65
CA TRP D 262 91.74 82.84 -22.16
C TRP D 262 92.66 83.85 -22.83
N ALA D 263 93.38 84.60 -22.00
CA ALA D 263 94.32 85.60 -22.48
C ALA D 263 95.63 84.86 -22.75
N THR D 264 95.93 83.90 -21.89
CA THR D 264 97.11 83.07 -22.00
C THR D 264 96.69 81.70 -21.50
N SER D 265 97.65 80.82 -21.21
CA SER D 265 97.29 79.50 -20.71
C SER D 265 97.24 79.50 -19.19
N THR D 266 97.48 80.67 -18.60
CA THR D 266 97.47 80.79 -17.15
C THR D 266 96.49 81.87 -16.69
N LYS D 267 96.20 82.82 -17.58
CA LYS D 267 95.25 83.89 -17.27
C LYS D 267 94.00 83.83 -18.14
N VAL D 268 92.85 84.13 -17.53
CA VAL D 268 91.57 84.09 -18.22
C VAL D 268 90.77 85.37 -18.00
N ALA D 269 90.28 85.96 -19.09
CA ALA D 269 89.51 87.19 -19.04
C ALA D 269 88.02 86.95 -18.79
N VAL D 270 87.45 87.74 -17.88
CA VAL D 270 86.05 87.61 -17.53
C VAL D 270 85.35 88.96 -17.42
N THR D 271 84.14 89.04 -17.96
CA THR D 271 83.36 90.26 -17.88
C THR D 271 82.22 89.97 -16.92
N TRP D 272 82.11 90.78 -15.88
CA TRP D 272 81.07 90.61 -14.88
C TRP D 272 80.04 91.73 -15.00
N LEU D 273 78.81 91.36 -15.34
CA LEU D 273 77.72 92.31 -15.51
C LEU D 273 76.71 92.10 -14.38
N ASN D 274 76.31 93.18 -13.74
CA ASN D 274 75.35 93.09 -12.64
C ASN D 274 73.92 92.95 -13.15
N ARG D 275 73.06 92.28 -12.36
CA ARG D 275 71.67 92.06 -12.74
C ARG D 275 71.00 93.26 -13.41
N ALA D 276 71.21 94.45 -12.85
CA ALA D 276 70.62 95.66 -13.41
C ALA D 276 71.20 95.97 -14.78
N GLN D 277 72.31 95.33 -15.09
CA GLN D 277 72.99 95.50 -16.36
C GLN D 277 73.40 96.94 -16.67
N ASN D 278 73.87 97.64 -15.65
CA ASN D 278 74.30 99.03 -15.80
C ASN D 278 75.73 99.24 -15.31
N VAL D 279 76.39 98.16 -14.94
CA VAL D 279 77.78 98.21 -14.48
C VAL D 279 78.47 96.94 -14.98
N SER D 280 79.61 97.12 -15.62
CA SER D 280 80.37 96.00 -16.19
C SER D 280 81.82 96.01 -15.71
N ILE D 281 82.42 94.83 -15.55
CA ILE D 281 83.81 94.76 -15.10
C ILE D 281 84.67 93.72 -15.82
N LEU D 282 85.62 94.20 -16.62
CA LEU D 282 86.51 93.30 -17.34
C LEU D 282 87.51 92.82 -16.30
N THR D 283 87.94 91.57 -16.41
CA THR D 283 88.84 91.04 -15.41
C THR D 283 89.82 89.97 -15.87
N LEU D 284 91.02 90.01 -15.31
CA LEU D 284 92.03 89.01 -15.63
C LEU D 284 92.25 88.19 -14.37
N CYS D 285 91.96 86.90 -14.46
CA CYS D 285 92.10 86.01 -13.33
C CYS D 285 93.24 85.02 -13.53
N ASP D 286 93.84 84.60 -12.43
CA ASP D 286 94.94 83.64 -12.50
C ASP D 286 94.36 82.24 -12.34
N ALA D 287 94.35 81.49 -13.43
CA ALA D 287 93.81 80.13 -13.44
C ALA D 287 94.47 79.20 -12.44
N THR D 288 95.30 79.76 -11.57
CA THR D 288 95.99 78.95 -10.57
C THR D 288 95.90 79.59 -9.19
N THR D 289 95.36 80.81 -9.17
CA THR D 289 95.21 81.55 -7.93
C THR D 289 93.73 81.68 -7.59
N GLY D 290 92.96 82.09 -8.58
CA GLY D 290 91.53 82.29 -8.38
C GLY D 290 91.32 83.76 -8.11
N VAL D 291 92.41 84.49 -8.08
CA VAL D 291 92.36 85.92 -7.86
C VAL D 291 92.14 86.64 -9.17
N CYS D 292 91.05 87.40 -9.24
CA CYS D 292 90.75 88.15 -10.44
C CYS D 292 91.08 89.60 -10.17
N THR D 293 91.67 90.27 -11.15
CA THR D 293 92.05 91.67 -11.00
C THR D 293 91.31 92.56 -11.98
N LYS D 294 90.75 93.67 -11.49
CA LYS D 294 90.05 94.59 -12.38
C LYS D 294 91.03 95.04 -13.44
N LYS D 295 90.56 95.12 -14.67
CA LYS D 295 91.42 95.52 -15.78
C LYS D 295 90.73 96.65 -16.53
N HIS D 296 89.51 96.94 -16.09
CA HIS D 296 88.68 97.99 -16.68
C HIS D 296 87.25 97.81 -16.19
N GLU D 297 86.42 98.82 -16.42
CA GLU D 297 85.02 98.76 -16.01
C GLU D 297 84.23 99.88 -16.68
N ASP D 298 82.98 99.59 -16.99
CA ASP D 298 82.09 100.56 -17.62
C ASP D 298 80.77 100.61 -16.89
N GLU D 299 80.10 101.76 -16.98
CA GLU D 299 78.79 101.91 -16.40
C GLU D 299 78.03 102.86 -17.30
N SER D 300 76.72 102.70 -17.34
CA SER D 300 75.89 103.54 -18.20
C SER D 300 74.65 103.96 -17.44
N GLU D 301 73.99 104.99 -17.93
CA GLU D 301 72.77 105.45 -17.29
C GLU D 301 71.66 104.47 -17.68
N ALA D 302 71.56 104.16 -18.97
CA ALA D 302 70.55 103.22 -19.44
C ALA D 302 70.98 101.80 -19.10
N TRP D 303 71.56 101.11 -20.08
CA TRP D 303 72.02 99.75 -19.89
C TRP D 303 73.24 99.46 -20.77
N LEU D 304 74.21 98.73 -20.23
CA LEU D 304 75.39 98.37 -21.00
C LEU D 304 74.88 97.50 -22.12
N HIS D 305 75.52 97.58 -23.29
CA HIS D 305 75.09 96.79 -24.44
C HIS D 305 76.30 96.09 -25.02
N ARG D 306 76.06 95.02 -25.79
CA ARG D 306 77.16 94.26 -26.39
C ARG D 306 78.18 93.88 -25.34
N GLN D 307 77.79 93.02 -24.41
CA GLN D 307 78.69 92.62 -23.35
C GLN D 307 79.35 91.24 -23.51
N ASN D 308 79.06 90.53 -24.59
CA ASN D 308 79.70 89.22 -24.77
C ASN D 308 81.01 89.47 -25.50
N GLU D 309 81.23 90.74 -25.80
CA GLU D 309 82.42 91.23 -26.50
C GLU D 309 83.72 90.60 -26.00
N GLU D 310 84.33 89.77 -26.85
CA GLU D 310 85.58 89.12 -26.50
C GLU D 310 86.78 89.98 -26.86
N PRO D 311 87.72 90.14 -25.91
CA PRO D 311 88.91 90.95 -26.20
C PRO D 311 89.97 90.14 -26.94
N VAL D 312 90.80 90.82 -27.71
CA VAL D 312 91.85 90.16 -28.48
C VAL D 312 93.18 90.47 -27.82
N PHE D 313 93.88 89.43 -27.37
CA PHE D 313 95.17 89.62 -26.71
C PHE D 313 96.35 89.34 -27.61
N SER D 314 97.47 89.96 -27.27
CA SER D 314 98.73 89.77 -27.99
C SER D 314 99.30 88.45 -27.48
N LYS D 315 99.81 87.63 -28.38
CA LYS D 315 100.36 86.32 -28.01
C LYS D 315 101.02 86.23 -26.63
N ASP D 316 101.64 87.31 -26.18
CA ASP D 316 102.29 87.33 -24.87
C ASP D 316 101.35 87.79 -23.77
N GLY D 317 100.06 87.70 -24.03
CA GLY D 317 99.07 88.11 -23.05
C GLY D 317 99.24 89.55 -22.62
N ARG D 318 100.10 90.29 -23.32
CA ARG D 318 100.35 91.70 -22.99
C ARG D 318 99.13 92.52 -23.38
N LYS D 319 99.35 93.72 -23.92
CA LYS D 319 98.23 94.59 -24.33
C LYS D 319 97.14 93.81 -25.07
N PHE D 320 95.92 94.37 -25.08
CA PHE D 320 94.81 93.71 -25.76
C PHE D 320 93.87 94.71 -26.42
N PHE D 321 93.05 94.22 -27.34
CA PHE D 321 92.10 95.06 -28.06
C PHE D 321 90.67 94.70 -27.70
N PHE D 322 89.95 95.67 -27.14
CA PHE D 322 88.56 95.47 -26.78
C PHE D 322 87.76 96.30 -27.77
N ILE D 323 86.49 96.54 -27.46
CA ILE D 323 85.63 97.33 -28.31
C ILE D 323 84.45 97.77 -27.48
N ARG D 324 84.28 99.08 -27.37
CA ARG D 324 83.19 99.61 -26.57
C ARG D 324 82.70 100.96 -27.06
N ALA D 325 81.72 101.49 -26.36
CA ALA D 325 81.14 102.78 -26.69
C ALA D 325 82.04 103.90 -26.21
N ILE D 326 82.45 104.74 -27.13
CA ILE D 326 83.29 105.88 -26.81
C ILE D 326 82.58 107.11 -27.37
N PRO D 327 82.28 108.08 -26.50
CA PRO D 327 81.59 109.34 -26.77
C PRO D 327 81.50 109.84 -28.22
N GLN D 328 82.59 109.80 -28.97
CA GLN D 328 82.54 110.24 -30.37
C GLN D 328 82.01 111.66 -30.56
N GLY D 329 82.53 112.60 -29.79
CA GLY D 329 82.10 113.97 -29.89
C GLY D 329 80.65 114.20 -29.51
N GLY D 330 79.82 114.47 -30.51
CA GLY D 330 78.41 114.71 -30.26
C GLY D 330 77.52 113.69 -30.96
N ARG D 331 76.34 113.50 -30.39
CA ARG D 331 75.35 112.56 -30.92
C ARG D 331 75.61 111.14 -30.43
N GLY D 332 75.62 111.00 -29.11
CA GLY D 332 75.86 109.71 -28.49
C GLY D 332 77.26 109.18 -28.70
N LYS D 333 77.46 107.93 -28.27
CA LYS D 333 78.75 107.27 -28.41
C LYS D 333 78.55 106.08 -29.35
N PHE D 334 79.65 105.61 -29.94
CA PHE D 334 79.60 104.49 -30.86
C PHE D 334 80.62 103.43 -30.47
N TYR D 335 80.42 102.22 -30.95
CA TYR D 335 81.33 101.12 -30.64
C TYR D 335 82.53 101.10 -31.56
N HIS D 336 83.70 101.25 -30.96
CA HIS D 336 84.96 101.26 -31.69
C HIS D 336 86.00 100.44 -30.96
N ILE D 337 87.08 100.11 -31.65
CA ILE D 337 88.16 99.33 -31.09
C ILE D 337 88.94 100.17 -30.07
N THR D 338 89.45 99.52 -29.02
CA THR D 338 90.19 100.21 -27.97
C THR D 338 91.40 99.38 -27.58
N VAL D 339 92.46 100.03 -27.13
CA VAL D 339 93.66 99.31 -26.73
C VAL D 339 94.03 99.60 -25.29
N SER D 340 94.57 98.58 -24.62
CA SER D 340 94.99 98.70 -23.23
C SER D 340 96.14 97.70 -23.01
N SER D 341 97.06 98.03 -22.13
CA SER D 341 98.17 97.14 -21.84
C SER D 341 97.64 95.96 -21.01
N SER D 342 98.38 94.85 -20.98
CA SER D 342 97.97 93.67 -20.24
C SER D 342 97.81 93.91 -18.75
N GLN D 343 98.69 94.73 -18.19
CA GLN D 343 98.63 95.02 -16.77
C GLN D 343 98.22 96.44 -16.44
N PRO D 344 96.96 96.81 -16.75
CA PRO D 344 96.45 98.15 -16.47
C PRO D 344 96.62 98.42 -14.98
N ASN D 345 97.39 99.43 -14.65
CA ASN D 345 97.63 99.77 -13.25
C ASN D 345 96.53 100.70 -12.70
N SER D 346 96.06 100.39 -11.50
CA SER D 346 94.98 101.08 -10.78
C SER D 346 94.60 102.54 -11.09
N SER D 347 95.58 103.42 -11.29
CA SER D 347 95.29 104.83 -11.55
C SER D 347 94.26 105.09 -12.65
N ASN D 348 94.74 105.26 -13.88
CA ASN D 348 93.87 105.52 -15.02
C ASN D 348 94.02 104.43 -16.06
N ASP D 349 93.24 104.52 -17.14
CA ASP D 349 93.28 103.52 -18.21
C ASP D 349 94.41 103.78 -19.20
N ASN D 350 94.68 102.77 -20.03
CA ASN D 350 95.69 102.88 -21.07
C ASN D 350 94.88 103.41 -22.25
N ILE D 351 93.61 103.71 -21.95
CA ILE D 351 92.66 104.22 -22.92
C ILE D 351 93.20 104.98 -24.10
N GLN D 352 92.68 104.62 -25.27
CA GLN D 352 93.00 105.24 -26.54
C GLN D 352 92.43 104.32 -27.58
N SER D 353 91.45 104.84 -28.31
CA SER D 353 90.79 104.09 -29.35
C SER D 353 91.56 104.16 -30.65
N ILE D 354 91.35 103.14 -31.46
CA ILE D 354 92.00 103.00 -32.75
C ILE D 354 91.10 103.53 -33.85
N THR D 355 89.80 103.32 -33.71
CA THR D 355 88.88 103.82 -34.72
C THR D 355 87.91 104.80 -34.08
N SER D 356 87.22 105.55 -34.92
CA SER D 356 86.26 106.54 -34.43
C SER D 356 85.35 107.06 -35.55
N GLY D 357 84.20 107.60 -35.15
CA GLY D 357 83.26 108.12 -36.11
C GLY D 357 81.84 107.78 -35.74
N ASP D 358 80.89 108.18 -36.58
CA ASP D 358 79.49 107.91 -36.34
C ASP D 358 79.06 106.65 -37.09
N TRP D 359 79.68 105.54 -36.71
CA TRP D 359 79.43 104.24 -37.29
C TRP D 359 79.96 103.24 -36.26
N ASP D 360 79.45 102.01 -36.29
CA ASP D 360 79.90 101.02 -35.33
C ASP D 360 80.76 99.92 -35.90
N VAL D 361 81.70 99.47 -35.07
CA VAL D 361 82.56 98.36 -35.43
C VAL D 361 81.68 97.22 -34.93
N THR D 362 81.55 96.15 -35.70
CA THR D 362 80.70 95.07 -35.24
C THR D 362 81.40 93.76 -34.92
N LYS D 363 82.68 93.63 -35.24
CA LYS D 363 83.37 92.37 -34.94
C LYS D 363 84.87 92.37 -35.21
N ILE D 364 85.67 92.16 -34.17
CA ILE D 364 87.11 92.09 -34.37
C ILE D 364 87.37 90.68 -34.88
N LEU D 365 88.08 90.55 -36.00
CA LEU D 365 88.35 89.23 -36.54
C LEU D 365 89.74 88.69 -36.24
N ALA D 366 90.73 89.57 -36.23
CA ALA D 366 92.09 89.13 -35.97
C ALA D 366 93.07 90.24 -35.70
N TYR D 367 94.18 89.88 -35.05
CA TYR D 367 95.23 90.83 -34.72
C TYR D 367 96.58 90.28 -35.18
N ASP D 368 97.20 90.98 -36.13
CA ASP D 368 98.50 90.58 -36.64
C ASP D 368 99.58 91.33 -35.88
N GLU D 369 100.01 90.73 -34.77
CA GLU D 369 101.03 91.29 -33.89
C GLU D 369 102.31 91.66 -34.64
N LYS D 370 102.60 90.92 -35.70
CA LYS D 370 103.79 91.18 -36.51
C LYS D 370 103.61 92.46 -37.30
N GLY D 371 103.44 93.56 -36.59
CA GLY D 371 103.27 94.82 -37.28
C GLY D 371 102.12 95.65 -36.74
N ASN D 372 101.20 96.01 -37.62
CA ASN D 372 100.06 96.79 -37.21
C ASN D 372 98.84 96.59 -38.08
N LYS D 373 98.20 95.44 -37.88
CA LYS D 373 97.01 95.11 -38.63
C LYS D 373 95.98 94.55 -37.65
N ILE D 374 94.76 95.04 -37.78
CA ILE D 374 93.66 94.62 -36.93
C ILE D 374 92.46 94.56 -37.87
N TYR D 375 92.00 93.36 -38.19
CA TYR D 375 90.88 93.20 -39.11
C TYR D 375 89.53 93.14 -38.39
N PHE D 376 88.50 93.68 -39.03
CA PHE D 376 87.18 93.73 -38.42
C PHE D 376 86.09 94.10 -39.41
N LEU D 377 84.83 93.95 -38.97
CA LEU D 377 83.68 94.30 -39.79
C LEU D 377 83.14 95.59 -39.21
N SER D 378 82.51 96.41 -40.05
CA SER D 378 81.98 97.70 -39.60
C SER D 378 80.79 98.15 -40.42
N THR D 379 80.15 99.21 -39.94
CA THR D 379 79.01 99.80 -40.64
C THR D 379 79.49 101.11 -41.24
N GLU D 380 80.82 101.29 -41.25
CA GLU D 380 81.39 102.53 -41.79
C GLU D 380 80.86 102.85 -43.18
N ASP D 381 80.60 101.82 -43.99
CA ASP D 381 80.07 102.03 -45.32
C ASP D 381 78.66 102.60 -45.13
N LEU D 382 77.73 101.69 -44.86
CA LEU D 382 76.34 102.03 -44.62
C LEU D 382 75.93 101.13 -43.48
N PRO D 383 75.14 101.64 -42.52
CA PRO D 383 74.75 100.76 -41.41
C PRO D 383 74.08 99.47 -41.90
N ARG D 384 73.52 99.51 -43.10
CA ARG D 384 72.83 98.37 -43.70
C ARG D 384 73.80 97.42 -44.38
N ARG D 385 75.10 97.66 -44.23
CA ARG D 385 76.10 96.81 -44.86
C ARG D 385 77.16 96.34 -43.88
N ARG D 386 77.99 95.41 -44.35
CA ARG D 386 79.07 94.84 -43.55
C ARG D 386 80.33 94.66 -44.38
N GLN D 387 81.31 95.52 -44.16
CA GLN D 387 82.55 95.44 -44.91
C GLN D 387 83.70 95.03 -44.03
N LEU D 388 84.66 94.33 -44.61
CA LEU D 388 85.84 93.89 -43.89
C LEU D 388 86.88 95.01 -43.99
N TYR D 389 87.42 95.42 -42.85
CA TYR D 389 88.41 96.48 -42.83
C TYR D 389 89.69 95.99 -42.18
N SER D 390 90.60 96.94 -41.96
CA SER D 390 91.88 96.67 -41.31
C SER D 390 92.40 98.02 -40.88
N ALA D 391 93.14 98.04 -39.78
CA ALA D 391 93.70 99.28 -39.27
C ALA D 391 95.10 99.00 -38.75
N ASN D 392 95.90 100.04 -38.57
CA ASN D 392 97.25 99.85 -38.06
C ASN D 392 97.26 99.98 -36.54
N THR D 393 97.79 98.97 -35.87
CA THR D 393 97.85 98.99 -34.41
C THR D 393 98.81 100.08 -33.93
N VAL D 394 99.65 100.58 -34.84
CA VAL D 394 100.64 101.60 -34.50
C VAL D 394 100.39 102.99 -35.09
N GLY D 395 101.31 103.90 -34.78
CA GLY D 395 101.30 105.28 -35.23
C GLY D 395 100.10 105.98 -35.83
N ASN D 396 99.63 105.52 -36.99
CA ASN D 396 98.53 106.17 -37.71
C ASN D 396 97.10 105.70 -37.44
N PHE D 397 96.89 104.39 -37.58
CA PHE D 397 95.57 103.78 -37.40
C PHE D 397 94.79 103.97 -38.69
N ASN D 398 95.48 103.90 -39.83
CA ASN D 398 94.82 104.08 -41.12
C ASN D 398 93.96 102.87 -41.47
N ARG D 399 92.70 103.15 -41.78
CA ARG D 399 91.76 102.09 -42.15
C ARG D 399 91.71 101.90 -43.65
N GLN D 400 91.97 100.67 -44.06
CA GLN D 400 91.94 100.30 -45.46
C GLN D 400 90.76 99.33 -45.55
N CYS D 401 89.82 99.57 -46.45
CA CYS D 401 88.66 98.68 -46.57
C CYS D 401 88.89 97.56 -47.58
N LEU D 402 89.27 96.40 -47.06
CA LEU D 402 89.56 95.24 -47.90
C LEU D 402 88.44 94.78 -48.83
N SER D 403 87.21 94.69 -48.34
CA SER D 403 86.10 94.25 -49.20
C SER D 403 85.62 95.34 -50.15
N CYS D 404 84.91 96.33 -49.62
CA CYS D 404 84.40 97.45 -50.41
C CYS D 404 84.51 97.27 -51.92
N ASP D 405 83.39 96.93 -52.55
CA ASP D 405 83.33 96.75 -54.00
C ASP D 405 84.18 95.65 -54.62
N LEU D 406 84.74 94.78 -53.79
CA LEU D 406 85.50 93.64 -54.30
C LEU D 406 84.32 92.68 -54.53
N VAL D 407 84.54 91.55 -55.19
CA VAL D 407 83.46 90.58 -55.45
C VAL D 407 82.07 91.21 -55.41
N GLU D 408 81.78 92.07 -56.37
CA GLU D 408 80.50 92.76 -56.42
C GLU D 408 79.24 91.92 -56.41
N ASN D 409 78.12 92.62 -56.38
CA ASN D 409 76.79 92.04 -56.32
C ASN D 409 76.48 91.68 -54.88
N CYS D 410 77.38 92.07 -53.98
CA CYS D 410 77.18 91.79 -52.57
C CYS D 410 78.01 92.72 -51.66
N THR D 411 77.32 93.31 -50.68
CA THR D 411 77.94 94.26 -49.75
C THR D 411 77.82 93.90 -48.27
N TYR D 412 77.25 92.73 -47.98
CA TYR D 412 77.14 92.29 -46.60
C TYR D 412 78.25 91.27 -46.52
N PHE D 413 79.03 91.27 -45.44
CA PHE D 413 80.15 90.35 -45.35
C PHE D 413 80.46 89.74 -44.00
N SER D 414 81.12 88.59 -44.06
CA SER D 414 81.58 87.85 -42.90
C SER D 414 82.89 87.28 -43.40
N ALA D 415 83.83 87.02 -42.50
CA ALA D 415 85.11 86.47 -42.92
C ALA D 415 85.94 85.96 -41.76
N SER D 416 86.97 85.18 -42.08
CA SER D 416 87.87 84.61 -41.09
C SER D 416 89.25 84.48 -41.73
N PHE D 417 90.30 84.72 -40.95
CA PHE D 417 91.65 84.64 -41.49
C PHE D 417 92.38 83.37 -41.06
N SER D 418 93.35 82.97 -41.86
CA SER D 418 94.16 81.79 -41.56
C SER D 418 94.91 82.04 -40.26
N HIS D 419 95.51 80.99 -39.70
CA HIS D 419 96.23 81.16 -38.43
C HIS D 419 97.51 81.99 -38.54
N SER D 420 97.52 82.93 -39.48
CA SER D 420 98.66 83.83 -39.69
C SER D 420 98.26 85.03 -40.52
N MET D 421 96.95 85.25 -40.61
CA MET D 421 96.40 86.39 -41.34
C MET D 421 96.70 86.36 -42.84
N ASP D 422 97.58 85.47 -43.27
CA ASP D 422 97.95 85.37 -44.68
C ASP D 422 96.75 85.39 -45.61
N PHE D 423 95.84 84.43 -45.44
CA PHE D 423 94.67 84.34 -46.29
C PHE D 423 93.43 84.51 -45.43
N PHE D 424 92.27 84.60 -46.07
CA PHE D 424 91.03 84.76 -45.34
C PHE D 424 89.80 84.33 -46.14
N LEU D 425 88.90 83.64 -45.47
CA LEU D 425 87.66 83.20 -46.09
C LEU D 425 86.73 84.40 -46.03
N LEU D 426 86.00 84.63 -47.12
CA LEU D 426 85.12 85.78 -47.20
C LEU D 426 83.75 85.35 -47.71
N LYS D 427 82.70 85.58 -46.92
CA LYS D 427 81.35 85.20 -47.31
C LYS D 427 80.40 86.38 -47.47
N CYS D 428 79.61 86.33 -48.55
CA CYS D 428 78.65 87.38 -48.88
C CYS D 428 77.49 87.59 -47.92
N GLU D 429 76.40 86.89 -48.16
CA GLU D 429 75.19 86.99 -47.36
C GLU D 429 74.22 88.02 -47.93
N GLY D 430 74.64 88.70 -48.99
CA GLY D 430 73.78 89.70 -49.61
C GLY D 430 74.56 90.83 -50.27
N PRO D 431 73.90 91.67 -51.09
CA PRO D 431 72.47 91.59 -51.42
C PRO D 431 72.20 90.49 -52.41
N GLY D 432 73.20 90.18 -53.24
CA GLY D 432 73.04 89.13 -54.23
C GLY D 432 73.17 87.76 -53.60
N VAL D 433 72.79 86.72 -54.34
CA VAL D 433 72.90 85.36 -53.83
C VAL D 433 74.24 85.17 -53.12
N PRO D 434 74.19 84.63 -51.89
CA PRO D 434 75.35 84.36 -51.03
C PRO D 434 76.41 83.46 -51.65
N MET D 435 77.65 83.62 -51.20
CA MET D 435 78.76 82.82 -51.72
C MET D 435 79.99 82.94 -50.83
N VAL D 436 80.92 82.01 -50.99
CA VAL D 436 82.16 81.99 -50.22
C VAL D 436 83.37 82.09 -51.15
N THR D 437 84.28 82.98 -50.80
CA THR D 437 85.49 83.20 -51.59
C THR D 437 86.76 83.12 -50.74
N VAL D 438 87.91 83.03 -51.41
CA VAL D 438 89.20 82.95 -50.72
C VAL D 438 90.18 83.99 -51.28
N HIS D 439 90.82 84.75 -50.39
CA HIS D 439 91.77 85.80 -50.78
C HIS D 439 93.05 85.74 -49.92
N ASN D 440 94.12 86.40 -50.37
CA ASN D 440 95.36 86.43 -49.57
C ASN D 440 95.44 87.83 -48.95
N THR D 441 95.19 87.89 -47.65
CA THR D 441 95.16 89.14 -46.87
C THR D 441 95.78 90.39 -47.50
N THR D 442 97.07 90.33 -47.85
CA THR D 442 97.73 91.48 -48.46
C THR D 442 97.09 91.83 -49.80
N ASP D 443 97.40 91.00 -50.79
CA ASP D 443 96.90 91.15 -52.15
C ASP D 443 95.41 91.50 -52.29
N LYS D 444 94.53 90.75 -51.61
CA LYS D 444 93.06 90.97 -51.67
C LYS D 444 92.47 90.30 -52.91
N LYS D 445 93.32 89.55 -53.60
CA LYS D 445 92.93 88.85 -54.82
C LYS D 445 92.22 87.52 -54.59
N LYS D 446 91.06 87.37 -55.23
CA LYS D 446 90.26 86.15 -55.12
C LYS D 446 91.05 84.95 -55.63
N MET D 447 91.71 84.23 -54.71
CA MET D 447 92.48 83.06 -55.09
C MET D 447 91.64 81.98 -55.74
N PHE D 448 90.33 82.02 -55.49
CA PHE D 448 89.39 81.04 -56.06
C PHE D 448 88.06 81.08 -55.33
N ASP D 449 87.07 80.39 -55.89
CA ASP D 449 85.74 80.33 -55.28
C ASP D 449 85.55 79.04 -54.53
N LEU D 450 84.98 79.12 -53.33
CA LEU D 450 84.75 77.92 -52.53
C LEU D 450 83.34 77.40 -52.74
N GLU D 451 82.38 78.31 -52.80
CA GLU D 451 80.99 77.95 -53.03
C GLU D 451 80.34 79.12 -53.73
N THR D 452 79.67 78.82 -54.83
CA THR D 452 79.02 79.85 -55.62
C THR D 452 77.50 79.73 -55.62
N ASN D 453 76.98 78.55 -55.29
CA ASN D 453 75.54 78.32 -55.27
C ASN D 453 74.90 78.70 -56.60
N GLU D 454 75.36 78.08 -57.68
CA GLU D 454 74.80 78.38 -59.00
C GLU D 454 73.34 77.95 -59.08
N HIS D 455 73.03 76.80 -58.48
CA HIS D 455 71.67 76.29 -58.45
C HIS D 455 70.76 77.46 -58.17
N VAL D 456 71.00 78.08 -57.01
CA VAL D 456 70.23 79.21 -56.53
C VAL D 456 70.23 80.40 -57.48
N LYS D 457 71.39 80.76 -58.01
CA LYS D 457 71.49 81.90 -58.93
C LYS D 457 70.64 81.65 -60.16
N LYS D 458 70.58 80.40 -60.59
CA LYS D 458 69.78 80.03 -61.75
C LYS D 458 68.31 80.23 -61.38
N ALA D 459 67.84 79.38 -60.48
CA ALA D 459 66.45 79.40 -59.99
C ALA D 459 65.93 80.81 -59.70
N ILE D 460 66.75 81.65 -59.09
CA ILE D 460 66.33 83.00 -58.77
C ILE D 460 66.08 83.80 -60.06
N ASN D 461 66.96 83.62 -61.04
CA ASN D 461 66.84 84.32 -62.32
C ASN D 461 65.65 83.84 -63.15
N ASP D 462 65.00 82.76 -62.72
CA ASP D 462 63.84 82.24 -63.44
C ASP D 462 62.58 82.78 -62.79
N ARG D 463 62.75 83.57 -61.74
CA ARG D 463 61.63 84.12 -61.00
C ARG D 463 61.56 85.64 -60.93
N GLN D 464 60.35 86.15 -60.77
CA GLN D 464 60.11 87.59 -60.66
C GLN D 464 60.44 88.08 -59.26
N MET D 465 61.73 88.04 -58.93
CA MET D 465 62.22 88.48 -57.61
C MET D 465 61.78 89.89 -57.26
N PRO D 466 61.36 90.10 -56.01
CA PRO D 466 60.92 91.44 -55.60
C PRO D 466 62.03 92.48 -55.77
N LYS D 467 61.62 93.73 -55.94
CA LYS D 467 62.54 94.83 -56.14
C LYS D 467 62.80 95.58 -54.83
N VAL D 468 64.07 95.65 -54.44
CA VAL D 468 64.48 96.31 -53.21
C VAL D 468 64.57 97.84 -53.35
N GLU D 469 64.44 98.53 -52.22
CA GLU D 469 64.50 100.00 -52.21
C GLU D 469 64.68 100.54 -50.80
N TYR D 470 65.75 101.30 -50.59
CA TYR D 470 66.01 101.89 -49.27
C TYR D 470 65.62 103.37 -49.27
N ARG D 471 64.99 103.81 -48.18
CA ARG D 471 64.51 105.17 -48.08
C ARG D 471 64.60 105.76 -46.68
N ASP D 472 65.81 106.07 -46.24
CA ASP D 472 66.02 106.64 -44.92
C ASP D 472 65.04 107.78 -44.65
N ILE D 473 64.28 107.67 -43.56
CA ILE D 473 63.34 108.71 -43.17
C ILE D 473 63.94 109.25 -41.88
N GLU D 474 63.25 110.11 -41.14
CA GLU D 474 63.85 110.63 -39.91
C GLU D 474 62.95 111.38 -38.95
N ILE D 475 63.22 111.18 -37.66
CA ILE D 475 62.50 111.81 -36.56
C ILE D 475 63.56 112.33 -35.60
N ASP D 476 63.58 113.64 -35.36
CA ASP D 476 64.57 114.24 -34.48
C ASP D 476 65.95 114.10 -35.11
N ASP D 477 67.00 114.18 -34.30
CA ASP D 477 68.36 114.07 -34.81
C ASP D 477 68.70 112.67 -35.31
N TYR D 478 67.67 111.86 -35.59
CA TYR D 478 67.86 110.50 -36.07
C TYR D 478 67.26 110.24 -37.44
N ASN D 479 67.95 109.46 -38.26
CA ASN D 479 67.45 109.10 -39.59
C ASN D 479 67.14 107.61 -39.51
N LEU D 480 65.88 107.26 -39.69
CA LEU D 480 65.47 105.86 -39.60
C LEU D 480 65.44 105.16 -40.96
N PRO D 481 66.35 104.21 -41.19
CA PRO D 481 66.40 103.49 -42.46
C PRO D 481 65.11 102.69 -42.61
N MET D 482 64.71 102.43 -43.84
CA MET D 482 63.50 101.66 -44.06
C MET D 482 63.46 101.12 -45.48
N GLN D 483 63.73 99.82 -45.65
CA GLN D 483 63.70 99.26 -46.99
C GLN D 483 62.28 98.87 -47.35
N ILE D 484 61.92 99.09 -48.61
CA ILE D 484 60.59 98.77 -49.09
C ILE D 484 60.74 97.80 -50.27
N LEU D 485 59.99 96.70 -50.24
CA LEU D 485 60.04 95.71 -51.30
C LEU D 485 58.86 95.86 -52.26
N LYS D 486 59.17 96.02 -53.55
CA LYS D 486 58.16 96.17 -54.59
C LYS D 486 58.09 94.92 -55.46
N PRO D 487 56.86 94.53 -55.86
CA PRO D 487 56.47 93.38 -56.69
C PRO D 487 57.28 92.94 -57.91
N ALA D 488 58.31 93.71 -58.29
CA ALA D 488 59.15 93.36 -59.43
C ALA D 488 58.56 93.62 -60.82
N THR D 489 57.25 93.71 -60.91
CA THR D 489 56.57 93.99 -62.18
C THR D 489 55.75 95.23 -61.84
N PHE D 490 56.33 95.98 -60.92
CA PHE D 490 55.77 97.20 -60.37
C PHE D 490 55.65 98.34 -61.37
N THR D 491 54.44 98.87 -61.48
CA THR D 491 54.17 100.00 -62.36
C THR D 491 53.95 101.17 -61.41
N ASP D 492 53.02 102.04 -61.73
CA ASP D 492 52.74 103.18 -60.88
C ASP D 492 51.24 103.46 -60.92
N THR D 493 50.58 102.90 -61.93
CA THR D 493 49.15 103.07 -62.13
C THR D 493 48.40 102.32 -61.02
N THR D 494 48.56 101.01 -61.04
CA THR D 494 47.93 100.11 -60.08
C THR D 494 48.26 100.50 -58.64
N HIS D 495 47.33 100.18 -57.74
CA HIS D 495 47.48 100.45 -56.32
C HIS D 495 47.74 99.14 -55.60
N TYR D 496 48.78 99.11 -54.78
CA TYR D 496 49.13 97.89 -54.05
C TYR D 496 48.79 97.99 -52.58
N PRO D 497 48.59 96.85 -51.92
CA PRO D 497 48.26 96.81 -50.49
C PRO D 497 49.58 96.92 -49.73
N LEU D 498 49.54 97.53 -48.55
CA LEU D 498 50.75 97.72 -47.77
C LEU D 498 50.89 96.74 -46.62
N LEU D 499 52.03 96.05 -46.55
CA LEU D 499 52.28 95.10 -45.48
C LEU D 499 53.48 95.53 -44.64
N LEU D 500 53.20 96.09 -43.46
CA LEU D 500 54.26 96.52 -42.57
C LEU D 500 54.74 95.32 -41.78
N VAL D 501 56.00 94.94 -41.98
CA VAL D 501 56.58 93.82 -41.25
C VAL D 501 57.53 94.40 -40.21
N VAL D 502 57.10 94.35 -38.96
CA VAL D 502 57.88 94.92 -37.88
C VAL D 502 58.47 93.92 -36.89
N ASP D 503 59.72 94.16 -36.53
CA ASP D 503 60.44 93.36 -35.55
C ASP D 503 60.60 94.32 -34.37
N GLY D 504 61.62 95.17 -34.46
CA GLY D 504 61.83 96.15 -33.42
C GLY D 504 62.44 95.73 -32.10
N THR D 505 63.10 94.58 -32.06
CA THR D 505 63.71 94.19 -30.80
C THR D 505 64.83 95.20 -30.57
N PRO D 506 64.86 95.81 -29.38
CA PRO D 506 65.91 96.79 -29.11
C PRO D 506 67.31 96.23 -29.33
N GLY D 507 68.09 96.92 -30.16
CA GLY D 507 69.45 96.49 -30.44
C GLY D 507 69.58 95.82 -31.80
N SER D 508 68.50 95.20 -32.25
CA SER D 508 68.50 94.51 -33.54
C SER D 508 68.52 95.46 -34.72
N GLN D 509 68.44 94.89 -35.92
CA GLN D 509 68.44 95.64 -37.16
C GLN D 509 67.59 94.92 -38.20
N SER D 510 66.55 95.58 -38.71
CA SER D 510 65.66 94.97 -39.69
C SER D 510 65.96 95.37 -41.13
N VAL D 511 66.68 96.47 -41.31
CA VAL D 511 67.01 96.96 -42.64
C VAL D 511 68.48 96.69 -42.97
N ALA D 512 68.72 95.65 -43.74
CA ALA D 512 70.08 95.31 -44.14
C ALA D 512 70.10 94.68 -45.52
N GLU D 513 71.25 94.76 -46.18
CA GLU D 513 71.39 94.21 -47.51
C GLU D 513 71.76 92.74 -47.55
N LYS D 514 71.16 91.94 -46.66
CA LYS D 514 71.42 90.51 -46.65
C LYS D 514 70.47 89.86 -47.65
N PHE D 515 70.80 88.64 -48.07
CA PHE D 515 69.97 87.92 -49.02
C PHE D 515 68.99 87.02 -48.28
N GLU D 516 67.71 87.39 -48.31
CA GLU D 516 66.69 86.59 -47.65
C GLU D 516 65.50 86.32 -48.53
N VAL D 517 64.91 85.15 -48.34
CA VAL D 517 63.72 84.75 -49.08
C VAL D 517 62.81 83.99 -48.12
N SER D 518 61.68 84.60 -47.80
CA SER D 518 60.72 84.00 -46.88
C SER D 518 59.32 84.24 -47.45
N TRP D 519 58.29 84.03 -46.62
CA TRP D 519 56.91 84.21 -47.04
C TRP D 519 56.65 85.64 -47.50
N GLU D 520 57.53 86.56 -47.13
CA GLU D 520 57.39 87.96 -47.52
C GLU D 520 57.64 88.03 -49.02
N THR D 521 58.66 87.32 -49.48
CA THR D 521 59.01 87.27 -50.89
C THR D 521 57.80 86.79 -51.67
N VAL D 522 57.15 85.74 -51.16
CA VAL D 522 55.97 85.17 -51.80
C VAL D 522 54.86 86.20 -51.87
N MET D 523 54.67 86.94 -50.78
CA MET D 523 53.63 87.97 -50.73
C MET D 523 53.84 89.06 -51.77
N VAL D 524 55.10 89.44 -51.97
CA VAL D 524 55.42 90.47 -52.96
C VAL D 524 55.31 89.89 -54.36
N SER D 525 55.98 88.77 -54.58
CA SER D 525 55.98 88.10 -55.88
C SER D 525 54.64 87.51 -56.30
N SER D 526 54.23 86.42 -55.66
CA SER D 526 52.98 85.75 -55.99
C SER D 526 51.68 86.48 -55.73
N HIS D 527 51.65 87.40 -54.78
CA HIS D 527 50.41 88.11 -54.51
C HIS D 527 50.54 89.63 -54.62
N GLY D 528 51.63 90.06 -55.25
CA GLY D 528 51.88 91.46 -55.48
C GLY D 528 51.48 92.47 -54.42
N ALA D 529 52.35 92.66 -53.45
CA ALA D 529 52.10 93.61 -52.39
C ALA D 529 53.45 94.18 -52.01
N VAL D 530 53.46 95.40 -51.48
CA VAL D 530 54.71 96.01 -51.07
C VAL D 530 54.88 95.89 -49.55
N VAL D 531 56.03 95.37 -49.12
CA VAL D 531 56.30 95.20 -47.71
C VAL D 531 57.25 96.32 -47.27
N VAL D 532 57.05 96.82 -46.06
CA VAL D 532 57.89 97.88 -45.53
C VAL D 532 58.48 97.53 -44.18
N LYS D 533 59.79 97.71 -44.06
CA LYS D 533 60.49 97.46 -42.83
C LYS D 533 61.16 98.77 -42.49
N CYS D 534 61.28 99.06 -41.20
CA CYS D 534 61.89 100.30 -40.76
C CYS D 534 62.53 100.09 -39.40
N ASP D 535 63.66 100.74 -39.16
CA ASP D 535 64.34 100.61 -37.88
C ASP D 535 64.32 101.93 -37.11
N GLY D 536 63.36 102.07 -36.19
CA GLY D 536 63.24 103.29 -35.40
C GLY D 536 64.21 103.38 -34.25
N ARG D 537 63.94 104.22 -33.25
CA ARG D 537 64.86 104.30 -32.12
C ARG D 537 64.75 103.01 -31.34
N GLY D 538 65.90 102.53 -30.89
CA GLY D 538 65.95 101.27 -30.16
C GLY D 538 66.73 100.36 -31.10
N SER D 539 66.75 100.73 -32.38
CA SER D 539 67.49 99.97 -33.37
C SER D 539 68.94 99.97 -32.95
N GLY D 540 69.71 99.05 -33.50
CA GLY D 540 71.12 99.00 -33.17
C GLY D 540 71.92 99.58 -34.33
N PHE D 541 73.24 99.46 -34.23
CA PHE D 541 74.15 99.93 -35.28
C PHE D 541 74.10 101.42 -35.63
N GLN D 542 73.64 102.24 -34.70
CA GLN D 542 73.59 103.68 -34.91
C GLN D 542 73.80 104.43 -33.61
N GLY D 543 74.77 103.95 -32.84
CA GLY D 543 75.11 104.59 -31.59
C GLY D 543 74.14 104.54 -30.42
N THR D 544 74.75 104.50 -29.25
CA THR D 544 74.09 104.47 -27.95
C THR D 544 72.83 105.31 -27.85
N LYS D 545 72.96 106.59 -28.19
CA LYS D 545 71.84 107.53 -28.12
C LYS D 545 70.56 107.00 -28.75
N LEU D 546 70.65 106.56 -30.00
CA LEU D 546 69.50 106.02 -30.71
C LEU D 546 68.95 104.79 -29.97
N LEU D 547 69.84 103.86 -29.67
CA LEU D 547 69.49 102.63 -28.98
C LEU D 547 68.71 102.81 -27.68
N HIS D 548 69.25 103.62 -26.77
CA HIS D 548 68.64 103.88 -25.47
C HIS D 548 67.38 104.72 -25.47
N GLU D 549 67.01 105.24 -26.63
CA GLU D 549 65.81 106.07 -26.70
C GLU D 549 64.58 105.36 -26.16
N VAL D 550 64.60 104.03 -26.16
CA VAL D 550 63.44 103.27 -25.68
C VAL D 550 63.45 102.86 -24.20
N ARG D 551 64.53 103.17 -23.48
CA ARG D 551 64.64 102.84 -22.06
C ARG D 551 63.35 103.22 -21.33
N ARG D 552 62.79 102.26 -20.60
CA ARG D 552 61.56 102.46 -19.83
C ARG D 552 60.36 102.93 -20.65
N ARG D 553 60.49 102.93 -21.96
CA ARG D 553 59.43 103.35 -22.86
C ARG D 553 59.15 102.31 -23.92
N LEU D 554 59.58 101.10 -23.65
CA LEU D 554 59.40 99.98 -24.55
C LEU D 554 58.04 100.03 -25.24
N GLY D 555 58.06 100.00 -26.57
CA GLY D 555 56.81 100.00 -27.31
C GLY D 555 56.11 101.33 -27.54
N LEU D 556 56.60 102.40 -26.93
CA LEU D 556 55.97 103.70 -27.12
C LEU D 556 56.52 104.39 -28.35
N LEU D 557 57.81 104.71 -28.30
CA LEU D 557 58.43 105.39 -29.42
C LEU D 557 58.29 104.54 -30.69
N GLU D 558 58.73 103.30 -30.65
CA GLU D 558 58.65 102.45 -31.83
C GLU D 558 57.28 102.44 -32.48
N GLU D 559 56.24 102.79 -31.72
CA GLU D 559 54.90 102.84 -32.28
C GLU D 559 54.83 104.04 -33.23
N LYS D 560 55.39 105.15 -32.76
CA LYS D 560 55.42 106.38 -33.53
C LYS D 560 56.34 106.26 -34.73
N ASP D 561 57.57 105.82 -34.49
CA ASP D 561 58.54 105.64 -35.56
C ASP D 561 57.97 104.75 -36.65
N GLN D 562 57.28 103.69 -36.25
CA GLN D 562 56.69 102.76 -37.20
C GLN D 562 55.51 103.41 -37.90
N MET D 563 54.63 104.06 -37.14
CA MET D 563 53.48 104.72 -37.74
C MET D 563 53.91 105.79 -38.72
N GLU D 564 55.02 106.45 -38.42
CA GLU D 564 55.53 107.50 -39.28
C GLU D 564 56.02 106.92 -40.60
N ALA D 565 56.63 105.73 -40.54
CA ALA D 565 57.13 105.08 -41.74
C ALA D 565 55.96 104.59 -42.59
N VAL D 566 54.85 104.27 -41.92
CA VAL D 566 53.65 103.81 -42.60
C VAL D 566 53.01 105.00 -43.30
N ARG D 567 52.91 106.11 -42.58
CA ARG D 567 52.32 107.32 -43.15
C ARG D 567 53.04 107.76 -44.42
N THR D 568 54.36 107.97 -44.32
CA THR D 568 55.13 108.41 -45.48
C THR D 568 55.00 107.44 -46.64
N MET D 569 54.61 106.19 -46.35
CA MET D 569 54.46 105.18 -47.38
C MET D 569 53.03 105.27 -47.92
N LEU D 570 52.11 105.70 -47.07
CA LEU D 570 50.71 105.84 -47.44
C LEU D 570 50.54 107.00 -48.42
N LYS D 571 51.41 108.00 -48.28
CA LYS D 571 51.35 109.19 -49.15
C LYS D 571 51.50 108.83 -50.62
N GLU D 572 52.38 107.88 -50.93
CA GLU D 572 52.59 107.49 -52.31
C GLU D 572 51.25 107.13 -52.94
N GLN D 573 51.21 107.07 -54.27
CA GLN D 573 49.97 106.75 -54.95
C GLN D 573 49.91 105.30 -55.40
N TYR D 574 51.04 104.60 -55.31
CA TYR D 574 51.08 103.19 -55.72
C TYR D 574 50.73 102.27 -54.55
N ILE D 575 49.99 102.83 -53.60
CA ILE D 575 49.55 102.11 -52.40
C ILE D 575 48.21 102.70 -52.02
N ASP D 576 47.24 101.84 -51.70
CA ASP D 576 45.90 102.32 -51.33
C ASP D 576 45.54 102.15 -49.86
N ARG D 577 45.33 103.29 -49.20
CA ARG D 577 44.97 103.34 -47.79
C ARG D 577 44.07 102.20 -47.29
N THR D 578 43.19 101.69 -48.14
CA THR D 578 42.29 100.63 -47.71
C THR D 578 42.88 99.27 -47.33
N ARG D 579 43.98 98.88 -47.96
CA ARG D 579 44.58 97.59 -47.65
C ARG D 579 45.96 97.67 -46.99
N VAL D 580 45.96 98.07 -45.72
CA VAL D 580 47.18 98.19 -44.94
C VAL D 580 47.18 97.10 -43.84
N ALA D 581 48.25 96.34 -43.75
CA ALA D 581 48.37 95.26 -42.76
C ALA D 581 49.71 95.30 -42.03
N VAL D 582 49.76 94.63 -40.87
CA VAL D 582 50.98 94.58 -40.07
C VAL D 582 51.22 93.18 -39.52
N PHE D 583 52.50 92.81 -39.44
CA PHE D 583 52.89 91.51 -38.91
C PHE D 583 54.17 91.63 -38.10
N GLY D 584 54.29 90.80 -37.07
CA GLY D 584 55.47 90.82 -36.25
C GLY D 584 55.53 89.57 -35.41
N LYS D 585 56.73 89.12 -35.10
CA LYS D 585 56.90 87.93 -34.28
C LYS D 585 57.82 88.25 -33.11
N ASP D 586 57.58 87.56 -31.99
CA ASP D 586 58.35 87.73 -30.76
C ASP D 586 58.15 89.16 -30.25
N TYR D 587 59.24 89.91 -30.07
CA TYR D 587 59.07 91.28 -29.61
C TYR D 587 58.33 92.01 -30.72
N GLY D 588 58.47 91.49 -31.94
CA GLY D 588 57.81 92.06 -33.08
C GLY D 588 56.31 91.82 -33.00
N GLY D 589 55.92 90.75 -32.34
CA GLY D 589 54.51 90.43 -32.19
C GLY D 589 53.91 91.41 -31.21
N TYR D 590 54.72 91.82 -30.24
CA TYR D 590 54.30 92.78 -29.23
C TYR D 590 53.99 94.10 -29.92
N LEU D 591 54.95 94.58 -30.71
CA LEU D 591 54.76 95.82 -31.45
C LEU D 591 53.61 95.66 -32.42
N SER D 592 53.58 94.51 -33.08
CA SER D 592 52.54 94.23 -34.04
C SER D 592 51.16 94.45 -33.43
N THR D 593 50.91 93.85 -32.27
CA THR D 593 49.59 94.02 -31.67
C THR D 593 49.45 95.38 -31.00
N TYR D 594 50.56 96.06 -30.81
CA TYR D 594 50.54 97.38 -30.19
C TYR D 594 50.12 98.42 -31.22
N ILE D 595 50.45 98.18 -32.48
CA ILE D 595 50.15 99.08 -33.59
C ILE D 595 48.82 98.84 -34.32
N LEU D 596 47.73 98.60 -33.62
CA LEU D 596 46.47 98.45 -34.32
C LEU D 596 45.54 99.54 -33.84
N PRO D 597 45.79 100.79 -34.32
CA PRO D 597 45.03 101.98 -33.98
C PRO D 597 44.54 102.68 -35.24
N ALA D 598 44.21 103.95 -35.04
CA ALA D 598 43.72 104.83 -36.08
C ALA D 598 44.40 106.17 -35.84
N LYS D 599 45.23 106.62 -36.77
CA LYS D 599 45.90 107.90 -36.61
C LYS D 599 44.86 109.02 -36.72
N GLY D 600 45.05 110.06 -35.92
CA GLY D 600 44.09 111.16 -35.91
C GLY D 600 42.88 110.62 -35.18
N GLU D 601 41.69 110.85 -35.71
CA GLU D 601 40.46 110.33 -35.11
C GLU D 601 39.43 110.21 -36.22
N ASN D 602 39.29 111.29 -36.98
CA ASN D 602 38.36 111.33 -38.09
C ASN D 602 38.91 110.41 -39.16
N GLN D 603 40.24 110.34 -39.23
CA GLN D 603 40.92 109.48 -40.19
C GLN D 603 41.35 108.20 -39.47
N GLY D 604 40.37 107.53 -38.87
CA GLY D 604 40.63 106.30 -38.13
C GLY D 604 40.85 105.06 -38.97
N GLN D 605 41.05 103.94 -38.29
CA GLN D 605 41.28 102.64 -38.92
C GLN D 605 42.42 102.68 -39.93
N THR D 606 43.65 102.71 -39.42
CA THR D 606 44.83 102.76 -40.28
C THR D 606 45.13 101.38 -40.87
N PHE D 607 44.89 100.34 -40.09
CA PHE D 607 45.14 98.98 -40.55
C PHE D 607 43.84 98.20 -40.72
N THR D 608 43.87 97.23 -41.63
CA THR D 608 42.73 96.38 -41.91
C THR D 608 42.85 95.11 -41.10
N CYS D 609 44.07 94.56 -41.06
CA CYS D 609 44.33 93.34 -40.33
C CYS D 609 45.79 93.27 -39.89
N GLY D 610 46.02 92.59 -38.77
CA GLY D 610 47.36 92.44 -38.24
C GLY D 610 47.55 91.04 -37.68
N SER D 611 48.79 90.66 -37.44
CA SER D 611 49.07 89.34 -36.92
C SER D 611 50.31 89.34 -36.04
N ALA D 612 50.28 88.52 -34.99
CA ALA D 612 51.41 88.41 -34.07
C ALA D 612 51.76 86.95 -33.82
N LEU D 613 53.04 86.62 -33.99
CA LEU D 613 53.51 85.27 -33.78
C LEU D 613 54.25 85.19 -32.46
N SER D 614 53.75 84.38 -31.53
CA SER D 614 54.38 84.25 -30.22
C SER D 614 54.67 85.65 -29.68
N PRO D 615 53.63 86.47 -29.50
CA PRO D 615 53.76 87.83 -28.99
C PRO D 615 53.97 87.94 -27.49
N ILE D 616 54.91 88.78 -27.08
CA ILE D 616 55.13 89.00 -25.66
C ILE D 616 54.13 90.13 -25.43
N THR D 617 53.36 90.04 -24.35
CA THR D 617 52.33 91.04 -24.06
C THR D 617 52.37 91.61 -22.66
N ASP D 618 53.37 91.21 -21.88
CA ASP D 618 53.48 91.69 -20.51
C ASP D 618 54.88 91.37 -19.99
N PHE D 619 55.76 92.37 -19.97
CA PHE D 619 57.12 92.15 -19.52
C PHE D 619 57.29 91.66 -18.10
N LYS D 620 56.19 91.53 -17.37
CA LYS D 620 56.24 91.00 -16.02
C LYS D 620 56.35 89.48 -16.16
N LEU D 621 55.84 88.99 -17.29
CA LEU D 621 55.84 87.57 -17.57
C LEU D 621 56.99 87.15 -18.46
N TYR D 622 57.89 88.08 -18.77
CA TYR D 622 59.02 87.74 -19.62
C TYR D 622 60.31 87.56 -18.83
N ALA D 623 61.29 86.94 -19.49
CA ALA D 623 62.61 86.67 -18.91
C ALA D 623 63.22 87.88 -18.23
N SER D 624 63.63 87.70 -16.99
CA SER D 624 64.26 88.78 -16.22
C SER D 624 65.29 89.55 -17.03
N ALA D 625 66.33 88.85 -17.46
CA ALA D 625 67.42 89.44 -18.24
C ALA D 625 66.99 90.38 -19.35
N PHE D 626 65.82 90.14 -19.94
CA PHE D 626 65.35 90.99 -21.03
C PHE D 626 64.60 92.20 -20.52
N SER D 627 63.53 91.96 -19.77
CA SER D 627 62.70 93.03 -19.22
C SER D 627 63.49 94.03 -18.38
N GLU D 628 64.19 93.53 -17.38
CA GLU D 628 64.95 94.37 -16.47
C GLU D 628 65.97 95.23 -17.21
N ARG D 629 66.46 94.75 -18.34
CA ARG D 629 67.44 95.47 -19.11
C ARG D 629 66.91 96.79 -19.66
N TYR D 630 65.65 96.80 -20.08
CA TYR D 630 65.04 97.99 -20.65
C TYR D 630 64.11 98.76 -19.71
N LEU D 631 63.56 98.07 -18.71
CA LEU D 631 62.64 98.71 -17.78
C LEU D 631 63.20 98.83 -16.36
N GLY D 632 64.43 98.38 -16.16
CA GLY D 632 65.02 98.44 -14.84
C GLY D 632 64.52 97.31 -13.96
N LEU D 633 65.14 97.13 -12.79
CA LEU D 633 64.71 96.06 -11.90
C LEU D 633 63.28 96.25 -11.46
N HIS D 634 62.62 95.15 -11.15
CA HIS D 634 61.22 95.18 -10.72
C HIS D 634 61.17 95.21 -9.21
N GLY D 635 60.55 94.19 -8.60
CA GLY D 635 60.44 94.12 -7.16
C GLY D 635 59.65 95.27 -6.55
N LEU D 636 60.34 96.38 -6.29
CA LEU D 636 59.72 97.57 -5.71
C LEU D 636 58.86 98.24 -6.79
N ASP D 637 58.38 97.41 -7.71
CA ASP D 637 57.53 97.82 -8.84
C ASP D 637 58.06 99.07 -9.54
N ASN D 638 58.89 98.85 -10.56
CA ASN D 638 59.47 99.93 -11.34
C ASN D 638 58.38 100.62 -12.15
N ARG D 639 57.17 100.09 -12.04
CA ARG D 639 55.99 100.61 -12.73
C ARG D 639 56.22 101.12 -14.16
N ALA D 640 56.93 100.32 -14.93
CA ALA D 640 57.19 100.63 -16.33
C ALA D 640 56.59 99.39 -16.96
N TYR D 641 56.48 98.36 -16.12
CA TYR D 641 55.92 97.08 -16.52
C TYR D 641 54.41 97.19 -16.63
N GLU D 642 53.88 98.33 -16.19
CA GLU D 642 52.43 98.54 -16.23
C GLU D 642 51.99 99.27 -17.49
N MET D 643 52.67 100.35 -17.82
CA MET D 643 52.32 101.13 -18.99
C MET D 643 52.75 100.49 -20.29
N THR D 644 53.72 99.58 -20.22
CA THR D 644 54.19 98.90 -21.41
C THR D 644 53.25 97.76 -21.79
N LYS D 645 52.43 97.31 -20.85
CA LYS D 645 51.47 96.24 -21.11
C LYS D 645 50.69 96.57 -22.36
N VAL D 646 50.69 95.65 -23.32
CA VAL D 646 49.99 95.87 -24.58
C VAL D 646 48.47 95.89 -24.38
N ALA D 647 48.03 95.43 -23.21
CA ALA D 647 46.61 95.38 -22.88
C ALA D 647 45.93 96.72 -23.06
N HIS D 648 46.61 97.78 -22.62
CA HIS D 648 46.06 99.14 -22.71
C HIS D 648 45.68 99.53 -24.14
N ARG D 649 46.39 99.00 -25.11
CA ARG D 649 46.14 99.32 -26.51
C ARG D 649 44.99 98.60 -27.20
N VAL D 650 44.82 97.30 -26.94
CA VAL D 650 43.75 96.55 -27.59
C VAL D 650 42.37 97.11 -27.29
N SER D 651 42.29 97.96 -26.27
CA SER D 651 41.04 98.59 -25.87
C SER D 651 40.40 99.24 -27.08
N ALA D 652 41.24 99.84 -27.93
CA ALA D 652 40.77 100.47 -29.15
C ALA D 652 40.20 99.37 -30.03
N LEU D 653 41.01 98.86 -30.95
CA LEU D 653 40.59 97.80 -31.85
C LEU D 653 39.11 97.85 -32.17
N GLU D 654 38.77 98.29 -33.38
CA GLU D 654 37.37 98.39 -33.73
C GLU D 654 36.91 97.48 -34.86
N GLU D 655 37.66 97.48 -35.96
CA GLU D 655 37.26 96.69 -37.11
C GLU D 655 38.31 95.77 -37.70
N GLN D 656 39.52 95.83 -37.16
CA GLN D 656 40.61 95.02 -37.68
C GLN D 656 40.54 93.53 -37.37
N GLN D 657 41.05 92.72 -38.28
CA GLN D 657 41.09 91.27 -38.10
C GLN D 657 42.41 90.99 -37.38
N PHE D 658 42.35 90.26 -36.28
CA PHE D 658 43.54 89.98 -35.50
C PHE D 658 43.83 88.47 -35.44
N LEU D 659 44.96 88.07 -36.03
CA LEU D 659 45.33 86.66 -36.04
C LEU D 659 46.57 86.42 -35.19
N ILE D 660 46.38 85.71 -34.09
CA ILE D 660 47.47 85.39 -33.19
C ILE D 660 47.92 83.95 -33.44
N ILE D 661 49.21 83.76 -33.69
CA ILE D 661 49.76 82.43 -33.92
C ILE D 661 50.72 82.17 -32.77
N HIS D 662 50.56 81.05 -32.09
CA HIS D 662 51.41 80.75 -30.97
C HIS D 662 51.59 79.26 -30.69
N PRO D 663 52.85 78.79 -30.70
CA PRO D 663 53.15 77.38 -30.42
C PRO D 663 52.92 77.19 -28.91
N THR D 664 52.12 76.19 -28.57
CA THR D 664 51.75 75.93 -27.19
C THR D 664 52.81 75.66 -26.12
N ALA D 665 53.85 74.93 -26.46
CA ALA D 665 54.87 74.65 -25.48
C ALA D 665 56.05 75.57 -25.70
N ASP D 666 55.76 76.83 -26.06
CA ASP D 666 56.79 77.82 -26.29
C ASP D 666 57.57 78.06 -24.98
N GLU D 667 58.86 77.76 -25.00
CA GLU D 667 59.73 77.92 -23.83
C GLU D 667 60.37 79.31 -23.71
N LYS D 668 60.33 80.09 -24.79
CA LYS D 668 60.91 81.42 -24.77
C LYS D 668 59.90 82.49 -24.40
N ILE D 669 58.79 82.54 -25.14
CA ILE D 669 57.71 83.49 -24.88
C ILE D 669 56.51 82.61 -24.56
N HIS D 670 56.30 82.35 -23.28
CA HIS D 670 55.21 81.49 -22.82
C HIS D 670 53.84 81.78 -23.41
N PHE D 671 53.11 80.73 -23.73
CA PHE D 671 51.76 80.87 -24.29
C PHE D 671 50.95 81.73 -23.34
N GLN D 672 51.42 81.77 -22.09
CA GLN D 672 50.77 82.55 -21.04
C GLN D 672 50.47 83.96 -21.52
N HIS D 673 51.39 84.55 -22.29
CA HIS D 673 51.18 85.88 -22.82
C HIS D 673 49.94 85.91 -23.68
N THR D 674 49.90 85.04 -24.70
CA THR D 674 48.76 84.99 -25.59
C THR D 674 47.47 84.76 -24.80
N ALA D 675 47.56 83.97 -23.74
CA ALA D 675 46.39 83.69 -22.92
C ALA D 675 45.92 84.97 -22.25
N GLU D 676 46.84 85.64 -21.58
CA GLU D 676 46.51 86.89 -20.89
C GLU D 676 45.95 87.91 -21.88
N LEU D 677 46.54 87.98 -23.07
CA LEU D 677 46.10 88.91 -24.11
C LEU D 677 44.67 88.64 -24.55
N ILE D 678 44.35 87.38 -24.81
CA ILE D 678 43.01 87.02 -25.23
C ILE D 678 41.99 87.37 -24.15
N THR D 679 42.37 87.23 -22.88
CA THR D 679 41.47 87.57 -21.80
C THR D 679 41.09 89.04 -21.96
N GLN D 680 42.06 89.88 -22.27
CA GLN D 680 41.82 91.30 -22.47
C GLN D 680 40.95 91.55 -23.68
N LEU D 681 41.24 90.85 -24.78
CA LEU D 681 40.45 91.00 -25.99
C LEU D 681 39.01 90.65 -25.70
N ILE D 682 38.81 89.71 -24.77
CA ILE D 682 37.47 89.28 -24.40
C ILE D 682 36.75 90.31 -23.54
N ARG D 683 37.45 90.90 -22.59
CA ARG D 683 36.83 91.91 -21.73
C ARG D 683 36.57 93.14 -22.58
N GLY D 684 37.51 93.45 -23.47
CA GLY D 684 37.36 94.61 -24.34
C GLY D 684 36.44 94.34 -25.51
N LYS D 685 35.88 93.14 -25.55
CA LYS D 685 34.96 92.77 -26.62
C LYS D 685 35.52 93.02 -28.02
N ALA D 686 36.78 92.66 -28.24
CA ALA D 686 37.43 92.83 -29.52
C ALA D 686 37.34 91.50 -30.27
N ASN D 687 37.64 91.52 -31.58
CA ASN D 687 37.59 90.29 -32.35
C ASN D 687 39.00 89.81 -32.65
N TYR D 688 39.25 88.53 -32.40
CA TYR D 688 40.55 87.93 -32.65
C TYR D 688 40.37 86.54 -33.22
N SER D 689 41.49 85.89 -33.50
CA SER D 689 41.48 84.53 -34.01
C SER D 689 42.81 83.91 -33.60
N LEU D 690 42.75 82.70 -33.08
CA LEU D 690 43.96 82.04 -32.64
C LEU D 690 44.28 80.79 -33.45
N GLN D 691 45.57 80.62 -33.72
CA GLN D 691 46.06 79.45 -34.41
C GLN D 691 47.12 78.94 -33.49
N ILE D 692 46.96 77.70 -33.07
CA ILE D 692 47.86 77.09 -32.12
C ILE D 692 48.72 75.98 -32.73
N TYR D 693 49.83 75.67 -32.07
CA TYR D 693 50.71 74.60 -32.50
C TYR D 693 50.95 73.72 -31.29
N PRO D 694 49.97 72.86 -30.99
CA PRO D 694 49.99 71.94 -29.85
C PRO D 694 51.34 71.31 -29.52
N ASP D 695 51.75 71.48 -28.26
CA ASP D 695 53.01 70.95 -27.75
C ASP D 695 54.27 71.37 -28.48
N GLU D 696 54.13 72.28 -29.44
CA GLU D 696 55.28 72.76 -30.18
C GLU D 696 56.11 73.78 -29.41
N SER D 697 57.41 73.71 -29.64
CA SER D 697 58.37 74.60 -29.02
C SER D 697 58.28 75.98 -29.66
N HIS D 698 59.14 76.89 -29.22
CA HIS D 698 59.15 78.24 -29.76
C HIS D 698 59.75 78.39 -31.15
N TYR D 699 60.78 77.61 -31.48
CA TYR D 699 61.46 77.80 -32.76
C TYR D 699 61.01 77.29 -34.13
N PHE D 700 60.29 76.18 -34.21
CA PHE D 700 59.87 75.67 -35.53
C PHE D 700 61.07 75.17 -36.34
N THR D 701 61.75 74.16 -35.82
CA THR D 701 62.91 73.57 -36.49
C THR D 701 62.49 72.37 -37.34
N SER D 702 61.34 72.53 -37.99
CA SER D 702 60.79 71.49 -38.84
C SER D 702 60.34 72.13 -40.15
N SER D 703 61.05 71.83 -41.23
CA SER D 703 60.72 72.37 -42.54
C SER D 703 59.23 72.15 -42.80
N SER D 704 58.76 70.97 -42.42
CA SER D 704 57.36 70.62 -42.57
C SER D 704 56.51 71.67 -41.87
N LEU D 705 56.81 71.92 -40.59
CA LEU D 705 56.07 72.90 -39.80
C LEU D 705 56.27 74.34 -40.29
N LYS D 706 57.52 74.73 -40.43
CA LYS D 706 57.86 76.08 -40.89
C LYS D 706 57.03 76.40 -42.12
N GLN D 707 56.91 75.42 -43.00
CA GLN D 707 56.13 75.56 -44.23
C GLN D 707 54.67 75.87 -43.87
N HIS D 708 54.04 74.98 -43.12
CA HIS D 708 52.65 75.18 -42.70
C HIS D 708 52.51 76.59 -42.12
N LEU D 709 53.49 76.98 -41.31
CA LEU D 709 53.47 78.30 -40.67
C LEU D 709 53.33 79.37 -41.74
N TYR D 710 54.32 79.43 -42.64
CA TYR D 710 54.31 80.41 -43.71
C TYR D 710 52.99 80.42 -44.46
N ARG D 711 52.57 79.25 -44.94
CA ARG D 711 51.31 79.14 -45.67
C ARG D 711 50.23 79.84 -44.86
N SER D 712 50.07 79.44 -43.60
CA SER D 712 49.05 80.05 -42.74
C SER D 712 49.18 81.57 -42.79
N ILE D 713 50.37 82.08 -42.53
CA ILE D 713 50.56 83.52 -42.55
C ILE D 713 50.18 84.14 -43.89
N ILE D 714 50.73 83.65 -45.00
CA ILE D 714 50.35 84.25 -46.28
C ILE D 714 48.85 84.18 -46.53
N ASN D 715 48.23 83.07 -46.16
CA ASN D 715 46.80 82.87 -46.35
C ASN D 715 45.95 83.90 -45.60
N PHE D 716 46.50 84.47 -44.53
CA PHE D 716 45.78 85.46 -43.74
C PHE D 716 45.75 86.82 -44.41
N PHE D 717 46.92 87.41 -44.62
CA PHE D 717 47.04 88.71 -45.24
C PHE D 717 46.48 88.75 -46.65
N VAL D 718 46.83 87.75 -47.45
CA VAL D 718 46.37 87.63 -48.84
C VAL D 718 44.84 87.69 -48.88
N GLU D 719 44.21 87.25 -47.81
CA GLU D 719 42.76 87.26 -47.71
C GLU D 719 42.27 88.67 -47.48
N CYS D 720 42.52 89.23 -46.30
CA CYS D 720 42.09 90.59 -46.01
C CYS D 720 42.77 91.61 -46.91
N PHE D 721 43.15 91.16 -48.11
CA PHE D 721 43.78 92.03 -49.09
C PHE D 721 42.99 92.03 -50.39
N ARG D 722 42.75 90.88 -50.98
CA ARG D 722 41.99 90.84 -52.23
C ARG D 722 40.62 91.47 -51.95
N ILE D 723 40.10 92.20 -52.93
CA ILE D 723 38.82 92.88 -52.78
C ILE D 723 37.78 92.38 -53.78
#